data_8GWB
#
_entry.id   8GWB
#
_cell.length_a   1.00
_cell.length_b   1.00
_cell.length_c   1.00
_cell.angle_alpha   90.00
_cell.angle_beta   90.00
_cell.angle_gamma   90.00
#
_symmetry.space_group_name_H-M   'P 1'
#
loop_
_entity.id
_entity.type
_entity.pdbx_description
1 polymer 'RNA-directed RNA polymerase'
2 polymer 'Non-structural protein 8'
3 polymer 'Non-structural protein 7'
4 polymer Helicase
5 polymer 'Non-structural protein 9'
6 polymer "RNA (5'-R(P*AP*U)-3')"
7 polymer primer
8 polymer template
9 non-polymer 'ZINC ION'
10 non-polymer 'MANGANESE (II) ION'
11 water water
#
loop_
_entity_poly.entity_id
_entity_poly.type
_entity_poly.pdbx_seq_one_letter_code
_entity_poly.pdbx_strand_id
1 'polypeptide(L)'
;SADAQSFLNRVCGVSAARLTPCGTGTSTDVVYRAFDIYNDKVAGFAKFLKTNCCRFQEKDEDDNLIDSYFVVKRHTFSNY
QHEETIYNLLKDCPAVAKHDFFKFRIDGDMVPHISRQRLTKYTMADLVYALRHFDEGNCDTLKEILVTYNCCDDDYFNKK
DWYDFVENPDILRVYANLGERVRQALLKTVQFCDAMRNAGIVGVLTLDNQDLNGNWYDFGDFIQTTPGSGVPVVDSYYSL
LMPILTLTRALTAESHVDTDLTKPYIKWDLLKYDFTEERLKLFDRYFKYWDQTYHPNCVNCLDDRCILHCANFNVLFSTV
FPPTSFGPLVRKIFVDGVPFVVSTGYHFRELGVVHNQDVNLHSSRLSFKELLVYAADPAMHAASGNLLLDKRTTCFSVAA
LTNNVAFQTVKPGNFNKDFYDFAVSKGFFKEGSSVELKHFFFAQDGNAAISDYDYYRYNLPTMCDIRQLLFVVEVVDKYF
DCYDGGCINANQVIVNNLDKSAGFPFNKWGKARLYYDSMSYEDQDALFAYTKRNVIPTITQMNLKYAISAKNRARTVAGV
SICSTMTNRQFHQKLLKSIAATRGATVVIGTSKFYGGWHNMLKTVYSDVENPHLMGWDYPKCDRAMPNMLRIMASLVLAR
KHTTCCSLSHRFYRLANECAQVLSEMVMCGGSLYVKPGGTSSGDATTAYANSVFNICQAVTANVNALLSTDGNKIADKYV
RNLQHRLYECLYRNRDVDTDFVNEFYAYLRKHFSMMILSDDAVVCFNSTYASQGLVASIKNFKSVLYYQNNVFMSEAKCW
TETDLTKGPHEFCSQHTMLVKQGDDYVYLPYPDPSRILGAGCFVDDIVKTDGTLMIERFVSLAIDAYPLTKHPNQEYADV
FHLYLQYIRKLHDELTGHMLDMYSVMLTNDNTSRYWEPEFYEAMYTPHTVLQ
;
A
2 'polypeptide(L)'
;AIASEFSSLPSYAAFATAQEAYEQAVANGDSEVVLKKLKKSLNVAKSEFDRDAAMQRKLEKMADQAMTQMYKQARSEDKR
AKVTSAMQTMLFTMLRKLDNDALNNIINNARDGCVPLNIIPLTTAAKLMVVIPDYNTYKNTCDGTTFTYASALWEIQQVV
DADSKIVQLSEISMDNSPNLAWPLIVTALRANSAVKLQ
;
B,D
3 'polypeptide(L)'
;SKMSDVKCTSVVLLSVLQQLRVESSSKLWAQCVQLHNDILLAKDTTEAFEKMVSLLSVLLSMQGAVDINKLCEEMLDNRA
TLQ
;
C
4 'polypeptide(L)'
;AVGACVLCNSQTSLRCGACIRRPFLCCKCCYDHVISTSHKLVLSVNPYVCNAPGCDVTDVTQLYLGGMSYYCKSHKPPIS
FPLCANGQVFGLYKNTCVGSDNVTDFNAIATCDWTNAGDYILANTCTERLKLFAAETLKATEETFKLSYGIATVREVLSD
RELHLSWEVGKPRPPLNRNYVFTGYRVTKNSKVQIGEYTFEKGDYGDAVVYRGTTTYKLNVGDYFVLTSHTVMPLSAPTL
VPQEHYVRITGLYPTLNISDEFSSNVANYQKVGMQKYSTLQGPPGTGKSHFAIGLALYYPSARIVYTACSHAAVDALCEK
ALKYLPIDKCSRIIPARARVECFDKFKVNSTLEQYVFCTVNALPETTADIVVFDEISMATNYDLSVVNARLRAKHYVYIG
DPAQLPAPRTLLTKGTLEPEYFNSVCRLMKTIGPDMFLGTCRRCPAEIVDTVSALVYDNKLKAHKDKSAQCFKMFYKGVI
THDVSSAINRPQIGVVREFLTRNPAWRKAVFISPYNSQNAVASKILGLPTQTVDSSQGSEYDYVIFTQTTETAHSCNVNR
FNVAITRAKVGILCIMSDRDLYDKLQFTSLEIPRRNVATLQ
;
F,E
5 'polypeptide(L)'
;SNAMNNELSPVALRQMSCAAGTTQTACTDDNALAYYNTTKGGRFVLALLSDLQDLKWARFPKSDGTGTIYTELEPPCRFV
TDTPKGPKVKYLYFIKGLNNLNRGMVLGSLAATVRLQ
;
G
6 'polyribonucleotide' AU M
7 'polyribonucleotide' GCGGUAGUAGCAUGCUAGGGAGCAG I
8 'polyribonucleotide' AAUGUCUGACUGCUCCCUAGCAUGCUACUACCG J
#
loop_
_chem_comp.id
_chem_comp.type
_chem_comp.name
_chem_comp.formula
A RNA linking ADENOSINE-5'-MONOPHOSPHATE 'C10 H14 N5 O7 P'
C RNA linking CYTIDINE-5'-MONOPHOSPHATE 'C9 H14 N3 O8 P'
G RNA linking GUANOSINE-5'-MONOPHOSPHATE 'C10 H14 N5 O8 P'
MN non-polymer 'MANGANESE (II) ION' 'Mn 2'
U RNA linking URIDINE-5'-MONOPHOSPHATE 'C9 H13 N2 O9 P'
ZN non-polymer 'ZINC ION' 'Zn 2'
#
# COMPACT_ATOMS: atom_id res chain seq x y z
N ALA A 4 -79.17 -30.50 -17.48
CA ALA A 4 -78.26 -29.79 -18.36
C ALA A 4 -78.43 -28.28 -18.22
N GLN A 5 -79.33 -27.70 -19.00
CA GLN A 5 -79.60 -26.27 -18.94
C GLN A 5 -80.22 -25.84 -17.62
N SER A 6 -80.99 -26.71 -16.96
CA SER A 6 -81.50 -26.40 -15.64
C SER A 6 -80.42 -26.32 -14.58
N PHE A 7 -79.40 -27.18 -14.67
CA PHE A 7 -78.29 -27.10 -13.72
C PHE A 7 -77.52 -25.80 -13.87
N LEU A 8 -77.34 -25.34 -15.11
CA LEU A 8 -76.67 -24.06 -15.34
C LEU A 8 -77.45 -22.92 -14.71
N ASN A 9 -78.77 -22.92 -14.87
CA ASN A 9 -79.60 -21.88 -14.27
C ASN A 9 -79.58 -21.97 -12.75
N ARG A 10 -79.55 -23.18 -12.20
CA ARG A 10 -79.45 -23.33 -10.75
C ARG A 10 -78.13 -22.78 -10.23
N VAL A 11 -77.04 -23.02 -10.96
CA VAL A 11 -75.75 -22.44 -10.60
C VAL A 11 -75.83 -20.91 -10.66
N CYS A 12 -76.46 -20.38 -11.70
CA CYS A 12 -76.72 -18.95 -11.80
C CYS A 12 -77.91 -18.58 -10.91
N GLY A 13 -77.70 -18.56 -9.60
CA GLY A 13 -78.81 -18.41 -8.67
C GLY A 13 -79.53 -17.08 -8.71
N VAL A 14 -78.86 -16.02 -8.27
CA VAL A 14 -79.47 -14.70 -8.21
C VAL A 14 -78.57 -13.65 -8.82
N SER A 15 -77.39 -14.07 -9.30
CA SER A 15 -76.41 -13.15 -9.84
C SER A 15 -75.58 -13.83 -10.89
N ALA A 16 -75.19 -13.07 -11.92
CA ALA A 16 -74.33 -13.56 -13.00
C ALA A 16 -74.96 -14.75 -13.72
N ALA A 17 -76.10 -14.47 -14.35
CA ALA A 17 -76.79 -15.48 -15.14
C ALA A 17 -76.04 -15.86 -16.42
N ARG A 18 -75.05 -15.08 -16.82
CA ARG A 18 -74.32 -15.30 -18.06
C ARG A 18 -73.09 -16.19 -17.80
N LEU A 19 -73.36 -17.49 -17.73
CA LEU A 19 -72.32 -18.50 -17.54
C LEU A 19 -72.24 -19.42 -18.74
N THR A 20 -71.01 -19.78 -19.12
CA THR A 20 -70.76 -20.68 -20.24
C THR A 20 -70.18 -21.98 -19.70
N PRO A 21 -70.79 -23.13 -20.01
CA PRO A 21 -70.30 -24.40 -19.47
C PRO A 21 -68.94 -24.76 -20.05
N CYS A 22 -67.97 -24.98 -19.16
CA CYS A 22 -66.64 -25.42 -19.56
C CYS A 22 -66.55 -26.93 -19.73
N GLY A 23 -67.46 -27.69 -19.13
CA GLY A 23 -67.42 -29.14 -19.24
C GLY A 23 -68.34 -29.68 -20.32
N THR A 24 -69.08 -30.73 -19.99
CA THR A 24 -70.00 -31.40 -20.92
C THR A 24 -71.42 -31.37 -20.37
N GLY A 25 -71.83 -30.22 -19.85
CA GLY A 25 -73.15 -30.08 -19.29
C GLY A 25 -73.17 -30.23 -17.78
N THR A 26 -74.05 -31.11 -17.28
CA THR A 26 -74.15 -31.37 -15.85
C THR A 26 -73.05 -32.29 -15.34
N SER A 27 -72.06 -32.59 -16.18
CA SER A 27 -70.95 -33.46 -15.81
C SER A 27 -69.77 -32.62 -15.32
N THR A 28 -68.85 -33.29 -14.63
CA THR A 28 -67.71 -32.61 -14.02
C THR A 28 -66.75 -32.12 -15.10
N ASP A 29 -65.78 -31.32 -14.67
CA ASP A 29 -64.73 -30.81 -15.54
C ASP A 29 -63.39 -31.21 -14.94
N VAL A 30 -62.76 -32.23 -15.51
CA VAL A 30 -61.52 -32.77 -14.98
C VAL A 30 -60.38 -31.83 -15.33
N VAL A 31 -59.63 -31.42 -14.30
CA VAL A 31 -58.52 -30.48 -14.47
C VAL A 31 -57.31 -31.02 -13.73
N TYR A 32 -56.13 -30.58 -14.17
CA TYR A 32 -54.85 -30.95 -13.57
C TYR A 32 -54.37 -29.78 -12.73
N ARG A 33 -54.85 -29.68 -11.50
CA ARG A 33 -54.54 -28.58 -10.60
C ARG A 33 -53.50 -29.03 -9.58
N ALA A 34 -52.97 -28.05 -8.86
CA ALA A 34 -51.95 -28.28 -7.84
C ALA A 34 -52.59 -28.12 -6.46
N PHE A 35 -52.39 -29.10 -5.59
CA PHE A 35 -52.97 -29.10 -4.27
C PHE A 35 -51.87 -29.25 -3.21
N ASP A 36 -52.26 -29.04 -1.96
CA ASP A 36 -51.37 -29.09 -0.80
C ASP A 36 -51.92 -30.08 0.22
N ILE A 37 -52.28 -31.28 -0.25
CA ILE A 37 -53.02 -32.22 0.58
C ILE A 37 -52.13 -32.80 1.67
N TYR A 38 -52.74 -33.10 2.82
CA TYR A 38 -52.11 -33.86 3.88
C TYR A 38 -53.23 -34.60 4.61
N ASN A 39 -53.55 -35.82 4.15
CA ASN A 39 -54.62 -36.61 4.77
C ASN A 39 -54.16 -38.04 5.01
N ASP A 40 -53.37 -38.24 6.08
CA ASP A 40 -53.19 -39.50 6.79
C ASP A 40 -52.68 -40.64 5.91
N LYS A 41 -52.62 -40.43 4.60
CA LYS A 41 -52.03 -41.40 3.68
C LYS A 41 -50.98 -40.74 2.82
N VAL A 42 -51.34 -39.60 2.23
CA VAL A 42 -50.55 -38.92 1.22
C VAL A 42 -50.35 -37.47 1.67
N ALA A 43 -49.12 -36.99 1.58
CA ALA A 43 -48.80 -35.62 1.91
C ALA A 43 -47.82 -35.06 0.89
N GLY A 44 -47.82 -33.74 0.76
CA GLY A 44 -46.92 -33.05 -0.14
C GLY A 44 -47.62 -31.90 -0.83
N PHE A 45 -46.95 -31.38 -1.85
CA PHE A 45 -47.44 -30.24 -2.63
C PHE A 45 -47.21 -30.58 -4.11
N ALA A 46 -48.21 -31.21 -4.72
CA ALA A 46 -48.06 -31.77 -6.06
C ALA A 46 -49.30 -31.44 -6.87
N LYS A 47 -49.21 -31.68 -8.19
CA LYS A 47 -50.32 -31.49 -9.11
C LYS A 47 -51.12 -32.78 -9.19
N PHE A 48 -52.43 -32.67 -8.94
CA PHE A 48 -53.34 -33.81 -8.97
C PHE A 48 -54.38 -33.62 -10.07
N LEU A 49 -55.30 -34.56 -10.17
CA LEU A 49 -56.39 -34.51 -11.14
C LEU A 49 -57.70 -34.38 -10.39
N LYS A 50 -58.28 -33.17 -10.41
CA LYS A 50 -59.57 -32.95 -9.78
C LYS A 50 -60.68 -33.49 -10.65
N THR A 51 -61.49 -34.40 -10.10
CA THR A 51 -62.52 -35.10 -10.85
C THR A 51 -63.92 -34.92 -10.28
N ASN A 52 -64.10 -34.06 -9.29
CA ASN A 52 -65.40 -33.78 -8.68
C ASN A 52 -65.69 -32.29 -8.72
N CYS A 53 -65.49 -31.67 -9.88
CA CYS A 53 -65.58 -30.23 -10.02
C CYS A 53 -66.20 -29.89 -11.38
N CYS A 54 -67.34 -29.19 -11.34
CA CYS A 54 -67.95 -28.65 -12.55
C CYS A 54 -67.62 -27.17 -12.62
N ARG A 55 -66.99 -26.73 -13.70
CA ARG A 55 -66.59 -25.34 -13.87
C ARG A 55 -67.49 -24.66 -14.89
N PHE A 56 -68.06 -23.52 -14.50
CA PHE A 56 -68.82 -22.67 -15.39
C PHE A 56 -68.22 -21.27 -15.34
N GLN A 57 -67.66 -20.82 -16.46
CA GLN A 57 -66.97 -19.55 -16.53
C GLN A 57 -67.97 -18.44 -16.88
N GLU A 58 -68.04 -17.43 -16.02
CA GLU A 58 -68.88 -16.27 -16.28
C GLU A 58 -68.37 -15.51 -17.48
N LYS A 59 -69.29 -14.92 -18.23
CA LYS A 59 -68.95 -14.09 -19.38
C LYS A 59 -69.43 -12.66 -19.13
N ASP A 60 -68.67 -11.71 -19.64
CA ASP A 60 -68.97 -10.29 -19.48
C ASP A 60 -70.09 -9.91 -20.46
N GLU A 61 -70.36 -8.62 -20.57
CA GLU A 61 -71.35 -8.16 -21.54
C GLU A 61 -70.87 -8.45 -22.96
N ASP A 62 -71.85 -8.68 -23.85
CA ASP A 62 -71.63 -9.02 -25.26
C ASP A 62 -70.88 -10.33 -25.43
N ASP A 63 -71.08 -11.29 -24.52
CA ASP A 63 -70.48 -12.63 -24.62
C ASP A 63 -68.96 -12.56 -24.67
N ASN A 64 -68.37 -11.96 -23.63
CA ASN A 64 -66.93 -11.88 -23.47
C ASN A 64 -66.52 -12.64 -22.22
N LEU A 65 -65.68 -13.66 -22.40
CA LEU A 65 -65.25 -14.47 -21.28
C LEU A 65 -64.39 -13.65 -20.32
N ILE A 66 -64.62 -13.85 -19.03
CA ILE A 66 -63.94 -13.10 -17.97
C ILE A 66 -63.33 -14.10 -16.99
N ASP A 67 -62.31 -13.64 -16.28
CA ASP A 67 -61.65 -14.47 -15.27
C ASP A 67 -62.53 -14.62 -14.04
N SER A 68 -63.60 -15.39 -14.17
CA SER A 68 -64.55 -15.61 -13.09
C SER A 68 -65.28 -16.91 -13.34
N TYR A 69 -65.15 -17.86 -12.43
CA TYR A 69 -65.71 -19.19 -12.60
C TYR A 69 -66.62 -19.54 -11.42
N PHE A 70 -67.67 -20.28 -11.73
CA PHE A 70 -68.59 -20.81 -10.74
C PHE A 70 -68.27 -22.28 -10.55
N VAL A 71 -67.29 -22.56 -9.70
CA VAL A 71 -66.81 -23.92 -9.46
C VAL A 71 -67.83 -24.62 -8.56
N VAL A 72 -68.71 -25.41 -9.17
CA VAL A 72 -69.75 -26.14 -8.44
C VAL A 72 -69.30 -27.59 -8.32
N LYS A 73 -69.28 -28.10 -7.10
CA LYS A 73 -68.86 -29.46 -6.82
C LYS A 73 -69.97 -30.21 -6.07
N ARG A 74 -70.11 -31.49 -6.39
CA ARG A 74 -71.04 -32.37 -5.70
C ARG A 74 -70.29 -33.25 -4.72
N HIS A 75 -70.83 -33.36 -3.51
CA HIS A 75 -70.17 -34.10 -2.44
C HIS A 75 -71.23 -34.82 -1.64
N THR A 76 -70.80 -35.55 -0.61
CA THR A 76 -71.70 -36.29 0.25
C THR A 76 -72.55 -35.33 1.08
N PHE A 77 -73.67 -35.86 1.61
CA PHE A 77 -74.59 -35.03 2.36
C PHE A 77 -73.95 -34.48 3.63
N SER A 78 -73.17 -35.30 4.33
CA SER A 78 -72.54 -34.85 5.57
C SER A 78 -71.54 -33.74 5.31
N ASN A 79 -70.68 -33.91 4.30
CA ASN A 79 -69.73 -32.86 3.96
C ASN A 79 -70.44 -31.61 3.47
N TYR A 80 -71.52 -31.78 2.71
CA TYR A 80 -72.29 -30.64 2.22
C TYR A 80 -72.82 -29.80 3.37
N GLN A 81 -73.49 -30.43 4.33
CA GLN A 81 -74.07 -29.69 5.45
C GLN A 81 -72.99 -29.11 6.36
N HIS A 82 -71.90 -29.86 6.59
CA HIS A 82 -70.80 -29.33 7.39
C HIS A 82 -70.21 -28.08 6.77
N GLU A 83 -69.93 -28.14 5.45
CA GLU A 83 -69.38 -26.99 4.75
C GLU A 83 -70.35 -25.83 4.74
N GLU A 84 -71.65 -26.11 4.59
CA GLU A 84 -72.65 -25.04 4.62
C GLU A 84 -72.66 -24.35 5.98
N THR A 85 -72.61 -25.14 7.06
CA THR A 85 -72.62 -24.56 8.40
C THR A 85 -71.37 -23.70 8.64
N ILE A 86 -70.20 -24.23 8.30
CA ILE A 86 -68.98 -23.47 8.56
C ILE A 86 -68.91 -22.23 7.67
N TYR A 87 -69.44 -22.32 6.43
CA TYR A 87 -69.50 -21.14 5.57
C TYR A 87 -70.43 -20.10 6.15
N ASN A 88 -71.63 -20.50 6.60
CA ASN A 88 -72.53 -19.57 7.26
C ASN A 88 -71.88 -18.92 8.47
N LEU A 89 -71.01 -19.66 9.17
CA LEU A 89 -70.20 -19.03 10.21
C LEU A 89 -69.16 -18.07 9.64
N LEU A 90 -68.70 -18.29 8.42
CA LEU A 90 -67.65 -17.49 7.82
C LEU A 90 -68.10 -16.67 6.61
N LYS A 91 -69.40 -16.65 6.29
CA LYS A 91 -69.86 -15.99 5.07
C LYS A 91 -69.71 -14.47 5.17
N ASP A 92 -69.78 -13.91 6.38
CA ASP A 92 -69.71 -12.47 6.52
C ASP A 92 -68.33 -11.91 6.24
N CYS A 93 -67.31 -12.76 6.18
CA CYS A 93 -65.97 -12.29 5.88
C CYS A 93 -65.87 -11.89 4.41
N PRO A 94 -65.39 -10.68 4.11
CA PRO A 94 -65.22 -10.28 2.70
C PRO A 94 -64.24 -11.15 1.94
N ALA A 95 -63.25 -11.72 2.62
CA ALA A 95 -62.25 -12.58 1.96
C ALA A 95 -62.67 -14.05 1.97
N VAL A 96 -63.90 -14.31 1.55
CA VAL A 96 -64.43 -15.66 1.42
C VAL A 96 -65.20 -15.74 0.12
N ALA A 97 -64.95 -16.77 -0.67
CA ALA A 97 -65.68 -16.97 -1.92
C ALA A 97 -67.16 -17.16 -1.62
N LYS A 98 -68.00 -16.52 -2.42
CA LYS A 98 -69.45 -16.64 -2.26
C LYS A 98 -69.86 -18.07 -2.56
N HIS A 99 -70.24 -18.81 -1.52
CA HIS A 99 -70.67 -20.19 -1.69
C HIS A 99 -72.19 -20.26 -1.88
N ASP A 100 -72.61 -21.16 -2.76
CA ASP A 100 -74.03 -21.40 -2.99
C ASP A 100 -74.30 -22.89 -2.79
N PHE A 101 -75.20 -23.19 -1.87
CA PHE A 101 -75.50 -24.57 -1.48
C PHE A 101 -76.90 -24.95 -1.94
N PHE A 102 -77.01 -26.10 -2.60
CA PHE A 102 -78.30 -26.61 -3.05
C PHE A 102 -78.17 -28.10 -3.34
N LYS A 103 -79.30 -28.78 -3.30
CA LYS A 103 -79.40 -30.17 -3.72
C LYS A 103 -80.07 -30.23 -5.08
N PHE A 104 -79.40 -30.86 -6.05
CA PHE A 104 -79.90 -30.94 -7.41
C PHE A 104 -80.04 -32.39 -7.81
N ARG A 105 -81.23 -32.75 -8.29
CA ARG A 105 -81.49 -34.11 -8.74
C ARG A 105 -80.77 -34.37 -10.06
N ILE A 106 -79.98 -35.45 -10.09
CA ILE A 106 -79.15 -35.74 -11.25
C ILE A 106 -79.80 -36.85 -12.07
N ASP A 107 -79.96 -38.03 -11.48
CA ASP A 107 -80.61 -39.15 -12.15
C ASP A 107 -81.89 -39.55 -11.44
N GLY A 108 -81.82 -39.91 -10.16
CA GLY A 108 -83.01 -40.25 -9.40
C GLY A 108 -82.90 -39.84 -7.94
N ASP A 109 -81.88 -39.04 -7.63
CA ASP A 109 -81.62 -38.61 -6.26
C ASP A 109 -81.12 -37.17 -6.26
N MET A 110 -81.45 -36.44 -5.20
CA MET A 110 -81.02 -35.05 -5.05
C MET A 110 -79.60 -35.02 -4.50
N VAL A 111 -78.64 -35.05 -5.42
CA VAL A 111 -77.23 -34.98 -5.03
C VAL A 111 -76.91 -33.57 -4.55
N PRO A 112 -76.34 -33.40 -3.37
CA PRO A 112 -75.96 -32.06 -2.90
C PRO A 112 -74.87 -31.46 -3.77
N HIS A 113 -74.90 -30.14 -3.90
CA HIS A 113 -73.90 -29.41 -4.66
C HIS A 113 -73.45 -28.17 -3.89
N ILE A 114 -72.19 -27.80 -4.10
CA ILE A 114 -71.61 -26.60 -3.50
C ILE A 114 -71.03 -25.76 -4.62
N SER A 115 -71.56 -24.54 -4.78
CA SER A 115 -71.19 -23.67 -5.90
C SER A 115 -70.40 -22.49 -5.37
N ARG A 116 -69.08 -22.56 -5.49
CA ARG A 116 -68.25 -21.39 -5.23
C ARG A 116 -68.34 -20.43 -6.40
N GLN A 117 -68.52 -19.15 -6.10
CA GLN A 117 -68.82 -18.14 -7.10
C GLN A 117 -67.66 -17.19 -7.27
N ARG A 118 -67.49 -16.70 -8.51
CA ARG A 118 -66.48 -15.69 -8.85
C ARG A 118 -65.07 -16.19 -8.52
N LEU A 119 -64.81 -17.45 -8.85
CA LEU A 119 -63.48 -18.02 -8.67
C LEU A 119 -62.65 -17.84 -9.95
N THR A 120 -61.35 -17.73 -9.78
CA THR A 120 -60.41 -17.69 -10.88
C THR A 120 -60.16 -19.12 -11.38
N LYS A 121 -59.62 -19.22 -12.59
CA LYS A 121 -59.36 -20.53 -13.18
C LYS A 121 -58.34 -21.30 -12.36
N TYR A 122 -57.29 -20.63 -11.91
CA TYR A 122 -56.22 -21.27 -11.15
C TYR A 122 -56.20 -20.70 -9.74
N THR A 123 -55.90 -21.54 -8.76
CA THR A 123 -55.83 -21.12 -7.38
C THR A 123 -54.48 -20.49 -7.07
N MET A 124 -54.29 -20.12 -5.81
CA MET A 124 -52.99 -19.66 -5.36
C MET A 124 -51.96 -20.79 -5.41
N ALA A 125 -52.40 -22.02 -5.16
CA ALA A 125 -51.50 -23.16 -5.22
C ALA A 125 -50.98 -23.38 -6.64
N ASP A 126 -51.80 -23.11 -7.64
CA ASP A 126 -51.34 -23.26 -9.02
C ASP A 126 -50.20 -22.30 -9.33
N LEU A 127 -50.35 -21.04 -8.92
CA LEU A 127 -49.28 -20.07 -9.12
C LEU A 127 -48.03 -20.45 -8.34
N VAL A 128 -48.21 -20.89 -7.09
CA VAL A 128 -47.06 -21.25 -6.26
C VAL A 128 -46.34 -22.45 -6.85
N TYR A 129 -47.09 -23.45 -7.32
CA TYR A 129 -46.48 -24.63 -7.94
C TYR A 129 -45.77 -24.27 -9.23
N ALA A 130 -46.38 -23.42 -10.05
CA ALA A 130 -45.78 -23.01 -11.30
C ALA A 130 -44.47 -22.26 -11.07
N LEU A 131 -44.42 -21.41 -10.05
CA LEU A 131 -43.20 -20.67 -9.75
C LEU A 131 -42.18 -21.49 -8.97
N ARG A 132 -42.59 -22.55 -8.28
CA ARG A 132 -41.68 -23.37 -7.49
C ARG A 132 -41.28 -24.68 -8.18
N HIS A 133 -42.09 -25.18 -9.11
CA HIS A 133 -41.79 -26.38 -9.86
C HIS A 133 -41.72 -26.05 -11.34
N PHE A 134 -41.04 -24.95 -11.65
CA PHE A 134 -41.03 -24.41 -13.00
C PHE A 134 -40.35 -25.35 -13.98
N ASP A 135 -40.88 -25.42 -15.19
CA ASP A 135 -40.30 -26.22 -16.25
C ASP A 135 -40.66 -25.55 -17.58
N GLU A 136 -39.65 -25.01 -18.26
CA GLU A 136 -39.89 -24.31 -19.52
C GLU A 136 -40.40 -25.26 -20.60
N GLY A 137 -40.18 -26.57 -20.46
CA GLY A 137 -40.72 -27.51 -21.42
C GLY A 137 -42.24 -27.52 -21.43
N ASN A 138 -42.86 -27.44 -20.26
CA ASN A 138 -44.32 -27.34 -20.15
C ASN A 138 -44.64 -26.47 -18.94
N CYS A 139 -44.83 -25.17 -19.19
CA CYS A 139 -45.32 -24.23 -18.19
C CYS A 139 -46.49 -23.48 -18.83
N ASP A 140 -47.67 -24.08 -18.77
CA ASP A 140 -48.88 -23.49 -19.34
C ASP A 140 -49.74 -22.79 -18.30
N THR A 141 -49.80 -23.33 -17.08
CA THR A 141 -50.51 -22.65 -16.00
C THR A 141 -49.87 -21.30 -15.70
N LEU A 142 -48.53 -21.25 -15.67
CA LEU A 142 -47.84 -20.00 -15.44
C LEU A 142 -48.11 -19.00 -16.56
N LYS A 143 -48.09 -19.47 -17.81
CA LYS A 143 -48.37 -18.57 -18.93
C LYS A 143 -49.78 -18.02 -18.86
N GLU A 144 -50.76 -18.88 -18.55
CA GLU A 144 -52.15 -18.42 -18.44
C GLU A 144 -52.31 -17.43 -17.31
N ILE A 145 -51.65 -17.68 -16.17
CA ILE A 145 -51.72 -16.74 -15.05
C ILE A 145 -51.10 -15.41 -15.43
N LEU A 146 -49.96 -15.44 -16.13
CA LEU A 146 -49.29 -14.20 -16.53
C LEU A 146 -50.13 -13.40 -17.53
N VAL A 147 -50.80 -14.08 -18.47
CA VAL A 147 -51.57 -13.35 -19.48
C VAL A 147 -52.95 -12.94 -18.99
N THR A 148 -53.55 -13.65 -18.03
CA THR A 148 -54.88 -13.31 -17.56
C THR A 148 -54.88 -12.18 -16.54
N TYR A 149 -53.70 -11.76 -16.06
CA TYR A 149 -53.59 -10.68 -15.09
C TYR A 149 -52.72 -9.54 -15.60
N ASN A 150 -52.58 -9.42 -16.93
CA ASN A 150 -51.89 -8.32 -17.58
C ASN A 150 -50.43 -8.21 -17.17
N CYS A 151 -49.83 -9.30 -16.68
CA CYS A 151 -48.40 -9.29 -16.40
C CYS A 151 -47.59 -9.17 -17.68
N CYS A 152 -48.00 -9.89 -18.72
CA CYS A 152 -47.41 -9.82 -20.04
C CYS A 152 -48.42 -10.33 -21.04
N ASP A 153 -48.04 -10.32 -22.32
CA ASP A 153 -48.88 -10.80 -23.40
C ASP A 153 -48.39 -12.17 -23.85
N ASP A 154 -49.22 -12.85 -24.63
CA ASP A 154 -48.80 -14.13 -25.22
C ASP A 154 -47.61 -13.96 -26.15
N ASP A 155 -47.39 -12.75 -26.68
CA ASP A 155 -46.23 -12.50 -27.52
C ASP A 155 -44.94 -12.48 -26.71
N TYR A 156 -45.03 -12.28 -25.39
CA TYR A 156 -43.83 -12.28 -24.56
C TYR A 156 -43.19 -13.66 -24.50
N PHE A 157 -44.00 -14.72 -24.50
CA PHE A 157 -43.48 -16.07 -24.44
C PHE A 157 -42.87 -16.53 -25.76
N ASN A 158 -43.19 -15.88 -26.87
CA ASN A 158 -42.54 -16.21 -28.13
C ASN A 158 -41.06 -15.86 -28.09
N LYS A 159 -40.70 -14.81 -27.36
CA LYS A 159 -39.29 -14.49 -27.15
C LYS A 159 -38.61 -15.61 -26.36
N LYS A 160 -37.48 -16.09 -26.89
CA LYS A 160 -36.76 -17.15 -26.22
C LYS A 160 -36.09 -16.61 -24.95
N ASP A 161 -35.92 -17.50 -23.97
CA ASP A 161 -35.38 -17.13 -22.66
C ASP A 161 -36.23 -16.05 -22.00
N TRP A 162 -37.53 -16.07 -22.26
CA TRP A 162 -38.43 -15.15 -21.58
C TRP A 162 -38.49 -15.44 -20.08
N TYR A 163 -38.26 -16.69 -19.70
CA TYR A 163 -38.32 -17.12 -18.32
C TYR A 163 -37.01 -16.95 -17.58
N ASP A 164 -35.90 -16.88 -18.30
CA ASP A 164 -34.58 -16.80 -17.67
C ASP A 164 -34.44 -15.50 -16.90
N PHE A 165 -33.62 -15.54 -15.85
CA PHE A 165 -33.31 -14.36 -15.05
C PHE A 165 -32.03 -13.67 -15.48
N VAL A 166 -30.98 -14.43 -15.76
CA VAL A 166 -29.74 -13.84 -16.29
C VAL A 166 -29.98 -13.27 -17.67
N GLU A 167 -30.61 -14.05 -18.55
CA GLU A 167 -31.07 -13.56 -19.84
C GLU A 167 -32.49 -13.03 -19.70
N ASN A 168 -32.74 -11.84 -20.25
CA ASN A 168 -34.02 -11.19 -20.13
C ASN A 168 -34.40 -10.97 -18.67
N PRO A 169 -33.76 -10.02 -17.98
CA PRO A 169 -34.19 -9.69 -16.61
C PRO A 169 -35.58 -9.06 -16.54
N ASP A 170 -36.21 -8.78 -17.68
CA ASP A 170 -37.55 -8.22 -17.68
C ASP A 170 -38.60 -9.19 -17.16
N ILE A 171 -38.25 -10.48 -17.03
CA ILE A 171 -39.15 -11.42 -16.40
C ILE A 171 -39.39 -11.05 -14.95
N LEU A 172 -38.44 -10.35 -14.32
CA LEU A 172 -38.66 -9.83 -12.98
C LEU A 172 -39.79 -8.81 -12.97
N ARG A 173 -39.78 -7.89 -13.94
CA ARG A 173 -40.87 -6.93 -14.06
C ARG A 173 -42.18 -7.62 -14.39
N VAL A 174 -42.14 -8.66 -15.22
CA VAL A 174 -43.34 -9.42 -15.56
C VAL A 174 -43.93 -10.07 -14.31
N TYR A 175 -43.08 -10.70 -13.50
CA TYR A 175 -43.56 -11.32 -12.27
C TYR A 175 -44.02 -10.29 -11.25
N ALA A 176 -43.40 -9.10 -11.25
CA ALA A 176 -43.79 -8.05 -10.32
C ALA A 176 -45.21 -7.56 -10.54
N ASN A 177 -45.79 -7.76 -11.73
CA ASN A 177 -47.19 -7.42 -11.96
C ASN A 177 -48.15 -8.36 -11.24
N LEU A 178 -47.69 -9.55 -10.88
CA LEU A 178 -48.42 -10.42 -9.96
C LEU A 178 -48.21 -10.04 -8.51
N GLY A 179 -47.32 -9.08 -8.24
CA GLY A 179 -47.01 -8.73 -6.87
C GLY A 179 -48.20 -8.13 -6.12
N GLU A 180 -48.92 -7.22 -6.76
CA GLU A 180 -50.08 -6.62 -6.11
C GLU A 180 -51.17 -7.65 -5.89
N ARG A 181 -51.37 -8.56 -6.86
CA ARG A 181 -52.36 -9.61 -6.69
C ARG A 181 -51.99 -10.54 -5.55
N VAL A 182 -50.71 -10.89 -5.43
CA VAL A 182 -50.27 -11.75 -4.34
C VAL A 182 -50.39 -11.03 -2.99
N ARG A 183 -50.12 -9.73 -2.97
CA ARG A 183 -50.27 -8.96 -1.74
C ARG A 183 -51.73 -8.87 -1.32
N GLN A 184 -52.64 -8.68 -2.29
CA GLN A 184 -54.06 -8.69 -1.98
C GLN A 184 -54.50 -10.07 -1.48
N ALA A 185 -53.92 -11.14 -2.05
CA ALA A 185 -54.18 -12.47 -1.54
C ALA A 185 -53.70 -12.62 -0.10
N LEU A 186 -52.54 -12.03 0.22
CA LEU A 186 -52.03 -12.06 1.59
C LEU A 186 -52.98 -11.32 2.54
N LEU A 187 -53.43 -10.15 2.13
CA LEU A 187 -54.36 -9.38 2.97
C LEU A 187 -55.67 -10.13 3.17
N LYS A 188 -56.18 -10.75 2.11
CA LYS A 188 -57.39 -11.56 2.23
C LYS A 188 -57.16 -12.78 3.11
N THR A 189 -55.96 -13.37 3.06
CA THR A 189 -55.64 -14.48 3.96
C THR A 189 -55.63 -14.03 5.41
N VAL A 190 -55.09 -12.84 5.68
CA VAL A 190 -55.10 -12.32 7.04
C VAL A 190 -56.54 -12.07 7.50
N GLN A 191 -57.37 -11.50 6.63
CA GLN A 191 -58.77 -11.27 6.99
C GLN A 191 -59.49 -12.60 7.23
N PHE A 192 -59.20 -13.61 6.42
CA PHE A 192 -59.81 -14.93 6.59
C PHE A 192 -59.37 -15.58 7.89
N CYS A 193 -58.09 -15.41 8.26
CA CYS A 193 -57.62 -15.93 9.53
C CYS A 193 -58.31 -15.22 10.69
N ASP A 194 -58.48 -13.90 10.59
CA ASP A 194 -59.21 -13.18 11.63
C ASP A 194 -60.65 -13.66 11.73
N ALA A 195 -61.30 -13.90 10.60
CA ALA A 195 -62.67 -14.39 10.60
C ALA A 195 -62.75 -15.77 11.25
N MET A 196 -61.81 -16.66 10.92
CA MET A 196 -61.81 -17.99 11.52
C MET A 196 -61.57 -17.92 13.02
N ARG A 197 -60.66 -17.03 13.46
CA ARG A 197 -60.39 -16.88 14.88
C ARG A 197 -61.60 -16.35 15.61
N ASN A 198 -62.29 -15.36 15.04
CA ASN A 198 -63.42 -14.75 15.72
C ASN A 198 -64.64 -15.67 15.72
N ALA A 199 -64.80 -16.47 14.66
CA ALA A 199 -65.95 -17.35 14.53
C ALA A 199 -65.75 -18.69 15.19
N GLY A 200 -64.58 -18.95 15.76
CA GLY A 200 -64.30 -20.23 16.38
C GLY A 200 -64.23 -21.38 15.42
N ILE A 201 -63.59 -21.16 14.28
CA ILE A 201 -63.39 -22.19 13.25
C ILE A 201 -61.93 -22.61 13.29
N VAL A 202 -61.69 -23.91 13.42
CA VAL A 202 -60.35 -24.47 13.48
C VAL A 202 -60.08 -25.22 12.19
N GLY A 203 -59.02 -24.83 11.49
CA GLY A 203 -58.68 -25.48 10.25
C GLY A 203 -57.30 -25.09 9.80
N VAL A 204 -56.85 -25.76 8.73
CA VAL A 204 -55.52 -25.56 8.17
C VAL A 204 -55.69 -24.88 6.82
N LEU A 205 -55.04 -23.73 6.66
CA LEU A 205 -55.10 -22.98 5.40
C LEU A 205 -54.13 -23.57 4.39
N THR A 206 -54.61 -23.74 3.16
CA THR A 206 -53.79 -24.26 2.08
C THR A 206 -53.98 -23.38 0.86
N LEU A 207 -52.94 -23.30 0.03
CA LEU A 207 -52.99 -22.41 -1.13
C LEU A 207 -54.05 -22.83 -2.13
N ASP A 208 -54.37 -24.12 -2.22
CA ASP A 208 -55.38 -24.58 -3.16
C ASP A 208 -56.79 -24.18 -2.77
N ASN A 209 -57.01 -23.74 -1.53
CA ASN A 209 -58.30 -23.28 -1.08
C ASN A 209 -58.48 -21.78 -1.24
N GLN A 210 -57.51 -21.10 -1.85
CA GLN A 210 -57.59 -19.68 -2.12
C GLN A 210 -57.33 -19.45 -3.59
N ASP A 211 -58.27 -18.78 -4.26
CA ASP A 211 -58.07 -18.42 -5.66
C ASP A 211 -57.16 -17.22 -5.77
N LEU A 212 -56.83 -16.83 -6.99
CA LEU A 212 -55.85 -15.77 -7.20
C LEU A 212 -56.40 -14.39 -6.88
N ASN A 213 -57.72 -14.23 -6.80
CA ASN A 213 -58.26 -12.98 -6.27
C ASN A 213 -58.03 -12.87 -4.77
N GLY A 214 -57.99 -14.00 -4.07
CA GLY A 214 -57.74 -14.00 -2.65
C GLY A 214 -58.84 -14.65 -1.84
N ASN A 215 -59.99 -14.89 -2.48
CA ASN A 215 -61.13 -15.47 -1.79
C ASN A 215 -60.85 -16.92 -1.42
N TRP A 216 -61.43 -17.35 -0.31
CA TRP A 216 -61.19 -18.67 0.26
C TRP A 216 -62.41 -19.56 0.10
N TYR A 217 -62.14 -20.84 0.00
CA TYR A 217 -63.18 -21.82 -0.16
C TYR A 217 -62.74 -23.09 0.49
N ASP A 218 -63.34 -24.23 0.21
CA ASP A 218 -63.01 -25.55 0.81
C ASP A 218 -62.92 -25.52 2.26
N PHE A 219 -64.02 -25.85 2.85
CA PHE A 219 -64.07 -25.76 4.25
C PHE A 219 -64.29 -27.17 4.66
N GLY A 220 -64.18 -28.10 3.71
CA GLY A 220 -64.48 -29.48 4.05
C GLY A 220 -63.58 -30.11 5.08
N ASP A 221 -62.48 -29.46 5.45
CA ASP A 221 -61.59 -29.98 6.48
C ASP A 221 -61.55 -29.11 7.72
N PHE A 222 -62.24 -27.96 7.72
CA PHE A 222 -62.32 -27.12 8.90
C PHE A 222 -63.23 -27.76 9.94
N ILE A 223 -62.97 -27.45 11.21
CA ILE A 223 -63.79 -27.92 12.31
C ILE A 223 -64.17 -26.71 13.17
N GLN A 224 -65.34 -26.79 13.80
CA GLN A 224 -65.91 -25.68 14.53
C GLN A 224 -65.70 -25.86 16.03
N THR A 225 -65.38 -24.75 16.69
CA THR A 225 -65.21 -24.70 18.14
C THR A 225 -65.93 -23.46 18.66
N THR A 226 -65.67 -23.12 19.93
CA THR A 226 -66.31 -21.95 20.52
C THR A 226 -65.87 -20.69 19.81
N PRO A 227 -66.79 -19.76 19.52
CA PRO A 227 -66.41 -18.55 18.79
C PRO A 227 -65.41 -17.71 19.58
N GLY A 228 -64.52 -17.04 18.85
CA GLY A 228 -63.46 -16.26 19.46
C GLY A 228 -62.22 -17.04 19.81
N SER A 229 -62.28 -18.38 19.78
CA SER A 229 -61.14 -19.23 20.09
C SER A 229 -60.64 -20.00 18.88
N GLY A 230 -61.13 -19.67 17.68
CA GLY A 230 -60.70 -20.37 16.49
C GLY A 230 -59.23 -20.15 16.20
N VAL A 231 -58.63 -21.16 15.58
CA VAL A 231 -57.20 -21.12 15.26
C VAL A 231 -56.99 -21.54 13.82
N PRO A 232 -56.59 -20.62 12.94
CA PRO A 232 -56.23 -21.01 11.57
C PRO A 232 -54.80 -21.53 11.50
N VAL A 233 -54.62 -22.80 11.17
CA VAL A 233 -53.30 -23.41 11.07
C VAL A 233 -52.75 -23.06 9.70
N VAL A 234 -51.89 -22.04 9.64
CA VAL A 234 -51.29 -21.58 8.39
C VAL A 234 -49.79 -21.58 8.59
N ASP A 235 -49.15 -22.70 8.26
CA ASP A 235 -47.70 -22.77 8.15
C ASP A 235 -47.32 -23.16 6.73
N SER A 236 -47.97 -24.20 6.20
CA SER A 236 -47.71 -24.64 4.85
C SER A 236 -48.04 -23.56 3.84
N TYR A 237 -49.18 -22.89 4.01
CA TYR A 237 -49.60 -21.83 3.09
C TYR A 237 -48.53 -20.74 2.98
N TYR A 238 -48.23 -20.09 4.11
CA TYR A 238 -47.25 -19.00 4.09
C TYR A 238 -45.87 -19.50 3.64
N SER A 239 -45.48 -20.69 4.11
CA SER A 239 -44.15 -21.20 3.79
C SER A 239 -44.00 -21.44 2.30
N LEU A 240 -44.99 -22.05 1.66
CA LEU A 240 -44.93 -22.26 0.22
C LEU A 240 -45.07 -20.94 -0.54
N LEU A 241 -45.80 -19.97 0.02
CA LEU A 241 -45.94 -18.68 -0.65
C LEU A 241 -44.69 -17.82 -0.56
N MET A 242 -43.83 -18.04 0.44
CA MET A 242 -42.70 -17.15 0.66
C MET A 242 -41.80 -16.96 -0.56
N PRO A 243 -41.41 -18.00 -1.30
CA PRO A 243 -40.61 -17.75 -2.52
C PRO A 243 -41.33 -16.90 -3.55
N ILE A 244 -42.66 -17.00 -3.64
CA ILE A 244 -43.41 -16.18 -4.59
C ILE A 244 -43.49 -14.72 -4.13
N LEU A 245 -43.49 -14.48 -2.82
CA LEU A 245 -43.63 -13.11 -2.31
C LEU A 245 -42.52 -12.20 -2.80
N THR A 246 -41.27 -12.67 -2.77
CA THR A 246 -40.15 -11.89 -3.26
C THR A 246 -39.92 -12.05 -4.76
N LEU A 247 -40.31 -13.18 -5.35
CA LEU A 247 -40.19 -13.34 -6.79
C LEU A 247 -41.13 -12.40 -7.52
N THR A 248 -42.35 -12.24 -7.01
CA THR A 248 -43.31 -11.29 -7.55
C THR A 248 -43.21 -9.91 -6.91
N ARG A 249 -42.33 -9.75 -5.92
CA ARG A 249 -42.20 -8.50 -5.18
C ARG A 249 -43.56 -8.03 -4.68
N ALA A 250 -44.21 -8.91 -3.91
CA ALA A 250 -45.57 -8.66 -3.46
C ALA A 250 -45.68 -7.42 -2.57
N LEU A 251 -44.67 -7.13 -1.77
CA LEU A 251 -44.70 -5.99 -0.87
C LEU A 251 -44.17 -4.72 -1.52
N THR A 252 -44.22 -4.62 -2.85
CA THR A 252 -43.82 -3.40 -3.53
C THR A 252 -44.76 -2.25 -3.24
N ALA A 253 -46.02 -2.54 -2.93
CA ALA A 253 -46.98 -1.49 -2.57
C ALA A 253 -46.70 -0.89 -1.20
N GLU A 254 -45.97 -1.59 -0.34
CA GLU A 254 -45.67 -1.06 0.99
C GLU A 254 -44.70 0.12 0.95
N SER A 255 -43.99 0.31 -0.15
CA SER A 255 -43.15 1.49 -0.32
C SER A 255 -43.94 2.62 -0.99
N HIS A 256 -45.11 2.92 -0.43
CA HIS A 256 -46.00 3.95 -0.93
C HIS A 256 -46.67 4.64 0.25
N VAL A 257 -47.21 5.83 0.01
CA VAL A 257 -47.71 6.66 1.10
C VAL A 257 -48.86 5.96 1.83
N ASP A 258 -49.83 5.46 1.07
CA ASP A 258 -51.00 4.78 1.65
C ASP A 258 -51.06 3.32 1.24
N THR A 259 -49.90 2.72 0.95
CA THR A 259 -49.80 1.34 0.50
C THR A 259 -50.69 1.10 -0.73
N ASP A 260 -50.70 2.07 -1.63
CA ASP A 260 -51.46 2.01 -2.86
C ASP A 260 -50.54 2.35 -4.02
N LEU A 261 -50.64 1.57 -5.10
CA LEU A 261 -49.76 1.77 -6.26
C LEU A 261 -50.27 2.88 -7.18
N THR A 262 -50.58 4.03 -6.58
CA THR A 262 -50.91 5.23 -7.33
C THR A 262 -50.31 6.48 -6.67
N LYS A 263 -49.59 6.32 -5.57
CA LYS A 263 -49.01 7.41 -4.81
C LYS A 263 -47.50 7.39 -4.99
N PRO A 264 -46.83 8.52 -4.75
CA PRO A 264 -45.37 8.52 -4.78
C PRO A 264 -44.79 7.62 -3.70
N TYR A 265 -43.59 7.11 -3.97
CA TYR A 265 -42.91 6.29 -3.00
C TYR A 265 -42.73 7.04 -1.69
N ILE A 266 -43.03 6.37 -0.58
CA ILE A 266 -42.95 7.01 0.73
C ILE A 266 -41.53 7.45 1.00
N LYS A 267 -41.36 8.75 1.25
CA LYS A 267 -40.04 9.35 1.43
C LYS A 267 -39.62 9.14 2.88
N TRP A 268 -38.95 8.02 3.13
CA TRP A 268 -38.45 7.73 4.46
C TRP A 268 -37.36 8.73 4.84
N ASP A 269 -37.22 8.96 6.14
CA ASP A 269 -36.12 9.78 6.63
C ASP A 269 -34.79 9.16 6.23
N LEU A 270 -33.91 9.99 5.67
CA LEU A 270 -32.60 9.48 5.27
C LEU A 270 -31.79 9.00 6.46
N LEU A 271 -31.89 9.69 7.60
CA LEU A 271 -31.18 9.27 8.80
C LEU A 271 -31.78 8.02 9.43
N LYS A 272 -33.02 7.67 9.08
CA LYS A 272 -33.68 6.55 9.73
C LYS A 272 -33.12 5.23 9.22
N TYR A 273 -32.72 4.37 10.16
CA TYR A 273 -32.22 3.04 9.84
C TYR A 273 -32.89 1.91 10.60
N ASP A 274 -33.55 2.19 11.73
CA ASP A 274 -34.07 1.14 12.59
C ASP A 274 -35.13 0.31 11.88
N PHE A 275 -36.26 0.94 11.55
CA PHE A 275 -37.38 0.27 10.88
C PHE A 275 -37.90 -0.94 11.65
N THR A 276 -37.53 -1.07 12.92
CA THR A 276 -37.98 -2.22 13.72
C THR A 276 -39.49 -2.23 13.86
N GLU A 277 -40.10 -1.07 14.13
CA GLU A 277 -41.55 -0.97 14.18
C GLU A 277 -42.20 -1.24 12.84
N GLU A 278 -41.59 -0.77 11.75
CA GLU A 278 -42.14 -1.02 10.42
C GLU A 278 -42.12 -2.51 10.08
N ARG A 279 -41.05 -3.21 10.46
CA ARG A 279 -41.00 -4.65 10.21
C ARG A 279 -42.08 -5.40 10.98
N LEU A 280 -42.30 -5.01 12.24
CA LEU A 280 -43.35 -5.62 13.04
C LEU A 280 -44.73 -5.32 12.45
N LYS A 281 -44.92 -4.10 11.96
CA LYS A 281 -46.20 -3.75 11.34
C LYS A 281 -46.42 -4.56 10.07
N LEU A 282 -45.38 -4.74 9.26
CA LEU A 282 -45.50 -5.58 8.06
C LEU A 282 -45.84 -7.02 8.44
N PHE A 283 -45.17 -7.55 9.47
CA PHE A 283 -45.44 -8.92 9.90
C PHE A 283 -46.87 -9.07 10.40
N ASP A 284 -47.36 -8.09 11.15
CA ASP A 284 -48.74 -8.16 11.64
C ASP A 284 -49.74 -7.99 10.50
N ARG A 285 -49.38 -7.23 9.47
CA ARG A 285 -50.28 -7.00 8.34
C ARG A 285 -50.35 -8.18 7.39
N TYR A 286 -49.26 -8.93 7.20
CA TYR A 286 -49.25 -10.01 6.22
C TYR A 286 -49.08 -11.40 6.83
N PHE A 287 -48.56 -11.50 8.05
CA PHE A 287 -48.35 -12.78 8.73
C PHE A 287 -48.92 -12.71 10.14
N LYS A 288 -50.16 -12.21 10.25
CA LYS A 288 -50.76 -11.96 11.56
C LYS A 288 -50.84 -13.24 12.38
N TYR A 289 -51.22 -14.35 11.76
CA TYR A 289 -51.40 -15.62 12.47
C TYR A 289 -50.25 -16.60 12.25
N TRP A 290 -49.10 -16.12 11.79
CA TRP A 290 -47.90 -16.95 11.71
C TRP A 290 -47.44 -17.27 13.13
N ASP A 291 -47.68 -18.50 13.57
CA ASP A 291 -47.53 -18.88 14.97
C ASP A 291 -46.07 -19.21 15.31
N GLN A 292 -45.20 -18.26 15.03
CA GLN A 292 -43.83 -18.31 15.49
C GLN A 292 -43.36 -16.89 15.74
N THR A 293 -42.72 -16.67 16.89
CA THR A 293 -42.23 -15.33 17.23
C THR A 293 -41.24 -14.86 16.18
N TYR A 294 -41.45 -13.64 15.68
CA TYR A 294 -40.59 -13.05 14.68
C TYR A 294 -39.80 -11.91 15.31
N HIS A 295 -38.49 -11.97 15.18
CA HIS A 295 -37.62 -10.93 15.72
C HIS A 295 -37.14 -10.05 14.58
N PRO A 296 -37.61 -8.81 14.48
CA PRO A 296 -37.12 -7.94 13.40
C PRO A 296 -35.61 -7.74 13.44
N ASN A 297 -35.03 -7.68 14.64
CA ASN A 297 -33.59 -7.70 14.80
C ASN A 297 -33.18 -9.10 15.23
N CYS A 298 -32.27 -9.71 14.48
CA CYS A 298 -31.88 -11.09 14.73
C CYS A 298 -30.95 -11.22 15.92
N VAL A 299 -30.54 -10.11 16.54
CA VAL A 299 -29.78 -10.19 17.79
C VAL A 299 -30.62 -10.85 18.87
N ASN A 300 -31.95 -10.72 18.79
CA ASN A 300 -32.86 -11.24 19.80
C ASN A 300 -33.33 -12.66 19.50
N CYS A 301 -32.82 -13.29 18.45
CA CYS A 301 -33.25 -14.63 18.09
C CYS A 301 -32.74 -15.65 19.09
N LEU A 302 -33.44 -16.78 19.17
CA LEU A 302 -33.12 -17.80 20.16
C LEU A 302 -31.91 -18.63 19.73
N ASP A 303 -31.97 -19.21 18.54
CA ASP A 303 -30.88 -20.04 18.03
C ASP A 303 -30.71 -19.73 16.55
N ASP A 304 -29.84 -20.52 15.89
CA ASP A 304 -29.57 -20.30 14.48
C ASP A 304 -30.80 -20.57 13.63
N ARG A 305 -31.62 -21.54 14.03
CA ARG A 305 -32.87 -21.78 13.32
C ARG A 305 -33.80 -20.58 13.41
N CYS A 306 -33.91 -19.98 14.59
CA CYS A 306 -34.70 -18.75 14.72
C CYS A 306 -34.06 -17.60 13.97
N ILE A 307 -32.73 -17.55 13.94
CA ILE A 307 -32.05 -16.52 13.14
C ILE A 307 -32.45 -16.64 11.68
N LEU A 308 -32.43 -17.86 11.15
CA LEU A 308 -32.83 -18.09 9.76
C LEU A 308 -34.30 -17.74 9.55
N HIS A 309 -35.15 -18.15 10.50
CA HIS A 309 -36.58 -17.88 10.38
C HIS A 309 -36.87 -16.39 10.32
N CYS A 310 -36.26 -15.61 11.21
CA CYS A 310 -36.51 -14.17 11.22
C CYS A 310 -35.79 -13.46 10.09
N ALA A 311 -34.65 -13.98 9.64
CA ALA A 311 -33.97 -13.38 8.50
C ALA A 311 -34.76 -13.60 7.22
N ASN A 312 -35.51 -14.70 7.12
CA ASN A 312 -36.36 -14.89 5.95
C ASN A 312 -37.43 -13.81 5.86
N PHE A 313 -38.02 -13.44 7.00
CA PHE A 313 -38.99 -12.35 7.00
C PHE A 313 -38.32 -11.01 6.77
N ASN A 314 -37.11 -10.82 7.32
CA ASN A 314 -36.39 -9.58 7.10
C ASN A 314 -36.03 -9.38 5.64
N VAL A 315 -35.78 -10.47 4.91
CA VAL A 315 -35.51 -10.37 3.48
C VAL A 315 -36.71 -9.75 2.76
N LEU A 316 -37.91 -10.25 3.07
CA LEU A 316 -39.12 -9.70 2.45
C LEU A 316 -39.34 -8.26 2.89
N PHE A 317 -39.14 -7.97 4.16
CA PHE A 317 -39.46 -6.65 4.70
C PHE A 317 -38.44 -5.58 4.31
N SER A 318 -37.22 -5.97 3.93
CA SER A 318 -36.20 -5.01 3.56
C SER A 318 -36.34 -4.52 2.13
N THR A 319 -37.15 -5.20 1.31
CA THR A 319 -37.44 -4.71 -0.04
C THR A 319 -38.28 -3.46 -0.02
N VAL A 320 -38.89 -3.12 1.12
CA VAL A 320 -39.70 -1.92 1.21
C VAL A 320 -38.87 -0.70 1.62
N PHE A 321 -37.99 -0.87 2.58
CA PHE A 321 -37.22 0.23 3.15
C PHE A 321 -36.14 0.68 2.16
N PRO A 322 -35.72 1.95 2.23
CA PRO A 322 -34.75 2.47 1.27
C PRO A 322 -33.42 1.74 1.37
N PRO A 323 -32.74 1.53 0.24
CA PRO A 323 -31.42 0.90 0.29
C PRO A 323 -30.37 1.75 0.99
N THR A 324 -30.60 3.05 1.17
CA THR A 324 -29.67 3.93 1.84
C THR A 324 -29.66 3.73 3.35
N SER A 325 -30.65 3.01 3.90
CA SER A 325 -30.77 2.80 5.32
C SER A 325 -30.09 1.51 5.78
N PHE A 326 -29.47 0.78 4.87
CA PHE A 326 -28.76 -0.45 5.19
C PHE A 326 -27.26 -0.23 5.11
N GLY A 327 -26.51 -1.21 5.59
CA GLY A 327 -25.07 -1.10 5.64
C GLY A 327 -24.59 -0.71 7.02
N PRO A 328 -23.35 -0.23 7.11
CA PRO A 328 -22.81 0.16 8.41
C PRO A 328 -23.60 1.28 9.06
N LEU A 329 -23.80 1.15 10.37
CA LEU A 329 -24.41 2.19 11.18
C LEU A 329 -23.30 2.97 11.88
N VAL A 330 -23.11 4.22 11.47
CA VAL A 330 -21.96 5.00 11.89
C VAL A 330 -22.41 6.12 12.83
N ARG A 331 -21.48 6.52 13.70
CA ARG A 331 -21.69 7.65 14.59
C ARG A 331 -20.35 8.32 14.85
N LYS A 332 -20.40 9.58 15.28
CA LYS A 332 -19.19 10.34 15.51
C LYS A 332 -18.59 9.98 16.87
N ILE A 333 -17.34 9.50 16.85
CA ILE A 333 -16.58 9.24 18.07
C ILE A 333 -15.35 10.13 18.04
N PHE A 334 -14.73 10.29 19.20
CA PHE A 334 -13.59 11.19 19.37
C PHE A 334 -12.37 10.40 19.82
N VAL A 335 -11.27 10.56 19.11
CA VAL A 335 -9.97 10.00 19.48
C VAL A 335 -8.97 11.14 19.58
N ASP A 336 -8.25 11.21 20.70
CA ASP A 336 -7.37 12.33 21.01
C ASP A 336 -8.13 13.65 20.93
N GLY A 337 -9.44 13.61 21.22
CA GLY A 337 -10.28 14.77 21.10
C GLY A 337 -10.67 15.14 19.67
N VAL A 338 -10.19 14.40 18.68
CA VAL A 338 -10.49 14.67 17.28
C VAL A 338 -11.61 13.75 16.84
N PRO A 339 -12.68 14.27 16.23
CA PRO A 339 -13.81 13.41 15.87
C PRO A 339 -13.46 12.39 14.80
N PHE A 340 -14.08 11.22 14.91
CA PHE A 340 -13.97 10.15 13.94
C PHE A 340 -15.37 9.69 13.54
N VAL A 341 -15.48 9.16 12.33
CA VAL A 341 -16.72 8.55 11.86
C VAL A 341 -16.47 7.07 11.63
N VAL A 342 -16.91 6.25 12.58
CA VAL A 342 -16.70 4.81 12.52
C VAL A 342 -18.05 4.11 12.64
N SER A 343 -18.10 2.90 12.11
CA SER A 343 -19.31 2.09 12.17
C SER A 343 -19.41 1.42 13.54
N THR A 344 -20.38 1.88 14.34
CA THR A 344 -20.65 1.30 15.64
C THR A 344 -21.88 0.39 15.58
N GLY A 345 -22.16 -0.13 14.38
CA GLY A 345 -23.29 -1.01 14.19
C GLY A 345 -23.47 -1.31 12.72
N TYR A 346 -24.52 -2.06 12.44
CA TYR A 346 -24.83 -2.45 11.06
C TYR A 346 -26.33 -2.72 10.95
N HIS A 347 -26.88 -2.38 9.78
CA HIS A 347 -28.29 -2.61 9.48
C HIS A 347 -28.36 -3.58 8.31
N PHE A 348 -28.45 -4.87 8.63
CA PHE A 348 -28.54 -5.89 7.60
C PHE A 348 -29.95 -5.98 7.05
N ARG A 349 -30.05 -6.25 5.74
CA ARG A 349 -31.34 -6.52 5.14
C ARG A 349 -31.96 -7.79 5.68
N GLU A 350 -31.16 -8.70 6.22
CA GLU A 350 -31.61 -9.99 6.72
C GLU A 350 -31.49 -10.11 8.24
N LEU A 351 -30.43 -9.58 8.82
CA LEU A 351 -30.20 -9.68 10.26
C LEU A 351 -30.77 -8.50 11.04
N GLY A 352 -31.36 -7.53 10.36
CA GLY A 352 -31.93 -6.40 11.06
C GLY A 352 -30.86 -5.44 11.58
N VAL A 353 -31.25 -4.67 12.58
CA VAL A 353 -30.35 -3.67 13.17
C VAL A 353 -29.48 -4.35 14.21
N VAL A 354 -28.16 -4.23 14.05
CA VAL A 354 -27.19 -4.77 14.99
C VAL A 354 -26.29 -3.63 15.45
N HIS A 355 -26.12 -3.51 16.76
CA HIS A 355 -25.30 -2.47 17.36
C HIS A 355 -24.08 -3.08 18.03
N ASN A 356 -22.93 -2.45 17.85
CA ASN A 356 -21.72 -2.87 18.52
C ASN A 356 -21.85 -2.69 20.03
N GLN A 357 -21.26 -3.62 20.76
CA GLN A 357 -21.29 -3.60 22.23
C GLN A 357 -20.09 -2.89 22.83
N ASP A 358 -18.91 -3.05 22.27
CA ASP A 358 -17.71 -2.34 22.72
C ASP A 358 -17.48 -1.12 21.83
N VAL A 359 -18.31 -0.10 22.06
CA VAL A 359 -18.25 1.15 21.30
C VAL A 359 -17.73 2.24 22.24
N ASN A 360 -16.64 2.87 21.86
CA ASN A 360 -16.05 3.96 22.63
C ASN A 360 -16.32 5.29 21.94
N LEU A 361 -17.24 6.07 22.52
CA LEU A 361 -17.52 7.39 21.96
C LEU A 361 -16.37 8.35 22.18
N HIS A 362 -15.53 8.09 23.19
CA HIS A 362 -14.32 8.84 23.44
C HIS A 362 -13.19 7.88 23.77
N SER A 363 -11.97 8.28 23.40
CA SER A 363 -10.80 7.45 23.66
C SER A 363 -9.56 8.33 23.70
N SER A 364 -8.53 7.84 24.38
CA SER A 364 -7.24 8.54 24.42
C SER A 364 -6.44 8.30 23.14
N ARG A 365 -6.13 7.03 22.85
CA ARG A 365 -5.48 6.67 21.61
C ARG A 365 -5.83 5.23 21.27
N LEU A 366 -5.66 4.89 20.00
CA LEU A 366 -5.89 3.53 19.50
C LEU A 366 -4.55 2.96 19.06
N SER A 367 -4.20 1.80 19.62
CA SER A 367 -2.83 1.30 19.42
C SER A 367 -2.68 0.56 18.10
N PHE A 368 -3.28 -0.63 17.99
CA PHE A 368 -3.28 -1.32 16.70
C PHE A 368 -4.64 -1.91 16.33
N LYS A 369 -5.37 -2.45 17.32
CA LYS A 369 -6.59 -3.18 16.99
C LYS A 369 -7.68 -2.24 16.51
N GLU A 370 -7.94 -1.16 17.25
CA GLU A 370 -8.95 -0.21 16.83
C GLU A 370 -8.52 0.51 15.56
N LEU A 371 -7.21 0.74 15.41
CA LEU A 371 -6.70 1.32 14.17
C LEU A 371 -6.99 0.42 12.97
N LEU A 372 -6.78 -0.88 13.14
CA LEU A 372 -7.09 -1.82 12.06
C LEU A 372 -8.58 -1.87 11.78
N VAL A 373 -9.39 -1.86 12.84
CA VAL A 373 -10.85 -1.92 12.66
C VAL A 373 -11.35 -0.69 11.91
N TYR A 374 -10.86 0.49 12.29
CA TYR A 374 -11.32 1.71 11.65
C TYR A 374 -10.75 1.87 10.25
N ALA A 375 -9.55 1.31 10.00
CA ALA A 375 -9.03 1.27 8.65
C ALA A 375 -9.83 0.32 7.77
N ALA A 376 -10.14 -0.87 8.27
CA ALA A 376 -11.02 -1.78 7.55
C ALA A 376 -12.44 -1.26 7.46
N ASP A 377 -12.83 -0.35 8.35
CA ASP A 377 -14.18 0.17 8.35
C ASP A 377 -14.40 1.02 7.09
N PRO A 378 -15.43 0.73 6.31
CA PRO A 378 -15.77 1.61 5.17
C PRO A 378 -16.34 2.95 5.59
N ALA A 379 -16.58 3.17 6.88
CA ALA A 379 -17.17 4.42 7.33
C ALA A 379 -16.29 5.61 7.01
N MET A 380 -15.01 5.55 7.40
CA MET A 380 -14.11 6.67 7.18
C MET A 380 -13.88 6.91 5.69
N HIS A 381 -13.71 5.84 4.91
CA HIS A 381 -13.47 6.00 3.48
C HIS A 381 -14.68 6.58 2.78
N ALA A 382 -15.88 6.10 3.12
CA ALA A 382 -17.10 6.63 2.51
C ALA A 382 -17.34 8.07 2.89
N ALA A 383 -17.09 8.42 4.17
CA ALA A 383 -17.27 9.80 4.61
C ALA A 383 -16.22 10.74 4.02
N SER A 384 -15.03 10.23 3.70
CA SER A 384 -13.95 11.04 3.15
C SER A 384 -13.91 10.99 1.63
N GLY A 385 -14.84 10.28 1.01
CA GLY A 385 -14.89 10.15 -0.43
C GLY A 385 -15.99 11.01 -1.03
N ASN A 386 -15.86 11.22 -2.34
CA ASN A 386 -16.82 12.01 -3.11
C ASN A 386 -18.04 11.15 -3.41
N LEU A 387 -19.22 11.77 -3.36
CA LEU A 387 -20.44 11.06 -3.69
C LEU A 387 -20.36 10.49 -5.10
N LEU A 388 -20.75 9.24 -5.25
CA LEU A 388 -20.62 8.51 -6.50
C LEU A 388 -22.01 8.17 -7.04
N LEU A 389 -22.26 8.55 -8.29
CA LEU A 389 -23.45 8.13 -9.03
C LEU A 389 -22.96 7.39 -10.26
N ASP A 390 -22.78 6.07 -10.14
CA ASP A 390 -22.28 5.24 -11.22
C ASP A 390 -23.49 4.65 -11.95
N LYS A 391 -23.79 5.20 -13.12
CA LYS A 391 -24.91 4.75 -13.93
C LYS A 391 -24.58 3.53 -14.78
N ARG A 392 -23.32 3.10 -14.79
CA ARG A 392 -22.97 1.88 -15.52
C ARG A 392 -23.58 0.65 -14.89
N THR A 393 -23.77 0.66 -13.57
CA THR A 393 -24.28 -0.48 -12.84
C THR A 393 -25.51 -0.08 -12.03
N THR A 394 -26.42 -1.04 -11.86
CA THR A 394 -27.61 -0.84 -11.04
C THR A 394 -27.32 -1.03 -9.55
N CYS A 395 -26.14 -1.51 -9.19
CA CYS A 395 -25.78 -1.68 -7.79
C CYS A 395 -25.65 -0.31 -7.12
N PHE A 396 -26.02 -0.27 -5.84
CA PHE A 396 -26.02 0.99 -5.09
C PHE A 396 -24.58 1.44 -4.88
N SER A 397 -24.19 2.50 -5.59
CA SER A 397 -22.89 3.10 -5.39
C SER A 397 -22.87 3.88 -4.07
N VAL A 398 -21.68 3.97 -3.47
CA VAL A 398 -21.55 4.60 -2.17
C VAL A 398 -20.78 5.90 -2.29
N ALA A 399 -19.52 5.81 -2.69
CA ALA A 399 -18.66 6.98 -2.76
C ALA A 399 -17.49 6.67 -3.70
N ALA A 400 -16.82 7.72 -4.15
CA ALA A 400 -15.62 7.61 -4.98
C ALA A 400 -14.43 8.08 -4.15
N LEU A 401 -13.56 7.14 -3.79
CA LEU A 401 -12.43 7.45 -2.91
C LEU A 401 -11.43 8.36 -3.60
N THR A 402 -11.19 8.14 -4.89
CA THR A 402 -10.32 9.01 -5.67
C THR A 402 -11.14 9.97 -6.51
N ASN A 403 -10.48 10.99 -7.05
CA ASN A 403 -11.16 11.99 -7.87
C ASN A 403 -11.42 11.51 -9.29
N ASN A 404 -10.86 10.38 -9.69
CA ASN A 404 -11.06 9.83 -11.02
C ASN A 404 -11.32 8.33 -10.92
N VAL A 405 -12.16 7.84 -11.82
CA VAL A 405 -12.50 6.41 -11.83
C VAL A 405 -11.34 5.62 -12.42
N ALA A 406 -10.96 4.54 -11.73
CA ALA A 406 -9.88 3.67 -12.17
C ALA A 406 -10.43 2.57 -13.07
N PHE A 407 -9.98 2.55 -14.32
CA PHE A 407 -10.39 1.55 -15.29
C PHE A 407 -9.27 0.53 -15.44
N GLN A 408 -9.48 -0.67 -14.88
CA GLN A 408 -8.51 -1.74 -14.93
C GLN A 408 -8.80 -2.63 -16.14
N THR A 409 -7.78 -2.91 -16.92
CA THR A 409 -7.88 -3.76 -18.08
C THR A 409 -7.18 -5.08 -17.80
N VAL A 410 -7.50 -6.08 -18.63
CA VAL A 410 -6.87 -7.39 -18.56
C VAL A 410 -5.98 -7.54 -19.78
N LYS A 411 -4.70 -7.75 -19.55
CA LYS A 411 -3.75 -7.90 -20.65
C LYS A 411 -3.99 -9.21 -21.39
N PRO A 412 -3.61 -9.27 -22.66
CA PRO A 412 -3.60 -10.55 -23.37
C PRO A 412 -2.49 -11.45 -22.85
N GLY A 413 -2.64 -12.74 -23.12
CA GLY A 413 -1.65 -13.70 -22.67
C GLY A 413 -0.33 -13.53 -23.39
N ASN A 414 0.73 -13.94 -22.72
CA ASN A 414 2.07 -13.93 -23.28
C ASN A 414 2.30 -15.24 -24.03
N PHE A 415 2.58 -15.12 -25.32
CA PHE A 415 2.68 -16.30 -26.18
C PHE A 415 3.93 -17.10 -25.85
N ASN A 416 3.90 -18.37 -26.24
CA ASN A 416 4.96 -19.34 -25.98
C ASN A 416 5.41 -19.97 -27.28
N LYS A 417 5.73 -19.10 -28.25
CA LYS A 417 6.07 -19.44 -29.63
C LYS A 417 6.91 -20.70 -29.75
N ASP A 418 7.86 -20.90 -28.82
CA ASP A 418 8.67 -22.11 -28.85
C ASP A 418 7.81 -23.36 -28.67
N PHE A 419 6.95 -23.37 -27.66
CA PHE A 419 6.11 -24.54 -27.41
C PHE A 419 5.09 -24.74 -28.53
N TYR A 420 4.52 -23.66 -29.06
CA TYR A 420 3.56 -23.78 -30.14
C TYR A 420 4.21 -24.33 -31.41
N ASP A 421 5.42 -23.84 -31.73
CA ASP A 421 6.14 -24.36 -32.88
C ASP A 421 6.52 -25.82 -32.68
N PHE A 422 6.92 -26.20 -31.47
CA PHE A 422 7.21 -27.60 -31.20
C PHE A 422 5.95 -28.46 -31.35
N ALA A 423 4.81 -27.95 -30.90
CA ALA A 423 3.57 -28.71 -31.02
C ALA A 423 3.17 -28.90 -32.48
N VAL A 424 3.19 -27.82 -33.27
CA VAL A 424 2.84 -27.95 -34.68
C VAL A 424 3.87 -28.79 -35.41
N SER A 425 5.10 -28.84 -34.89
CA SER A 425 6.10 -29.76 -35.46
C SER A 425 5.73 -31.21 -35.20
N LYS A 426 5.05 -31.49 -34.09
CA LYS A 426 4.61 -32.84 -33.75
C LYS A 426 3.22 -33.14 -34.29
N GLY A 427 2.80 -32.44 -35.35
CA GLY A 427 1.51 -32.67 -35.96
C GLY A 427 0.32 -32.27 -35.11
N PHE A 428 0.41 -31.14 -34.43
CA PHE A 428 -0.68 -30.61 -33.64
C PHE A 428 -1.35 -29.44 -34.35
N PHE A 429 -2.60 -29.17 -33.95
CA PHE A 429 -3.38 -28.06 -34.47
C PHE A 429 -3.59 -28.16 -35.97
N LYS A 430 -3.75 -29.38 -36.49
CA LYS A 430 -4.08 -29.57 -37.89
C LYS A 430 -5.50 -29.11 -38.17
N GLU A 431 -5.75 -28.73 -39.42
CA GLU A 431 -7.08 -28.30 -39.84
C GLU A 431 -8.05 -29.47 -39.74
N GLY A 432 -8.93 -29.43 -38.74
CA GLY A 432 -9.88 -30.50 -38.50
C GLY A 432 -9.51 -31.44 -37.38
N SER A 433 -8.42 -31.18 -36.66
CA SER A 433 -8.03 -32.03 -35.55
C SER A 433 -9.04 -31.92 -34.41
N SER A 434 -9.27 -33.05 -33.72
CA SER A 434 -10.21 -33.06 -32.60
C SER A 434 -9.72 -32.24 -31.43
N VAL A 435 -8.43 -31.91 -31.38
CA VAL A 435 -7.86 -31.07 -30.33
C VAL A 435 -7.47 -29.74 -30.95
N GLU A 436 -8.04 -28.66 -30.44
CA GLU A 436 -7.75 -27.33 -30.93
C GLU A 436 -7.71 -26.37 -29.74
N LEU A 437 -7.02 -25.25 -29.93
CA LEU A 437 -6.89 -24.28 -28.86
C LEU A 437 -8.24 -23.60 -28.60
N LYS A 438 -8.79 -23.84 -27.41
CA LYS A 438 -10.03 -23.21 -27.01
C LYS A 438 -9.89 -22.36 -25.75
N HIS A 439 -8.79 -22.47 -25.02
CA HIS A 439 -8.56 -21.72 -23.79
C HIS A 439 -7.50 -20.66 -24.06
N PHE A 440 -7.84 -19.41 -23.78
CA PHE A 440 -6.94 -18.29 -24.02
C PHE A 440 -7.05 -17.30 -22.87
N PHE A 441 -6.04 -16.44 -22.75
CA PHE A 441 -6.11 -15.29 -21.85
C PHE A 441 -6.91 -14.21 -22.55
N PHE A 442 -8.23 -14.26 -22.43
CA PHE A 442 -9.08 -13.25 -23.05
C PHE A 442 -8.85 -11.89 -22.39
N ALA A 443 -8.60 -10.88 -23.21
CA ALA A 443 -8.35 -9.54 -22.72
C ALA A 443 -9.66 -8.83 -22.45
N GLN A 444 -9.59 -7.82 -21.59
CA GLN A 444 -10.76 -7.03 -21.20
C GLN A 444 -10.43 -5.55 -21.26
N ASP A 445 -11.43 -4.75 -21.62
CA ASP A 445 -11.25 -3.32 -21.73
C ASP A 445 -11.35 -2.64 -20.37
N GLY A 446 -11.33 -1.31 -20.35
CA GLY A 446 -11.36 -0.56 -19.11
C GLY A 446 -12.62 -0.79 -18.29
N ASN A 447 -13.78 -0.73 -18.93
CA ASN A 447 -15.04 -0.90 -18.23
C ASN A 447 -15.43 -2.37 -18.15
N ALA A 448 -14.51 -3.20 -17.64
CA ALA A 448 -14.77 -4.63 -17.48
C ALA A 448 -14.95 -5.05 -16.03
N ALA A 449 -14.17 -4.49 -15.11
CA ALA A 449 -14.37 -4.80 -13.69
C ALA A 449 -15.76 -4.38 -13.23
N ILE A 450 -16.18 -3.16 -13.60
CA ILE A 450 -17.50 -2.70 -13.22
C ILE A 450 -18.58 -3.48 -13.96
N SER A 451 -18.31 -3.88 -15.20
CA SER A 451 -19.27 -4.67 -15.96
C SER A 451 -19.50 -6.03 -15.30
N ASP A 452 -18.44 -6.64 -14.79
CA ASP A 452 -18.59 -7.92 -14.10
C ASP A 452 -19.20 -7.74 -12.72
N TYR A 453 -18.89 -6.63 -12.05
CA TYR A 453 -19.52 -6.35 -10.76
C TYR A 453 -21.02 -6.12 -10.91
N ASP A 454 -21.44 -5.59 -12.06
CA ASP A 454 -22.87 -5.39 -12.31
C ASP A 454 -23.62 -6.71 -12.44
N TYR A 455 -22.91 -7.82 -12.55
CA TYR A 455 -23.55 -9.13 -12.59
C TYR A 455 -24.19 -9.46 -11.24
N TYR A 456 -23.87 -8.67 -10.22
CA TYR A 456 -24.57 -8.78 -8.95
C TYR A 456 -26.02 -8.33 -9.04
N ARG A 457 -26.43 -7.74 -10.16
CA ARG A 457 -27.84 -7.46 -10.42
C ARG A 457 -28.67 -8.72 -10.46
N TYR A 458 -28.05 -9.89 -10.65
CA TYR A 458 -28.72 -11.17 -10.61
C TYR A 458 -28.95 -11.65 -9.19
N ASN A 459 -28.41 -10.95 -8.19
CA ASN A 459 -28.66 -11.24 -6.78
C ASN A 459 -29.92 -10.47 -6.37
N LEU A 460 -30.99 -11.19 -6.20
CA LEU A 460 -32.26 -10.60 -5.81
C LEU A 460 -32.59 -10.94 -4.38
N PRO A 461 -33.33 -10.08 -3.68
CA PRO A 461 -33.81 -10.46 -2.35
C PRO A 461 -34.75 -11.65 -2.45
N THR A 462 -34.34 -12.80 -1.95
CA THR A 462 -35.08 -14.04 -2.09
C THR A 462 -35.57 -14.50 -0.73
N MET A 463 -36.88 -14.64 -0.58
CA MET A 463 -37.48 -15.22 0.61
C MET A 463 -37.61 -16.71 0.39
N CYS A 464 -36.97 -17.50 1.25
CA CYS A 464 -36.98 -18.94 1.11
C CYS A 464 -38.17 -19.55 1.83
N ASP A 465 -38.56 -20.74 1.39
CA ASP A 465 -39.56 -21.50 2.12
C ASP A 465 -38.98 -21.85 3.49
N ILE A 466 -39.42 -21.14 4.52
CA ILE A 466 -38.73 -21.20 5.80
C ILE A 466 -38.97 -22.54 6.48
N ARG A 467 -40.18 -23.10 6.37
CA ARG A 467 -40.45 -24.40 6.94
C ARG A 467 -39.75 -25.52 6.18
N GLN A 468 -39.47 -25.31 4.90
CA GLN A 468 -38.63 -26.22 4.13
C GLN A 468 -37.15 -25.96 4.34
N LEU A 469 -36.76 -24.69 4.43
CA LEU A 469 -35.36 -24.36 4.64
C LEU A 469 -34.87 -24.85 6.00
N LEU A 470 -35.70 -24.77 7.03
CA LEU A 470 -35.29 -25.21 8.36
C LEU A 470 -35.06 -26.71 8.44
N PHE A 471 -35.65 -27.50 7.55
CA PHE A 471 -35.38 -28.93 7.45
C PHE A 471 -34.19 -29.22 6.54
N VAL A 472 -34.07 -28.47 5.43
CA VAL A 472 -32.89 -28.62 4.59
C VAL A 472 -31.62 -28.29 5.37
N VAL A 473 -31.71 -27.32 6.28
CA VAL A 473 -30.56 -26.98 7.11
C VAL A 473 -30.17 -28.15 8.00
N GLU A 474 -31.17 -28.83 8.59
CA GLU A 474 -30.86 -29.98 9.43
C GLU A 474 -30.24 -31.11 8.62
N VAL A 475 -30.74 -31.34 7.41
CA VAL A 475 -30.16 -32.38 6.56
C VAL A 475 -28.72 -32.02 6.18
N VAL A 476 -28.48 -30.75 5.87
CA VAL A 476 -27.12 -30.32 5.50
C VAL A 476 -26.18 -30.42 6.70
N ASP A 477 -26.70 -30.11 7.90
CA ASP A 477 -25.89 -30.27 9.10
C ASP A 477 -25.56 -31.74 9.34
N LYS A 478 -26.51 -32.64 9.05
CA LYS A 478 -26.21 -34.06 9.11
C LYS A 478 -25.13 -34.43 8.10
N TYR A 479 -25.13 -33.77 6.94
CA TYR A 479 -24.03 -33.95 6.00
C TYR A 479 -22.71 -33.47 6.60
N PHE A 480 -22.74 -32.34 7.29
CA PHE A 480 -21.55 -31.78 7.94
C PHE A 480 -21.48 -32.23 9.40
N ASP A 481 -21.57 -33.54 9.61
CA ASP A 481 -21.56 -34.11 10.94
C ASP A 481 -20.23 -34.78 11.30
N CYS A 482 -19.64 -35.51 10.36
CA CYS A 482 -18.39 -36.23 10.65
C CYS A 482 -17.25 -35.26 10.97
N TYR A 483 -17.34 -34.02 10.49
CA TYR A 483 -16.30 -33.05 10.76
C TYR A 483 -16.44 -32.47 12.17
N ASP A 484 -15.37 -31.84 12.64
CA ASP A 484 -15.38 -31.12 13.90
C ASP A 484 -14.79 -29.74 13.68
N GLY A 485 -15.30 -28.76 14.43
CA GLY A 485 -14.86 -27.39 14.28
C GLY A 485 -15.00 -26.63 15.57
N GLY A 486 -14.65 -25.36 15.51
CA GLY A 486 -14.69 -24.50 16.68
C GLY A 486 -13.65 -23.40 16.56
N CYS A 487 -13.63 -22.56 17.58
CA CYS A 487 -12.66 -21.47 17.62
C CYS A 487 -11.26 -22.01 17.84
N ILE A 488 -10.30 -21.37 17.18
CA ILE A 488 -8.88 -21.66 17.37
C ILE A 488 -8.18 -20.34 17.67
N ASN A 489 -7.11 -20.42 18.46
CA ASN A 489 -6.37 -19.22 18.80
C ASN A 489 -5.52 -18.77 17.62
N ALA A 490 -4.97 -17.55 17.75
CA ALA A 490 -4.15 -17.00 16.68
C ALA A 490 -2.91 -17.83 16.41
N ASN A 491 -2.39 -18.54 17.41
CA ASN A 491 -1.24 -19.41 17.22
C ASN A 491 -1.58 -20.70 16.51
N GLN A 492 -2.87 -21.07 16.43
CA GLN A 492 -3.31 -22.30 15.79
C GLN A 492 -3.82 -22.08 14.37
N VAL A 493 -3.65 -20.87 13.84
CA VAL A 493 -4.16 -20.52 12.52
C VAL A 493 -3.09 -20.79 11.47
N ILE A 494 -3.44 -21.57 10.46
CA ILE A 494 -2.55 -21.86 9.34
C ILE A 494 -2.95 -20.97 8.17
N VAL A 495 -1.97 -20.24 7.64
CA VAL A 495 -2.18 -19.33 6.52
C VAL A 495 -1.22 -19.71 5.41
N ASN A 496 -1.76 -20.14 4.27
CA ASN A 496 -0.96 -20.44 3.09
C ASN A 496 -0.81 -19.18 2.25
N ASN A 497 0.40 -18.97 1.73
CA ASN A 497 0.72 -17.79 0.92
C ASN A 497 0.44 -16.50 1.69
N LEU A 498 1.25 -16.26 2.72
CA LEU A 498 1.16 -15.02 3.48
C LEU A 498 1.46 -13.79 2.63
N ASP A 499 1.98 -13.96 1.43
CA ASP A 499 2.30 -12.84 0.53
C ASP A 499 1.15 -12.55 -0.43
N LYS A 500 -0.08 -12.88 -0.02
CA LYS A 500 -1.28 -12.55 -0.77
C LYS A 500 -1.78 -11.18 -0.35
N SER A 501 -2.55 -10.56 -1.24
CA SER A 501 -3.09 -9.23 -0.97
C SER A 501 -4.01 -9.26 0.24
N ALA A 502 -4.11 -8.12 0.92
CA ALA A 502 -4.95 -7.98 2.10
C ALA A 502 -5.97 -6.86 1.81
N GLY A 503 -7.04 -7.21 1.11
CA GLY A 503 -8.18 -6.35 0.90
C GLY A 503 -7.89 -4.90 0.62
N PHE A 504 -8.74 -4.02 1.16
CA PHE A 504 -8.58 -2.58 1.11
C PHE A 504 -8.86 -2.00 2.49
N PRO A 505 -8.14 -0.96 2.93
CA PRO A 505 -7.01 -0.29 2.27
C PRO A 505 -5.68 -0.90 2.67
N PHE A 506 -5.69 -2.08 3.26
CA PHE A 506 -4.47 -2.68 3.78
C PHE A 506 -3.49 -3.05 2.66
N ASN A 507 -3.96 -3.18 1.42
CA ASN A 507 -3.07 -3.43 0.30
C ASN A 507 -2.17 -2.24 -0.01
N LYS A 508 -2.48 -1.05 0.52
CA LYS A 508 -1.63 0.12 0.29
C LYS A 508 -0.30 0.00 0.99
N TRP A 509 -0.20 -0.81 2.05
CA TRP A 509 0.99 -0.85 2.89
C TRP A 509 1.71 -2.20 2.88
N GLY A 510 1.05 -3.28 2.49
CA GLY A 510 1.70 -4.57 2.43
C GLY A 510 0.70 -5.68 2.24
N LYS A 511 1.25 -6.89 2.13
CA LYS A 511 0.45 -8.10 1.95
C LYS A 511 -0.05 -8.58 3.31
N ALA A 512 -0.69 -9.75 3.33
CA ALA A 512 -1.16 -10.33 4.58
C ALA A 512 -0.02 -10.67 5.52
N ARG A 513 1.20 -10.80 4.98
CA ARG A 513 2.35 -11.10 5.83
C ARG A 513 2.62 -9.98 6.82
N LEU A 514 2.46 -8.72 6.38
CA LEU A 514 2.67 -7.60 7.29
C LEU A 514 1.68 -7.62 8.44
N TYR A 515 0.42 -7.91 8.16
CA TYR A 515 -0.61 -7.86 9.19
C TYR A 515 -0.67 -9.12 10.03
N TYR A 516 -0.06 -10.21 9.58
CA TYR A 516 0.17 -11.36 10.44
C TYR A 516 1.48 -11.28 11.21
N ASP A 517 2.38 -10.37 10.81
CA ASP A 517 3.59 -10.08 11.56
C ASP A 517 3.44 -8.88 12.47
N SER A 518 2.71 -7.85 12.04
CA SER A 518 2.50 -6.68 12.89
C SER A 518 1.58 -6.99 14.07
N MET A 519 0.70 -7.98 13.94
CA MET A 519 -0.21 -8.35 15.01
C MET A 519 0.33 -9.57 15.72
N SER A 520 0.54 -9.46 17.02
CA SER A 520 0.95 -10.60 17.83
C SER A 520 -0.24 -11.54 17.99
N TYR A 521 0.00 -12.71 18.57
CA TYR A 521 -1.09 -13.66 18.77
C TYR A 521 -2.16 -13.08 19.69
N GLU A 522 -1.75 -12.34 20.71
CA GLU A 522 -2.72 -11.67 21.57
C GLU A 522 -3.49 -10.57 20.84
N ASP A 523 -2.83 -9.84 19.93
CA ASP A 523 -3.53 -8.82 19.15
C ASP A 523 -4.59 -9.46 18.26
N GLN A 524 -4.23 -10.55 17.58
CA GLN A 524 -5.20 -11.23 16.72
C GLN A 524 -6.33 -11.85 17.53
N ASP A 525 -6.01 -12.39 18.71
CA ASP A 525 -7.06 -12.94 19.57
C ASP A 525 -8.00 -11.85 20.06
N ALA A 526 -7.46 -10.68 20.41
CA ALA A 526 -8.30 -9.56 20.82
C ALA A 526 -9.19 -9.08 19.68
N LEU A 527 -8.63 -9.02 18.47
CA LEU A 527 -9.43 -8.64 17.31
C LEU A 527 -10.53 -9.66 17.04
N PHE A 528 -10.22 -10.95 17.18
CA PHE A 528 -11.22 -11.98 16.91
C PHE A 528 -12.31 -11.99 17.98
N ALA A 529 -11.95 -11.77 19.24
CA ALA A 529 -12.94 -11.66 20.30
C ALA A 529 -13.76 -10.38 20.18
N TYR A 530 -13.19 -9.34 19.58
CA TYR A 530 -13.95 -8.13 19.32
C TYR A 530 -15.11 -8.40 18.37
N THR A 531 -14.89 -9.24 17.35
CA THR A 531 -15.94 -9.58 16.41
C THR A 531 -17.01 -10.48 17.00
N LYS A 532 -16.78 -11.07 18.17
CA LYS A 532 -17.77 -11.89 18.85
C LYS A 532 -18.81 -11.05 19.58
N ARG A 533 -18.57 -9.75 19.74
CA ARG A 533 -19.54 -8.86 20.36
C ARG A 533 -19.65 -7.53 19.63
N ASN A 534 -19.00 -7.39 18.47
CA ASN A 534 -19.08 -6.20 17.65
C ASN A 534 -19.21 -6.62 16.19
N VAL A 535 -19.50 -5.66 15.33
CA VAL A 535 -19.58 -5.89 13.89
C VAL A 535 -18.57 -4.97 13.21
N ILE A 536 -17.70 -5.56 12.40
CA ILE A 536 -16.70 -4.82 11.64
C ILE A 536 -17.04 -4.94 10.16
N PRO A 537 -17.76 -3.97 9.60
CA PRO A 537 -17.87 -3.91 8.14
C PRO A 537 -16.50 -3.71 7.51
N THR A 538 -16.28 -4.36 6.38
CA THR A 538 -15.00 -4.32 5.71
C THR A 538 -15.18 -4.00 4.24
N ILE A 539 -14.11 -3.51 3.62
CA ILE A 539 -14.11 -3.19 2.20
C ILE A 539 -13.49 -4.36 1.45
N THR A 540 -14.25 -4.86 0.47
CA THR A 540 -13.81 -5.98 -0.36
C THR A 540 -13.42 -5.44 -1.72
N GLN A 541 -12.15 -5.61 -2.09
CA GLN A 541 -11.66 -5.12 -3.37
C GLN A 541 -11.94 -6.14 -4.47
N MET A 542 -12.57 -5.68 -5.54
CA MET A 542 -12.90 -6.51 -6.68
C MET A 542 -11.73 -6.50 -7.65
N ASN A 543 -11.11 -7.67 -7.84
CA ASN A 543 -9.90 -7.80 -8.63
C ASN A 543 -10.18 -8.60 -9.88
N LEU A 544 -9.74 -8.08 -11.02
CA LEU A 544 -9.88 -8.79 -12.28
C LEU A 544 -8.93 -9.98 -12.32
N LYS A 545 -9.47 -11.14 -12.67
CA LYS A 545 -8.67 -12.35 -12.75
C LYS A 545 -7.93 -12.41 -14.08
N TYR A 546 -6.62 -12.66 -13.99
CA TYR A 546 -5.75 -12.77 -15.15
C TYR A 546 -5.34 -14.24 -15.27
N ALA A 547 -6.17 -15.02 -15.94
CA ALA A 547 -5.95 -16.45 -16.04
C ALA A 547 -6.51 -16.95 -17.36
N ILE A 548 -6.02 -18.11 -17.79
CA ILE A 548 -6.48 -18.70 -19.05
C ILE A 548 -7.85 -19.32 -18.85
N SER A 549 -8.74 -19.08 -19.81
CA SER A 549 -10.10 -19.58 -19.73
C SER A 549 -10.64 -19.75 -21.14
N ALA A 550 -11.72 -20.52 -21.26
CA ALA A 550 -12.40 -20.73 -22.53
C ALA A 550 -13.54 -19.74 -22.75
N LYS A 551 -13.75 -18.81 -21.83
CA LYS A 551 -14.84 -17.85 -21.94
C LYS A 551 -14.27 -16.44 -21.97
N ASN A 552 -14.81 -15.62 -22.86
CA ASN A 552 -14.37 -14.24 -23.00
C ASN A 552 -14.85 -13.34 -21.87
N ARG A 553 -15.82 -13.79 -21.07
CA ARG A 553 -16.31 -12.98 -19.96
C ARG A 553 -15.20 -12.75 -18.94
N ALA A 554 -15.09 -11.51 -18.48
CA ALA A 554 -14.10 -11.18 -17.48
C ALA A 554 -14.37 -11.93 -16.18
N ARG A 555 -13.31 -12.48 -15.60
CA ARG A 555 -13.41 -13.16 -14.32
C ARG A 555 -12.92 -12.23 -13.20
N THR A 556 -13.68 -12.21 -12.12
CA THR A 556 -13.35 -11.35 -10.99
C THR A 556 -13.38 -12.17 -9.71
N VAL A 557 -12.39 -11.91 -8.85
CA VAL A 557 -12.33 -12.51 -7.53
C VAL A 557 -12.40 -11.39 -6.50
N ALA A 558 -12.98 -11.72 -5.34
CA ALA A 558 -13.22 -10.73 -4.30
C ALA A 558 -12.04 -10.69 -3.35
N GLY A 559 -11.40 -9.52 -3.25
CA GLY A 559 -10.32 -9.35 -2.30
C GLY A 559 -10.83 -8.88 -0.95
N VAL A 560 -10.99 -9.82 -0.03
CA VAL A 560 -11.53 -9.51 1.29
C VAL A 560 -10.42 -8.95 2.17
N SER A 561 -10.79 -8.00 3.03
CA SER A 561 -9.81 -7.31 3.87
C SER A 561 -9.17 -8.29 4.85
N ILE A 562 -7.96 -7.94 5.29
CA ILE A 562 -7.24 -8.78 6.24
C ILE A 562 -7.96 -8.83 7.58
N CYS A 563 -8.69 -7.77 7.94
CA CYS A 563 -9.45 -7.79 9.18
C CYS A 563 -10.55 -8.84 9.14
N SER A 564 -11.26 -8.95 8.01
CA SER A 564 -12.29 -9.97 7.88
C SER A 564 -11.69 -11.36 7.74
N THR A 565 -10.67 -11.50 6.89
CA THR A 565 -10.09 -12.81 6.62
C THR A 565 -9.42 -13.38 7.87
N MET A 566 -8.71 -12.56 8.62
CA MET A 566 -8.00 -13.03 9.81
C MET A 566 -8.96 -13.56 10.87
N THR A 567 -10.09 -12.87 11.08
CA THR A 567 -11.08 -13.32 12.05
C THR A 567 -11.87 -14.51 11.54
N ASN A 568 -12.20 -14.54 10.25
CA ASN A 568 -12.90 -15.70 9.70
C ASN A 568 -12.03 -16.94 9.74
N ARG A 569 -10.70 -16.77 9.62
CA ARG A 569 -9.80 -17.90 9.80
C ARG A 569 -9.91 -18.46 11.21
N GLN A 570 -9.77 -17.60 12.22
CA GLN A 570 -9.86 -18.07 13.60
C GLN A 570 -11.23 -18.65 13.91
N PHE A 571 -12.28 -18.23 13.21
CA PHE A 571 -13.61 -18.75 13.48
C PHE A 571 -13.91 -20.05 12.75
N HIS A 572 -13.37 -20.27 11.55
CA HIS A 572 -13.80 -21.39 10.72
C HIS A 572 -12.71 -22.40 10.40
N GLN A 573 -11.43 -22.06 10.59
CA GLN A 573 -10.35 -22.85 9.99
C GLN A 573 -10.29 -24.26 10.58
N LYS A 574 -10.67 -24.42 11.86
CA LYS A 574 -10.71 -25.75 12.43
C LYS A 574 -11.67 -26.65 11.66
N LEU A 575 -12.90 -26.18 11.46
CA LEU A 575 -13.87 -26.94 10.69
C LEU A 575 -13.43 -27.11 9.24
N LEU A 576 -12.84 -26.08 8.65
CA LEU A 576 -12.42 -26.17 7.26
C LEU A 576 -11.31 -27.20 7.07
N LYS A 577 -10.33 -27.23 7.97
CA LYS A 577 -9.29 -28.24 7.93
C LYS A 577 -9.86 -29.63 8.18
N SER A 578 -10.83 -29.75 9.09
CA SER A 578 -11.48 -31.04 9.29
C SER A 578 -12.19 -31.50 8.02
N ILE A 579 -12.86 -30.58 7.33
CA ILE A 579 -13.50 -30.92 6.06
C ILE A 579 -12.45 -31.31 5.03
N ALA A 580 -11.38 -30.54 4.93
CA ALA A 580 -10.29 -30.90 4.02
C ALA A 580 -9.24 -31.75 4.72
N ALA A 581 -9.71 -32.75 5.47
CA ALA A 581 -8.89 -33.85 5.93
C ALA A 581 -9.66 -35.16 5.97
N THR A 582 -10.92 -35.17 5.53
CA THR A 582 -11.80 -36.32 5.63
C THR A 582 -11.96 -36.93 4.25
N ARG A 583 -11.77 -38.25 4.17
CA ARG A 583 -11.90 -38.97 2.91
C ARG A 583 -13.13 -39.86 2.96
N GLY A 584 -13.79 -39.99 1.82
CA GLY A 584 -15.01 -40.76 1.76
C GLY A 584 -16.25 -40.03 2.24
N ALA A 585 -16.18 -38.71 2.30
CA ALA A 585 -17.30 -37.88 2.74
C ALA A 585 -17.97 -37.25 1.53
N THR A 586 -19.13 -36.63 1.77
CA THR A 586 -19.85 -35.98 0.68
C THR A 586 -19.07 -34.80 0.10
N VAL A 587 -18.48 -33.98 0.96
CA VAL A 587 -17.64 -32.87 0.53
C VAL A 587 -16.23 -33.41 0.32
N VAL A 588 -15.71 -33.25 -0.89
CA VAL A 588 -14.43 -33.84 -1.25
C VAL A 588 -13.36 -32.76 -1.36
N ILE A 589 -13.56 -31.64 -0.68
CA ILE A 589 -12.51 -30.64 -0.56
C ILE A 589 -11.38 -31.23 0.26
N GLY A 590 -10.15 -31.06 -0.23
CA GLY A 590 -8.99 -31.63 0.41
C GLY A 590 -8.63 -33.03 -0.04
N THR A 591 -9.50 -33.68 -0.83
CA THR A 591 -9.23 -35.00 -1.35
C THR A 591 -8.50 -34.88 -2.68
N SER A 592 -7.26 -35.35 -2.72
CA SER A 592 -6.46 -35.25 -3.93
C SER A 592 -7.02 -36.16 -5.02
N LYS A 593 -6.94 -35.70 -6.27
CA LYS A 593 -7.28 -36.54 -7.40
C LYS A 593 -6.14 -37.48 -7.79
N PHE A 594 -4.93 -37.24 -7.29
CA PHE A 594 -3.78 -38.06 -7.61
C PHE A 594 -3.68 -39.27 -6.68
N TYR A 595 -2.79 -40.20 -7.04
CA TYR A 595 -2.52 -41.40 -6.24
C TYR A 595 -3.80 -42.20 -5.98
N GLY A 596 -4.64 -42.30 -7.00
CA GLY A 596 -5.88 -43.06 -6.86
C GLY A 596 -6.97 -42.34 -6.11
N GLY A 597 -6.73 -41.09 -5.72
CA GLY A 597 -7.73 -40.34 -4.99
C GLY A 597 -8.99 -40.06 -5.78
N TRP A 598 -8.85 -39.83 -7.09
CA TRP A 598 -10.02 -39.69 -7.95
C TRP A 598 -10.83 -40.97 -7.99
N HIS A 599 -10.16 -42.11 -8.09
CA HIS A 599 -10.86 -43.40 -8.06
C HIS A 599 -11.55 -43.62 -6.73
N ASN A 600 -10.88 -43.26 -5.62
CA ASN A 600 -11.50 -43.39 -4.31
C ASN A 600 -12.74 -42.50 -4.20
N MET A 601 -12.64 -41.27 -4.70
CA MET A 601 -13.79 -40.36 -4.69
C MET A 601 -14.95 -40.95 -5.45
N LEU A 602 -14.69 -41.43 -6.67
CA LEU A 602 -15.77 -41.98 -7.49
C LEU A 602 -16.36 -43.24 -6.90
N LYS A 603 -15.54 -44.08 -6.27
CA LYS A 603 -16.06 -45.29 -5.63
C LYS A 603 -16.92 -44.93 -4.42
N THR A 604 -16.52 -43.90 -3.67
CA THR A 604 -17.35 -43.43 -2.58
C THR A 604 -18.66 -42.82 -3.07
N VAL A 605 -18.65 -42.20 -4.25
CA VAL A 605 -19.90 -41.71 -4.85
C VAL A 605 -20.81 -42.88 -5.19
N TYR A 606 -20.25 -43.95 -5.75
CA TYR A 606 -21.03 -45.14 -6.07
C TYR A 606 -21.12 -46.06 -4.85
N SER A 607 -21.55 -45.48 -3.74
CA SER A 607 -21.54 -46.17 -2.46
C SER A 607 -22.46 -47.39 -2.48
N ASP A 608 -23.77 -47.17 -2.57
CA ASP A 608 -24.73 -48.26 -2.55
C ASP A 608 -25.92 -48.02 -3.48
N VAL A 609 -25.75 -47.22 -4.53
CA VAL A 609 -26.88 -46.89 -5.38
C VAL A 609 -27.33 -48.11 -6.16
N GLU A 610 -28.63 -48.42 -6.08
CA GLU A 610 -29.16 -49.64 -6.65
C GLU A 610 -29.25 -49.56 -8.18
N ASN A 611 -29.72 -48.43 -8.70
CA ASN A 611 -29.85 -48.20 -10.14
C ASN A 611 -29.10 -46.92 -10.45
N PRO A 612 -27.77 -46.99 -10.50
CA PRO A 612 -26.96 -45.77 -10.49
C PRO A 612 -26.90 -45.07 -11.83
N HIS A 613 -27.08 -43.76 -11.78
CA HIS A 613 -26.76 -42.84 -12.86
C HIS A 613 -25.92 -41.69 -12.29
N LEU A 614 -25.08 -41.11 -13.14
CA LEU A 614 -24.29 -39.95 -12.75
C LEU A 614 -24.95 -38.69 -13.28
N MET A 615 -24.98 -37.66 -12.43
CA MET A 615 -25.69 -36.43 -12.76
C MET A 615 -24.96 -35.25 -12.16
N GLY A 616 -24.47 -34.37 -13.03
CA GLY A 616 -23.89 -33.11 -12.58
C GLY A 616 -24.67 -31.94 -13.12
N TRP A 617 -24.75 -30.85 -12.36
CA TRP A 617 -25.52 -29.70 -12.76
C TRP A 617 -24.64 -28.46 -12.66
N ASP A 618 -25.21 -27.32 -13.02
CA ASP A 618 -24.48 -26.07 -13.04
C ASP A 618 -25.29 -25.01 -12.32
N TYR A 619 -24.61 -24.18 -11.52
CA TYR A 619 -25.25 -23.02 -10.92
C TYR A 619 -24.88 -21.79 -11.74
N PRO A 620 -25.78 -21.26 -12.56
CA PRO A 620 -25.46 -20.06 -13.34
C PRO A 620 -25.29 -18.85 -12.42
N LYS A 621 -24.17 -18.15 -12.58
CA LYS A 621 -23.84 -17.00 -11.74
C LYS A 621 -23.92 -17.35 -10.26
N CYS A 622 -23.25 -18.45 -9.89
CA CYS A 622 -23.40 -19.00 -8.54
C CYS A 622 -22.98 -18.00 -7.47
N ASP A 623 -21.78 -17.45 -7.58
CA ASP A 623 -21.30 -16.47 -6.62
C ASP A 623 -22.02 -15.14 -6.73
N ARG A 624 -22.73 -14.89 -7.82
CA ARG A 624 -23.45 -13.65 -8.02
C ARG A 624 -24.94 -13.73 -7.74
N ALA A 625 -25.55 -14.90 -7.84
CA ALA A 625 -27.00 -15.04 -7.69
C ALA A 625 -27.41 -15.82 -6.46
N MET A 626 -26.46 -16.25 -5.63
CA MET A 626 -26.79 -17.00 -4.43
C MET A 626 -27.58 -16.10 -3.47
N PRO A 627 -28.77 -16.49 -3.05
CA PRO A 627 -29.55 -15.63 -2.15
C PRO A 627 -28.83 -15.42 -0.83
N ASN A 628 -29.06 -14.24 -0.24
CA ASN A 628 -28.45 -13.93 1.05
C ASN A 628 -28.93 -14.89 2.13
N MET A 629 -30.16 -15.39 2.00
CA MET A 629 -30.66 -16.38 2.95
C MET A 629 -29.83 -17.66 2.89
N LEU A 630 -29.48 -18.11 1.69
CA LEU A 630 -28.69 -19.33 1.56
C LEU A 630 -27.25 -19.12 2.00
N ARG A 631 -26.68 -17.93 1.76
CA ARG A 631 -25.35 -17.65 2.27
C ARG A 631 -25.34 -17.60 3.79
N ILE A 632 -26.36 -17.01 4.40
CA ILE A 632 -26.48 -16.99 5.85
C ILE A 632 -26.64 -18.40 6.38
N MET A 633 -27.43 -19.22 5.68
CA MET A 633 -27.57 -20.63 6.07
C MET A 633 -26.22 -21.34 6.00
N ALA A 634 -25.44 -21.08 4.96
CA ALA A 634 -24.12 -21.70 4.84
C ALA A 634 -23.23 -21.30 6.01
N SER A 635 -23.22 -20.01 6.36
CA SER A 635 -22.39 -19.56 7.47
C SER A 635 -22.88 -20.14 8.79
N LEU A 636 -24.20 -20.30 8.95
CA LEU A 636 -24.72 -20.88 10.19
C LEU A 636 -24.40 -22.36 10.30
N VAL A 637 -24.48 -23.10 9.17
CA VAL A 637 -24.09 -24.50 9.18
C VAL A 637 -22.62 -24.65 9.49
N LEU A 638 -21.78 -23.78 8.92
CA LEU A 638 -20.37 -23.77 9.29
C LEU A 638 -20.18 -23.32 10.74
N ALA A 639 -21.15 -22.61 11.32
CA ALA A 639 -21.10 -22.18 12.71
C ALA A 639 -21.79 -23.16 13.65
N ARG A 640 -22.34 -24.25 13.12
CA ARG A 640 -22.96 -25.28 13.95
C ARG A 640 -21.97 -26.00 14.85
N LYS A 641 -20.68 -25.90 14.57
CA LYS A 641 -19.66 -26.55 15.39
C LYS A 641 -19.31 -25.75 16.63
N HIS A 642 -19.75 -24.50 16.73
CA HIS A 642 -19.43 -23.64 17.86
C HIS A 642 -20.47 -23.75 18.98
N THR A 643 -20.74 -24.98 19.40
CA THR A 643 -21.68 -25.18 20.50
C THR A 643 -21.07 -24.83 21.85
N THR A 644 -19.75 -24.97 21.98
CA THR A 644 -19.07 -24.72 23.25
C THR A 644 -18.16 -23.50 23.23
N CYS A 645 -17.42 -23.29 22.15
CA CYS A 645 -16.45 -22.19 22.12
C CYS A 645 -17.13 -20.84 22.04
N CYS A 646 -18.39 -20.78 21.62
CA CYS A 646 -19.10 -19.54 21.42
C CYS A 646 -20.46 -19.55 22.12
N SER A 647 -20.82 -18.40 22.67
CA SER A 647 -22.17 -18.20 23.16
C SER A 647 -23.11 -17.90 21.98
N LEU A 648 -24.41 -17.85 22.27
CA LEU A 648 -25.37 -17.50 21.22
C LEU A 648 -25.12 -16.10 20.70
N SER A 649 -24.82 -15.15 21.59
CA SER A 649 -24.46 -13.82 21.14
C SER A 649 -23.17 -13.82 20.33
N HIS A 650 -22.17 -14.61 20.73
CA HIS A 650 -20.93 -14.70 19.98
C HIS A 650 -21.16 -15.27 18.59
N ARG A 651 -21.95 -16.35 18.49
CA ARG A 651 -22.25 -16.94 17.19
C ARG A 651 -23.01 -15.96 16.31
N PHE A 652 -24.00 -15.26 16.88
CA PHE A 652 -24.75 -14.30 16.07
C PHE A 652 -23.87 -13.15 15.60
N TYR A 653 -22.99 -12.66 16.46
CA TYR A 653 -22.14 -11.54 16.05
C TYR A 653 -21.09 -11.99 15.03
N ARG A 654 -20.64 -13.24 15.11
CA ARG A 654 -19.77 -13.77 14.05
C ARG A 654 -20.52 -13.89 12.75
N LEU A 655 -21.78 -14.32 12.80
CA LEU A 655 -22.62 -14.34 11.60
C LEU A 655 -22.81 -12.94 11.04
N ALA A 656 -23.00 -11.95 11.93
CA ALA A 656 -23.17 -10.57 11.48
C ALA A 656 -21.89 -10.06 10.83
N ASN A 657 -20.73 -10.42 11.37
CA ASN A 657 -19.47 -10.07 10.72
C ASN A 657 -19.38 -10.72 9.35
N GLU A 658 -19.77 -11.99 9.25
CA GLU A 658 -19.78 -12.66 7.95
C GLU A 658 -20.66 -11.91 6.96
N CYS A 659 -21.87 -11.52 7.38
CA CYS A 659 -22.79 -10.85 6.48
C CYS A 659 -22.31 -9.45 6.11
N ALA A 660 -21.68 -8.74 7.03
CA ALA A 660 -21.20 -7.39 6.78
C ALA A 660 -19.88 -7.35 6.05
N GLN A 661 -19.17 -8.49 5.97
CA GLN A 661 -17.86 -8.52 5.34
C GLN A 661 -17.84 -9.26 4.01
N VAL A 662 -18.66 -10.30 3.84
CA VAL A 662 -18.57 -11.14 2.65
C VAL A 662 -19.95 -11.33 2.01
N LEU A 663 -20.96 -10.67 2.55
CA LEU A 663 -22.29 -10.81 1.97
C LEU A 663 -22.89 -9.49 1.51
N SER A 664 -22.77 -8.42 2.31
CA SER A 664 -23.32 -7.12 1.94
C SER A 664 -22.32 -6.01 2.23
N GLU A 665 -21.04 -6.29 2.05
CA GLU A 665 -19.99 -5.34 2.38
C GLU A 665 -19.90 -4.24 1.31
N MET A 666 -18.98 -3.32 1.54
CA MET A 666 -18.66 -2.26 0.58
C MET A 666 -17.61 -2.80 -0.40
N VAL A 667 -18.00 -3.00 -1.65
CA VAL A 667 -17.07 -3.45 -2.67
C VAL A 667 -16.30 -2.26 -3.20
N MET A 668 -15.03 -2.47 -3.51
CA MET A 668 -14.16 -1.38 -3.97
C MET A 668 -13.81 -1.59 -5.44
N CYS A 669 -14.79 -1.99 -6.25
CA CYS A 669 -14.57 -2.14 -7.68
C CYS A 669 -14.09 -0.82 -8.28
N GLY A 670 -13.09 -0.91 -9.16
CA GLY A 670 -12.43 0.27 -9.66
C GLY A 670 -11.72 1.01 -8.55
N GLY A 671 -12.01 2.30 -8.40
CA GLY A 671 -11.45 3.08 -7.32
C GLY A 671 -12.52 3.73 -6.47
N SER A 672 -13.69 3.09 -6.39
CA SER A 672 -14.83 3.67 -5.72
C SER A 672 -15.62 2.58 -5.00
N LEU A 673 -16.34 2.98 -3.95
CA LEU A 673 -17.10 2.03 -3.14
C LEU A 673 -18.48 1.78 -3.74
N TYR A 674 -18.94 0.54 -3.58
CA TYR A 674 -20.29 0.14 -3.98
C TYR A 674 -20.87 -0.74 -2.90
N VAL A 675 -22.19 -0.94 -2.96
CA VAL A 675 -22.90 -1.82 -2.05
C VAL A 675 -23.12 -3.16 -2.74
N LYS A 676 -22.66 -4.23 -2.10
CA LYS A 676 -22.87 -5.58 -2.63
C LYS A 676 -24.27 -6.03 -2.24
N PRO A 677 -25.17 -6.25 -3.19
CA PRO A 677 -26.54 -6.66 -2.82
C PRO A 677 -26.59 -7.99 -2.09
N GLY A 678 -25.66 -8.90 -2.39
CA GLY A 678 -25.68 -10.22 -1.76
C GLY A 678 -24.82 -11.19 -2.53
N GLY A 679 -25.14 -12.47 -2.35
CA GLY A 679 -24.39 -13.51 -3.02
C GLY A 679 -23.08 -13.80 -2.30
N THR A 680 -22.33 -14.74 -2.88
CA THR A 680 -21.06 -15.16 -2.32
C THR A 680 -19.96 -14.22 -2.79
N SER A 681 -19.34 -13.52 -1.84
CA SER A 681 -18.09 -12.80 -2.12
C SER A 681 -16.99 -13.86 -2.19
N SER A 682 -16.81 -14.45 -3.38
CA SER A 682 -15.98 -15.65 -3.51
C SER A 682 -14.49 -15.31 -3.39
N GLY A 683 -14.16 -14.67 -2.27
CA GLY A 683 -12.78 -14.47 -1.88
C GLY A 683 -12.62 -14.56 -0.38
N ASP A 684 -13.68 -14.94 0.30
CA ASP A 684 -13.68 -15.00 1.75
C ASP A 684 -12.98 -16.27 2.22
N ALA A 685 -12.72 -16.36 3.52
CA ALA A 685 -11.99 -17.50 4.08
C ALA A 685 -12.76 -18.81 4.01
N THR A 686 -14.05 -18.77 3.69
CA THR A 686 -14.87 -19.97 3.61
C THR A 686 -15.52 -20.12 2.25
N THR A 687 -14.91 -19.58 1.19
CA THR A 687 -15.56 -19.57 -0.11
C THR A 687 -15.91 -20.97 -0.59
N ALA A 688 -14.93 -21.86 -0.64
CA ALA A 688 -15.16 -23.22 -1.13
C ALA A 688 -16.14 -23.98 -0.24
N TYR A 689 -15.99 -23.90 1.08
CA TYR A 689 -16.85 -24.63 2.00
C TYR A 689 -18.24 -24.05 2.10
N ALA A 690 -18.39 -22.72 2.06
CA ALA A 690 -19.71 -22.13 2.00
C ALA A 690 -20.42 -22.49 0.71
N ASN A 691 -19.69 -22.51 -0.41
CA ASN A 691 -20.30 -22.96 -1.66
C ASN A 691 -20.67 -24.44 -1.58
N SER A 692 -19.88 -25.23 -0.86
CA SER A 692 -20.19 -26.65 -0.70
C SER A 692 -21.49 -26.85 0.08
N VAL A 693 -21.64 -26.15 1.21
CA VAL A 693 -22.88 -26.29 1.97
C VAL A 693 -24.06 -25.72 1.19
N PHE A 694 -23.85 -24.65 0.42
CA PHE A 694 -24.91 -24.16 -0.46
C PHE A 694 -25.32 -25.21 -1.49
N ASN A 695 -24.34 -25.90 -2.07
CA ASN A 695 -24.63 -26.94 -3.05
C ASN A 695 -25.40 -28.09 -2.41
N ILE A 696 -24.99 -28.50 -1.21
CA ILE A 696 -25.70 -29.56 -0.51
C ILE A 696 -27.12 -29.12 -0.18
N CYS A 697 -27.30 -27.86 0.21
CA CYS A 697 -28.63 -27.34 0.49
C CYS A 697 -29.50 -27.36 -0.75
N GLN A 698 -28.94 -26.97 -1.90
CA GLN A 698 -29.71 -26.99 -3.13
C GLN A 698 -30.10 -28.42 -3.52
N ALA A 699 -29.17 -29.36 -3.35
CA ALA A 699 -29.49 -30.75 -3.66
C ALA A 699 -30.56 -31.31 -2.73
N VAL A 700 -30.47 -31.00 -1.44
CA VAL A 700 -31.45 -31.47 -0.48
C VAL A 700 -32.82 -30.84 -0.76
N THR A 701 -32.84 -29.55 -1.11
CA THR A 701 -34.08 -28.89 -1.47
C THR A 701 -34.70 -29.52 -2.70
N ALA A 702 -33.88 -29.84 -3.70
CA ALA A 702 -34.39 -30.50 -4.90
C ALA A 702 -34.96 -31.87 -4.57
N ASN A 703 -34.29 -32.63 -3.70
CA ASN A 703 -34.82 -33.92 -3.29
C ASN A 703 -36.13 -33.79 -2.54
N VAL A 704 -36.23 -32.79 -1.65
CA VAL A 704 -37.45 -32.57 -0.89
C VAL A 704 -38.59 -32.19 -1.83
N ASN A 705 -38.31 -31.32 -2.80
CA ASN A 705 -39.35 -30.94 -3.76
C ASN A 705 -39.76 -32.10 -4.65
N ALA A 706 -38.81 -32.96 -5.02
CA ALA A 706 -39.16 -34.16 -5.77
C ALA A 706 -40.07 -35.07 -4.96
N LEU A 707 -39.74 -35.29 -3.68
CA LEU A 707 -40.57 -36.15 -2.85
C LEU A 707 -41.96 -35.55 -2.65
N LEU A 708 -42.05 -34.25 -2.37
CA LEU A 708 -43.34 -33.64 -2.07
C LEU A 708 -44.16 -33.43 -3.33
N SER A 709 -43.52 -33.04 -4.43
CA SER A 709 -44.24 -32.87 -5.70
C SER A 709 -44.30 -34.20 -6.45
N THR A 710 -44.76 -35.21 -5.74
CA THR A 710 -44.95 -36.55 -6.29
C THR A 710 -46.29 -37.06 -5.80
N ASP A 711 -47.06 -37.68 -6.69
CA ASP A 711 -48.34 -38.25 -6.31
C ASP A 711 -48.12 -39.39 -5.34
N GLY A 712 -48.38 -39.14 -4.06
CA GLY A 712 -48.15 -40.15 -3.05
C GLY A 712 -49.03 -41.38 -3.17
N ASN A 713 -50.19 -41.25 -3.82
CA ASN A 713 -51.01 -42.42 -4.10
C ASN A 713 -50.32 -43.35 -5.07
N LYS A 714 -49.57 -42.80 -6.02
CA LYS A 714 -48.89 -43.58 -7.04
C LYS A 714 -47.50 -44.05 -6.61
N ILE A 715 -47.04 -43.66 -5.44
CA ILE A 715 -45.76 -44.15 -4.91
C ILE A 715 -45.99 -45.58 -4.44
N ALA A 716 -45.51 -46.55 -5.23
CA ALA A 716 -45.77 -47.95 -4.93
C ALA A 716 -45.11 -48.38 -3.63
N ASP A 717 -43.86 -47.95 -3.41
CA ASP A 717 -43.15 -48.34 -2.20
C ASP A 717 -43.80 -47.72 -0.97
N LYS A 718 -44.09 -48.56 0.02
CA LYS A 718 -44.74 -48.13 1.24
C LYS A 718 -43.79 -47.38 2.18
N TYR A 719 -42.49 -47.61 2.07
CA TYR A 719 -41.50 -46.87 2.85
C TYR A 719 -41.31 -45.45 2.32
N VAL A 720 -41.23 -45.29 1.00
CA VAL A 720 -41.03 -43.96 0.43
C VAL A 720 -42.27 -43.10 0.62
N ARG A 721 -43.45 -43.69 0.53
CA ARG A 721 -44.69 -42.96 0.75
C ARG A 721 -44.76 -42.42 2.18
N ASN A 722 -44.42 -43.27 3.16
CA ASN A 722 -44.39 -42.83 4.54
C ASN A 722 -43.28 -41.81 4.77
N LEU A 723 -42.15 -41.96 4.06
CA LEU A 723 -41.08 -40.96 4.14
C LEU A 723 -41.56 -39.61 3.65
N GLN A 724 -42.32 -39.59 2.55
CA GLN A 724 -42.87 -38.34 2.03
C GLN A 724 -43.86 -37.74 3.01
N HIS A 725 -44.72 -38.57 3.61
CA HIS A 725 -45.68 -38.08 4.60
C HIS A 725 -44.96 -37.44 5.77
N ARG A 726 -43.96 -38.13 6.33
CA ARG A 726 -43.21 -37.57 7.45
C ARG A 726 -42.36 -36.39 7.03
N LEU A 727 -41.98 -36.32 5.75
CA LEU A 727 -41.25 -35.15 5.25
C LEU A 727 -42.15 -33.92 5.28
N TYR A 728 -43.39 -34.07 4.81
CA TYR A 728 -44.34 -32.96 4.91
C TYR A 728 -44.60 -32.61 6.37
N GLU A 729 -44.69 -33.63 7.24
CA GLU A 729 -44.90 -33.37 8.66
C GLU A 729 -43.75 -32.56 9.25
N CYS A 730 -42.51 -32.95 8.97
CA CYS A 730 -41.36 -32.27 9.53
C CYS A 730 -41.12 -30.91 8.88
N LEU A 731 -41.66 -30.69 7.68
CA LEU A 731 -41.55 -29.38 7.06
C LEU A 731 -42.60 -28.41 7.61
N TYR A 732 -43.89 -28.72 7.41
CA TYR A 732 -44.95 -27.75 7.66
C TYR A 732 -45.82 -28.09 8.86
N ARG A 733 -45.67 -29.27 9.45
CA ARG A 733 -46.43 -29.63 10.65
C ARG A 733 -45.57 -29.62 11.91
N ASN A 734 -44.43 -30.31 11.88
CA ASN A 734 -43.55 -30.32 13.02
C ASN A 734 -42.75 -29.01 13.08
N ARG A 735 -42.69 -28.43 14.29
CA ARG A 735 -42.01 -27.16 14.49
C ARG A 735 -40.56 -27.31 14.95
N ASP A 736 -40.27 -28.28 15.80
CA ASP A 736 -38.91 -28.56 16.25
C ASP A 736 -38.28 -29.62 15.38
N VAL A 737 -36.96 -29.75 15.49
CA VAL A 737 -36.22 -30.70 14.67
C VAL A 737 -36.59 -32.12 15.09
N ASP A 738 -36.98 -32.94 14.11
CA ASP A 738 -37.25 -34.36 14.32
C ASP A 738 -35.97 -35.10 13.95
N THR A 739 -35.04 -35.20 14.91
CA THR A 739 -33.73 -35.78 14.63
C THR A 739 -33.85 -37.21 14.10
N ASP A 740 -34.87 -37.95 14.54
CA ASP A 740 -35.10 -39.29 13.99
C ASP A 740 -35.36 -39.21 12.49
N PHE A 741 -36.31 -38.38 12.08
CA PHE A 741 -36.59 -38.28 10.65
C PHE A 741 -35.51 -37.54 9.89
N VAL A 742 -34.80 -36.61 10.56
CA VAL A 742 -33.66 -35.97 9.89
C VAL A 742 -32.61 -37.02 9.55
N ASN A 743 -32.30 -37.91 10.50
CA ASN A 743 -31.36 -39.00 10.22
C ASN A 743 -31.91 -39.94 9.15
N GLU A 744 -33.21 -40.25 9.21
CA GLU A 744 -33.79 -41.16 8.22
C GLU A 744 -33.70 -40.58 6.82
N PHE A 745 -34.02 -39.29 6.66
CA PHE A 745 -33.96 -38.65 5.35
C PHE A 745 -32.52 -38.50 4.89
N TYR A 746 -31.60 -38.23 5.82
CA TYR A 746 -30.19 -38.16 5.45
C TYR A 746 -29.68 -39.52 4.95
N ALA A 747 -30.07 -40.60 5.63
CA ALA A 747 -29.69 -41.94 5.19
C ALA A 747 -30.33 -42.27 3.84
N TYR A 748 -31.59 -41.87 3.66
CA TYR A 748 -32.26 -42.08 2.37
C TYR A 748 -31.52 -41.36 1.25
N LEU A 749 -31.11 -40.12 1.49
CA LEU A 749 -30.35 -39.37 0.50
C LEU A 749 -29.01 -40.01 0.21
N ARG A 750 -28.30 -40.45 1.26
CA ARG A 750 -27.01 -41.10 1.05
C ARG A 750 -27.16 -42.38 0.25
N LYS A 751 -28.23 -43.14 0.52
CA LYS A 751 -28.42 -44.40 -0.19
C LYS A 751 -28.84 -44.19 -1.63
N HIS A 752 -29.67 -43.17 -1.90
CA HIS A 752 -30.25 -43.00 -3.22
C HIS A 752 -29.77 -41.77 -3.96
N PHE A 753 -29.15 -40.80 -3.27
CA PHE A 753 -28.71 -39.56 -3.91
C PHE A 753 -27.31 -39.19 -3.42
N SER A 754 -26.40 -40.16 -3.42
CA SER A 754 -25.04 -39.90 -2.96
C SER A 754 -24.38 -38.81 -3.78
N MET A 755 -23.73 -37.86 -3.10
CA MET A 755 -23.20 -36.66 -3.73
C MET A 755 -21.69 -36.61 -3.59
N MET A 756 -21.06 -35.85 -4.48
CA MET A 756 -19.65 -35.49 -4.38
C MET A 756 -19.54 -33.99 -4.53
N ILE A 757 -19.38 -33.28 -3.42
CA ILE A 757 -19.59 -31.84 -3.37
C ILE A 757 -18.26 -31.13 -3.22
N LEU A 758 -17.99 -30.21 -4.13
CA LEU A 758 -16.96 -29.19 -4.01
C LEU A 758 -17.66 -27.83 -4.07
N SER A 759 -16.88 -26.77 -4.25
CA SER A 759 -17.45 -25.44 -4.27
C SER A 759 -18.29 -25.23 -5.53
N ASP A 760 -19.58 -25.54 -5.43
CA ASP A 760 -20.65 -25.43 -6.44
C ASP A 760 -20.44 -26.39 -7.61
N ASP A 761 -19.42 -27.24 -7.58
CA ASP A 761 -19.26 -28.31 -8.53
C ASP A 761 -19.60 -29.63 -7.86
N ALA A 762 -20.49 -30.42 -8.47
CA ALA A 762 -21.03 -31.60 -7.81
C ALA A 762 -21.25 -32.72 -8.81
N VAL A 763 -21.06 -33.95 -8.33
CA VAL A 763 -21.43 -35.16 -9.06
C VAL A 763 -22.27 -36.02 -8.12
N VAL A 764 -23.43 -36.45 -8.59
CA VAL A 764 -24.37 -37.24 -7.79
C VAL A 764 -24.59 -38.58 -8.47
N CYS A 765 -24.40 -39.66 -7.72
CA CYS A 765 -24.80 -41.00 -8.14
C CYS A 765 -26.17 -41.25 -7.54
N PHE A 766 -27.21 -41.08 -8.36
CA PHE A 766 -28.58 -41.12 -7.89
C PHE A 766 -29.28 -42.37 -8.41
N ASN A 767 -30.21 -42.88 -7.59
CA ASN A 767 -31.03 -44.01 -8.02
C ASN A 767 -31.92 -43.59 -9.18
N SER A 768 -31.60 -44.08 -10.38
CA SER A 768 -32.31 -43.68 -11.58
C SER A 768 -33.78 -44.08 -11.54
N THR A 769 -34.09 -45.27 -11.04
CA THR A 769 -35.48 -45.69 -10.95
C THR A 769 -36.27 -44.91 -9.91
N TYR A 770 -35.60 -44.20 -9.01
CA TYR A 770 -36.28 -43.33 -8.06
C TYR A 770 -36.51 -41.94 -8.66
N ALA A 771 -35.50 -41.39 -9.33
CA ALA A 771 -35.67 -40.10 -10.00
C ALA A 771 -36.67 -40.18 -11.14
N SER A 772 -36.79 -41.35 -11.79
CA SER A 772 -37.84 -41.52 -12.80
C SER A 772 -39.22 -41.48 -12.16
N GLN A 773 -39.34 -42.00 -10.94
CA GLN A 773 -40.60 -42.01 -10.20
C GLN A 773 -40.78 -40.76 -9.34
N GLY A 774 -39.85 -39.81 -9.43
CA GLY A 774 -39.94 -38.60 -8.64
C GLY A 774 -39.58 -38.77 -7.18
N LEU A 775 -38.99 -39.90 -6.82
CA LEU A 775 -38.53 -40.12 -5.46
C LEU A 775 -37.17 -39.51 -5.18
N VAL A 776 -36.53 -38.93 -6.20
CA VAL A 776 -35.25 -38.27 -6.07
C VAL A 776 -35.13 -37.24 -7.19
N ALA A 777 -34.46 -36.13 -6.90
CA ALA A 777 -34.33 -35.06 -7.89
C ALA A 777 -33.50 -35.53 -9.08
N SER A 778 -34.11 -35.57 -10.26
CA SER A 778 -33.35 -36.05 -11.42
C SER A 778 -32.50 -34.95 -12.04
N ILE A 779 -33.11 -34.01 -12.76
CA ILE A 779 -32.46 -32.74 -13.07
C ILE A 779 -33.49 -31.62 -13.02
N LYS A 780 -34.76 -31.96 -13.20
CA LYS A 780 -35.79 -30.93 -13.30
C LYS A 780 -36.12 -30.34 -11.94
N ASN A 781 -36.00 -31.14 -10.89
CA ASN A 781 -36.13 -30.58 -9.55
C ASN A 781 -35.01 -29.59 -9.25
N PHE A 782 -33.80 -29.88 -9.72
CA PHE A 782 -32.71 -28.92 -9.60
C PHE A 782 -33.02 -27.64 -10.38
N LYS A 783 -33.54 -27.77 -11.59
CA LYS A 783 -33.88 -26.58 -12.37
C LYS A 783 -34.93 -25.74 -11.68
N SER A 784 -35.98 -26.39 -11.17
CA SER A 784 -37.06 -25.68 -10.48
C SER A 784 -36.55 -25.02 -9.20
N VAL A 785 -35.71 -25.74 -8.45
CA VAL A 785 -35.17 -25.20 -7.20
C VAL A 785 -34.30 -23.99 -7.48
N LEU A 786 -33.46 -24.06 -8.52
CA LEU A 786 -32.68 -22.89 -8.89
C LEU A 786 -33.60 -21.74 -9.30
N TYR A 787 -34.67 -22.04 -10.03
CA TYR A 787 -35.57 -20.99 -10.48
C TYR A 787 -36.22 -20.27 -9.31
N TYR A 788 -36.72 -21.01 -8.33
CA TYR A 788 -37.50 -20.38 -7.26
C TYR A 788 -36.70 -20.07 -6.00
N GLN A 789 -35.44 -20.49 -5.92
CA GLN A 789 -34.64 -20.30 -4.71
C GLN A 789 -33.22 -19.84 -5.01
N ASN A 790 -32.89 -19.55 -6.27
CA ASN A 790 -31.60 -19.01 -6.65
C ASN A 790 -31.70 -17.89 -7.66
N ASN A 791 -32.89 -17.64 -8.22
CA ASN A 791 -33.12 -16.55 -9.18
C ASN A 791 -32.27 -16.72 -10.44
N VAL A 792 -32.10 -17.96 -10.87
CA VAL A 792 -31.46 -18.29 -12.14
C VAL A 792 -32.22 -19.43 -12.80
N PHE A 793 -32.08 -19.54 -14.11
CA PHE A 793 -32.62 -20.66 -14.87
C PHE A 793 -31.48 -21.60 -15.20
N MET A 794 -31.49 -22.79 -14.60
CA MET A 794 -30.47 -23.80 -14.83
C MET A 794 -30.75 -24.47 -16.17
N SER A 795 -29.95 -24.11 -17.18
CA SER A 795 -30.10 -24.73 -18.49
C SER A 795 -29.68 -26.20 -18.43
N GLU A 796 -30.54 -27.06 -18.97
CA GLU A 796 -30.27 -28.50 -18.99
C GLU A 796 -29.16 -28.88 -19.97
N ALA A 797 -28.71 -27.94 -20.81
CA ALA A 797 -27.55 -28.17 -21.65
C ALA A 797 -26.24 -27.96 -20.90
N LYS A 798 -26.29 -27.40 -19.69
CA LYS A 798 -25.13 -27.28 -18.83
C LYS A 798 -25.12 -28.37 -17.76
N CYS A 799 -26.02 -29.34 -17.88
CA CYS A 799 -26.16 -30.41 -16.89
C CYS A 799 -26.06 -31.74 -17.62
N TRP A 800 -24.96 -32.46 -17.41
CA TRP A 800 -24.77 -33.76 -18.03
C TRP A 800 -25.42 -34.85 -17.19
N THR A 801 -25.59 -36.02 -17.81
CA THR A 801 -26.14 -37.19 -17.12
C THR A 801 -25.55 -38.43 -17.75
N GLU A 802 -24.77 -39.19 -16.96
CA GLU A 802 -24.11 -40.39 -17.44
C GLU A 802 -24.83 -41.61 -16.88
N THR A 803 -25.46 -42.38 -17.75
CA THR A 803 -26.23 -43.54 -17.34
C THR A 803 -25.39 -44.78 -17.08
N ASP A 804 -24.15 -44.81 -17.57
CA ASP A 804 -23.26 -45.95 -17.38
C ASP A 804 -22.09 -45.55 -16.50
N LEU A 805 -21.89 -46.33 -15.43
CA LEU A 805 -20.88 -46.01 -14.43
C LEU A 805 -19.47 -46.44 -14.80
N THR A 806 -19.29 -47.30 -15.81
CA THR A 806 -17.94 -47.65 -16.24
C THR A 806 -17.17 -46.43 -16.73
N LYS A 807 -17.83 -45.54 -17.48
CA LYS A 807 -17.33 -44.20 -17.74
C LYS A 807 -17.86 -43.29 -16.65
N GLY A 808 -16.96 -42.62 -15.94
CA GLY A 808 -17.33 -41.87 -14.76
C GLY A 808 -18.11 -40.61 -15.09
N PRO A 809 -18.05 -39.62 -14.20
CA PRO A 809 -18.74 -38.36 -14.44
C PRO A 809 -18.25 -37.70 -15.72
N HIS A 810 -19.19 -37.09 -16.44
CA HIS A 810 -18.84 -36.43 -17.69
C HIS A 810 -17.85 -35.29 -17.45
N GLU A 811 -18.06 -34.53 -16.38
CA GLU A 811 -17.13 -33.46 -16.03
C GLU A 811 -17.27 -33.14 -14.55
N PHE A 812 -16.19 -33.30 -13.80
CA PHE A 812 -16.14 -32.89 -12.40
C PHE A 812 -14.81 -32.19 -12.17
N CYS A 813 -14.89 -30.99 -11.59
CA CYS A 813 -13.70 -30.15 -11.38
C CYS A 813 -12.97 -29.91 -12.71
N SER A 814 -13.74 -29.74 -13.77
CA SER A 814 -13.23 -29.53 -15.13
C SER A 814 -12.40 -30.72 -15.62
N GLN A 815 -12.52 -31.86 -14.95
CA GLN A 815 -11.78 -33.06 -15.31
C GLN A 815 -12.76 -34.13 -15.77
N HIS A 816 -12.52 -34.68 -16.95
CA HIS A 816 -13.28 -35.82 -17.42
C HIS A 816 -12.73 -37.10 -16.78
N THR A 817 -13.52 -38.17 -16.87
CA THR A 817 -13.17 -39.43 -16.24
C THR A 817 -13.26 -40.56 -17.26
N MET A 818 -12.21 -41.37 -17.34
CA MET A 818 -12.19 -42.58 -18.14
C MET A 818 -11.66 -43.73 -17.30
N LEU A 819 -12.20 -44.93 -17.52
CA LEU A 819 -11.81 -46.11 -16.77
C LEU A 819 -10.61 -46.75 -17.46
N VAL A 820 -9.43 -46.57 -16.88
CA VAL A 820 -8.20 -47.13 -17.42
C VAL A 820 -7.81 -48.35 -16.61
N LYS A 821 -7.03 -49.23 -17.23
CA LYS A 821 -6.56 -50.45 -16.60
C LYS A 821 -5.06 -50.28 -16.32
N GLN A 822 -4.74 -49.74 -15.15
CA GLN A 822 -3.36 -49.66 -14.68
C GLN A 822 -3.12 -50.79 -13.69
N GLY A 823 -1.90 -51.33 -13.72
CA GLY A 823 -1.62 -52.52 -12.94
C GLY A 823 -2.41 -53.70 -13.47
N ASP A 824 -3.26 -54.30 -12.62
CA ASP A 824 -4.12 -55.39 -13.03
C ASP A 824 -5.60 -55.11 -12.84
N ASP A 825 -5.97 -53.95 -12.31
CA ASP A 825 -7.36 -53.59 -12.07
C ASP A 825 -7.69 -52.30 -12.81
N TYR A 826 -8.97 -51.96 -12.84
CA TYR A 826 -9.47 -50.79 -13.54
C TYR A 826 -9.70 -49.66 -12.54
N VAL A 827 -9.14 -48.49 -12.84
CA VAL A 827 -9.29 -47.31 -12.01
C VAL A 827 -9.77 -46.15 -12.87
N TYR A 828 -10.35 -45.15 -12.21
CA TYR A 828 -10.82 -43.94 -12.87
C TYR A 828 -9.75 -42.87 -12.77
N LEU A 829 -9.31 -42.35 -13.92
CA LEU A 829 -8.31 -41.31 -13.93
C LEU A 829 -8.90 -39.99 -14.36
N PRO A 830 -8.59 -38.90 -13.66
CA PRO A 830 -9.10 -37.58 -14.07
C PRO A 830 -8.26 -36.97 -15.20
N TYR A 831 -8.80 -36.94 -16.41
CA TYR A 831 -8.07 -36.30 -17.49
C TYR A 831 -8.77 -35.00 -17.86
N PRO A 832 -8.01 -33.92 -18.05
CA PRO A 832 -8.62 -32.62 -18.37
C PRO A 832 -8.91 -32.48 -19.85
N ASP A 833 -9.45 -31.34 -20.24
CA ASP A 833 -9.61 -31.03 -21.65
C ASP A 833 -8.23 -30.80 -22.25
N PRO A 834 -7.85 -31.51 -23.32
CA PRO A 834 -6.51 -31.29 -23.90
C PRO A 834 -6.27 -29.86 -24.34
N SER A 835 -7.33 -29.16 -24.74
CA SER A 835 -7.19 -27.76 -25.10
C SER A 835 -6.71 -26.93 -23.91
N ARG A 836 -7.14 -27.29 -22.71
CA ARG A 836 -6.72 -26.53 -21.53
C ARG A 836 -5.21 -26.65 -21.29
N ILE A 837 -4.69 -27.86 -21.32
CA ILE A 837 -3.25 -28.06 -21.10
C ILE A 837 -2.45 -27.46 -22.26
N LEU A 838 -2.93 -27.63 -23.49
CA LEU A 838 -2.23 -27.06 -24.64
C LEU A 838 -2.19 -25.54 -24.57
N GLY A 839 -3.29 -24.91 -24.14
CA GLY A 839 -3.29 -23.47 -23.98
C GLY A 839 -2.39 -23.01 -22.84
N ALA A 840 -2.38 -23.77 -21.74
CA ALA A 840 -1.48 -23.44 -20.65
C ALA A 840 -0.03 -23.48 -21.09
N GLY A 841 0.32 -24.46 -21.92
CA GLY A 841 1.66 -24.48 -22.50
C GLY A 841 1.89 -23.32 -23.47
N CYS A 842 0.91 -23.04 -24.33
CA CYS A 842 1.05 -22.04 -25.39
C CYS A 842 0.85 -20.61 -24.92
N PHE A 843 -0.03 -20.38 -23.95
CA PHE A 843 -0.34 -19.03 -23.49
C PHE A 843 -0.06 -18.95 -21.99
N VAL A 844 0.83 -18.04 -21.62
CA VAL A 844 1.33 -17.91 -20.26
C VAL A 844 1.38 -16.42 -19.91
N ASP A 845 1.30 -16.24 -18.60
CA ASP A 845 1.09 -14.92 -18.08
C ASP A 845 2.22 -14.11 -17.67
N ASP A 846 3.40 -14.54 -17.99
CA ASP A 846 4.53 -13.75 -17.72
C ASP A 846 5.34 -13.99 -18.91
N ILE A 847 6.28 -13.12 -19.16
CA ILE A 847 7.03 -13.28 -20.35
C ILE A 847 8.09 -14.29 -20.07
N VAL A 848 8.40 -14.50 -18.82
CA VAL A 848 9.46 -15.39 -18.49
C VAL A 848 9.01 -16.81 -18.61
N LYS A 849 7.73 -17.04 -18.78
CA LYS A 849 7.28 -18.36 -18.97
C LYS A 849 7.16 -18.66 -20.42
N THR A 850 7.79 -17.87 -21.25
CA THR A 850 7.70 -18.01 -22.67
C THR A 850 8.88 -18.81 -23.10
N ASP A 851 9.84 -18.97 -22.22
CA ASP A 851 10.88 -19.93 -22.53
C ASP A 851 10.83 -20.93 -21.45
N GLY A 852 10.57 -22.13 -21.86
CA GLY A 852 10.43 -23.15 -20.89
C GLY A 852 11.71 -23.39 -20.20
N THR A 853 12.84 -23.18 -20.86
CA THR A 853 14.05 -23.45 -20.08
C THR A 853 14.02 -22.76 -18.72
N LEU A 854 13.36 -21.59 -18.63
CA LEU A 854 13.34 -20.86 -17.37
C LEU A 854 12.55 -21.61 -16.30
N MET A 855 11.38 -22.14 -16.67
CA MET A 855 10.55 -22.93 -15.77
C MET A 855 10.20 -24.24 -16.45
N ILE A 856 11.07 -25.24 -16.30
CA ILE A 856 10.78 -26.56 -16.86
C ILE A 856 9.77 -27.29 -15.99
N GLU A 857 9.76 -27.01 -14.69
CA GLU A 857 8.82 -27.67 -13.79
C GLU A 857 7.37 -27.29 -14.10
N ARG A 858 7.15 -26.16 -14.77
CA ARG A 858 5.81 -25.81 -15.21
C ARG A 858 5.27 -26.83 -16.20
N PHE A 859 6.08 -27.21 -17.19
CA PHE A 859 5.67 -28.23 -18.14
C PHE A 859 5.65 -29.60 -17.49
N VAL A 860 6.49 -29.83 -16.49
CA VAL A 860 6.43 -31.08 -15.73
C VAL A 860 5.07 -31.20 -15.04
N SER A 861 4.63 -30.12 -14.41
CA SER A 861 3.31 -30.13 -13.76
C SER A 861 2.19 -30.26 -14.78
N LEU A 862 2.31 -29.61 -15.94
CA LEU A 862 1.29 -29.74 -16.97
C LEU A 862 1.20 -31.17 -17.48
N ALA A 863 2.34 -31.84 -17.67
CA ALA A 863 2.34 -33.23 -18.07
C ALA A 863 1.79 -34.13 -16.96
N ILE A 864 2.02 -33.76 -15.70
CA ILE A 864 1.38 -34.46 -14.59
C ILE A 864 -0.13 -34.36 -14.73
N ASP A 865 -0.63 -33.16 -15.03
CA ASP A 865 -2.06 -32.98 -15.27
C ASP A 865 -2.52 -33.63 -16.58
N ALA A 866 -1.62 -33.85 -17.53
CA ALA A 866 -1.99 -34.36 -18.84
C ALA A 866 -1.66 -35.84 -19.03
N TYR A 867 -1.12 -36.50 -18.01
CA TYR A 867 -0.79 -37.92 -18.16
C TYR A 867 -1.98 -38.81 -18.48
N PRO A 868 -3.12 -38.72 -17.76
CA PRO A 868 -4.22 -39.66 -18.06
C PRO A 868 -4.79 -39.52 -19.46
N LEU A 869 -4.42 -38.48 -20.20
CA LEU A 869 -4.76 -38.41 -21.62
C LEU A 869 -4.10 -39.52 -22.42
N THR A 870 -3.01 -40.10 -21.89
CA THR A 870 -2.32 -41.17 -22.61
C THR A 870 -3.20 -42.40 -22.79
N LYS A 871 -4.08 -42.67 -21.84
CA LYS A 871 -4.96 -43.82 -21.94
C LYS A 871 -6.20 -43.55 -22.78
N HIS A 872 -6.40 -42.31 -23.21
CA HIS A 872 -7.62 -41.96 -23.95
C HIS A 872 -7.64 -42.67 -25.29
N PRO A 873 -8.80 -43.18 -25.73
CA PRO A 873 -8.85 -43.84 -27.05
C PRO A 873 -8.46 -42.93 -28.19
N ASN A 874 -8.79 -41.64 -28.12
CA ASN A 874 -8.37 -40.70 -29.14
C ASN A 874 -6.86 -40.50 -29.07
N GLN A 875 -6.20 -40.67 -30.21
CA GLN A 875 -4.73 -40.64 -30.23
C GLN A 875 -4.19 -39.25 -29.95
N GLU A 876 -4.89 -38.22 -30.42
CA GLU A 876 -4.43 -36.85 -30.21
C GLU A 876 -4.40 -36.49 -28.73
N TYR A 877 -5.34 -37.03 -27.95
CA TYR A 877 -5.30 -36.79 -26.50
C TYR A 877 -4.02 -37.37 -25.88
N ALA A 878 -3.70 -38.62 -26.22
CA ALA A 878 -2.42 -39.19 -25.79
C ALA A 878 -1.25 -38.44 -26.40
N ASP A 879 -1.42 -37.96 -27.63
CA ASP A 879 -0.38 -37.15 -28.26
C ASP A 879 -0.09 -35.88 -27.47
N VAL A 880 -1.07 -35.37 -26.73
CA VAL A 880 -0.83 -34.19 -25.89
C VAL A 880 0.23 -34.49 -24.84
N PHE A 881 0.06 -35.60 -24.11
CA PHE A 881 1.03 -35.96 -23.08
C PHE A 881 2.38 -36.34 -23.71
N HIS A 882 2.35 -37.05 -24.84
CA HIS A 882 3.60 -37.40 -25.50
C HIS A 882 4.34 -36.13 -25.96
N LEU A 883 3.60 -35.16 -26.48
CA LEU A 883 4.17 -33.88 -26.87
C LEU A 883 4.78 -33.17 -25.67
N TYR A 884 4.08 -33.20 -24.54
CA TYR A 884 4.62 -32.54 -23.35
C TYR A 884 5.90 -33.23 -22.88
N LEU A 885 5.94 -34.56 -22.94
CA LEU A 885 7.18 -35.27 -22.58
C LEU A 885 8.32 -34.89 -23.51
N GLN A 886 8.05 -34.88 -24.82
CA GLN A 886 9.09 -34.53 -25.78
C GLN A 886 9.54 -33.09 -25.60
N TYR A 887 8.62 -32.19 -25.27
CA TYR A 887 8.99 -30.79 -25.05
C TYR A 887 9.80 -30.63 -23.78
N ILE A 888 9.48 -31.40 -22.74
CA ILE A 888 10.30 -31.38 -21.52
C ILE A 888 11.71 -31.86 -21.82
N ARG A 889 11.82 -32.93 -22.61
CA ARG A 889 13.13 -33.40 -23.04
C ARG A 889 13.89 -32.32 -23.81
N LYS A 890 13.19 -31.63 -24.73
CA LYS A 890 13.81 -30.56 -25.49
C LYS A 890 14.27 -29.43 -24.58
N LEU A 891 13.45 -29.06 -23.59
CA LEU A 891 13.81 -27.99 -22.67
C LEU A 891 15.04 -28.36 -21.86
N HIS A 892 15.09 -29.58 -21.36
CA HIS A 892 16.26 -30.01 -20.59
C HIS A 892 17.50 -30.05 -21.47
N ASP A 893 17.37 -30.53 -22.71
CA ASP A 893 18.50 -30.59 -23.61
C ASP A 893 18.99 -29.22 -24.04
N GLU A 894 18.09 -28.23 -24.17
CA GLU A 894 18.50 -26.86 -24.48
C GLU A 894 19.07 -26.15 -23.26
N LEU A 895 18.56 -26.43 -22.06
CA LEU A 895 19.15 -25.89 -20.85
C LEU A 895 20.56 -26.40 -20.67
N THR A 896 20.78 -27.70 -20.88
CA THR A 896 22.13 -28.25 -20.80
C THR A 896 23.02 -27.67 -21.89
N GLY A 897 22.48 -27.45 -23.08
CA GLY A 897 23.27 -26.85 -24.15
C GLY A 897 23.69 -25.42 -23.82
N HIS A 898 22.75 -24.62 -23.31
CA HIS A 898 23.08 -23.26 -22.91
C HIS A 898 24.10 -23.24 -21.78
N MET A 899 23.96 -24.14 -20.82
CA MET A 899 24.94 -24.25 -19.75
C MET A 899 26.31 -24.67 -20.27
N LEU A 900 26.36 -25.56 -21.24
CA LEU A 900 27.62 -25.97 -21.86
C LEU A 900 28.25 -24.81 -22.61
N ASP A 901 27.44 -23.99 -23.28
CA ASP A 901 27.98 -22.81 -23.96
C ASP A 901 28.47 -21.79 -22.94
N MET A 902 27.91 -21.79 -21.74
CA MET A 902 28.38 -20.89 -20.68
C MET A 902 29.54 -21.47 -19.88
N TYR A 903 29.76 -22.78 -19.93
CA TYR A 903 30.91 -23.41 -19.31
C TYR A 903 31.92 -23.80 -20.39
N SER A 904 33.00 -24.46 -19.95
CA SER A 904 33.80 -25.29 -20.84
C SER A 904 33.38 -26.76 -20.78
N VAL A 905 32.48 -27.12 -19.86
CA VAL A 905 31.96 -28.47 -19.71
C VAL A 905 30.44 -28.40 -19.62
N MET A 906 29.83 -29.54 -19.34
CA MET A 906 28.38 -29.60 -19.14
C MET A 906 28.12 -30.39 -17.87
N LEU A 907 26.90 -30.24 -17.35
CA LEU A 907 26.47 -30.98 -16.17
C LEU A 907 26.53 -32.47 -16.44
N THR A 908 27.16 -33.23 -15.53
CA THR A 908 27.33 -34.67 -15.70
C THR A 908 26.29 -35.49 -14.98
N ASN A 909 25.92 -35.13 -13.75
CA ASN A 909 24.90 -35.83 -12.98
C ASN A 909 23.60 -35.07 -13.12
N ASP A 910 22.62 -35.68 -13.79
CA ASP A 910 21.36 -35.03 -14.08
C ASP A 910 20.21 -35.61 -13.27
N ASN A 911 19.98 -36.93 -13.37
CA ASN A 911 18.85 -37.63 -12.76
C ASN A 911 17.51 -37.01 -13.16
N THR A 912 17.50 -36.15 -14.17
CA THR A 912 16.30 -35.51 -14.69
C THR A 912 15.69 -36.28 -15.84
N SER A 913 16.22 -37.46 -16.16
CA SER A 913 15.74 -38.25 -17.28
C SER A 913 14.39 -38.90 -17.02
N ARG A 914 13.85 -38.73 -15.82
CA ARG A 914 12.52 -39.23 -15.51
C ARG A 914 11.41 -38.27 -15.88
N TYR A 915 11.75 -37.02 -16.20
CA TYR A 915 10.73 -36.04 -16.55
C TYR A 915 10.18 -36.28 -17.95
N TRP A 916 11.04 -36.68 -18.89
CA TRP A 916 10.54 -37.11 -20.21
C TRP A 916 10.37 -38.62 -20.28
N GLU A 917 9.67 -39.18 -19.30
CA GLU A 917 9.39 -40.61 -19.25
C GLU A 917 8.03 -40.81 -18.61
N PRO A 918 7.22 -41.75 -19.13
CA PRO A 918 5.87 -41.95 -18.56
C PRO A 918 5.87 -42.50 -17.15
N GLU A 919 6.99 -43.04 -16.66
CA GLU A 919 7.02 -43.70 -15.36
C GLU A 919 6.80 -42.72 -14.21
N PHE A 920 7.37 -41.52 -14.28
CA PHE A 920 7.22 -40.51 -13.24
C PHE A 920 5.78 -40.01 -13.11
N TYR A 921 5.05 -39.97 -14.23
CA TYR A 921 3.68 -39.47 -14.23
C TYR A 921 2.65 -40.56 -14.00
N GLU A 922 2.98 -41.81 -14.35
CA GLU A 922 2.08 -42.92 -14.03
C GLU A 922 1.99 -43.15 -12.53
N ALA A 923 3.10 -43.02 -11.82
CA ALA A 923 3.10 -43.14 -10.37
C ALA A 923 2.27 -42.07 -9.69
N MET A 924 1.98 -40.96 -10.38
CA MET A 924 1.15 -39.90 -9.82
C MET A 924 -0.33 -40.28 -9.79
N TYR A 925 -0.73 -41.33 -10.51
CA TYR A 925 -2.13 -41.74 -10.58
C TYR A 925 -2.32 -43.18 -10.13
N THR A 926 -1.34 -43.73 -9.43
CA THR A 926 -1.44 -45.07 -8.88
C THR A 926 -1.63 -45.00 -7.38
N PRO A 927 -2.49 -45.82 -6.79
CA PRO A 927 -2.83 -45.70 -5.35
C PRO A 927 -1.67 -46.08 -4.44
N HIS A 928 -0.59 -45.33 -4.53
CA HIS A 928 0.54 -45.46 -3.60
C HIS A 928 1.17 -44.07 -3.47
N THR A 929 0.77 -43.35 -2.42
CA THR A 929 1.22 -41.98 -2.22
C THR A 929 2.67 -41.94 -1.76
N PHE B 6 37.04 -24.96 19.72
CA PHE B 6 37.58 -24.93 18.36
C PHE B 6 39.08 -24.66 18.37
N SER B 7 39.46 -23.47 18.84
CA SER B 7 40.87 -23.09 18.90
C SER B 7 41.32 -22.63 20.27
N SER B 8 40.46 -22.63 21.28
CA SER B 8 40.85 -22.20 22.62
C SER B 8 40.32 -23.14 23.70
N LEU B 9 40.26 -24.44 23.43
CA LEU B 9 39.72 -25.38 24.40
C LEU B 9 40.85 -26.18 25.04
N PRO B 10 40.65 -26.65 26.29
CA PRO B 10 41.75 -27.36 26.97
C PRO B 10 42.15 -28.66 26.30
N SER B 11 41.27 -29.25 25.48
CA SER B 11 41.58 -30.51 24.81
C SER B 11 42.73 -30.37 23.81
N TYR B 12 43.03 -29.15 23.35
CA TYR B 12 44.12 -28.97 22.41
C TYR B 12 45.46 -29.35 23.02
N ALA B 13 45.71 -28.93 24.27
CA ALA B 13 46.96 -29.29 24.93
C ALA B 13 47.04 -30.79 25.18
N ALA B 14 45.91 -31.42 25.53
CA ALA B 14 45.90 -32.87 25.70
C ALA B 14 46.23 -33.58 24.39
N PHE B 15 45.67 -33.10 23.28
CA PHE B 15 45.99 -33.70 21.98
C PHE B 15 47.45 -33.50 21.63
N ALA B 16 48.01 -32.33 21.93
CA ALA B 16 49.43 -32.09 21.66
C ALA B 16 50.30 -33.04 22.48
N THR B 17 49.96 -33.23 23.76
CA THR B 17 50.70 -34.17 24.60
C THR B 17 50.57 -35.60 24.08
N ALA B 18 49.38 -35.98 23.63
CA ALA B 18 49.18 -37.31 23.07
C ALA B 18 50.03 -37.52 21.82
N GLN B 19 50.09 -36.49 20.95
CA GLN B 19 50.93 -36.60 19.76
C GLN B 19 52.41 -36.67 20.12
N GLU B 20 52.85 -35.90 21.12
CA GLU B 20 54.24 -35.99 21.55
C GLU B 20 54.57 -37.38 22.08
N ALA B 21 53.66 -37.95 22.88
CA ALA B 21 53.87 -39.30 23.40
C ALA B 21 53.87 -40.32 22.26
N TYR B 22 53.02 -40.13 21.26
CA TYR B 22 53.00 -41.03 20.11
C TYR B 22 54.31 -40.97 19.35
N GLU B 23 54.86 -39.76 19.16
CA GLU B 23 56.15 -39.63 18.49
C GLU B 23 57.25 -40.28 19.31
N GLN B 24 57.22 -40.11 20.64
CA GLN B 24 58.23 -40.73 21.48
C GLN B 24 58.16 -42.25 21.40
N ALA B 25 56.93 -42.80 21.42
CA ALA B 25 56.78 -44.25 21.32
C ALA B 25 57.20 -44.78 19.96
N VAL B 26 56.90 -44.04 18.89
CA VAL B 26 57.28 -44.47 17.55
C VAL B 26 58.80 -44.47 17.41
N ALA B 27 59.46 -43.41 17.91
CA ALA B 27 60.92 -43.36 17.82
C ALA B 27 61.59 -44.40 18.69
N ASN B 28 61.14 -44.54 19.95
CA ASN B 28 61.77 -45.49 20.86
C ASN B 28 61.34 -46.94 20.57
N GLY B 29 60.11 -47.14 20.14
CA GLY B 29 59.58 -48.49 19.97
C GLY B 29 59.16 -49.09 21.30
N ASP B 30 58.16 -48.48 21.93
CA ASP B 30 57.72 -48.89 23.25
C ASP B 30 56.88 -50.17 23.16
N SER B 31 56.41 -50.65 24.31
CA SER B 31 55.65 -51.89 24.36
C SER B 31 54.20 -51.65 23.94
N GLU B 32 53.45 -52.75 23.81
CA GLU B 32 52.06 -52.66 23.39
C GLU B 32 51.19 -52.04 24.49
N VAL B 33 51.52 -52.29 25.76
CA VAL B 33 50.73 -51.72 26.86
C VAL B 33 50.85 -50.20 26.87
N VAL B 34 52.06 -49.67 26.68
CA VAL B 34 52.25 -48.23 26.64
C VAL B 34 51.50 -47.62 25.46
N LEU B 35 51.53 -48.29 24.30
CA LEU B 35 50.79 -47.80 23.15
C LEU B 35 49.29 -47.80 23.41
N LYS B 36 48.79 -48.84 24.06
CA LYS B 36 47.37 -48.91 24.38
C LYS B 36 46.97 -47.81 25.36
N LYS B 37 47.81 -47.55 26.37
CA LYS B 37 47.53 -46.47 27.31
C LYS B 37 47.55 -45.12 26.61
N LEU B 38 48.51 -44.91 25.70
CA LEU B 38 48.56 -43.69 24.92
C LEU B 38 47.30 -43.52 24.06
N LYS B 39 46.86 -44.59 23.40
CA LYS B 39 45.64 -44.53 22.62
C LYS B 39 44.41 -44.25 23.46
N LYS B 40 44.31 -44.85 24.65
CA LYS B 40 43.23 -44.59 25.58
C LYS B 40 43.20 -43.16 26.07
N SER B 41 44.36 -42.50 26.07
CA SER B 41 44.36 -41.06 26.38
C SER B 41 43.88 -40.22 25.18
N LEU B 42 44.53 -40.33 24.02
CA LEU B 42 44.14 -39.54 22.85
C LEU B 42 42.76 -39.90 22.44
N ASN B 43 42.40 -41.16 22.50
CA ASN B 43 41.08 -41.49 22.01
C ASN B 43 39.98 -41.02 22.90
N VAL B 44 40.23 -40.87 24.19
CA VAL B 44 39.15 -40.34 24.99
C VAL B 44 39.32 -38.85 25.19
N ALA B 45 40.35 -38.28 24.60
CA ALA B 45 40.47 -36.84 24.62
C ALA B 45 39.67 -36.50 23.40
N LYS B 46 39.60 -37.43 22.48
CA LYS B 46 38.78 -37.22 21.32
C LYS B 46 37.37 -37.34 21.81
N SER B 47 37.11 -38.16 22.82
CA SER B 47 35.77 -38.17 23.36
C SER B 47 35.38 -36.82 23.95
N GLU B 48 36.28 -36.18 24.69
CA GLU B 48 35.99 -34.86 25.25
C GLU B 48 35.80 -33.84 24.15
N PHE B 49 36.65 -33.86 23.12
CA PHE B 49 36.52 -32.91 22.03
C PHE B 49 35.33 -33.21 21.13
N ASP B 50 34.87 -34.46 21.06
CA ASP B 50 33.66 -34.79 20.33
C ASP B 50 32.48 -34.05 20.94
N ARG B 51 32.41 -34.04 22.26
CA ARG B 51 31.40 -33.26 22.97
C ARG B 51 31.58 -31.77 22.80
N ASP B 52 32.82 -31.28 22.79
CA ASP B 52 33.05 -29.84 22.60
C ASP B 52 32.73 -29.42 21.17
N ALA B 53 32.71 -30.38 20.24
CA ALA B 53 32.33 -30.12 18.85
C ALA B 53 30.91 -30.57 18.54
N ALA B 54 30.17 -31.04 19.54
CA ALA B 54 28.78 -31.43 19.35
C ALA B 54 27.78 -30.66 20.19
N MET B 55 28.08 -30.38 21.46
CA MET B 55 27.27 -29.53 22.31
C MET B 55 27.57 -28.05 22.11
N GLN B 56 28.86 -27.69 22.05
CA GLN B 56 29.21 -26.30 21.77
C GLN B 56 28.84 -25.89 20.34
N ARG B 57 29.05 -26.78 19.37
CA ARG B 57 28.63 -26.47 18.00
C ARG B 57 27.12 -26.37 17.88
N LYS B 58 26.37 -27.19 18.61
CA LYS B 58 24.92 -27.08 18.69
C LYS B 58 24.48 -25.79 19.38
N LEU B 59 25.18 -25.38 20.43
CA LEU B 59 24.87 -24.12 21.10
C LEU B 59 25.12 -22.93 20.18
N GLU B 60 26.19 -23.00 19.38
CA GLU B 60 26.45 -21.93 18.42
C GLU B 60 25.34 -21.86 17.37
N LYS B 61 24.89 -23.00 16.87
CA LYS B 61 23.78 -23.00 15.91
C LYS B 61 22.49 -22.49 16.55
N MET B 62 22.23 -22.88 17.79
CA MET B 62 21.05 -22.40 18.50
C MET B 62 21.12 -20.90 18.73
N ALA B 63 22.31 -20.38 19.05
CA ALA B 63 22.48 -18.94 19.22
C ALA B 63 22.27 -18.21 17.91
N ASP B 64 22.78 -18.76 16.81
CA ASP B 64 22.54 -18.14 15.50
C ASP B 64 21.06 -18.14 15.15
N GLN B 65 20.37 -19.25 15.42
CA GLN B 65 18.94 -19.32 15.17
C GLN B 65 18.18 -18.33 16.03
N ALA B 66 18.54 -18.20 17.30
CA ALA B 66 17.89 -17.25 18.19
C ALA B 66 18.15 -15.81 17.74
N MET B 67 19.37 -15.52 17.29
CA MET B 67 19.68 -14.18 16.79
C MET B 67 18.88 -13.89 15.52
N THR B 68 18.75 -14.88 14.65
CA THR B 68 17.93 -14.72 13.45
C THR B 68 16.46 -14.47 13.80
N GLN B 69 15.93 -15.22 14.77
CA GLN B 69 14.56 -15.00 15.21
C GLN B 69 14.39 -13.62 15.82
N MET B 70 15.39 -13.17 16.59
CA MET B 70 15.34 -11.84 17.18
C MET B 70 15.39 -10.75 16.11
N TYR B 71 16.21 -10.94 15.08
CA TYR B 71 16.23 -10.00 13.97
C TYR B 71 14.89 -9.96 13.25
N LYS B 72 14.29 -11.14 13.03
CA LYS B 72 12.98 -11.18 12.37
C LYS B 72 11.92 -10.51 13.23
N GLN B 73 11.97 -10.71 14.54
CA GLN B 73 11.00 -10.07 15.43
C GLN B 73 11.18 -8.57 15.47
N ALA B 74 12.43 -8.10 15.47
CA ALA B 74 12.69 -6.67 15.43
C ALA B 74 12.21 -6.05 14.13
N ARG B 75 12.44 -6.74 13.01
CA ARG B 75 11.93 -6.25 11.73
C ARG B 75 10.41 -6.25 11.70
N SER B 76 9.79 -7.26 12.31
CA SER B 76 8.33 -7.30 12.39
C SER B 76 7.81 -6.15 13.22
N GLU B 77 8.48 -5.81 14.32
CA GLU B 77 8.05 -4.68 15.14
C GLU B 77 8.25 -3.35 14.41
N ASP B 78 9.34 -3.23 13.65
CA ASP B 78 9.53 -2.04 12.83
C ASP B 78 8.44 -1.92 11.78
N LYS B 79 8.09 -3.03 11.13
CA LYS B 79 6.99 -3.03 10.17
C LYS B 79 5.66 -2.68 10.84
N ARG B 80 5.45 -3.17 12.06
CA ARG B 80 4.25 -2.84 12.80
C ARG B 80 4.18 -1.35 13.08
N ALA B 81 5.30 -0.75 13.49
CA ALA B 81 5.34 0.69 13.75
C ALA B 81 5.08 1.48 12.47
N LYS B 82 5.70 1.06 11.36
CA LYS B 82 5.49 1.77 10.10
C LYS B 82 4.04 1.67 9.63
N VAL B 83 3.45 0.47 9.74
CA VAL B 83 2.07 0.28 9.32
C VAL B 83 1.12 1.04 10.24
N THR B 84 1.41 1.07 11.54
CA THR B 84 0.60 1.83 12.47
C THR B 84 0.63 3.32 12.13
N SER B 85 1.83 3.85 11.88
CA SER B 85 1.95 5.26 11.51
C SER B 85 1.22 5.54 10.20
N ALA B 86 1.36 4.65 9.22
CA ALA B 86 0.71 4.86 7.93
C ALA B 86 -0.81 4.85 8.05
N MET B 87 -1.36 3.88 8.79
CA MET B 87 -2.80 3.81 8.99
C MET B 87 -3.31 5.00 9.77
N GLN B 88 -2.58 5.41 10.82
CA GLN B 88 -3.00 6.56 11.62
C GLN B 88 -2.99 7.83 10.77
N THR B 89 -1.96 8.01 9.94
CA THR B 89 -1.89 9.18 9.08
C THR B 89 -2.99 9.15 8.02
N MET B 90 -3.30 7.96 7.50
CA MET B 90 -4.39 7.84 6.53
C MET B 90 -5.71 8.24 7.16
N LEU B 91 -5.99 7.73 8.36
CA LEU B 91 -7.23 8.09 9.04
C LEU B 91 -7.29 9.59 9.34
N PHE B 92 -6.17 10.15 9.80
CA PHE B 92 -6.15 11.56 10.16
C PHE B 92 -6.22 12.49 8.95
N THR B 93 -5.69 12.07 7.79
CA THR B 93 -5.77 12.90 6.59
C THR B 93 -7.06 12.69 5.82
N MET B 94 -7.79 11.61 6.07
CA MET B 94 -9.12 11.47 5.49
C MET B 94 -10.20 12.06 6.39
N LEU B 95 -9.95 12.16 7.70
CA LEU B 95 -10.92 12.81 8.57
C LEU B 95 -10.98 14.31 8.31
N ARG B 96 -9.85 14.91 7.94
CA ARG B 96 -9.80 16.35 7.72
C ARG B 96 -10.56 16.79 6.48
N LYS B 97 -10.91 15.88 5.58
CA LYS B 97 -11.69 16.20 4.40
C LYS B 97 -13.18 15.95 4.59
N LEU B 98 -13.60 15.65 5.82
CA LEU B 98 -14.99 15.29 6.10
C LEU B 98 -15.96 16.46 6.02
N ASP B 99 -15.46 17.70 6.05
CA ASP B 99 -16.32 18.88 6.11
C ASP B 99 -17.34 18.72 7.24
N ASN B 100 -16.85 18.70 8.48
CA ASN B 100 -17.63 18.30 9.64
C ASN B 100 -18.83 19.20 9.93
N ASP B 101 -19.05 20.23 9.10
CA ASP B 101 -20.20 21.10 9.29
C ASP B 101 -21.51 20.38 8.96
N ALA B 102 -21.67 19.98 7.70
CA ALA B 102 -22.84 19.20 7.32
C ALA B 102 -22.82 17.82 7.97
N LEU B 103 -21.62 17.28 8.23
CA LEU B 103 -21.51 16.01 8.92
C LEU B 103 -22.10 16.09 10.32
N ASN B 104 -21.77 17.15 11.06
CA ASN B 104 -22.39 17.35 12.36
C ASN B 104 -23.87 17.71 12.23
N ASN B 105 -24.23 18.39 11.15
CA ASN B 105 -25.63 18.75 10.94
C ASN B 105 -26.50 17.50 10.82
N ILE B 106 -26.02 16.48 10.11
CA ILE B 106 -26.77 15.24 9.98
C ILE B 106 -26.57 14.30 11.17
N ILE B 107 -25.39 14.30 11.80
CA ILE B 107 -25.17 13.46 12.97
C ILE B 107 -25.99 13.93 14.15
N ASN B 108 -25.96 15.24 14.44
CA ASN B 108 -26.74 15.77 15.54
C ASN B 108 -28.24 15.70 15.28
N ASN B 109 -28.65 15.60 14.01
CA ASN B 109 -30.06 15.46 13.68
C ASN B 109 -30.54 14.02 13.82
N ALA B 110 -29.65 13.07 14.08
CA ALA B 110 -30.03 11.69 14.25
C ALA B 110 -30.73 11.48 15.59
N ARG B 111 -31.38 10.32 15.72
CA ARG B 111 -32.11 10.00 16.94
C ARG B 111 -31.14 9.85 18.12
N ASP B 112 -30.00 9.21 17.91
CA ASP B 112 -28.99 9.01 18.93
C ASP B 112 -27.60 9.26 18.36
N GLY B 113 -27.50 10.12 17.37
CA GLY B 113 -26.22 10.41 16.75
C GLY B 113 -25.72 9.33 15.83
N CYS B 114 -26.56 8.35 15.50
CA CYS B 114 -26.17 7.23 14.64
C CYS B 114 -26.95 7.33 13.34
N VAL B 115 -26.23 7.23 12.22
CA VAL B 115 -26.83 7.29 10.89
C VAL B 115 -26.29 6.15 10.03
N PRO B 116 -27.02 5.69 9.03
CA PRO B 116 -26.45 4.71 8.10
C PRO B 116 -25.33 5.34 7.28
N LEU B 117 -24.39 4.49 6.85
CA LEU B 117 -23.24 4.99 6.12
C LEU B 117 -23.60 5.44 4.71
N ASN B 118 -24.62 4.82 4.10
CA ASN B 118 -24.96 5.10 2.72
C ASN B 118 -25.46 6.52 2.49
N ILE B 119 -25.80 7.26 3.55
CA ILE B 119 -26.34 8.61 3.41
C ILE B 119 -25.29 9.68 3.64
N ILE B 120 -24.17 9.37 4.29
CA ILE B 120 -23.14 10.39 4.55
C ILE B 120 -22.60 10.98 3.26
N PRO B 121 -22.16 10.20 2.26
CA PRO B 121 -21.82 10.80 0.98
C PRO B 121 -23.02 11.36 0.25
N LEU B 122 -24.21 10.83 0.50
CA LEU B 122 -25.42 11.31 -0.17
C LEU B 122 -25.94 12.62 0.39
N THR B 123 -25.40 13.09 1.52
CA THR B 123 -25.90 14.30 2.15
C THR B 123 -24.82 15.33 2.42
N THR B 124 -23.61 14.88 2.77
CA THR B 124 -22.56 15.77 3.26
C THR B 124 -21.30 15.72 2.40
N ALA B 125 -21.39 15.26 1.16
CA ALA B 125 -20.25 15.22 0.26
C ALA B 125 -20.24 16.48 -0.61
N ALA B 126 -19.13 17.20 -0.60
CA ALA B 126 -19.01 18.44 -1.34
C ALA B 126 -18.71 18.22 -2.82
N LYS B 127 -18.45 16.98 -3.23
CA LYS B 127 -18.14 16.69 -4.63
C LYS B 127 -18.86 15.42 -5.05
N LEU B 128 -19.52 15.48 -6.19
CA LEU B 128 -20.23 14.35 -6.76
C LEU B 128 -19.57 13.92 -8.07
N MET B 129 -19.30 12.62 -8.18
CA MET B 129 -18.72 12.05 -9.40
C MET B 129 -19.77 11.14 -10.02
N VAL B 130 -20.10 11.40 -11.29
CA VAL B 130 -21.09 10.63 -12.02
C VAL B 130 -20.41 9.94 -13.17
N VAL B 131 -20.54 8.62 -13.24
CA VAL B 131 -19.97 7.81 -14.31
C VAL B 131 -21.12 7.40 -15.22
N ILE B 132 -21.02 7.78 -16.50
CA ILE B 132 -22.11 7.67 -17.45
C ILE B 132 -21.64 6.82 -18.62
N PRO B 133 -22.35 5.74 -18.97
CA PRO B 133 -21.88 4.84 -20.02
C PRO B 133 -22.22 5.29 -21.44
N ASP B 134 -23.21 6.16 -21.59
CA ASP B 134 -23.63 6.58 -22.92
C ASP B 134 -24.32 7.94 -22.84
N TYR B 135 -24.49 8.57 -24.01
CA TYR B 135 -25.11 9.88 -24.05
C TYR B 135 -26.58 9.82 -23.64
N ASN B 136 -27.25 8.71 -23.91
CA ASN B 136 -28.65 8.57 -23.54
C ASN B 136 -28.84 8.70 -22.04
N THR B 137 -27.90 8.17 -21.25
CA THR B 137 -27.94 8.35 -19.80
C THR B 137 -27.36 9.70 -19.38
N TYR B 138 -26.49 10.30 -20.21
CA TYR B 138 -25.95 11.62 -19.88
C TYR B 138 -27.02 12.69 -19.94
N LYS B 139 -27.81 12.71 -21.02
CA LYS B 139 -28.84 13.73 -21.18
C LYS B 139 -29.90 13.64 -20.09
N ASN B 140 -30.15 12.42 -19.58
CA ASN B 140 -31.12 12.27 -18.51
C ASN B 140 -30.56 12.75 -17.17
N THR B 141 -29.30 12.44 -16.88
CA THR B 141 -28.76 12.73 -15.55
C THR B 141 -28.02 14.06 -15.49
N CYS B 142 -26.94 14.19 -16.27
CA CYS B 142 -26.09 15.37 -16.22
C CYS B 142 -26.36 16.27 -17.43
N ASP B 143 -27.57 16.83 -17.46
CA ASP B 143 -27.94 17.76 -18.53
C ASP B 143 -27.55 19.18 -18.14
N GLY B 144 -26.85 19.87 -19.05
CA GLY B 144 -26.44 21.22 -18.80
C GLY B 144 -25.23 21.31 -17.89
N THR B 145 -24.96 22.55 -17.46
CA THR B 145 -23.85 22.83 -16.55
C THR B 145 -24.22 22.62 -15.08
N THR B 146 -25.48 22.31 -14.80
CA THR B 146 -25.92 22.05 -13.44
C THR B 146 -27.10 21.08 -13.48
N PHE B 147 -27.16 20.19 -12.49
CA PHE B 147 -28.18 19.15 -12.46
C PHE B 147 -28.52 18.84 -11.01
N THR B 148 -29.68 18.19 -10.83
CA THR B 148 -30.19 17.85 -9.50
C THR B 148 -30.10 16.35 -9.29
N TYR B 149 -29.55 15.94 -8.15
CA TYR B 149 -29.44 14.53 -7.79
C TYR B 149 -29.34 14.41 -6.27
N ALA B 150 -29.93 13.33 -5.74
CA ALA B 150 -29.88 13.03 -4.31
C ALA B 150 -30.45 14.18 -3.48
N SER B 151 -31.57 14.74 -3.94
CA SER B 151 -32.26 15.84 -3.26
C SER B 151 -31.32 17.03 -3.03
N ALA B 152 -30.48 17.31 -4.03
CA ALA B 152 -29.55 18.42 -3.97
C ALA B 152 -29.26 18.90 -5.39
N LEU B 153 -28.67 20.09 -5.48
CA LEU B 153 -28.35 20.71 -6.76
C LEU B 153 -26.84 20.62 -6.95
N TRP B 154 -26.41 20.04 -8.08
CA TRP B 154 -25.00 19.88 -8.38
C TRP B 154 -24.65 20.66 -9.64
N GLU B 155 -23.53 21.38 -9.58
CA GLU B 155 -23.03 22.13 -10.72
C GLU B 155 -21.72 21.53 -11.20
N ILE B 156 -21.65 21.21 -12.49
CA ILE B 156 -20.50 20.52 -13.04
C ILE B 156 -19.30 21.45 -13.06
N GLN B 157 -18.15 20.93 -12.59
CA GLN B 157 -16.89 21.67 -12.68
C GLN B 157 -15.89 21.03 -13.63
N GLN B 158 -16.04 19.75 -13.96
CA GLN B 158 -15.10 19.07 -14.84
C GLN B 158 -15.74 17.78 -15.34
N VAL B 159 -15.56 17.50 -16.63
CA VAL B 159 -16.00 16.25 -17.24
C VAL B 159 -14.81 15.62 -17.93
N VAL B 160 -14.56 14.34 -17.66
CA VAL B 160 -13.47 13.59 -18.24
C VAL B 160 -13.99 12.27 -18.79
N ASP B 161 -13.20 11.67 -19.67
CA ASP B 161 -13.51 10.36 -20.25
C ASP B 161 -12.66 9.29 -19.57
N ALA B 162 -12.76 8.07 -20.07
CA ALA B 162 -11.98 6.97 -19.51
C ALA B 162 -10.48 7.19 -19.71
N ASP B 163 -10.11 8.02 -20.68
CA ASP B 163 -8.73 8.40 -20.90
C ASP B 163 -8.27 9.52 -19.96
N SER B 164 -9.16 9.99 -19.07
CA SER B 164 -8.89 11.09 -18.15
C SER B 164 -8.47 12.34 -18.91
N LYS B 165 -9.22 12.65 -19.95
CA LYS B 165 -9.02 13.84 -20.76
C LYS B 165 -10.23 14.76 -20.58
N ILE B 166 -9.95 16.03 -20.28
CA ILE B 166 -11.03 16.98 -20.03
C ILE B 166 -11.84 17.18 -21.30
N VAL B 167 -13.14 16.86 -21.22
CA VAL B 167 -14.05 17.00 -22.34
C VAL B 167 -15.11 18.03 -21.99
N GLN B 168 -15.29 19.02 -22.87
CA GLN B 168 -16.20 20.12 -22.61
C GLN B 168 -17.65 19.68 -22.78
N LEU B 169 -18.56 20.45 -22.17
CA LEU B 169 -19.98 20.14 -22.25
C LEU B 169 -20.52 20.21 -23.66
N SER B 170 -19.92 21.05 -24.52
CA SER B 170 -20.36 21.16 -25.91
C SER B 170 -20.06 19.91 -26.71
N GLU B 171 -19.13 19.08 -26.25
CA GLU B 171 -18.75 17.86 -26.94
C GLU B 171 -19.70 16.70 -26.68
N ILE B 172 -20.60 16.83 -25.70
CA ILE B 172 -21.53 15.74 -25.38
C ILE B 172 -22.76 15.97 -26.24
N SER B 173 -22.73 15.42 -27.45
CA SER B 173 -23.80 15.56 -28.42
C SER B 173 -24.18 14.19 -28.98
N MET B 174 -25.36 14.12 -29.60
CA MET B 174 -25.80 12.88 -30.22
C MET B 174 -24.86 12.46 -31.35
N ASP B 175 -24.45 13.42 -32.18
CA ASP B 175 -23.55 13.12 -33.28
C ASP B 175 -22.09 13.03 -32.85
N ASN B 176 -21.71 13.70 -31.77
CA ASN B 176 -20.34 13.67 -31.28
C ASN B 176 -20.10 12.60 -30.23
N SER B 177 -21.12 11.82 -29.89
CA SER B 177 -20.94 10.76 -28.90
C SER B 177 -19.93 9.70 -29.33
N PRO B 178 -19.96 9.15 -30.56
CA PRO B 178 -18.98 8.12 -30.90
C PRO B 178 -17.55 8.62 -31.00
N ASN B 179 -17.31 9.93 -30.84
CA ASN B 179 -15.97 10.50 -30.89
C ASN B 179 -15.38 10.69 -29.49
N LEU B 180 -16.06 10.19 -28.46
CA LEU B 180 -15.61 10.29 -27.08
C LEU B 180 -15.53 8.92 -26.47
N ALA B 181 -14.46 8.67 -25.69
CA ALA B 181 -14.45 7.50 -24.83
C ALA B 181 -15.60 7.63 -23.84
N TRP B 182 -16.38 6.58 -23.76
CA TRP B 182 -17.59 6.71 -23.03
C TRP B 182 -17.92 6.44 -21.66
N PRO B 183 -16.99 6.00 -20.88
CA PRO B 183 -17.50 6.03 -19.54
C PRO B 183 -17.14 7.48 -19.30
N LEU B 184 -18.09 8.41 -19.34
CA LEU B 184 -17.77 9.78 -19.01
C LEU B 184 -17.93 10.02 -17.58
N ILE B 185 -16.95 10.62 -16.97
CA ILE B 185 -16.91 10.87 -15.54
C ILE B 185 -17.07 12.37 -15.34
N VAL B 186 -18.27 12.79 -14.99
CA VAL B 186 -18.55 14.19 -14.70
C VAL B 186 -18.44 14.41 -13.19
N THR B 187 -17.65 15.41 -12.81
CA THR B 187 -17.47 15.78 -11.42
C THR B 187 -18.18 17.10 -11.16
N ALA B 188 -19.00 17.12 -10.11
CA ALA B 188 -19.82 18.28 -9.80
C ALA B 188 -19.61 18.70 -8.35
N LEU B 189 -19.95 19.96 -8.07
CA LEU B 189 -19.86 20.53 -6.73
C LEU B 189 -21.26 20.85 -6.23
N ARG B 190 -21.41 20.79 -4.91
CA ARG B 190 -22.69 21.05 -4.29
C ARG B 190 -23.06 22.52 -4.41
N ALA B 191 -24.31 22.78 -4.77
CA ALA B 191 -24.82 24.13 -4.92
C ALA B 191 -25.58 24.55 -3.67
N ASN B 192 -25.75 25.86 -3.54
CA ASN B 192 -26.40 26.45 -2.37
C ASN B 192 -26.80 27.89 -2.63
N LYS C 2 -3.77 -23.37 -39.23
CA LYS C 2 -4.03 -22.04 -39.76
C LYS C 2 -4.86 -21.21 -38.81
N MET C 3 -5.98 -21.79 -38.35
CA MET C 3 -6.85 -21.09 -37.40
C MET C 3 -6.12 -20.85 -36.08
N SER C 4 -5.44 -21.88 -35.58
CA SER C 4 -4.62 -21.68 -34.38
C SER C 4 -3.51 -20.67 -34.64
N ASP C 5 -2.94 -20.70 -35.85
CA ASP C 5 -1.91 -19.73 -36.20
C ASP C 5 -2.44 -18.31 -36.13
N VAL C 6 -3.62 -18.07 -36.72
CA VAL C 6 -4.15 -16.70 -36.71
C VAL C 6 -4.57 -16.28 -35.31
N LYS C 7 -5.08 -17.21 -34.49
CA LYS C 7 -5.41 -16.85 -33.12
C LYS C 7 -4.16 -16.47 -32.32
N CYS C 8 -3.07 -17.22 -32.51
CA CYS C 8 -1.83 -16.89 -31.80
C CYS C 8 -1.24 -15.57 -32.29
N THR C 9 -1.36 -15.30 -33.60
CA THR C 9 -0.93 -14.01 -34.12
C THR C 9 -1.76 -12.87 -33.54
N SER C 10 -3.07 -13.10 -33.36
CA SER C 10 -3.90 -12.11 -32.69
C SER C 10 -3.43 -11.87 -31.26
N VAL C 11 -3.07 -12.96 -30.57
CA VAL C 11 -2.58 -12.83 -29.20
C VAL C 11 -1.32 -11.97 -29.15
N VAL C 12 -0.34 -12.30 -30.01
CA VAL C 12 0.91 -11.54 -29.99
C VAL C 12 0.70 -10.10 -30.45
N LEU C 13 -0.22 -9.88 -31.40
CA LEU C 13 -0.52 -8.53 -31.86
C LEU C 13 -1.14 -7.69 -30.76
N LEU C 14 -2.08 -8.26 -30.00
CA LEU C 14 -2.62 -7.51 -28.88
C LEU C 14 -1.57 -7.31 -27.80
N SER C 15 -0.63 -8.25 -27.64
CA SER C 15 0.45 -8.04 -26.69
C SER C 15 1.30 -6.83 -27.09
N VAL C 16 1.68 -6.73 -28.36
CA VAL C 16 2.49 -5.60 -28.79
C VAL C 16 1.69 -4.30 -28.73
N LEU C 17 0.37 -4.36 -28.98
CA LEU C 17 -0.46 -3.17 -28.85
C LEU C 17 -0.52 -2.70 -27.40
N GLN C 18 -0.68 -3.63 -26.46
CA GLN C 18 -0.67 -3.27 -25.05
C GLN C 18 0.68 -2.69 -24.65
N GLN C 19 1.77 -3.25 -25.19
CA GLN C 19 3.09 -2.69 -24.92
C GLN C 19 3.28 -1.31 -25.52
N LEU C 20 2.45 -0.91 -26.48
CA LEU C 20 2.53 0.40 -27.12
C LEU C 20 1.56 1.41 -26.52
N ARG C 21 1.07 1.16 -25.30
CA ARG C 21 0.17 2.08 -24.61
C ARG C 21 -1.11 2.35 -25.41
N VAL C 22 -1.59 1.33 -26.13
CA VAL C 22 -2.88 1.44 -26.79
C VAL C 22 -3.99 1.54 -25.75
N GLU C 23 -3.80 0.94 -24.57
CA GLU C 23 -4.80 1.02 -23.52
C GLU C 23 -4.97 2.44 -22.99
N SER C 24 -4.04 3.36 -23.31
CA SER C 24 -4.23 4.76 -22.99
C SER C 24 -5.40 5.38 -23.74
N SER C 25 -5.82 4.78 -24.85
CA SER C 25 -6.99 5.22 -25.60
C SER C 25 -8.11 4.21 -25.32
N SER C 26 -9.13 4.64 -24.58
CA SER C 26 -10.18 3.73 -24.14
C SER C 26 -10.93 3.12 -25.33
N LYS C 27 -11.29 3.96 -26.31
CA LYS C 27 -12.00 3.45 -27.47
C LYS C 27 -11.12 2.50 -28.28
N LEU C 28 -9.88 2.89 -28.54
CA LEU C 28 -8.98 2.05 -29.33
C LEU C 28 -8.70 0.74 -28.61
N TRP C 29 -8.45 0.79 -27.30
CA TRP C 29 -8.18 -0.43 -26.56
C TRP C 29 -9.41 -1.33 -26.48
N ALA C 30 -10.60 -0.73 -26.33
CA ALA C 30 -11.81 -1.54 -26.32
C ALA C 30 -12.03 -2.24 -27.66
N GLN C 31 -11.81 -1.52 -28.76
CA GLN C 31 -11.94 -2.13 -30.08
C GLN C 31 -10.90 -3.24 -30.28
N CYS C 32 -9.67 -3.01 -29.84
CA CYS C 32 -8.63 -4.03 -29.96
C CYS C 32 -8.97 -5.26 -29.13
N VAL C 33 -9.48 -5.06 -27.92
CA VAL C 33 -9.87 -6.17 -27.06
C VAL C 33 -11.01 -6.95 -27.70
N GLN C 34 -12.00 -6.25 -28.25
CA GLN C 34 -13.11 -6.93 -28.91
C GLN C 34 -12.61 -7.77 -30.10
N LEU C 35 -11.74 -7.18 -30.92
CA LEU C 35 -11.22 -7.92 -32.07
C LEU C 35 -10.42 -9.14 -31.64
N HIS C 36 -9.56 -8.97 -30.63
CA HIS C 36 -8.72 -10.07 -30.15
C HIS C 36 -9.57 -11.19 -29.57
N ASN C 37 -10.59 -10.85 -28.78
CA ASN C 37 -11.44 -11.87 -28.18
C ASN C 37 -12.31 -12.55 -29.23
N ASP C 38 -12.73 -11.82 -30.27
CA ASP C 38 -13.53 -12.43 -31.31
C ASP C 38 -12.71 -13.34 -32.22
N ILE C 39 -11.44 -13.01 -32.43
CA ILE C 39 -10.56 -13.90 -33.19
C ILE C 39 -10.39 -15.23 -32.47
N LEU C 40 -10.17 -15.17 -31.15
CA LEU C 40 -10.02 -16.39 -30.37
C LEU C 40 -11.32 -17.19 -30.27
N LEU C 41 -12.47 -16.52 -30.35
CA LEU C 41 -13.76 -17.21 -30.33
C LEU C 41 -14.26 -17.55 -31.72
N ALA C 42 -13.58 -17.10 -32.77
CA ALA C 42 -14.02 -17.38 -34.12
C ALA C 42 -13.86 -18.86 -34.44
N LYS C 43 -14.70 -19.35 -35.35
CA LYS C 43 -14.66 -20.73 -35.79
C LYS C 43 -14.17 -20.91 -37.23
N ASP C 44 -14.20 -19.87 -38.05
CA ASP C 44 -13.75 -19.94 -39.43
C ASP C 44 -12.59 -18.99 -39.66
N THR C 45 -11.71 -19.37 -40.59
CA THR C 45 -10.50 -18.61 -40.87
C THR C 45 -10.73 -17.46 -41.86
N THR C 46 -11.99 -17.04 -42.03
CA THR C 46 -12.28 -15.91 -42.90
C THR C 46 -12.68 -14.71 -42.04
N GLU C 47 -13.66 -14.91 -41.16
CA GLU C 47 -14.00 -13.89 -40.18
C GLU C 47 -12.82 -13.58 -39.26
N ALA C 48 -12.12 -14.63 -38.82
CA ALA C 48 -10.94 -14.43 -37.97
C ALA C 48 -9.86 -13.64 -38.70
N PHE C 49 -9.64 -13.94 -39.98
CA PHE C 49 -8.61 -13.22 -40.72
C PHE C 49 -9.02 -11.78 -41.00
N GLU C 50 -10.30 -11.53 -41.25
CA GLU C 50 -10.77 -10.15 -41.40
C GLU C 50 -10.58 -9.36 -40.12
N LYS C 51 -10.93 -9.95 -38.97
CA LYS C 51 -10.71 -9.29 -37.70
C LYS C 51 -9.22 -9.12 -37.41
N MET C 52 -8.39 -10.05 -37.88
CA MET C 52 -6.95 -9.91 -37.73
C MET C 52 -6.41 -8.73 -38.53
N VAL C 53 -6.92 -8.56 -39.76
CA VAL C 53 -6.54 -7.39 -40.55
C VAL C 53 -6.99 -6.11 -39.86
N SER C 54 -8.22 -6.10 -39.33
CA SER C 54 -8.72 -4.94 -38.62
C SER C 54 -7.86 -4.61 -37.40
N LEU C 55 -7.43 -5.64 -36.66
CA LEU C 55 -6.59 -5.43 -35.49
C LEU C 55 -5.20 -4.95 -35.87
N LEU C 56 -4.63 -5.52 -36.93
CA LEU C 56 -3.30 -5.11 -37.37
C LEU C 56 -3.31 -3.68 -37.90
N SER C 57 -4.44 -3.23 -38.44
CA SER C 57 -4.55 -1.84 -38.86
C SER C 57 -4.30 -0.88 -37.70
N VAL C 58 -4.62 -1.29 -36.47
CA VAL C 58 -4.33 -0.46 -35.31
C VAL C 58 -2.83 -0.28 -35.13
N LEU C 59 -2.07 -1.38 -35.24
CA LEU C 59 -0.62 -1.29 -35.14
C LEU C 59 -0.04 -0.46 -36.28
N LEU C 60 -0.54 -0.67 -37.51
CA LEU C 60 -0.06 0.09 -38.64
C LEU C 60 -0.49 1.54 -38.60
N SER C 61 -1.52 1.88 -37.81
CA SER C 61 -2.00 3.25 -37.72
C SER C 61 -1.12 4.14 -36.85
N MET C 62 -0.21 3.57 -36.07
CA MET C 62 0.63 4.35 -35.17
C MET C 62 2.05 4.46 -35.71
N GLN C 63 2.75 5.48 -35.21
CA GLN C 63 4.14 5.75 -35.60
C GLN C 63 5.12 5.24 -34.54
N GLY C 64 4.63 4.49 -33.57
CA GLY C 64 5.46 4.01 -32.49
C GLY C 64 6.26 2.77 -32.83
N ALA C 65 5.86 2.07 -33.89
CA ALA C 65 6.54 0.86 -34.34
C ALA C 65 7.13 1.08 -35.72
N VAL C 66 8.40 0.75 -35.88
CA VAL C 66 9.06 0.87 -37.18
C VAL C 66 8.77 -0.38 -37.99
N ASP C 67 8.00 -0.23 -39.06
CA ASP C 67 7.57 -1.36 -39.87
C ASP C 67 8.65 -1.87 -40.82
N ILE C 68 9.53 -0.99 -41.31
CA ILE C 68 10.60 -1.42 -42.20
C ILE C 68 11.64 -2.23 -41.42
N ASN C 69 12.01 -1.77 -40.23
CA ASN C 69 13.05 -2.44 -39.46
C ASN C 69 12.62 -3.83 -39.02
N LYS C 70 11.35 -3.98 -38.62
CA LYS C 70 10.85 -5.26 -38.14
C LYS C 70 10.63 -6.27 -39.26
N LEU C 71 10.67 -5.83 -40.53
CA LEU C 71 10.53 -6.74 -41.66
C LEU C 71 11.92 -7.14 -42.19
N CYS C 72 12.61 -7.94 -41.38
CA CYS C 72 13.94 -8.43 -41.75
C CYS C 72 13.88 -9.66 -42.66
N GLU C 73 12.70 -10.28 -42.79
CA GLU C 73 12.53 -11.50 -43.56
C GLU C 73 13.50 -12.60 -43.10
N PHE D 6 37.24 -35.91 -7.04
CA PHE D 6 37.43 -37.19 -6.38
C PHE D 6 38.91 -37.48 -6.19
N SER D 7 39.65 -37.53 -7.31
CA SER D 7 41.07 -37.84 -7.30
C SER D 7 41.94 -36.58 -7.28
N SER D 8 41.43 -35.48 -6.77
CA SER D 8 42.17 -34.22 -6.71
C SER D 8 42.27 -33.68 -5.28
N LEU D 9 42.26 -34.59 -4.30
CA LEU D 9 42.30 -34.22 -2.89
C LEU D 9 43.39 -35.01 -2.19
N PRO D 10 43.98 -34.46 -1.13
CA PRO D 10 44.90 -35.26 -0.31
C PRO D 10 44.26 -36.49 0.30
N SER D 11 42.95 -36.41 0.59
CA SER D 11 42.23 -37.56 1.13
C SER D 11 42.27 -38.73 0.15
N TYR D 12 42.13 -38.45 -1.15
CA TYR D 12 42.24 -39.51 -2.14
C TYR D 12 43.64 -40.10 -2.18
N ALA D 13 44.67 -39.26 -2.03
CA ALA D 13 46.04 -39.78 -2.00
C ALA D 13 46.24 -40.72 -0.82
N ALA D 14 45.77 -40.32 0.36
CA ALA D 14 45.89 -41.18 1.53
C ALA D 14 45.10 -42.47 1.35
N PHE D 15 43.88 -42.37 0.80
CA PHE D 15 43.07 -43.56 0.57
C PHE D 15 43.74 -44.52 -0.41
N ALA D 16 44.31 -43.97 -1.49
CA ALA D 16 44.99 -44.81 -2.47
C ALA D 16 46.22 -45.48 -1.87
N THR D 17 46.98 -44.74 -1.07
CA THR D 17 48.15 -45.33 -0.41
C THR D 17 47.72 -46.46 0.51
N ALA D 18 46.67 -46.24 1.30
CA ALA D 18 46.20 -47.27 2.22
C ALA D 18 45.68 -48.49 1.46
N GLN D 19 44.94 -48.27 0.37
CA GLN D 19 44.43 -49.38 -0.43
C GLN D 19 45.57 -50.18 -1.04
N GLU D 20 46.58 -49.50 -1.58
CA GLU D 20 47.73 -50.20 -2.16
C GLU D 20 48.47 -51.01 -1.11
N ALA D 21 48.68 -50.42 0.08
CA ALA D 21 49.36 -51.13 1.14
C ALA D 21 48.57 -52.36 1.57
N TYR D 22 47.24 -52.21 1.71
CA TYR D 22 46.40 -53.34 2.10
C TYR D 22 46.43 -54.44 1.06
N GLU D 23 46.32 -54.08 -0.22
CA GLU D 23 46.35 -55.08 -1.28
C GLU D 23 47.69 -55.81 -1.32
N GLN D 24 48.79 -55.05 -1.17
CA GLN D 24 50.11 -55.68 -1.17
C GLN D 24 50.27 -56.62 0.02
N ALA D 25 49.80 -56.21 1.20
CA ALA D 25 49.92 -57.05 2.38
C ALA D 25 49.09 -58.32 2.23
N VAL D 26 47.89 -58.20 1.66
CA VAL D 26 47.04 -59.38 1.48
C VAL D 26 47.64 -60.32 0.46
N ALA D 27 48.08 -59.80 -0.69
CA ALA D 27 48.61 -60.66 -1.75
C ALA D 27 49.92 -61.32 -1.36
N ASN D 28 50.84 -60.56 -0.75
CA ASN D 28 52.13 -61.12 -0.38
C ASN D 28 52.00 -62.14 0.76
N GLY D 29 51.10 -61.89 1.70
CA GLY D 29 50.93 -62.76 2.85
C GLY D 29 51.35 -62.01 4.11
N ASP D 30 50.44 -61.98 5.08
CA ASP D 30 50.69 -61.23 6.31
C ASP D 30 49.92 -61.88 7.45
N SER D 31 50.36 -61.59 8.66
CA SER D 31 49.70 -62.09 9.87
C SER D 31 48.43 -61.27 10.14
N GLU D 32 47.65 -61.70 11.12
CA GLU D 32 46.41 -61.01 11.44
C GLU D 32 46.67 -59.59 11.95
N VAL D 33 47.68 -59.43 12.82
CA VAL D 33 47.91 -58.14 13.44
C VAL D 33 48.46 -57.12 12.44
N VAL D 34 49.43 -57.50 11.63
CA VAL D 34 50.05 -56.55 10.70
C VAL D 34 49.05 -56.12 9.63
N LEU D 35 48.21 -57.04 9.18
CA LEU D 35 47.16 -56.70 8.22
C LEU D 35 46.05 -55.89 8.85
N LYS D 36 45.65 -56.21 10.09
CA LYS D 36 44.63 -55.44 10.78
C LYS D 36 45.08 -54.01 11.06
N LYS D 37 46.38 -53.81 11.28
CA LYS D 37 46.88 -52.45 11.48
C LYS D 37 46.63 -51.59 10.25
N LEU D 38 47.02 -52.07 9.07
CA LEU D 38 46.84 -51.32 7.83
C LEU D 38 45.41 -51.37 7.32
N LYS D 39 44.57 -52.24 7.89
CA LYS D 39 43.15 -52.18 7.60
C LYS D 39 42.42 -51.18 8.46
N LYS D 40 42.83 -51.02 9.73
CA LYS D 40 42.32 -49.93 10.55
C LYS D 40 42.81 -48.58 10.04
N SER D 41 44.03 -48.54 9.50
CA SER D 41 44.54 -47.35 8.84
C SER D 41 43.97 -47.16 7.44
N LEU D 42 43.30 -48.18 6.90
CA LEU D 42 42.60 -48.09 5.61
C LEU D 42 41.16 -47.65 5.77
N ASN D 43 40.46 -48.12 6.81
CA ASN D 43 39.07 -47.76 7.01
C ASN D 43 38.92 -46.28 7.37
N VAL D 44 39.87 -45.73 8.14
CA VAL D 44 39.82 -44.31 8.46
C VAL D 44 40.01 -43.48 7.20
N ALA D 45 40.96 -43.87 6.35
CA ALA D 45 41.17 -43.17 5.09
C ALA D 45 39.96 -43.29 4.18
N LYS D 46 39.34 -44.47 4.14
CA LYS D 46 38.16 -44.65 3.31
C LYS D 46 36.99 -43.81 3.83
N SER D 47 36.83 -43.73 5.14
CA SER D 47 35.78 -42.89 5.71
C SER D 47 36.02 -41.42 5.41
N GLU D 48 37.28 -40.98 5.49
CA GLU D 48 37.63 -39.59 5.19
C GLU D 48 37.55 -39.27 3.70
N PHE D 49 37.70 -40.27 2.83
CA PHE D 49 37.66 -40.04 1.39
C PHE D 49 36.25 -40.18 0.81
N ASP D 50 35.48 -41.18 1.24
CA ASP D 50 34.10 -41.30 0.80
C ASP D 50 33.22 -40.16 1.30
N ARG D 51 33.55 -39.60 2.46
CA ARG D 51 32.88 -38.38 2.94
C ARG D 51 33.32 -37.17 2.13
N ASP D 52 34.62 -37.05 1.87
CA ASP D 52 35.12 -35.89 1.14
C ASP D 52 34.65 -35.87 -0.31
N ALA D 53 34.62 -37.02 -0.97
CA ALA D 53 34.18 -37.07 -2.36
C ALA D 53 32.66 -36.92 -2.49
N ALA D 54 31.90 -37.43 -1.54
CA ALA D 54 30.46 -37.17 -1.49
C ALA D 54 30.16 -35.70 -1.22
N MET D 55 30.94 -35.06 -0.34
CA MET D 55 30.83 -33.62 -0.17
C MET D 55 31.19 -32.89 -1.46
N GLN D 56 32.22 -33.38 -2.16
CA GLN D 56 32.60 -32.77 -3.43
C GLN D 56 31.52 -33.00 -4.49
N ARG D 57 30.90 -34.18 -4.48
CA ARG D 57 29.78 -34.43 -5.40
C ARG D 57 28.64 -33.47 -5.12
N LYS D 58 28.29 -33.30 -3.84
CA LYS D 58 27.25 -32.35 -3.47
C LYS D 58 27.63 -30.93 -3.87
N LEU D 59 28.89 -30.55 -3.67
CA LEU D 59 29.34 -29.21 -4.01
C LEU D 59 29.27 -28.98 -5.52
N GLU D 60 29.69 -29.97 -6.30
CA GLU D 60 29.62 -29.83 -7.76
C GLU D 60 28.16 -29.72 -8.22
N LYS D 61 27.29 -30.56 -7.68
CA LYS D 61 25.88 -30.49 -8.05
C LYS D 61 25.26 -29.16 -7.64
N MET D 62 25.56 -28.68 -6.43
CA MET D 62 24.99 -27.42 -5.97
C MET D 62 25.54 -26.24 -6.74
N ALA D 63 26.83 -26.29 -7.11
CA ALA D 63 27.40 -25.21 -7.92
C ALA D 63 26.80 -25.19 -9.31
N ASP D 64 26.59 -26.36 -9.92
CA ASP D 64 25.94 -26.39 -11.22
C ASP D 64 24.50 -25.92 -11.12
N GLN D 65 23.79 -26.29 -10.05
CA GLN D 65 22.43 -25.80 -9.86
C GLN D 65 22.39 -24.30 -9.63
N ALA D 66 23.37 -23.76 -8.89
CA ALA D 66 23.41 -22.32 -8.65
C ALA D 66 23.73 -21.54 -9.92
N MET D 67 24.64 -22.06 -10.74
CA MET D 67 24.91 -21.41 -12.02
C MET D 67 23.71 -21.52 -12.95
N THR D 68 23.00 -22.65 -12.91
CA THR D 68 21.76 -22.77 -13.68
C THR D 68 20.72 -21.78 -13.21
N GLN D 69 20.60 -21.58 -11.90
CA GLN D 69 19.66 -20.62 -11.35
C GLN D 69 20.03 -19.20 -11.74
N MET D 70 21.34 -18.88 -11.71
CA MET D 70 21.79 -17.57 -12.16
C MET D 70 21.52 -17.36 -13.63
N TYR D 71 21.71 -18.39 -14.46
CA TYR D 71 21.36 -18.30 -15.87
C TYR D 71 19.86 -18.08 -16.04
N LYS D 72 19.05 -18.78 -15.25
CA LYS D 72 17.60 -18.60 -15.33
C LYS D 72 17.21 -17.17 -14.98
N GLN D 73 17.81 -16.62 -13.92
CA GLN D 73 17.48 -15.26 -13.51
C GLN D 73 17.95 -14.24 -14.54
N ALA D 74 19.14 -14.45 -15.09
CA ALA D 74 19.65 -13.53 -16.12
C ALA D 74 18.78 -13.58 -17.37
N ARG D 75 18.40 -14.79 -17.80
CA ARG D 75 17.52 -14.92 -18.96
C ARG D 75 16.16 -14.31 -18.69
N SER D 76 15.64 -14.48 -17.48
CA SER D 76 14.36 -13.86 -17.11
C SER D 76 14.46 -12.34 -17.20
N GLU D 77 15.53 -11.77 -16.67
CA GLU D 77 15.69 -10.32 -16.72
C GLU D 77 15.88 -9.82 -18.15
N ASP D 78 16.69 -10.51 -18.96
CA ASP D 78 16.92 -10.08 -20.33
C ASP D 78 15.71 -10.31 -21.24
N LYS D 79 14.82 -11.22 -20.87
CA LYS D 79 13.58 -11.40 -21.61
C LYS D 79 12.51 -10.43 -21.14
N ARG D 80 12.55 -10.02 -19.88
CA ARG D 80 11.64 -9.04 -19.31
C ARG D 80 12.07 -7.60 -19.62
N ALA D 81 13.29 -7.41 -20.09
CA ALA D 81 13.77 -6.09 -20.48
C ALA D 81 13.87 -5.92 -21.99
N LYS D 82 13.79 -7.01 -22.76
CA LYS D 82 13.76 -6.94 -24.21
C LYS D 82 12.43 -7.45 -24.74
N VAL D 83 11.39 -7.49 -23.89
CA VAL D 83 10.11 -8.06 -24.28
C VAL D 83 9.46 -7.22 -25.36
N THR D 84 9.63 -5.89 -25.30
CA THR D 84 9.01 -5.02 -26.29
C THR D 84 9.48 -5.34 -27.71
N SER D 85 10.79 -5.55 -27.88
CA SER D 85 11.31 -5.92 -29.19
C SER D 85 11.03 -7.38 -29.54
N ALA D 86 11.13 -8.28 -28.55
CA ALA D 86 10.92 -9.69 -28.83
C ALA D 86 9.49 -9.96 -29.29
N MET D 87 8.52 -9.34 -28.64
CA MET D 87 7.12 -9.55 -29.01
C MET D 87 6.83 -9.03 -30.41
N GLN D 88 7.40 -7.87 -30.76
CA GLN D 88 7.20 -7.32 -32.10
C GLN D 88 7.84 -8.21 -33.16
N THR D 89 9.06 -8.68 -32.91
CA THR D 89 9.72 -9.56 -33.87
C THR D 89 8.93 -10.86 -34.04
N MET D 90 8.46 -11.43 -32.92
CA MET D 90 7.65 -12.63 -32.98
C MET D 90 6.36 -12.40 -33.76
N LEU D 91 5.71 -11.25 -33.52
CA LEU D 91 4.48 -10.93 -34.22
C LEU D 91 4.70 -10.84 -35.73
N PHE D 92 5.77 -10.17 -36.15
CA PHE D 92 6.00 -10.02 -37.58
C PHE D 92 6.44 -11.33 -38.23
N THR D 93 7.21 -12.15 -37.51
CA THR D 93 7.56 -13.47 -38.05
C THR D 93 6.30 -14.32 -38.22
N MET D 94 5.40 -14.29 -37.24
CA MET D 94 4.15 -15.04 -37.37
C MET D 94 3.26 -14.47 -38.46
N LEU D 95 3.27 -13.15 -38.65
CA LEU D 95 2.49 -12.54 -39.71
C LEU D 95 2.98 -12.97 -41.09
N ARG D 96 4.30 -12.97 -41.29
CA ARG D 96 4.83 -13.46 -42.56
C ARG D 96 4.68 -14.97 -42.70
N LYS D 97 4.56 -15.70 -41.58
CA LYS D 97 4.23 -17.12 -41.65
C LYS D 97 2.78 -17.33 -42.09
N LEU D 98 1.87 -16.43 -41.69
CA LEU D 98 0.48 -16.56 -42.08
C LEU D 98 0.30 -16.45 -43.59
N ASP D 99 1.17 -15.69 -44.25
CA ASP D 99 1.10 -15.41 -45.70
C ASP D 99 -0.33 -15.13 -46.16
N ASN D 100 -1.03 -14.33 -45.38
CA ASN D 100 -2.38 -13.92 -45.73
C ASN D 100 -2.33 -12.72 -46.68
N ASP D 101 -3.15 -12.79 -47.73
CA ASP D 101 -3.09 -11.77 -48.78
C ASP D 101 -3.42 -10.38 -48.25
N ALA D 102 -4.47 -10.26 -47.45
CA ALA D 102 -4.84 -8.96 -46.90
C ALA D 102 -3.80 -8.47 -45.90
N LEU D 103 -3.34 -9.36 -45.02
CA LEU D 103 -2.31 -8.99 -44.05
C LEU D 103 -1.02 -8.60 -44.74
N ASN D 104 -0.60 -9.38 -45.74
CA ASN D 104 0.61 -9.04 -46.48
C ASN D 104 0.46 -7.71 -47.20
N ASN D 105 -0.72 -7.46 -47.78
CA ASN D 105 -0.94 -6.20 -48.49
C ASN D 105 -0.82 -5.02 -47.54
N ILE D 106 -1.49 -5.07 -46.39
CA ILE D 106 -1.45 -3.94 -45.47
C ILE D 106 -0.06 -3.79 -44.87
N ILE D 107 0.64 -4.91 -44.62
CA ILE D 107 1.99 -4.83 -44.07
C ILE D 107 2.94 -4.19 -45.07
N ASN D 108 2.88 -4.60 -46.33
CA ASN D 108 3.73 -4.00 -47.36
C ASN D 108 3.41 -2.53 -47.54
N ASN D 109 2.13 -2.17 -47.54
CA ASN D 109 1.76 -0.76 -47.65
C ASN D 109 2.32 0.06 -46.50
N ALA D 110 2.18 -0.44 -45.28
CA ALA D 110 2.73 0.27 -44.13
C ALA D 110 4.24 0.34 -44.18
N ARG D 111 4.89 -0.70 -44.71
CA ARG D 111 6.34 -0.70 -44.85
C ARG D 111 6.80 0.39 -45.82
N ASP D 112 6.20 0.43 -47.02
CA ASP D 112 6.67 1.31 -48.07
C ASP D 112 5.84 2.58 -48.18
N GLY D 113 4.53 2.44 -48.36
CA GLY D 113 3.69 3.59 -48.65
C GLY D 113 2.62 3.93 -47.61
N CYS D 114 1.37 3.66 -47.96
CA CYS D 114 0.24 4.14 -47.17
C CYS D 114 0.06 3.32 -45.90
N VAL D 115 -0.27 4.02 -44.81
CA VAL D 115 -0.65 3.39 -43.56
C VAL D 115 -2.08 3.82 -43.23
N PRO D 116 -2.88 2.98 -42.59
CA PRO D 116 -4.24 3.41 -42.21
C PRO D 116 -4.19 4.51 -41.17
N LEU D 117 -5.14 5.45 -41.29
CA LEU D 117 -5.31 6.49 -40.29
C LEU D 117 -6.29 6.09 -39.20
N ASN D 118 -6.97 4.97 -39.36
CA ASN D 118 -7.89 4.46 -38.36
C ASN D 118 -8.01 2.95 -38.53
N ILE D 119 -8.81 2.33 -37.67
CA ILE D 119 -9.04 0.89 -37.78
C ILE D 119 -9.81 0.62 -39.07
N ILE D 120 -9.25 -0.22 -39.93
CA ILE D 120 -9.95 -0.56 -41.17
C ILE D 120 -11.19 -1.37 -40.83
N PRO D 121 -12.35 -1.06 -41.41
CA PRO D 121 -13.56 -1.82 -41.12
C PRO D 121 -13.68 -3.07 -41.99
N LEU D 122 -14.52 -3.99 -41.54
CA LEU D 122 -14.86 -5.17 -42.31
C LEU D 122 -16.28 -5.16 -42.86
N THR D 123 -17.14 -4.29 -42.35
CA THR D 123 -18.46 -4.13 -42.92
C THR D 123 -18.40 -3.31 -44.20
N THR D 124 -19.44 -3.45 -45.03
CA THR D 124 -19.51 -2.79 -46.33
C THR D 124 -20.18 -1.43 -46.25
N ALA D 125 -20.24 -0.81 -45.07
CA ALA D 125 -20.88 0.48 -44.91
C ALA D 125 -19.93 1.53 -44.35
N ALA D 126 -19.01 1.10 -43.49
CA ALA D 126 -18.09 2.02 -42.85
C ALA D 126 -17.01 2.45 -43.84
N LYS D 127 -16.22 3.45 -43.45
CA LYS D 127 -15.24 4.08 -44.32
C LYS D 127 -13.83 3.82 -43.82
N LEU D 128 -12.85 4.18 -44.66
CA LEU D 128 -11.45 3.97 -44.35
C LEU D 128 -10.66 5.21 -44.75
N MET D 129 -9.71 5.58 -43.90
CA MET D 129 -8.80 6.69 -44.18
C MET D 129 -7.36 6.18 -44.15
N VAL D 130 -6.63 6.46 -45.23
CA VAL D 130 -5.25 6.04 -45.39
C VAL D 130 -4.40 7.28 -45.63
N VAL D 131 -3.07 7.08 -45.59
CA VAL D 131 -2.13 8.17 -45.80
C VAL D 131 -1.16 7.76 -46.90
N ILE D 132 -1.49 8.10 -48.14
CA ILE D 132 -0.66 7.82 -49.31
C ILE D 132 0.39 8.91 -49.41
N PRO D 133 1.68 8.60 -49.30
CA PRO D 133 2.71 9.63 -49.25
C PRO D 133 3.32 10.04 -50.59
N ASP D 134 3.09 9.29 -51.66
CA ASP D 134 3.67 9.63 -52.96
C ASP D 134 2.85 8.98 -54.07
N TYR D 135 3.25 9.28 -55.31
CA TYR D 135 2.48 8.83 -56.46
C TYR D 135 2.64 7.34 -56.73
N ASN D 136 3.74 6.73 -56.31
CA ASN D 136 3.95 5.31 -56.59
C ASN D 136 2.86 4.46 -55.94
N THR D 137 2.63 4.63 -54.65
CA THR D 137 1.59 3.88 -53.96
C THR D 137 0.21 4.31 -54.40
N TYR D 138 0.05 5.60 -54.76
CA TYR D 138 -1.24 6.07 -55.26
C TYR D 138 -1.63 5.35 -56.54
N LYS D 139 -0.67 5.18 -57.46
CA LYS D 139 -0.94 4.46 -58.70
C LYS D 139 -1.08 2.96 -58.47
N ASN D 140 -0.27 2.40 -57.58
CA ASN D 140 -0.33 0.96 -57.33
C ASN D 140 -1.63 0.55 -56.66
N THR D 141 -2.17 1.40 -55.78
CA THR D 141 -3.35 1.06 -55.00
C THR D 141 -4.63 1.60 -55.64
N CYS D 142 -4.64 2.88 -55.98
CA CYS D 142 -5.83 3.52 -56.54
C CYS D 142 -5.87 3.36 -58.06
N ASP D 143 -7.08 3.17 -58.57
CA ASP D 143 -7.33 3.06 -60.00
C ASP D 143 -8.75 3.53 -60.26
N GLY D 144 -8.88 4.74 -60.79
CA GLY D 144 -10.18 5.36 -60.94
C GLY D 144 -10.82 5.66 -59.60
N THR D 145 -12.08 5.25 -59.43
CA THR D 145 -12.81 5.48 -58.18
C THR D 145 -12.63 4.34 -57.19
N THR D 146 -11.82 3.33 -57.52
CA THR D 146 -11.61 2.18 -56.67
C THR D 146 -10.23 2.25 -56.03
N PHE D 147 -10.15 1.79 -54.78
CA PHE D 147 -8.91 1.79 -54.00
C PHE D 147 -8.71 0.39 -53.44
N THR D 148 -7.65 -0.29 -53.89
CA THR D 148 -7.39 -1.66 -53.48
C THR D 148 -6.57 -1.67 -52.21
N TYR D 149 -7.11 -2.29 -51.15
CA TYR D 149 -6.44 -2.31 -49.86
C TYR D 149 -6.99 -3.45 -49.03
N ALA D 150 -6.11 -4.10 -48.26
CA ALA D 150 -6.49 -5.22 -47.40
C ALA D 150 -7.19 -6.31 -48.20
N SER D 151 -6.71 -6.54 -49.42
CA SER D 151 -7.30 -7.52 -50.34
C SER D 151 -8.79 -7.27 -50.52
N ALA D 152 -9.17 -6.00 -50.57
CA ALA D 152 -10.56 -5.61 -50.71
C ALA D 152 -10.64 -4.34 -51.54
N LEU D 153 -11.78 -4.16 -52.20
CA LEU D 153 -12.02 -3.00 -53.04
C LEU D 153 -12.70 -1.91 -52.23
N TRP D 154 -12.05 -0.75 -52.12
CA TRP D 154 -12.57 0.39 -51.40
C TRP D 154 -12.95 1.49 -52.39
N GLU D 155 -14.17 1.98 -52.27
CA GLU D 155 -14.69 3.01 -53.17
C GLU D 155 -14.28 4.38 -52.62
N ILE D 156 -13.44 5.08 -53.37
CA ILE D 156 -12.91 6.37 -52.91
C ILE D 156 -14.05 7.37 -52.79
N GLN D 157 -14.06 8.12 -51.68
CA GLN D 157 -15.09 9.11 -51.45
C GLN D 157 -14.54 10.52 -51.26
N GLN D 158 -13.30 10.67 -50.81
CA GLN D 158 -12.73 11.99 -50.58
C GLN D 158 -11.22 11.86 -50.44
N VAL D 159 -10.48 12.73 -51.13
CA VAL D 159 -9.03 12.77 -51.08
C VAL D 159 -8.60 14.15 -50.60
N VAL D 160 -7.86 14.19 -49.50
CA VAL D 160 -7.45 15.45 -48.88
C VAL D 160 -5.95 15.41 -48.62
N ASP D 161 -5.27 16.48 -49.00
CA ASP D 161 -3.82 16.56 -48.87
C ASP D 161 -3.42 16.83 -47.43
N ALA D 162 -2.13 17.06 -47.21
CA ALA D 162 -1.61 17.32 -45.86
C ALA D 162 -1.92 18.72 -45.35
N ASP D 163 -2.38 19.62 -46.22
CA ASP D 163 -2.73 20.98 -45.83
C ASP D 163 -4.25 21.14 -45.71
N SER D 164 -4.95 20.03 -45.46
CA SER D 164 -6.41 19.98 -45.35
C SER D 164 -7.11 20.48 -46.61
N LYS D 165 -6.44 20.41 -47.76
CA LYS D 165 -7.00 20.92 -49.02
C LYS D 165 -7.64 19.76 -49.79
N ILE D 166 -8.97 19.79 -49.91
CA ILE D 166 -9.67 18.76 -50.66
C ILE D 166 -9.35 18.91 -52.14
N VAL D 167 -9.03 17.78 -52.79
CA VAL D 167 -8.74 17.75 -54.21
C VAL D 167 -9.60 16.70 -54.88
N GLN D 168 -9.78 16.84 -56.19
CA GLN D 168 -10.60 15.94 -56.97
C GLN D 168 -9.86 14.61 -57.18
N LEU D 169 -10.50 13.70 -57.92
CA LEU D 169 -9.90 12.38 -58.13
C LEU D 169 -8.96 12.39 -59.34
N SER D 170 -9.47 12.76 -60.51
CA SER D 170 -8.68 12.77 -61.74
C SER D 170 -7.86 14.04 -61.89
N GLU D 171 -7.07 14.35 -60.85
CA GLU D 171 -6.18 15.51 -60.88
C GLU D 171 -4.75 15.20 -60.50
N ILE D 172 -4.48 14.07 -59.84
CA ILE D 172 -3.11 13.71 -59.46
C ILE D 172 -2.61 12.64 -60.44
N SER D 173 -1.60 12.99 -61.23
CA SER D 173 -0.99 12.06 -62.17
C SER D 173 0.52 12.24 -62.10
N MET D 174 1.23 11.63 -63.06
CA MET D 174 2.69 11.58 -62.98
C MET D 174 3.31 12.97 -63.01
N ASP D 175 2.87 13.81 -63.95
CA ASP D 175 3.45 15.13 -64.11
C ASP D 175 2.91 16.17 -63.13
N ASN D 176 1.65 16.05 -62.72
CA ASN D 176 1.04 16.98 -61.78
C ASN D 176 1.18 16.54 -60.33
N SER D 177 1.84 15.42 -60.07
CA SER D 177 2.05 14.99 -58.69
C SER D 177 2.85 15.99 -57.85
N PRO D 178 4.00 16.53 -58.31
CA PRO D 178 4.79 17.40 -57.43
C PRO D 178 4.30 18.84 -57.37
N ASN D 179 3.00 19.05 -57.14
CA ASN D 179 2.51 20.40 -56.89
C ASN D 179 1.47 20.43 -55.77
N LEU D 180 1.27 19.33 -55.07
CA LEU D 180 0.36 19.27 -53.94
C LEU D 180 1.06 18.61 -52.75
N ALA D 181 0.56 18.89 -51.55
CA ALA D 181 1.09 18.25 -50.36
C ALA D 181 0.83 16.75 -50.45
N TRP D 182 1.87 15.98 -50.71
CA TRP D 182 1.70 14.58 -51.07
C TRP D 182 1.27 13.67 -49.91
N PRO D 183 1.64 13.94 -48.65
CA PRO D 183 1.09 13.10 -47.58
C PRO D 183 -0.41 13.32 -47.41
N LEU D 184 -1.16 12.87 -48.41
CA LEU D 184 -2.60 13.10 -48.44
C LEU D 184 -3.33 12.01 -47.67
N ILE D 185 -4.63 12.25 -47.46
CA ILE D 185 -5.47 11.31 -46.72
C ILE D 185 -6.68 10.95 -47.57
N VAL D 186 -6.62 9.82 -48.26
CA VAL D 186 -7.71 9.37 -49.11
C VAL D 186 -8.74 8.66 -48.25
N THR D 187 -9.99 9.13 -48.30
CA THR D 187 -11.09 8.53 -47.56
C THR D 187 -11.91 7.68 -48.52
N ALA D 188 -12.05 6.40 -48.21
CA ALA D 188 -12.74 5.45 -49.08
C ALA D 188 -13.69 4.59 -48.26
N LEU D 189 -14.69 4.04 -48.93
CA LEU D 189 -15.69 3.20 -48.32
C LEU D 189 -15.58 1.79 -48.88
N ARG D 190 -15.83 0.81 -48.03
CA ARG D 190 -15.74 -0.59 -48.44
C ARG D 190 -16.89 -0.95 -49.36
N ALA D 191 -16.59 -1.75 -50.38
CA ALA D 191 -17.58 -2.19 -51.35
C ALA D 191 -18.45 -3.30 -50.76
N VAL E 2 24.92 -8.84 -17.36
CA VAL E 2 25.56 -9.86 -18.18
C VAL E 2 26.18 -9.22 -19.41
N GLY E 3 27.47 -8.91 -19.34
CA GLY E 3 28.16 -8.26 -20.44
C GLY E 3 29.64 -8.53 -20.40
N ALA E 4 30.34 -7.90 -21.34
CA ALA E 4 31.79 -8.08 -21.43
C ALA E 4 32.48 -7.42 -20.24
N CYS E 5 33.60 -8.02 -19.82
CA CYS E 5 34.36 -7.51 -18.70
C CYS E 5 35.02 -6.18 -19.04
N VAL E 6 35.23 -5.36 -18.02
CA VAL E 6 35.88 -4.06 -18.22
C VAL E 6 37.38 -4.23 -18.42
N LEU E 7 38.05 -4.91 -17.48
CA LEU E 7 39.49 -5.07 -17.53
C LEU E 7 39.95 -6.23 -18.38
N CYS E 8 39.04 -7.10 -18.84
CA CYS E 8 39.43 -8.30 -19.55
C CYS E 8 38.60 -8.59 -20.80
N ASN E 9 37.52 -7.84 -21.05
CA ASN E 9 36.66 -8.03 -22.21
C ASN E 9 36.12 -9.46 -22.30
N SER E 10 35.75 -10.01 -21.16
CA SER E 10 35.17 -11.35 -21.09
C SER E 10 33.73 -11.27 -20.58
N GLN E 11 32.87 -12.12 -21.12
CA GLN E 11 31.48 -12.16 -20.69
C GLN E 11 31.40 -12.41 -19.18
N THR E 12 30.61 -11.60 -18.49
CA THR E 12 30.50 -11.70 -17.05
C THR E 12 29.19 -11.09 -16.59
N SER E 13 28.68 -11.61 -15.46
CA SER E 13 27.50 -11.05 -14.83
C SER E 13 27.84 -10.47 -13.46
N LEU E 14 29.10 -10.12 -13.24
CA LEU E 14 29.58 -9.66 -11.95
C LEU E 14 29.92 -8.18 -12.02
N ARG E 15 29.27 -7.38 -11.17
CA ARG E 15 29.57 -5.97 -11.03
C ARG E 15 30.19 -5.74 -9.65
N CYS E 16 31.33 -5.05 -9.62
CA CYS E 16 31.98 -4.77 -8.34
C CYS E 16 31.14 -3.76 -7.57
N GLY E 17 30.41 -4.25 -6.57
CA GLY E 17 29.48 -3.42 -5.82
C GLY E 17 30.12 -2.28 -5.07
N ALA E 18 31.32 -2.52 -4.53
CA ALA E 18 32.01 -1.47 -3.79
C ALA E 18 32.58 -0.38 -4.69
N CYS E 19 32.61 -0.57 -6.01
CA CYS E 19 33.04 0.47 -6.91
C CYS E 19 31.90 1.47 -7.12
N ILE E 20 32.14 2.49 -7.95
CA ILE E 20 31.19 3.58 -8.10
C ILE E 20 30.20 3.29 -9.22
N ARG E 21 30.72 2.93 -10.39
CA ARG E 21 29.88 2.71 -11.57
C ARG E 21 29.54 1.24 -11.77
N ARG E 22 29.92 0.36 -10.83
CA ARG E 22 29.65 -1.07 -10.90
C ARG E 22 30.17 -1.66 -12.21
N PRO E 23 31.49 -1.69 -12.42
CA PRO E 23 32.04 -2.21 -13.68
C PRO E 23 31.84 -3.71 -13.78
N PHE E 24 31.73 -4.18 -15.03
CA PHE E 24 31.62 -5.61 -15.33
C PHE E 24 33.00 -6.26 -15.20
N LEU E 25 33.09 -7.28 -14.35
CA LEU E 25 34.35 -7.96 -14.09
C LEU E 25 34.14 -9.46 -14.17
N CYS E 26 35.02 -10.14 -14.92
CA CYS E 26 34.97 -11.59 -14.96
C CYS E 26 35.52 -12.16 -13.65
N CYS E 27 35.33 -13.47 -13.49
CA CYS E 27 35.58 -14.11 -12.20
C CYS E 27 37.02 -13.89 -11.72
N LYS E 28 38.00 -14.16 -12.58
CA LYS E 28 39.40 -14.06 -12.16
C LYS E 28 39.78 -12.62 -11.81
N CYS E 29 39.45 -11.67 -12.68
CA CYS E 29 39.82 -10.29 -12.42
C CYS E 29 39.01 -9.68 -11.29
N CYS E 30 37.74 -10.10 -11.13
CA CYS E 30 36.97 -9.64 -9.99
C CYS E 30 37.56 -10.15 -8.68
N TYR E 31 38.01 -11.41 -8.67
CA TYR E 31 38.71 -11.94 -7.50
C TYR E 31 39.98 -11.16 -7.22
N ASP E 32 40.74 -10.83 -8.27
CA ASP E 32 41.94 -10.03 -8.09
C ASP E 32 41.62 -8.67 -7.50
N HIS E 33 40.54 -8.04 -7.98
CA HIS E 33 40.13 -6.74 -7.44
C HIS E 33 39.70 -6.85 -5.99
N VAL E 34 39.00 -7.94 -5.63
CA VAL E 34 38.60 -8.16 -4.25
C VAL E 34 39.79 -8.36 -3.31
N ILE E 35 40.78 -9.18 -3.71
CA ILE E 35 41.88 -9.50 -2.82
C ILE E 35 42.96 -8.42 -2.76
N SER E 36 43.00 -7.52 -3.73
CA SER E 36 44.08 -6.53 -3.81
C SER E 36 43.61 -5.14 -3.40
N THR E 37 42.37 -4.98 -2.98
CA THR E 37 41.84 -3.69 -2.57
C THR E 37 40.82 -3.92 -1.46
N SER E 38 40.07 -2.86 -1.13
CA SER E 38 38.99 -2.93 -0.16
C SER E 38 37.63 -3.11 -0.80
N HIS E 39 37.59 -3.42 -2.10
CA HIS E 39 36.33 -3.64 -2.81
C HIS E 39 35.88 -5.08 -2.60
N LYS E 40 35.40 -5.33 -1.38
CA LYS E 40 34.98 -6.66 -0.96
C LYS E 40 33.53 -6.95 -1.31
N LEU E 41 32.90 -6.15 -2.16
CA LEU E 41 31.51 -6.35 -2.55
C LEU E 41 31.41 -6.41 -4.07
N VAL E 42 30.82 -7.50 -4.57
CA VAL E 42 30.58 -7.68 -6.00
C VAL E 42 29.12 -8.09 -6.19
N LEU E 43 28.52 -7.60 -7.27
CA LEU E 43 27.11 -7.84 -7.55
C LEU E 43 26.96 -8.92 -8.61
N SER E 44 25.74 -9.40 -8.76
CA SER E 44 25.40 -10.45 -9.73
C SER E 44 23.96 -10.23 -10.16
N VAL E 45 23.32 -11.27 -10.71
CA VAL E 45 21.87 -11.22 -10.94
C VAL E 45 21.16 -10.88 -9.63
N ASN E 46 21.72 -11.33 -8.51
CA ASN E 46 21.37 -10.86 -7.18
C ASN E 46 22.65 -10.56 -6.42
N PRO E 47 22.65 -9.56 -5.55
CA PRO E 47 23.90 -9.15 -4.88
C PRO E 47 24.50 -10.26 -4.04
N TYR E 48 25.83 -10.29 -4.00
CA TYR E 48 26.56 -11.25 -3.18
C TYR E 48 26.55 -10.76 -1.74
N VAL E 49 25.61 -11.28 -0.97
CA VAL E 49 25.45 -10.92 0.44
C VAL E 49 24.73 -12.08 1.13
N CYS E 50 25.02 -12.26 2.41
CA CYS E 50 24.39 -13.33 3.18
C CYS E 50 22.89 -13.07 3.24
N ASN E 51 22.10 -13.95 2.63
CA ASN E 51 20.66 -13.78 2.57
C ASN E 51 19.96 -14.22 3.84
N ALA E 52 20.68 -14.74 4.82
CA ALA E 52 20.09 -14.98 6.12
C ALA E 52 19.70 -13.65 6.76
N PRO E 53 18.47 -13.54 7.25
CA PRO E 53 18.00 -12.24 7.75
C PRO E 53 18.83 -11.74 8.91
N GLY E 54 19.05 -10.42 8.93
CA GLY E 54 19.79 -9.80 10.00
C GLY E 54 21.29 -10.02 9.97
N CYS E 55 21.85 -10.36 8.82
CA CYS E 55 23.29 -10.50 8.70
C CYS E 55 23.86 -9.29 7.96
N ASP E 56 25.13 -8.97 8.25
CA ASP E 56 25.73 -7.76 7.71
C ASP E 56 27.09 -8.02 7.08
N VAL E 57 27.35 -9.24 6.61
CA VAL E 57 28.61 -9.53 5.95
C VAL E 57 28.45 -9.27 4.45
N THR E 58 29.45 -8.64 3.86
CA THR E 58 29.42 -8.33 2.44
C THR E 58 30.71 -8.80 1.77
N ASP E 59 31.73 -9.09 2.57
CA ASP E 59 33.00 -9.57 2.05
C ASP E 59 32.82 -10.91 1.35
N VAL E 60 33.25 -10.98 0.10
CA VAL E 60 33.12 -12.22 -0.66
C VAL E 60 33.98 -13.32 -0.04
N THR E 61 35.09 -12.95 0.60
CA THR E 61 35.92 -13.92 1.28
C THR E 61 35.15 -14.60 2.41
N GLN E 62 34.37 -13.84 3.18
CA GLN E 62 33.55 -14.42 4.23
C GLN E 62 32.26 -15.04 3.70
N LEU E 63 31.90 -14.74 2.45
CA LEU E 63 30.67 -15.26 1.87
C LEU E 63 30.90 -16.60 1.18
N TYR E 64 30.00 -17.55 1.47
CA TYR E 64 30.06 -18.89 0.91
C TYR E 64 28.73 -19.19 0.23
N LEU E 65 28.80 -19.81 -0.95
CA LEU E 65 27.58 -20.28 -1.59
C LEU E 65 26.95 -21.39 -0.76
N GLY E 66 25.66 -21.23 -0.48
CA GLY E 66 24.95 -22.19 0.36
C GLY E 66 23.87 -22.94 -0.38
N GLY E 67 22.62 -22.60 -0.10
CA GLY E 67 21.51 -23.19 -0.81
C GLY E 67 21.24 -22.45 -2.09
N MET E 68 20.00 -21.98 -2.27
CA MET E 68 19.66 -21.16 -3.43
C MET E 68 20.10 -19.71 -3.26
N SER E 69 20.85 -19.41 -2.20
CA SER E 69 21.38 -18.07 -1.96
C SER E 69 22.79 -18.18 -1.41
N TYR E 70 23.40 -17.03 -1.16
CA TYR E 70 24.77 -16.94 -0.67
C TYR E 70 24.74 -16.64 0.82
N TYR E 71 25.59 -17.31 1.59
CA TYR E 71 25.63 -17.18 3.04
C TYR E 71 27.07 -16.96 3.49
N CYS E 72 27.26 -16.96 4.81
CA CYS E 72 28.57 -16.79 5.41
C CYS E 72 28.86 -17.99 6.30
N LYS E 73 30.10 -18.05 6.79
CA LYS E 73 30.52 -19.18 7.63
C LYS E 73 29.57 -19.37 8.81
N SER E 74 29.18 -18.27 9.46
CA SER E 74 28.27 -18.35 10.59
C SER E 74 26.84 -18.65 10.19
N HIS E 75 26.49 -18.54 8.90
CA HIS E 75 25.12 -18.78 8.46
C HIS E 75 25.06 -19.73 7.27
N LYS E 76 26.09 -20.54 7.04
CA LYS E 76 26.14 -21.41 5.88
C LYS E 76 25.45 -22.74 6.16
N PRO E 77 24.84 -23.35 5.15
CA PRO E 77 24.38 -24.74 5.28
C PRO E 77 25.56 -25.69 5.32
N PRO E 78 25.35 -26.96 5.67
CA PRO E 78 26.46 -27.92 5.63
C PRO E 78 27.10 -28.04 4.26
N ILE E 79 26.32 -27.89 3.18
CA ILE E 79 26.87 -27.88 1.83
C ILE E 79 27.31 -26.47 1.50
N SER E 80 28.57 -26.14 1.82
CA SER E 80 29.08 -24.79 1.70
C SER E 80 30.12 -24.71 0.59
N PHE E 81 30.12 -23.58 -0.11
CA PHE E 81 30.95 -23.38 -1.29
C PHE E 81 31.47 -21.95 -1.32
N PRO E 82 32.76 -21.72 -1.04
CA PRO E 82 33.30 -20.35 -1.07
C PRO E 82 33.12 -19.68 -2.42
N LEU E 83 32.69 -18.42 -2.41
CA LEU E 83 32.47 -17.71 -3.67
C LEU E 83 33.77 -17.42 -4.39
N CYS E 84 34.76 -16.87 -3.68
CA CYS E 84 36.04 -16.53 -4.28
C CYS E 84 37.06 -17.60 -3.91
N ALA E 85 37.34 -18.50 -4.85
CA ALA E 85 38.29 -19.57 -4.64
C ALA E 85 38.89 -19.97 -5.98
N ASN E 86 40.05 -20.63 -5.92
CA ASN E 86 40.77 -21.04 -7.13
C ASN E 86 41.11 -19.84 -8.01
N GLY E 87 41.35 -18.69 -7.39
CA GLY E 87 41.74 -17.50 -8.13
C GLY E 87 40.62 -16.85 -8.91
N GLN E 88 39.36 -17.16 -8.60
CA GLN E 88 38.24 -16.54 -9.31
C GLN E 88 37.01 -16.60 -8.43
N VAL E 89 36.22 -15.51 -8.42
CA VAL E 89 34.99 -15.46 -7.64
C VAL E 89 33.87 -16.17 -8.39
N PHE E 90 33.09 -16.97 -7.67
CA PHE E 90 32.05 -17.79 -8.29
C PHE E 90 31.00 -16.90 -8.96
N GLY E 91 30.52 -17.37 -10.10
CA GLY E 91 29.52 -16.64 -10.85
C GLY E 91 29.36 -17.25 -12.24
N LEU E 92 28.57 -16.57 -13.05
CA LEU E 92 28.41 -17.00 -14.44
C LEU E 92 29.70 -16.75 -15.21
N TYR E 93 29.91 -17.56 -16.25
CA TYR E 93 31.11 -17.54 -17.08
C TYR E 93 32.36 -17.81 -16.23
N LYS E 94 32.18 -18.63 -15.20
CA LYS E 94 33.29 -19.05 -14.36
C LYS E 94 34.23 -20.01 -15.06
N ASN E 95 33.80 -20.62 -16.17
CA ASN E 95 34.63 -21.49 -16.98
C ASN E 95 35.08 -20.84 -18.27
N THR E 96 34.18 -20.13 -18.95
CA THR E 96 34.53 -19.35 -20.15
C THR E 96 35.04 -17.99 -19.70
N CYS E 97 36.26 -18.00 -19.16
CA CYS E 97 36.88 -16.79 -18.64
C CYS E 97 38.30 -16.69 -19.16
N VAL E 98 38.77 -15.45 -19.29
CA VAL E 98 40.12 -15.14 -19.77
C VAL E 98 40.96 -14.53 -18.67
N GLY E 99 40.45 -13.49 -18.01
CA GLY E 99 41.21 -12.82 -16.98
C GLY E 99 42.32 -11.96 -17.57
N SER E 100 43.12 -11.40 -16.66
CA SER E 100 44.22 -10.54 -17.04
C SER E 100 45.16 -10.38 -15.85
N ASP E 101 46.45 -10.60 -16.07
CA ASP E 101 47.43 -10.38 -15.02
C ASP E 101 47.55 -8.90 -14.67
N ASN E 102 47.16 -8.02 -15.58
CA ASN E 102 47.25 -6.58 -15.35
C ASN E 102 46.05 -6.07 -14.56
N VAL E 103 46.03 -6.32 -13.25
CA VAL E 103 44.98 -5.85 -12.38
C VAL E 103 45.45 -4.79 -11.40
N THR E 104 46.76 -4.51 -11.34
CA THR E 104 47.26 -3.50 -10.40
C THR E 104 46.70 -2.12 -10.72
N ASP E 105 46.62 -1.78 -12.00
CA ASP E 105 46.12 -0.46 -12.40
C ASP E 105 44.69 -0.26 -11.95
N PHE E 106 43.84 -1.27 -12.14
CA PHE E 106 42.45 -1.17 -11.74
C PHE E 106 42.33 -1.03 -10.22
N ASN E 107 43.08 -1.84 -9.48
CA ASN E 107 43.03 -1.76 -8.02
C ASN E 107 43.52 -0.42 -7.51
N ALA E 108 44.49 0.19 -8.21
CA ALA E 108 44.99 1.49 -7.81
C ALA E 108 43.99 2.59 -8.12
N ILE E 109 43.37 2.53 -9.31
CA ILE E 109 42.49 3.62 -9.74
C ILE E 109 41.15 3.55 -9.03
N ALA E 110 40.74 2.36 -8.59
CA ALA E 110 39.43 2.21 -7.97
C ALA E 110 39.38 2.89 -6.59
N THR E 111 40.50 2.86 -5.87
CA THR E 111 40.54 3.40 -4.51
C THR E 111 41.07 4.83 -4.45
N CYS E 112 41.38 5.44 -5.60
CA CYS E 112 41.95 6.78 -5.63
C CYS E 112 40.85 7.83 -5.46
N ASP E 113 41.22 8.94 -4.83
CA ASP E 113 40.30 10.06 -4.59
C ASP E 113 40.25 11.06 -5.74
N TRP E 114 40.98 10.80 -6.83
CA TRP E 114 41.09 11.72 -7.96
C TRP E 114 41.63 13.08 -7.51
N THR E 115 42.59 13.04 -6.59
CA THR E 115 43.25 14.25 -6.09
C THR E 115 44.74 14.29 -6.37
N ASN E 116 45.30 13.23 -6.93
CA ASN E 116 46.73 13.15 -7.23
C ASN E 116 46.94 13.07 -8.74
N ALA E 117 48.10 13.56 -9.18
CA ALA E 117 48.44 13.52 -10.60
C ALA E 117 48.67 12.10 -11.08
N GLY E 118 48.99 11.17 -10.17
CA GLY E 118 49.16 9.78 -10.55
C GLY E 118 47.91 9.17 -11.16
N ASP E 119 46.74 9.56 -10.65
CA ASP E 119 45.49 9.08 -11.22
C ASP E 119 45.33 9.53 -12.67
N TYR E 120 45.65 10.80 -12.94
CA TYR E 120 45.60 11.31 -14.30
C TYR E 120 46.61 10.60 -15.20
N ILE E 121 47.81 10.35 -14.70
CA ILE E 121 48.82 9.65 -15.48
C ILE E 121 48.36 8.24 -15.82
N LEU E 122 47.80 7.53 -14.84
CA LEU E 122 47.32 6.18 -15.10
C LEU E 122 46.13 6.17 -16.05
N ALA E 123 45.25 7.16 -15.93
CA ALA E 123 44.11 7.26 -16.85
C ALA E 123 44.59 7.51 -18.28
N ASN E 124 45.60 8.37 -18.45
CA ASN E 124 46.13 8.63 -19.78
C ASN E 124 46.99 7.50 -20.31
N THR E 125 47.51 6.63 -19.44
CA THR E 125 48.37 5.52 -19.83
C THR E 125 47.78 4.22 -19.28
N CYS E 126 46.87 3.62 -20.04
CA CYS E 126 46.24 2.35 -19.69
C CYS E 126 45.50 1.86 -20.93
N THR E 127 44.77 0.76 -20.78
CA THR E 127 43.96 0.23 -21.87
C THR E 127 42.77 1.15 -22.13
N GLU E 128 42.19 1.04 -23.33
CA GLU E 128 41.09 1.90 -23.71
C GLU E 128 39.88 1.69 -22.81
N ARG E 129 39.54 0.44 -22.51
CA ARG E 129 38.42 0.17 -21.61
C ARG E 129 38.69 0.74 -20.22
N LEU E 130 39.92 0.56 -19.72
CA LEU E 130 40.29 1.16 -18.44
C LEU E 130 40.24 2.68 -18.49
N LYS E 131 40.67 3.28 -19.61
CA LYS E 131 40.60 4.74 -19.74
C LYS E 131 39.17 5.24 -19.69
N LEU E 132 38.27 4.56 -20.40
CA LEU E 132 36.87 4.95 -20.39
C LEU E 132 36.26 4.78 -19.00
N PHE E 133 36.58 3.68 -18.32
CA PHE E 133 36.09 3.48 -16.97
C PHE E 133 36.62 4.56 -16.03
N ALA E 134 37.90 4.91 -16.18
CA ALA E 134 38.49 5.96 -15.34
C ALA E 134 37.81 7.30 -15.58
N ALA E 135 37.52 7.62 -16.85
CA ALA E 135 36.82 8.88 -17.14
C ALA E 135 35.43 8.88 -16.54
N GLU E 136 34.69 7.77 -16.67
CA GLU E 136 33.35 7.71 -16.12
C GLU E 136 33.37 7.83 -14.60
N THR E 137 34.32 7.17 -13.94
CA THR E 137 34.41 7.26 -12.49
C THR E 137 34.89 8.64 -12.05
N LEU E 138 35.74 9.29 -12.84
CA LEU E 138 36.14 10.66 -12.53
C LEU E 138 34.94 11.60 -12.57
N LYS E 139 34.11 11.47 -13.61
CA LYS E 139 32.91 12.28 -13.69
C LYS E 139 31.95 11.99 -12.54
N ALA E 140 31.80 10.71 -12.18
CA ALA E 140 30.95 10.34 -11.06
C ALA E 140 31.45 10.94 -9.76
N THR E 141 32.76 10.88 -9.51
CA THR E 141 33.33 11.46 -8.31
C THR E 141 33.15 12.98 -8.29
N GLU E 142 33.35 13.64 -9.43
CA GLU E 142 33.15 15.09 -9.48
C GLU E 142 31.71 15.45 -9.18
N GLU E 143 30.75 14.74 -9.77
CA GLU E 143 29.34 15.07 -9.55
C GLU E 143 28.87 14.66 -8.16
N THR E 144 29.56 13.71 -7.52
CA THR E 144 29.22 13.34 -6.16
C THR E 144 29.85 14.26 -5.14
N PHE E 145 31.01 14.86 -5.46
CA PHE E 145 31.64 15.84 -4.59
C PHE E 145 30.95 17.20 -4.70
N LYS E 146 30.47 17.55 -5.90
CA LYS E 146 29.74 18.80 -6.06
C LYS E 146 28.32 18.69 -5.52
N LEU E 147 27.78 17.48 -5.38
CA LEU E 147 26.46 17.24 -4.81
C LEU E 147 26.55 16.77 -3.36
N SER E 148 27.73 16.84 -2.77
CA SER E 148 27.96 16.38 -1.40
C SER E 148 27.56 17.45 -0.37
N TYR E 149 27.00 18.56 -0.82
CA TYR E 149 26.59 19.64 0.05
C TYR E 149 25.06 19.76 0.03
N GLY E 150 24.55 20.76 0.74
CA GLY E 150 23.13 21.00 0.81
C GLY E 150 22.63 21.93 -0.28
N ILE E 151 21.42 22.43 -0.07
CA ILE E 151 20.77 23.34 -1.01
C ILE E 151 21.04 24.77 -0.56
N ALA E 152 21.71 25.54 -1.43
CA ALA E 152 21.97 26.94 -1.14
C ALA E 152 20.65 27.73 -1.14
N THR E 153 20.22 28.16 0.03
CA THR E 153 18.93 28.82 0.17
C THR E 153 19.13 30.34 0.16
N VAL E 154 18.36 31.03 -0.66
CA VAL E 154 18.38 32.48 -0.72
C VAL E 154 17.09 33.01 -0.10
N ARG E 155 17.23 33.79 0.96
CA ARG E 155 16.07 34.26 1.73
C ARG E 155 15.65 35.68 1.39
N GLU E 156 16.52 36.46 0.76
CA GLU E 156 16.22 37.84 0.42
C GLU E 156 16.49 38.07 -1.06
N VAL E 157 15.85 39.11 -1.60
CA VAL E 157 16.02 39.50 -2.99
C VAL E 157 16.61 40.91 -3.01
N LEU E 158 17.61 41.11 -3.85
CA LEU E 158 18.35 42.36 -3.92
C LEU E 158 18.33 42.90 -5.36
N SER E 159 19.11 43.95 -5.59
CA SER E 159 19.13 44.58 -6.90
C SER E 159 19.81 43.68 -7.93
N ASP E 160 19.79 44.14 -9.18
CA ASP E 160 20.36 43.37 -10.27
C ASP E 160 21.87 43.22 -10.09
N ARG E 161 22.37 42.04 -10.45
CA ARG E 161 23.81 41.74 -10.44
C ARG E 161 24.40 41.87 -9.04
N GLU E 162 23.57 41.70 -8.01
CA GLU E 162 24.05 41.82 -6.63
C GLU E 162 23.26 40.84 -5.76
N LEU E 163 23.87 39.70 -5.45
CA LEU E 163 23.26 38.71 -4.58
C LEU E 163 24.30 38.22 -3.58
N HIS E 164 23.89 38.17 -2.32
CA HIS E 164 24.74 37.67 -1.23
C HIS E 164 24.46 36.18 -1.07
N LEU E 165 25.20 35.37 -1.82
CA LEU E 165 25.06 33.91 -1.77
C LEU E 165 26.03 33.35 -0.74
N SER E 166 25.50 32.53 0.16
CA SER E 166 26.27 31.95 1.25
C SER E 166 26.63 30.50 0.91
N TRP E 167 27.34 29.86 1.84
CA TRP E 167 27.76 28.47 1.68
C TRP E 167 27.20 27.67 2.85
N GLU E 168 27.49 26.38 2.86
CA GLU E 168 27.03 25.50 3.91
C GLU E 168 27.92 25.64 5.14
N VAL E 169 27.70 24.79 6.15
CA VAL E 169 28.48 24.84 7.39
C VAL E 169 29.76 24.05 7.15
N GLY E 170 30.86 24.77 6.94
CA GLY E 170 32.15 24.15 6.67
C GLY E 170 32.44 23.88 5.22
N LYS E 171 31.51 24.15 4.31
CA LYS E 171 31.68 23.96 2.88
C LYS E 171 32.69 24.96 2.32
N PRO E 172 33.69 24.48 1.58
CA PRO E 172 34.64 25.41 0.96
C PRO E 172 34.01 26.21 -0.18
N ARG E 173 34.71 27.23 -0.66
CA ARG E 173 34.13 28.06 -1.70
C ARG E 173 34.14 27.35 -3.04
N PRO E 174 33.00 27.18 -3.69
CA PRO E 174 32.98 26.56 -5.02
C PRO E 174 33.60 27.49 -6.05
N PRO E 175 34.02 26.95 -7.20
CA PRO E 175 34.64 27.80 -8.23
C PRO E 175 33.70 28.91 -8.68
N LEU E 176 34.15 30.15 -8.50
CA LEU E 176 33.37 31.32 -8.86
C LEU E 176 33.36 31.63 -10.34
N ASN E 177 34.21 30.98 -11.13
CA ASN E 177 34.25 31.23 -12.57
C ASN E 177 33.10 30.50 -13.26
N ARG E 178 33.12 30.52 -14.59
CA ARG E 178 32.13 29.83 -15.40
C ARG E 178 32.44 28.35 -15.59
N ASN E 179 33.35 27.80 -14.78
CA ASN E 179 33.67 26.38 -14.88
C ASN E 179 32.46 25.51 -14.57
N TYR E 180 31.69 25.86 -13.54
CA TYR E 180 30.46 25.17 -13.20
C TYR E 180 29.28 26.06 -13.58
N VAL E 181 28.41 25.55 -14.44
CA VAL E 181 27.21 26.26 -14.86
C VAL E 181 26.03 25.65 -14.11
N PHE E 182 25.45 26.42 -13.19
CA PHE E 182 24.35 25.91 -12.39
C PHE E 182 23.11 25.67 -13.25
N THR E 183 22.63 24.43 -13.23
CA THR E 183 21.41 24.06 -13.96
C THR E 183 20.52 23.30 -12.99
N GLY E 184 19.73 24.04 -12.21
CA GLY E 184 18.80 23.45 -11.29
C GLY E 184 17.39 23.38 -11.84
N TYR E 185 16.43 23.17 -10.94
CA TYR E 185 15.02 23.20 -11.29
C TYR E 185 14.24 23.75 -10.11
N ARG E 186 13.69 24.94 -10.28
CA ARG E 186 12.98 25.63 -9.22
C ARG E 186 11.65 24.95 -8.91
N VAL E 187 11.29 24.97 -7.63
CA VAL E 187 10.05 24.37 -7.14
C VAL E 187 9.11 25.50 -6.74
N THR E 188 7.94 25.56 -7.38
CA THR E 188 6.93 26.54 -6.98
C THR E 188 6.25 26.10 -5.68
N LYS E 189 5.57 24.96 -5.72
CA LYS E 189 5.04 24.36 -4.51
C LYS E 189 5.39 22.87 -4.43
N ASN E 190 5.28 22.17 -5.56
CA ASN E 190 5.47 20.72 -5.57
C ASN E 190 6.56 20.26 -6.53
N SER E 191 6.53 20.76 -7.76
CA SER E 191 7.35 20.23 -8.84
C SER E 191 8.54 21.13 -9.13
N LYS E 192 9.68 20.50 -9.42
CA LYS E 192 10.91 21.20 -9.76
C LYS E 192 11.08 21.27 -11.27
N VAL E 193 10.90 22.46 -11.84
CA VAL E 193 11.00 22.64 -13.28
C VAL E 193 11.51 24.04 -13.58
N GLN E 194 12.34 24.14 -14.63
CA GLN E 194 12.72 25.37 -15.32
C GLN E 194 13.05 26.51 -14.35
N ILE E 195 14.17 26.33 -13.64
CA ILE E 195 14.76 27.41 -12.85
C ILE E 195 15.35 28.43 -13.81
N GLY E 196 15.66 28.00 -15.02
CA GLY E 196 16.36 28.80 -16.01
C GLY E 196 17.81 28.38 -16.11
N GLU E 197 18.57 29.16 -16.89
CA GLU E 197 20.00 28.94 -17.05
C GLU E 197 20.76 30.13 -16.46
N TYR E 198 21.68 29.84 -15.55
CA TYR E 198 22.44 30.89 -14.89
C TYR E 198 23.94 30.65 -15.03
N THR E 199 24.73 31.73 -14.91
CA THR E 199 26.17 31.65 -14.99
C THR E 199 26.76 32.59 -13.95
N PHE E 200 27.28 32.03 -12.87
CA PHE E 200 27.80 32.83 -11.77
C PHE E 200 29.11 33.49 -12.16
N GLU E 201 29.22 34.79 -11.89
CA GLU E 201 30.41 35.55 -12.20
C GLU E 201 30.56 36.65 -11.16
N LYS E 202 31.81 37.09 -10.95
CA LYS E 202 32.09 38.11 -9.97
C LYS E 202 31.46 39.44 -10.37
N GLY E 203 30.88 40.14 -9.41
CA GLY E 203 30.25 41.42 -9.67
C GLY E 203 31.12 42.60 -9.28
N ALA E 208 27.40 39.13 -4.45
CA ALA E 208 27.91 39.82 -5.63
C ALA E 208 28.04 38.87 -6.81
N VAL E 209 26.90 38.37 -7.30
CA VAL E 209 26.85 37.43 -8.42
C VAL E 209 26.06 38.08 -9.55
N VAL E 210 26.70 38.20 -10.71
CA VAL E 210 26.06 38.83 -11.87
C VAL E 210 25.79 37.76 -12.93
N TYR E 211 24.56 37.71 -13.42
CA TYR E 211 24.16 36.77 -14.45
C TYR E 211 24.01 37.48 -15.79
N ARG E 212 24.51 36.82 -16.84
CA ARG E 212 24.45 37.32 -18.20
C ARG E 212 23.55 36.38 -19.00
N GLY E 213 22.26 36.65 -18.99
CA GLY E 213 21.29 35.84 -19.71
C GLY E 213 21.14 36.29 -21.14
N THR E 214 21.38 35.37 -22.07
CA THR E 214 21.24 35.69 -23.49
C THR E 214 19.80 36.02 -23.84
N THR E 215 18.86 35.29 -23.26
CA THR E 215 17.43 35.51 -23.48
C THR E 215 16.74 35.82 -22.17
N THR E 216 15.59 36.48 -22.27
CA THR E 216 14.85 36.90 -21.09
C THR E 216 14.31 35.69 -20.33
N TYR E 217 14.18 35.86 -19.01
CA TYR E 217 13.66 34.82 -18.14
C TYR E 217 12.88 35.45 -17.01
N LYS E 218 11.99 34.66 -16.41
CA LYS E 218 11.16 35.11 -15.29
C LYS E 218 11.43 34.24 -14.08
N LEU E 219 11.38 34.84 -12.90
CA LEU E 219 11.63 34.15 -11.64
C LEU E 219 10.35 34.07 -10.82
N ASN E 220 10.14 32.93 -10.18
CA ASN E 220 8.96 32.70 -9.36
C ASN E 220 9.22 33.19 -7.93
N VAL E 221 8.27 32.95 -7.04
CA VAL E 221 8.39 33.34 -5.64
C VAL E 221 8.63 32.09 -4.80
N GLY E 222 9.69 32.11 -4.00
CA GLY E 222 10.05 30.98 -3.17
C GLY E 222 11.08 30.05 -3.78
N ASP E 223 11.57 30.36 -4.98
CA ASP E 223 12.56 29.50 -5.64
C ASP E 223 13.91 29.58 -4.93
N TYR E 224 14.69 28.51 -5.08
CA TYR E 224 16.02 28.44 -4.51
C TYR E 224 17.00 28.04 -5.62
N PHE E 225 18.26 28.41 -5.44
CA PHE E 225 19.30 28.13 -6.41
C PHE E 225 20.17 26.99 -5.89
N VAL E 226 20.24 25.91 -6.66
CA VAL E 226 21.02 24.74 -6.28
C VAL E 226 21.66 24.17 -7.54
N LEU E 227 22.63 23.26 -7.37
CA LEU E 227 23.35 22.64 -8.48
C LEU E 227 22.89 21.20 -8.58
N THR E 228 21.85 20.97 -9.38
CA THR E 228 21.35 19.61 -9.58
C THR E 228 22.27 18.84 -10.51
N SER E 229 22.64 17.63 -10.10
CA SER E 229 23.49 16.77 -10.91
C SER E 229 22.69 16.16 -12.05
N HIS E 230 23.40 15.58 -13.02
CA HIS E 230 22.77 14.94 -14.17
C HIS E 230 23.07 13.44 -14.10
N THR E 231 22.59 12.71 -15.10
CA THR E 231 22.74 11.26 -15.16
C THR E 231 24.04 10.93 -15.87
N VAL E 232 24.99 10.36 -15.11
CA VAL E 232 26.27 9.96 -15.69
C VAL E 232 26.09 8.65 -16.44
N MET E 233 26.02 8.74 -17.77
CA MET E 233 25.85 7.59 -18.64
C MET E 233 27.16 6.82 -18.77
N PRO E 234 27.09 5.50 -18.97
CA PRO E 234 28.31 4.72 -19.18
C PRO E 234 28.96 5.04 -20.53
N LEU E 235 30.20 4.59 -20.73
CA LEU E 235 30.95 4.89 -21.94
C LEU E 235 31.20 3.62 -22.73
N SER E 236 31.10 3.74 -24.05
CA SER E 236 31.24 2.61 -24.95
C SER E 236 32.42 2.74 -25.90
N ALA E 237 32.50 3.85 -26.64
CA ALA E 237 33.54 3.99 -27.65
C ALA E 237 34.80 4.61 -27.05
N PRO E 238 35.98 4.18 -27.49
CA PRO E 238 37.22 4.79 -27.00
C PRO E 238 37.49 6.12 -27.67
N THR E 239 38.67 6.67 -27.37
CA THR E 239 39.06 7.96 -27.92
C THR E 239 39.20 7.89 -29.44
N LEU E 240 39.81 6.82 -29.94
CA LEU E 240 40.09 6.68 -31.37
C LEU E 240 39.50 5.37 -31.88
N VAL E 241 39.18 5.34 -33.17
CA VAL E 241 38.68 4.15 -33.83
C VAL E 241 39.84 3.48 -34.56
N PRO E 242 39.77 2.18 -34.85
CA PRO E 242 40.88 1.53 -35.56
C PRO E 242 41.11 2.14 -36.93
N GLN E 243 42.37 2.21 -37.33
CA GLN E 243 42.74 2.90 -38.57
C GLN E 243 43.06 1.91 -39.68
N GLU E 244 42.67 2.26 -40.90
CA GLU E 244 42.94 1.44 -42.06
C GLU E 244 42.97 2.33 -43.30
N HIS E 245 43.79 1.97 -44.27
CA HIS E 245 43.89 2.69 -45.54
C HIS E 245 43.52 1.76 -46.68
N TYR E 246 42.69 2.24 -47.60
CA TYR E 246 42.24 1.42 -48.71
C TYR E 246 43.26 1.46 -49.85
N VAL E 247 42.87 0.87 -50.98
CA VAL E 247 43.82 0.70 -52.09
C VAL E 247 43.43 1.60 -53.27
N ARG E 248 42.15 1.62 -53.63
CA ARG E 248 41.73 2.33 -54.82
C ARG E 248 40.49 3.16 -54.51
N ILE E 249 40.32 4.23 -55.29
CA ILE E 249 39.18 5.13 -55.12
C ILE E 249 38.02 4.64 -55.96
N THR E 250 37.05 3.99 -55.33
CA THR E 250 35.87 3.45 -56.00
C THR E 250 34.62 3.79 -55.22
N GLY E 251 33.52 4.02 -55.93
CA GLY E 251 32.24 4.28 -55.30
C GLY E 251 32.00 5.70 -54.87
N LEU E 252 32.86 6.63 -55.23
CA LEU E 252 32.73 8.04 -54.84
C LEU E 252 32.17 8.86 -56.00
N TYR E 253 31.88 10.13 -55.71
CA TYR E 253 31.26 11.04 -56.67
C TYR E 253 32.15 12.27 -56.79
N PRO E 254 33.09 12.27 -57.73
CA PRO E 254 34.02 13.41 -57.85
C PRO E 254 33.39 14.65 -58.47
N THR E 255 33.38 15.76 -57.73
CA THR E 255 32.86 17.02 -58.24
C THR E 255 33.94 17.77 -59.01
N LEU E 256 33.49 18.75 -59.79
CA LEU E 256 34.39 19.51 -60.65
C LEU E 256 34.78 20.87 -60.08
N ASN E 257 34.24 21.24 -58.92
CA ASN E 257 34.51 22.55 -58.33
C ASN E 257 35.48 22.43 -57.15
N ILE E 258 36.50 23.29 -57.17
CA ILE E 258 37.48 23.37 -56.10
C ILE E 258 37.74 24.83 -55.79
N SER E 259 38.31 25.10 -54.62
CA SER E 259 38.69 26.46 -54.24
C SER E 259 40.07 26.75 -54.82
N ASP E 260 40.16 27.81 -55.61
CA ASP E 260 41.41 28.14 -56.30
C ASP E 260 42.35 29.01 -55.47
N GLU E 261 41.89 29.53 -54.33
CA GLU E 261 42.77 30.35 -53.49
C GLU E 261 43.92 29.51 -52.93
N PHE E 262 43.64 28.28 -52.52
CA PHE E 262 44.66 27.37 -52.02
C PHE E 262 44.91 26.30 -53.08
N SER E 263 46.16 26.21 -53.54
CA SER E 263 46.53 25.30 -54.61
C SER E 263 47.40 24.13 -54.15
N SER E 264 47.78 24.08 -52.87
CA SER E 264 48.64 23.03 -52.36
C SER E 264 47.99 22.24 -51.22
N ASN E 265 46.67 22.09 -51.25
CA ASN E 265 45.95 21.40 -50.19
C ASN E 265 44.97 20.35 -50.68
N VAL E 266 44.46 20.47 -51.91
CA VAL E 266 43.50 19.49 -52.42
C VAL E 266 44.17 18.13 -52.62
N ALA E 267 45.45 18.13 -53.01
CA ALA E 267 46.16 16.88 -53.23
C ALA E 267 46.29 16.05 -51.95
N ASN E 268 46.20 16.68 -50.79
CA ASN E 268 46.18 15.97 -49.52
C ASN E 268 44.77 15.82 -48.95
N TYR E 269 43.85 16.72 -49.32
CA TYR E 269 42.46 16.53 -48.92
C TYR E 269 41.86 15.30 -49.57
N GLN E 270 42.27 15.00 -50.81
CA GLN E 270 41.84 13.77 -51.44
C GLN E 270 42.32 12.55 -50.66
N LYS E 271 43.56 12.60 -50.16
CA LYS E 271 44.06 11.52 -49.32
C LYS E 271 43.30 11.44 -48.01
N VAL E 272 42.98 12.59 -47.41
CA VAL E 272 42.15 12.60 -46.20
C VAL E 272 40.82 11.91 -46.47
N GLY E 273 40.26 12.12 -47.66
CA GLY E 273 39.05 11.43 -48.06
C GLY E 273 39.24 9.92 -48.26
N MET E 274 40.49 9.45 -48.30
CA MET E 274 40.74 8.02 -48.43
C MET E 274 41.54 7.46 -47.25
N GLN E 275 42.23 8.29 -46.48
CA GLN E 275 42.95 7.85 -45.29
C GLN E 275 42.10 8.15 -44.07
N LYS E 276 42.41 7.43 -42.97
CA LYS E 276 41.59 7.57 -41.77
C LYS E 276 41.91 8.86 -41.03
N TYR E 277 43.15 9.01 -40.57
CA TYR E 277 43.54 10.12 -39.72
C TYR E 277 44.46 11.08 -40.46
N SER E 278 44.33 12.36 -40.13
CA SER E 278 45.15 13.43 -40.72
C SER E 278 45.24 14.55 -39.67
N THR E 279 46.43 14.72 -39.10
CA THR E 279 46.69 15.70 -38.06
C THR E 279 47.28 16.95 -38.68
N LEU E 280 46.68 18.10 -38.38
CA LEU E 280 47.16 19.39 -38.86
C LEU E 280 47.52 20.29 -37.68
N GLN E 281 48.58 21.08 -37.86
CA GLN E 281 49.02 22.03 -36.85
C GLN E 281 48.29 23.35 -37.07
N GLY E 282 47.03 23.40 -36.64
CA GLY E 282 46.22 24.58 -36.80
C GLY E 282 45.64 25.07 -35.49
N PRO E 283 46.02 26.28 -35.09
CA PRO E 283 45.43 26.88 -33.88
C PRO E 283 43.96 27.16 -34.08
N PRO E 284 43.17 27.16 -33.01
CA PRO E 284 41.72 27.33 -33.15
C PRO E 284 41.36 28.65 -33.82
N GLY E 285 40.38 28.57 -34.73
CA GLY E 285 39.89 29.75 -35.42
C GLY E 285 40.91 30.44 -36.30
N THR E 286 42.01 29.75 -36.62
CA THR E 286 43.07 30.30 -37.47
C THR E 286 43.29 29.34 -38.63
N GLY E 287 42.53 29.53 -39.70
CA GLY E 287 42.61 28.67 -40.86
C GLY E 287 41.96 27.32 -40.64
N LYS E 288 41.43 27.09 -39.43
CA LYS E 288 40.73 25.85 -39.14
C LYS E 288 39.38 25.80 -39.84
N SER E 289 38.62 26.92 -39.79
CA SER E 289 37.34 26.98 -40.47
C SER E 289 37.52 26.93 -41.99
N HIS E 290 38.62 27.46 -42.49
CA HIS E 290 38.88 27.45 -43.93
C HIS E 290 39.03 26.03 -44.48
N PHE E 291 39.65 25.13 -43.73
CA PHE E 291 39.80 23.75 -44.17
C PHE E 291 38.44 23.08 -44.35
N ALA E 292 37.53 23.31 -43.41
CA ALA E 292 36.19 22.71 -43.51
C ALA E 292 35.44 23.22 -44.73
N ILE E 293 35.53 24.54 -45.00
CA ILE E 293 34.85 25.10 -46.15
C ILE E 293 35.47 24.59 -47.45
N GLY E 294 36.80 24.47 -47.48
CA GLY E 294 37.46 23.93 -48.66
C GLY E 294 37.09 22.48 -48.91
N LEU E 295 36.99 21.67 -47.85
CA LEU E 295 36.55 20.29 -48.01
C LEU E 295 35.11 20.21 -48.47
N ALA E 296 34.25 21.08 -47.94
CA ALA E 296 32.85 21.10 -48.37
C ALA E 296 32.72 21.48 -49.84
N LEU E 297 33.49 22.46 -50.30
CA LEU E 297 33.48 22.82 -51.71
C LEU E 297 34.08 21.73 -52.59
N TYR E 298 35.17 21.11 -52.15
CA TYR E 298 35.78 20.04 -52.93
C TYR E 298 34.97 18.75 -52.82
N TYR E 299 34.41 18.46 -51.66
CA TYR E 299 33.68 17.22 -51.42
C TYR E 299 32.29 17.52 -50.86
N PRO E 300 31.37 17.99 -51.69
CA PRO E 300 29.98 18.17 -51.24
C PRO E 300 29.24 16.88 -50.94
N SER E 301 29.74 15.73 -51.41
CA SER E 301 29.11 14.45 -51.20
C SER E 301 29.48 13.81 -49.85
N ALA E 302 30.50 14.32 -49.18
CA ALA E 302 30.85 13.81 -47.86
C ALA E 302 29.99 14.50 -46.80
N ARG E 303 29.47 13.72 -45.86
CA ARG E 303 28.61 14.23 -44.81
C ARG E 303 29.48 14.75 -43.68
N ILE E 304 29.36 16.05 -43.40
CA ILE E 304 30.16 16.71 -42.37
C ILE E 304 29.24 17.22 -41.27
N VAL E 305 29.60 16.90 -40.03
CA VAL E 305 28.85 17.33 -38.86
C VAL E 305 29.71 18.32 -38.08
N TYR E 306 29.14 19.47 -37.76
CA TYR E 306 29.85 20.54 -37.08
C TYR E 306 29.41 20.60 -35.62
N THR E 307 30.38 20.59 -34.71
CA THR E 307 30.10 20.62 -33.28
C THR E 307 30.98 21.69 -32.63
N ALA E 308 30.45 22.30 -31.58
CA ALA E 308 31.17 23.32 -30.83
C ALA E 308 30.71 23.29 -29.39
N CYS E 309 31.55 23.82 -28.50
CA CYS E 309 31.22 23.85 -27.09
C CYS E 309 30.30 25.01 -26.73
N SER E 310 30.18 26.00 -27.60
CA SER E 310 29.29 27.12 -27.35
C SER E 310 28.81 27.68 -28.69
N HIS E 311 27.61 28.27 -28.66
CA HIS E 311 27.07 28.87 -29.87
C HIS E 311 27.74 30.20 -30.19
N ALA E 312 28.21 30.92 -29.16
CA ALA E 312 28.85 32.21 -29.38
C ALA E 312 30.13 32.09 -30.21
N ALA E 313 30.95 31.07 -29.96
CA ALA E 313 32.17 30.86 -30.72
C ALA E 313 31.91 30.41 -32.15
N VAL E 314 30.87 29.61 -32.36
CA VAL E 314 30.56 29.06 -33.67
C VAL E 314 29.62 30.01 -34.42
N ASP E 315 29.29 31.14 -33.79
CA ASP E 315 28.48 32.14 -34.47
C ASP E 315 29.21 32.72 -35.67
N ALA E 316 30.53 32.88 -35.55
CA ALA E 316 31.33 33.34 -36.69
C ALA E 316 31.27 32.34 -37.83
N LEU E 317 31.34 31.05 -37.53
CA LEU E 317 31.21 30.03 -38.56
C LEU E 317 29.83 30.06 -39.19
N CYS E 318 28.78 30.22 -38.37
CA CYS E 318 27.42 30.28 -38.88
C CYS E 318 27.18 31.48 -39.79
N GLU E 319 27.73 32.65 -39.43
CA GLU E 319 27.51 33.84 -40.23
C GLU E 319 28.18 33.71 -41.60
N LYS E 320 29.32 33.03 -41.65
CA LYS E 320 30.07 32.86 -42.89
C LYS E 320 29.61 31.66 -43.71
N ALA E 321 28.93 30.69 -43.09
CA ALA E 321 28.41 29.55 -43.84
C ALA E 321 27.35 30.00 -44.85
N LEU E 322 26.48 30.94 -44.45
CA LEU E 322 25.47 31.44 -45.37
C LEU E 322 26.09 32.26 -46.50
N LYS E 323 27.15 33.01 -46.21
CA LYS E 323 27.82 33.77 -47.25
C LYS E 323 28.66 32.89 -48.17
N TYR E 324 29.05 31.70 -47.70
CA TYR E 324 29.81 30.74 -48.50
C TYR E 324 28.96 29.66 -49.13
N LEU E 325 27.90 29.23 -48.45
CA LEU E 325 27.05 28.14 -48.89
C LEU E 325 25.60 28.59 -48.93
N PRO E 326 24.77 28.00 -49.80
CA PRO E 326 23.37 28.41 -49.89
C PRO E 326 22.59 28.04 -48.63
N ILE E 327 21.46 28.72 -48.45
CA ILE E 327 20.63 28.50 -47.27
C ILE E 327 20.04 27.10 -47.26
N ASP E 328 19.73 26.57 -48.45
CA ASP E 328 19.03 25.29 -48.53
C ASP E 328 19.86 24.16 -47.93
N LYS E 329 21.15 24.12 -48.22
CA LYS E 329 21.99 23.04 -47.72
C LYS E 329 22.29 23.17 -46.22
N CYS E 330 22.13 24.35 -45.64
CA CYS E 330 22.40 24.57 -44.23
C CYS E 330 21.20 24.16 -43.40
N SER E 331 21.41 23.24 -42.47
CA SER E 331 20.33 22.72 -41.64
C SER E 331 20.83 22.55 -40.21
N ARG E 332 19.90 22.67 -39.26
CA ARG E 332 20.20 22.44 -37.86
C ARG E 332 19.10 21.57 -37.26
N ILE E 333 19.45 20.32 -36.97
CA ILE E 333 18.52 19.38 -36.35
C ILE E 333 18.69 19.50 -34.84
N ILE E 334 17.95 20.42 -34.24
CA ILE E 334 17.97 20.67 -32.80
C ILE E 334 17.21 19.53 -32.12
N PRO E 335 17.73 18.94 -31.06
CA PRO E 335 17.00 17.89 -30.36
C PRO E 335 15.69 18.40 -29.79
N ALA E 336 14.58 17.81 -30.25
CA ALA E 336 13.26 18.20 -29.81
C ALA E 336 12.64 17.13 -28.92
N VAL E 340 17.79 25.00 -22.92
CA VAL E 340 17.42 23.85 -23.71
C VAL E 340 16.86 24.29 -25.06
N GLU E 341 17.13 25.55 -25.42
CA GLU E 341 16.64 26.12 -26.67
C GLU E 341 17.65 27.14 -27.18
N CYS E 342 17.59 27.44 -28.47
CA CYS E 342 18.50 28.38 -29.10
C CYS E 342 17.74 29.08 -30.23
N PHE E 343 18.47 29.75 -31.12
CA PHE E 343 17.84 30.46 -32.21
C PHE E 343 17.26 29.48 -33.23
N ASP E 344 16.50 30.02 -34.20
CA ASP E 344 15.86 29.20 -35.22
C ASP E 344 16.12 29.73 -36.63
N LYS E 345 17.21 30.47 -36.83
CA LYS E 345 17.50 31.07 -38.13
C LYS E 345 17.78 30.05 -39.22
N PHE E 346 18.16 28.82 -38.87
CA PHE E 346 18.42 27.79 -39.86
C PHE E 346 17.11 27.18 -40.34
N LYS E 347 17.22 26.21 -41.26
CA LYS E 347 16.08 25.56 -41.87
C LYS E 347 15.31 24.76 -40.83
N VAL E 348 13.99 24.63 -41.04
CA VAL E 348 13.12 23.88 -40.13
C VAL E 348 12.31 22.90 -40.97
N ASN E 349 11.90 21.81 -40.32
CA ASN E 349 11.05 20.78 -40.93
C ASN E 349 11.73 20.15 -42.16
N SER E 350 12.95 19.66 -41.98
CA SER E 350 13.66 18.98 -43.06
C SER E 350 14.62 17.98 -42.42
N THR E 351 14.18 16.72 -42.35
CA THR E 351 15.03 15.67 -41.77
C THR E 351 16.14 15.26 -42.72
N LEU E 352 15.84 15.15 -44.02
CA LEU E 352 16.80 14.65 -44.99
C LEU E 352 17.66 15.77 -45.55
N GLU E 353 18.83 15.99 -44.94
CA GLU E 353 19.77 16.99 -45.42
C GLU E 353 21.19 16.47 -45.24
N GLN E 354 22.11 16.97 -46.07
CA GLN E 354 23.50 16.53 -46.02
C GLN E 354 24.24 17.20 -44.87
N TYR E 355 24.23 18.53 -44.82
CA TYR E 355 24.94 19.28 -43.78
C TYR E 355 23.94 19.63 -42.68
N VAL E 356 24.27 19.21 -41.47
CA VAL E 356 23.43 19.44 -40.31
C VAL E 356 24.27 20.09 -39.22
N PHE E 357 23.66 21.03 -38.49
CA PHE E 357 24.35 21.76 -37.43
C PHE E 357 23.80 21.33 -36.06
N CYS E 358 24.68 21.36 -35.06
CA CYS E 358 24.33 20.96 -33.70
C CYS E 358 25.41 21.52 -32.77
N THR E 359 25.31 21.17 -31.49
CA THR E 359 26.27 21.58 -30.47
C THR E 359 26.71 20.36 -29.66
N VAL E 360 27.94 20.40 -29.17
CA VAL E 360 28.49 19.28 -28.42
C VAL E 360 27.77 19.10 -27.08
N ASN E 361 27.14 20.15 -26.57
CA ASN E 361 26.40 20.01 -25.31
C ASN E 361 25.24 19.04 -25.46
N ALA E 362 24.53 19.10 -26.58
CA ALA E 362 23.43 18.18 -26.85
C ALA E 362 23.61 17.62 -28.25
N LEU E 363 24.23 16.44 -28.33
CA LEU E 363 24.48 15.79 -29.61
C LEU E 363 23.45 14.68 -29.80
N PRO E 364 22.48 14.86 -30.70
CA PRO E 364 21.48 13.81 -30.91
C PRO E 364 22.03 12.65 -31.71
N GLU E 365 21.24 11.59 -31.80
CA GLU E 365 21.62 10.43 -32.59
C GLU E 365 21.72 10.84 -34.06
N THR E 366 22.87 10.57 -34.67
CA THR E 366 23.15 11.00 -36.03
C THR E 366 24.14 10.03 -36.66
N THR E 367 24.42 10.27 -37.94
CA THR E 367 25.41 9.51 -38.69
C THR E 367 25.94 10.37 -39.82
N ALA E 368 27.22 10.21 -40.17
CA ALA E 368 27.83 11.04 -41.19
C ALA E 368 28.91 10.28 -41.96
N ASP E 369 29.72 11.01 -42.71
CA ASP E 369 30.83 10.44 -43.47
C ASP E 369 32.17 11.08 -43.13
N ILE E 370 32.19 12.38 -42.86
CA ILE E 370 33.39 13.09 -42.44
C ILE E 370 33.09 13.83 -41.15
N VAL E 371 33.97 13.69 -40.16
CA VAL E 371 33.79 14.30 -38.86
C VAL E 371 34.93 15.28 -38.62
N VAL E 372 34.57 16.49 -38.18
CA VAL E 372 35.54 17.52 -37.82
C VAL E 372 35.42 17.73 -36.31
N PHE E 373 36.35 17.16 -35.55
CA PHE E 373 36.33 17.28 -34.10
C PHE E 373 36.82 18.66 -33.71
N ASP E 374 35.96 19.66 -33.88
CA ASP E 374 36.30 21.02 -33.50
C ASP E 374 36.45 21.12 -31.98
N GLU E 375 37.50 21.81 -31.55
CA GLU E 375 37.84 21.94 -30.13
C GLU E 375 37.98 20.57 -29.50
N ILE E 376 38.83 19.72 -30.08
CA ILE E 376 39.09 18.39 -29.54
C ILE E 376 40.09 18.43 -28.39
N SER E 377 40.79 19.55 -28.18
CA SER E 377 41.81 19.63 -27.15
C SER E 377 41.19 19.97 -25.80
N MET E 378 40.20 20.86 -25.77
CA MET E 378 39.56 21.30 -24.54
C MET E 378 38.52 20.32 -24.02
N ALA E 379 38.48 19.11 -24.58
CA ALA E 379 37.54 18.08 -24.16
C ALA E 379 38.32 16.92 -23.54
N THR E 380 37.92 16.52 -22.34
CA THR E 380 38.57 15.42 -21.66
C THR E 380 38.13 14.09 -22.27
N ASN E 381 38.70 13.00 -21.77
CA ASN E 381 38.38 11.67 -22.29
C ASN E 381 36.89 11.35 -22.13
N TYR E 382 36.24 11.87 -21.09
CA TYR E 382 34.81 11.68 -20.95
C TYR E 382 34.06 12.31 -22.12
N ASP E 383 34.37 13.56 -22.44
CA ASP E 383 33.72 14.23 -23.57
C ASP E 383 34.07 13.59 -24.89
N LEU E 384 35.33 13.18 -25.08
CA LEU E 384 35.73 12.53 -26.32
C LEU E 384 35.00 11.21 -26.51
N SER E 385 34.83 10.45 -25.42
CA SER E 385 34.08 9.21 -25.46
C SER E 385 32.60 9.41 -25.70
N VAL E 386 32.00 10.46 -25.13
CA VAL E 386 30.58 10.71 -25.34
C VAL E 386 30.30 10.99 -26.81
N VAL E 387 31.14 11.82 -27.44
CA VAL E 387 30.96 12.12 -28.86
C VAL E 387 31.24 10.89 -29.70
N ASN E 388 32.25 10.11 -29.34
CA ASN E 388 32.62 8.93 -30.13
C ASN E 388 31.58 7.84 -30.03
N ALA E 389 30.80 7.82 -28.94
CA ALA E 389 29.79 6.77 -28.78
C ALA E 389 28.44 7.22 -29.32
N ARG E 390 28.01 8.43 -28.98
CA ARG E 390 26.71 8.92 -29.42
C ARG E 390 26.68 9.16 -30.92
N LEU E 391 27.84 9.22 -31.57
CA LEU E 391 27.89 9.43 -33.01
C LEU E 391 28.78 8.36 -33.63
N ARG E 392 28.32 7.83 -34.76
CA ARG E 392 29.06 6.82 -35.51
C ARG E 392 29.00 7.17 -36.99
N ALA E 393 30.04 6.76 -37.72
CA ALA E 393 30.15 7.07 -39.13
C ALA E 393 30.92 5.93 -39.81
N LYS E 394 31.04 6.02 -41.14
CA LYS E 394 31.81 5.06 -41.92
C LYS E 394 33.27 5.45 -42.00
N HIS E 395 33.56 6.72 -42.26
CA HIS E 395 34.90 7.26 -42.23
C HIS E 395 35.03 8.25 -41.08
N TYR E 396 36.13 8.17 -40.35
CA TYR E 396 36.39 9.05 -39.23
C TYR E 396 37.74 9.72 -39.39
N VAL E 397 37.73 11.05 -39.36
CA VAL E 397 38.93 11.86 -39.45
C VAL E 397 38.99 12.73 -38.21
N TYR E 398 40.17 12.80 -37.59
CA TYR E 398 40.36 13.56 -36.36
C TYR E 398 41.09 14.85 -36.67
N ILE E 399 40.36 15.96 -36.64
CA ILE E 399 40.90 17.29 -36.89
C ILE E 399 41.26 17.92 -35.54
N GLY E 400 42.54 18.17 -35.34
CA GLY E 400 43.03 18.75 -34.11
C GLY E 400 44.54 18.60 -34.02
N ASP E 401 45.12 19.30 -33.05
CA ASP E 401 46.55 19.27 -32.83
C ASP E 401 46.85 19.05 -31.36
N PRO E 402 47.80 18.19 -31.02
CA PRO E 402 48.15 18.00 -29.59
C PRO E 402 48.59 19.29 -28.92
N ALA E 403 49.34 20.14 -29.60
CA ALA E 403 49.80 21.41 -29.04
C ALA E 403 48.78 22.53 -29.27
N GLN E 404 47.54 22.30 -28.83
CA GLN E 404 46.47 23.27 -29.02
C GLN E 404 45.94 23.83 -27.72
N LEU E 405 45.54 22.97 -26.77
CA LEU E 405 44.94 23.44 -25.53
C LEU E 405 44.97 22.37 -24.45
N PRO E 406 45.39 22.71 -23.23
CA PRO E 406 45.32 21.76 -22.12
C PRO E 406 43.94 21.72 -21.48
N ALA E 407 43.59 20.56 -20.94
CA ALA E 407 42.32 20.41 -20.26
C ALA E 407 42.39 21.08 -18.89
N PRO E 408 41.31 21.73 -18.44
CA PRO E 408 41.33 22.34 -17.10
C PRO E 408 41.27 21.32 -15.98
N ARG E 409 42.06 21.52 -14.93
CA ARG E 409 42.08 20.61 -13.80
C ARG E 409 41.21 21.16 -12.67
N THR E 410 40.34 20.29 -12.12
CA THR E 410 39.46 20.73 -11.05
C THR E 410 39.95 20.29 -9.68
N LEU E 411 40.14 18.98 -9.48
CA LEU E 411 40.53 18.44 -8.19
C LEU E 411 42.03 18.21 -8.04
N LEU E 412 42.83 18.53 -9.04
CA LEU E 412 44.27 18.36 -8.92
C LEU E 412 44.84 19.32 -7.88
N THR E 413 45.72 18.79 -7.04
CA THR E 413 46.39 19.58 -6.00
C THR E 413 47.90 19.60 -6.17
N LYS E 414 48.50 18.45 -6.53
CA LYS E 414 49.94 18.36 -6.75
C LYS E 414 50.20 17.85 -8.16
N GLY E 415 51.19 18.44 -8.82
CA GLY E 415 51.56 18.03 -10.16
C GLY E 415 50.92 18.87 -11.25
N THR E 416 51.67 19.10 -12.32
CA THR E 416 51.18 19.87 -13.47
C THR E 416 51.15 18.97 -14.69
N LEU E 417 50.05 19.04 -15.44
CA LEU E 417 49.92 18.23 -16.65
C LEU E 417 50.98 18.61 -17.68
N GLU E 418 51.65 17.60 -18.21
CA GLU E 418 52.64 17.83 -19.24
C GLU E 418 51.95 18.21 -20.54
N PRO E 419 52.50 19.18 -21.29
CA PRO E 419 51.87 19.54 -22.58
C PRO E 419 51.83 18.40 -23.58
N GLU E 420 52.82 17.50 -23.54
CA GLU E 420 52.88 16.41 -24.52
C GLU E 420 51.91 15.29 -24.19
N TYR E 421 51.41 15.20 -22.96
CA TYR E 421 50.60 14.07 -22.52
C TYR E 421 49.13 14.43 -22.33
N PHE E 422 48.56 15.24 -23.22
CA PHE E 422 47.14 15.53 -23.15
C PHE E 422 46.31 14.28 -23.40
N ASN E 423 46.59 13.58 -24.49
CA ASN E 423 45.87 12.35 -24.84
C ASN E 423 46.89 11.34 -25.34
N SER E 424 46.48 10.06 -25.37
CA SER E 424 47.35 9.03 -25.91
C SER E 424 47.40 9.06 -27.43
N VAL E 425 46.30 9.41 -28.09
CA VAL E 425 46.25 9.50 -29.54
C VAL E 425 47.06 10.72 -29.99
N CYS E 426 46.95 11.81 -29.22
CA CYS E 426 47.72 13.01 -29.53
C CYS E 426 49.22 12.77 -29.42
N ARG E 427 49.61 11.80 -28.59
CA ARG E 427 51.02 11.42 -28.52
C ARG E 427 51.50 10.84 -29.84
N LEU E 428 50.68 10.00 -30.48
CA LEU E 428 51.01 9.44 -31.78
C LEU E 428 50.88 10.46 -32.89
N MET E 429 49.96 11.42 -32.76
CA MET E 429 49.74 12.41 -33.82
C MET E 429 50.96 13.29 -34.03
N LYS E 430 51.73 13.56 -32.99
CA LYS E 430 52.88 14.46 -33.07
C LYS E 430 54.20 13.73 -33.23
N THR E 431 54.18 12.41 -33.43
CA THR E 431 55.40 11.62 -33.51
C THR E 431 56.12 11.74 -34.85
N ILE E 432 55.38 11.75 -35.97
CA ILE E 432 55.97 11.79 -37.30
C ILE E 432 55.74 13.11 -38.00
N GLY E 433 54.84 13.96 -37.49
CA GLY E 433 54.58 15.24 -38.09
C GLY E 433 53.46 15.19 -39.11
N PRO E 434 52.87 16.35 -39.42
CA PRO E 434 51.78 16.39 -40.40
C PRO E 434 52.26 15.99 -41.79
N ASP E 435 51.35 15.33 -42.53
CA ASP E 435 51.66 14.91 -43.89
C ASP E 435 51.04 15.82 -44.93
N MET E 436 50.53 16.99 -44.53
CA MET E 436 49.85 17.89 -45.45
C MET E 436 50.36 19.31 -45.20
N PHE E 437 50.14 20.17 -46.18
CA PHE E 437 50.59 21.56 -46.11
C PHE E 437 49.39 22.48 -46.36
N LEU E 438 49.36 23.61 -45.68
CA LEU E 438 48.28 24.59 -45.76
C LEU E 438 48.85 25.98 -46.04
N GLY E 439 49.71 26.06 -47.06
CA GLY E 439 50.48 27.26 -47.33
C GLY E 439 49.69 28.44 -47.84
N THR E 440 48.59 28.78 -47.15
CA THR E 440 47.80 29.96 -47.45
C THR E 440 47.49 30.68 -46.14
N CYS E 441 48.15 31.81 -45.92
CA CYS E 441 48.02 32.56 -44.67
C CYS E 441 47.07 33.75 -44.85
N ARG E 442 45.84 33.55 -44.39
CA ARG E 442 44.83 34.62 -44.33
C ARG E 442 44.61 35.13 -42.92
N ARG E 443 45.68 35.23 -42.13
CA ARG E 443 45.57 35.50 -40.69
C ARG E 443 46.75 36.34 -40.22
N CYS E 444 47.01 36.33 -38.91
CA CYS E 444 48.04 37.11 -38.23
C CYS E 444 49.35 37.11 -39.00
N PRO E 445 50.05 38.25 -39.05
CA PRO E 445 51.33 38.30 -39.76
C PRO E 445 52.44 37.57 -39.03
N ALA E 446 53.67 37.66 -39.54
CA ALA E 446 54.81 36.96 -38.95
C ALA E 446 55.25 37.51 -37.61
N GLU E 447 54.56 38.50 -37.04
CA GLU E 447 54.93 38.99 -35.71
C GLU E 447 54.72 37.92 -34.64
N ILE E 448 53.60 37.22 -34.69
CA ILE E 448 53.32 36.16 -33.72
C ILE E 448 53.45 34.77 -34.35
N VAL E 449 53.19 34.64 -35.66
CA VAL E 449 53.27 33.33 -36.30
C VAL E 449 54.70 32.79 -36.24
N ASP E 450 55.68 33.64 -36.59
CA ASP E 450 57.07 33.21 -36.52
C ASP E 450 57.51 32.88 -35.10
N THR E 451 57.10 33.70 -34.13
CA THR E 451 57.47 33.47 -32.74
C THR E 451 56.91 32.15 -32.23
N VAL E 452 55.65 31.84 -32.55
CA VAL E 452 55.06 30.60 -32.09
C VAL E 452 55.59 29.41 -32.89
N SER E 453 56.02 29.63 -34.13
CA SER E 453 56.57 28.54 -34.93
C SER E 453 57.95 28.14 -34.43
N ALA E 454 58.79 29.13 -34.13
CA ALA E 454 60.10 28.85 -33.58
C ALA E 454 60.04 28.29 -32.15
N LEU E 455 58.88 28.34 -31.51
CA LEU E 455 58.71 27.87 -30.14
C LEU E 455 58.10 26.48 -30.07
N VAL E 456 56.90 26.28 -30.62
CA VAL E 456 56.16 25.03 -30.49
C VAL E 456 55.84 24.42 -31.84
N TYR E 457 55.44 25.24 -32.82
CA TYR E 457 54.98 24.75 -34.11
C TYR E 457 56.12 24.27 -35.01
N ASP E 458 57.32 24.07 -34.46
CA ASP E 458 58.44 23.45 -35.16
C ASP E 458 58.88 24.26 -36.38
N ASN E 459 58.64 25.58 -36.35
CA ASN E 459 59.05 26.48 -37.42
C ASN E 459 58.49 26.04 -38.77
N LYS E 460 57.29 25.47 -38.77
CA LYS E 460 56.69 24.96 -40.00
C LYS E 460 55.68 25.93 -40.60
N LEU E 461 55.13 26.84 -39.80
CA LEU E 461 54.14 27.79 -40.29
C LEU E 461 54.77 28.75 -41.30
N LYS E 462 53.92 29.30 -42.16
CA LYS E 462 54.35 30.10 -43.29
C LYS E 462 54.31 31.59 -42.93
N ALA E 463 55.38 32.29 -43.29
CA ALA E 463 55.52 33.72 -43.06
C ALA E 463 55.53 34.42 -44.41
N HIS E 464 54.36 34.87 -44.85
CA HIS E 464 54.25 35.56 -46.14
C HIS E 464 54.56 37.04 -45.99
N LYS E 465 54.02 37.67 -44.96
CA LYS E 465 54.25 39.08 -44.68
C LYS E 465 55.37 39.24 -43.66
N ASP E 466 55.91 40.46 -43.60
CA ASP E 466 57.00 40.77 -42.69
C ASP E 466 56.43 41.13 -41.32
N LYS E 467 57.31 41.35 -40.35
CA LYS E 467 56.92 41.74 -38.99
C LYS E 467 56.81 43.26 -38.95
N SER E 468 55.61 43.75 -38.66
CA SER E 468 55.34 45.19 -38.62
C SER E 468 55.81 45.85 -37.33
N ALA E 469 56.47 45.10 -36.44
CA ALA E 469 56.95 45.63 -35.17
C ALA E 469 55.82 46.27 -34.35
N GLN E 470 54.68 45.59 -34.34
CA GLN E 470 53.50 46.06 -33.62
C GLN E 470 53.28 45.36 -32.30
N CYS E 471 54.26 44.60 -31.81
CA CYS E 471 54.16 43.92 -30.53
C CYS E 471 55.22 44.46 -29.57
N PHE E 472 54.84 44.67 -28.33
CA PHE E 472 55.71 45.25 -27.32
C PHE E 472 55.64 44.43 -26.04
N LYS E 473 56.71 44.50 -25.25
CA LYS E 473 56.83 43.78 -24.00
C LYS E 473 57.23 44.72 -22.88
N MET E 474 56.78 44.41 -21.67
N MET E 474 56.78 44.41 -21.67
CA MET E 474 57.09 45.20 -20.48
CA MET E 474 57.08 45.20 -20.48
C MET E 474 57.56 44.27 -19.38
C MET E 474 57.57 44.27 -19.39
N PHE E 475 58.58 44.70 -18.64
CA PHE E 475 59.14 43.93 -17.54
C PHE E 475 58.66 44.52 -16.22
N TYR E 476 58.08 43.66 -15.37
CA TYR E 476 57.59 44.11 -14.08
C TYR E 476 57.74 42.98 -13.08
N LYS E 477 57.61 43.33 -11.79
CA LYS E 477 57.80 42.36 -10.71
C LYS E 477 56.49 41.99 -10.03
N GLY E 478 55.71 42.95 -9.58
CA GLY E 478 54.44 42.67 -8.93
C GLY E 478 54.60 42.08 -7.55
N VAL E 479 53.49 42.12 -6.80
CA VAL E 479 53.42 41.58 -5.45
C VAL E 479 52.31 40.53 -5.40
N ILE E 480 52.61 39.39 -4.80
CA ILE E 480 51.66 38.27 -4.72
C ILE E 480 51.01 38.29 -3.34
N THR E 481 49.68 38.37 -3.34
CA THR E 481 48.90 38.36 -2.11
C THR E 481 47.49 37.87 -2.43
N HIS E 482 47.17 36.67 -1.94
CA HIS E 482 45.88 36.06 -2.23
C HIS E 482 44.80 36.61 -1.32
N ASP E 483 43.58 36.68 -1.85
CA ASP E 483 42.41 37.06 -1.07
C ASP E 483 41.50 35.85 -0.87
N VAL E 484 41.02 35.23 -1.95
CA VAL E 484 40.31 33.96 -1.86
C VAL E 484 40.96 32.96 -2.80
N SER E 485 41.04 33.30 -4.09
CA SER E 485 41.71 32.46 -5.07
C SER E 485 42.46 33.28 -6.12
N SER E 486 42.62 34.58 -5.91
CA SER E 486 43.26 35.45 -6.89
C SER E 486 43.98 36.56 -6.14
N ALA E 487 44.47 37.55 -6.89
CA ALA E 487 45.22 38.66 -6.30
C ALA E 487 44.83 39.95 -7.00
N ILE E 488 44.96 41.06 -6.27
CA ILE E 488 44.69 42.40 -6.79
C ILE E 488 45.98 43.20 -6.72
N ASN E 489 46.36 43.82 -7.84
CA ASN E 489 47.60 44.58 -7.96
C ASN E 489 47.28 46.01 -8.40
N ARG E 490 47.31 46.93 -7.45
CA ARG E 490 47.12 48.36 -7.71
C ARG E 490 48.18 48.93 -8.65
N PRO E 491 49.48 48.66 -8.46
CA PRO E 491 50.48 49.26 -9.36
C PRO E 491 50.31 48.84 -10.82
N GLN E 492 49.89 47.61 -11.08
CA GLN E 492 49.66 47.19 -12.45
C GLN E 492 48.55 48.00 -13.12
N ILE E 493 47.44 48.22 -12.40
CA ILE E 493 46.35 49.02 -12.94
C ILE E 493 46.79 50.48 -13.09
N GLY E 494 47.61 50.98 -12.16
CA GLY E 494 48.12 52.34 -12.30
C GLY E 494 48.99 52.50 -13.54
N VAL E 495 49.86 51.52 -13.80
CA VAL E 495 50.68 51.56 -15.00
C VAL E 495 49.81 51.47 -16.26
N VAL E 496 48.78 50.62 -16.23
CA VAL E 496 47.88 50.51 -17.39
C VAL E 496 47.19 51.84 -17.64
N ARG E 497 46.71 52.50 -16.58
CA ARG E 497 46.07 53.80 -16.75
C ARG E 497 47.05 54.85 -17.26
N GLU E 498 48.27 54.87 -16.71
CA GLU E 498 49.28 55.81 -17.16
C GLU E 498 49.67 55.60 -18.62
N PHE E 499 49.60 54.36 -19.10
CA PHE E 499 49.90 54.09 -20.51
C PHE E 499 48.73 54.47 -21.41
N LEU E 500 47.51 54.05 -21.06
CA LEU E 500 46.35 54.33 -21.90
C LEU E 500 45.92 55.79 -21.89
N THR E 501 46.29 56.56 -20.86
CA THR E 501 45.91 57.97 -20.78
C THR E 501 46.57 58.83 -21.85
N ARG E 502 47.88 58.65 -22.08
CA ARG E 502 48.57 59.45 -23.09
C ARG E 502 48.21 59.01 -24.50
N ASN E 503 47.78 57.76 -24.67
CA ASN E 503 47.37 57.22 -25.97
C ASN E 503 46.00 56.58 -25.80
N PRO E 504 44.93 57.36 -25.75
CA PRO E 504 43.59 56.78 -25.56
C PRO E 504 43.06 56.03 -26.77
N ALA E 505 43.79 56.05 -27.90
CA ALA E 505 43.33 55.37 -29.11
C ALA E 505 43.32 53.86 -28.98
N TRP E 506 43.93 53.27 -27.96
CA TRP E 506 43.91 51.82 -27.77
C TRP E 506 42.82 51.36 -26.82
N ARG E 507 42.01 52.29 -26.28
CA ARG E 507 40.98 51.96 -25.31
C ARG E 507 39.65 51.68 -26.01
N LYS E 508 39.70 50.74 -26.96
CA LYS E 508 38.53 50.36 -27.74
C LYS E 508 38.42 48.84 -27.84
N ALA E 509 38.93 48.12 -26.85
CA ALA E 509 38.97 46.66 -26.90
C ALA E 509 38.29 46.06 -25.67
N VAL E 510 37.79 44.85 -25.84
CA VAL E 510 37.17 44.08 -24.75
C VAL E 510 38.28 43.33 -24.04
N PHE E 511 38.60 43.76 -22.82
CA PHE E 511 39.72 43.20 -22.09
C PHE E 511 39.48 41.73 -21.77
N ILE E 512 40.48 40.90 -22.05
CA ILE E 512 40.46 39.47 -21.73
C ILE E 512 41.57 39.20 -20.73
N SER E 513 41.19 38.64 -19.58
CA SER E 513 42.14 38.36 -18.51
C SER E 513 41.90 36.96 -17.96
N PRO E 514 42.96 36.18 -17.71
CA PRO E 514 42.76 34.88 -17.06
C PRO E 514 42.13 34.98 -15.68
N TYR E 515 42.38 36.07 -14.95
CA TYR E 515 41.80 36.30 -13.64
C TYR E 515 40.75 37.40 -13.74
N ASN E 516 39.57 37.15 -13.19
CA ASN E 516 38.46 38.08 -13.34
C ASN E 516 38.58 39.27 -12.40
N SER E 517 39.46 39.19 -11.39
CA SER E 517 39.54 40.25 -10.39
C SER E 517 39.99 41.57 -10.98
N GLN E 518 40.97 41.56 -11.89
CA GLN E 518 41.48 42.80 -12.47
C GLN E 518 40.39 43.53 -13.24
N ASN E 519 39.68 42.83 -14.12
CA ASN E 519 38.62 43.47 -14.88
C ASN E 519 37.44 43.83 -14.00
N ALA E 520 37.16 43.04 -12.96
CA ALA E 520 36.09 43.39 -12.03
C ALA E 520 36.40 44.70 -11.33
N VAL E 521 37.65 44.91 -10.91
CA VAL E 521 38.02 46.17 -10.29
C VAL E 521 37.98 47.31 -11.30
N ALA E 522 38.47 47.05 -12.52
CA ALA E 522 38.55 48.10 -13.53
C ALA E 522 37.21 48.42 -14.19
N SER E 523 36.17 47.64 -13.91
CA SER E 523 34.85 47.93 -14.47
C SER E 523 34.31 49.26 -13.98
N LYS E 524 34.72 49.68 -12.79
CA LYS E 524 34.26 50.95 -12.23
C LYS E 524 34.95 52.16 -12.86
N ILE E 525 36.03 51.95 -13.61
CA ILE E 525 36.74 53.05 -14.25
C ILE E 525 36.56 53.02 -15.76
N LEU E 526 36.61 51.84 -16.36
CA LEU E 526 36.49 51.69 -17.81
C LEU E 526 35.16 51.14 -18.27
N GLY E 527 34.59 50.18 -17.54
CA GLY E 527 33.31 49.60 -17.90
C GLY E 527 33.37 48.45 -18.89
N LEU E 528 34.55 47.93 -19.19
CA LEU E 528 34.65 46.80 -20.12
C LEU E 528 34.16 45.52 -19.46
N PRO E 529 33.49 44.63 -20.20
CA PRO E 529 33.04 43.37 -19.60
C PRO E 529 34.20 42.41 -19.37
N THR E 530 33.95 41.43 -18.51
CA THR E 530 34.95 40.43 -18.18
C THR E 530 34.73 39.17 -19.01
N GLN E 531 35.71 38.83 -19.83
CA GLN E 531 35.66 37.66 -20.70
C GLN E 531 36.83 36.75 -20.39
N THR E 532 36.52 35.50 -20.02
CA THR E 532 37.56 34.54 -19.70
C THR E 532 38.32 34.13 -20.98
N VAL E 533 39.62 33.91 -20.81
CA VAL E 533 40.47 33.57 -21.95
C VAL E 533 40.28 32.12 -22.41
N ASP E 534 39.68 31.27 -21.59
CA ASP E 534 39.51 29.85 -21.94
C ASP E 534 38.47 29.67 -23.04
N SER E 535 37.36 30.40 -22.95
CA SER E 535 36.27 30.31 -23.91
C SER E 535 36.00 31.66 -24.58
N SER E 536 37.06 32.36 -24.96
CA SER E 536 36.95 33.64 -25.63
C SER E 536 36.90 33.52 -27.15
N GLN E 537 36.86 32.30 -27.67
CA GLN E 537 36.82 32.08 -29.11
C GLN E 537 35.52 32.64 -29.70
N GLY E 538 35.58 33.11 -30.93
CA GLY E 538 34.43 33.65 -31.62
C GLY E 538 34.28 35.15 -31.57
N SER E 539 34.99 35.82 -30.67
CA SER E 539 34.98 37.28 -30.58
C SER E 539 36.36 37.79 -30.97
N GLU E 540 36.42 38.55 -32.06
CA GLU E 540 37.67 39.07 -32.57
C GLU E 540 37.51 40.56 -32.86
N TYR E 541 38.59 41.31 -32.61
CA TYR E 541 38.63 42.74 -32.85
C TYR E 541 40.06 43.16 -33.18
N ASP E 542 40.19 44.36 -33.74
CA ASP E 542 41.50 44.86 -34.15
C ASP E 542 42.43 45.01 -32.96
N TYR E 543 42.05 45.84 -32.00
CA TYR E 543 42.90 46.13 -30.85
C TYR E 543 42.74 45.04 -29.80
N VAL E 544 43.86 44.57 -29.26
CA VAL E 544 43.86 43.50 -28.26
C VAL E 544 44.97 43.76 -27.27
N ILE E 545 44.70 43.46 -26.00
CA ILE E 545 45.67 43.62 -24.91
C ILE E 545 45.60 42.40 -24.02
N PHE E 546 46.76 41.91 -23.60
CA PHE E 546 46.85 40.70 -22.78
C PHE E 546 47.66 40.97 -21.51
N THR E 547 47.30 40.26 -20.45
CA THR E 547 47.96 40.44 -19.15
C THR E 547 47.76 39.16 -18.34
N GLN E 548 48.88 38.54 -17.93
CA GLN E 548 48.81 37.34 -17.11
C GLN E 548 49.15 37.58 -15.64
N THR E 549 49.58 38.79 -15.30
CA THR E 549 49.76 39.23 -13.91
C THR E 549 50.86 38.45 -13.18
N THR E 550 50.60 37.19 -12.85
CA THR E 550 51.49 36.41 -12.00
C THR E 550 52.54 35.69 -12.84
N GLU E 551 53.53 35.13 -12.14
CA GLU E 551 54.69 34.51 -12.80
C GLU E 551 54.82 33.03 -12.47
N THR E 552 53.77 32.40 -11.95
CA THR E 552 53.85 31.00 -11.59
C THR E 552 53.93 30.13 -12.85
N ALA E 553 54.49 28.92 -12.69
CA ALA E 553 54.69 28.03 -13.83
C ALA E 553 53.39 27.38 -14.29
N HIS E 554 52.42 27.18 -13.40
CA HIS E 554 51.18 26.51 -13.73
C HIS E 554 50.28 27.36 -14.64
N SER E 555 50.55 28.65 -14.76
CA SER E 555 49.74 29.53 -15.59
C SER E 555 50.50 30.00 -16.84
N CYS E 556 51.83 29.94 -16.83
CA CYS E 556 52.66 30.42 -17.92
C CYS E 556 53.22 29.27 -18.75
N ASN E 557 52.40 28.26 -19.01
CA ASN E 557 52.84 27.09 -19.77
C ASN E 557 53.10 27.46 -21.23
N VAL E 558 53.52 26.45 -22.01
CA VAL E 558 53.94 26.70 -23.38
C VAL E 558 52.77 27.18 -24.23
N ASN E 559 51.62 26.52 -24.14
CA ASN E 559 50.45 26.90 -24.94
C ASN E 559 49.19 26.57 -24.15
N ARG E 560 48.67 27.57 -23.44
CA ARG E 560 47.38 27.52 -22.79
C ARG E 560 46.46 28.62 -23.29
N PHE E 561 46.97 29.83 -23.43
CA PHE E 561 46.23 30.96 -23.97
C PHE E 561 46.28 31.02 -25.50
N ASN E 562 46.69 29.94 -26.16
CA ASN E 562 46.85 29.97 -27.61
C ASN E 562 45.51 30.19 -28.32
N VAL E 563 44.40 29.98 -27.62
CA VAL E 563 43.09 30.28 -28.19
C VAL E 563 42.94 31.76 -28.50
N ALA E 564 43.35 32.63 -27.58
CA ALA E 564 43.26 34.07 -27.81
C ALA E 564 44.57 34.66 -28.33
N ILE E 565 45.65 33.87 -28.33
CA ILE E 565 46.90 34.36 -28.91
C ILE E 565 46.75 34.63 -30.40
N THR E 566 46.10 33.70 -31.12
CA THR E 566 45.91 33.82 -32.56
C THR E 566 44.62 34.52 -32.93
N ARG E 567 43.86 35.03 -31.95
CA ARG E 567 42.62 35.72 -32.25
C ARG E 567 42.85 37.17 -32.65
N ALA E 568 44.08 37.67 -32.52
CA ALA E 568 44.39 39.02 -32.96
C ALA E 568 44.32 39.12 -34.48
N LYS E 569 44.07 40.34 -34.97
CA LYS E 569 43.98 40.58 -36.40
C LYS E 569 45.09 41.46 -36.93
N VAL E 570 45.69 42.30 -36.09
CA VAL E 570 46.81 43.14 -36.51
C VAL E 570 48.03 43.02 -35.60
N GLY E 571 47.89 42.54 -34.36
CA GLY E 571 49.01 42.41 -33.46
C GLY E 571 48.56 42.50 -32.01
N ILE E 572 49.17 41.69 -31.14
CA ILE E 572 48.79 41.63 -29.74
C ILE E 572 50.01 41.83 -28.87
N LEU E 573 49.90 42.70 -27.88
CA LEU E 573 50.97 42.95 -26.92
C LEU E 573 51.15 41.74 -26.02
N CYS E 574 52.37 41.55 -25.53
CA CYS E 574 52.68 40.42 -24.67
C CYS E 574 53.38 40.92 -23.41
N ILE E 575 52.69 40.82 -22.28
CA ILE E 575 53.25 41.20 -20.99
C ILE E 575 53.57 39.89 -20.27
N MET E 576 54.85 39.53 -20.22
CA MET E 576 55.29 38.29 -19.61
C MET E 576 55.82 38.59 -18.21
N SER E 577 55.20 38.01 -17.19
CA SER E 577 55.71 38.11 -15.84
C SER E 577 56.82 37.09 -15.56
N ASP E 578 57.02 36.14 -16.46
CA ASP E 578 58.06 35.14 -16.31
C ASP E 578 59.28 35.51 -17.16
N ARG E 579 60.37 34.76 -16.94
CA ARG E 579 61.60 34.95 -17.70
C ARG E 579 61.69 34.06 -18.94
N ASP E 580 60.76 33.13 -19.12
CA ASP E 580 60.86 32.17 -20.22
C ASP E 580 60.60 32.84 -21.56
N LEU E 581 59.56 33.66 -21.64
CA LEU E 581 59.18 34.31 -22.89
C LEU E 581 60.10 35.48 -23.23
N TYR E 582 60.96 35.91 -22.30
CA TYR E 582 61.94 36.94 -22.63
C TYR E 582 62.96 36.42 -23.65
N ASP E 583 63.48 35.21 -23.43
CA ASP E 583 64.43 34.64 -24.36
C ASP E 583 63.76 34.09 -25.62
N LYS E 584 62.54 33.57 -25.50
CA LYS E 584 61.81 33.01 -26.63
C LYS E 584 61.32 34.06 -27.61
N LEU E 585 60.77 35.17 -27.12
CA LEU E 585 60.26 36.21 -28.00
C LEU E 585 61.42 36.99 -28.61
N GLN E 586 61.35 37.20 -29.92
CA GLN E 586 62.37 37.93 -30.66
C GLN E 586 61.98 39.40 -30.88
N PHE E 587 61.20 39.95 -29.96
CA PHE E 587 60.68 41.30 -30.08
C PHE E 587 61.66 42.31 -29.48
N THR E 588 61.28 43.58 -29.51
CA THR E 588 62.09 44.67 -28.97
C THR E 588 61.50 45.13 -27.64
N SER E 589 62.37 45.24 -26.64
CA SER E 589 61.93 45.72 -25.34
C SER E 589 61.63 47.21 -25.38
N LEU E 590 60.62 47.62 -24.62
CA LEU E 590 60.20 49.01 -24.57
C LEU E 590 60.18 49.47 -23.12
N GLU E 591 60.45 50.76 -22.92
CA GLU E 591 60.48 51.33 -21.58
C GLU E 591 59.06 51.39 -21.00
N ILE E 592 58.99 51.27 -19.67
CA ILE E 592 57.74 51.31 -18.94
C ILE E 592 57.95 52.20 -17.71
N PRO E 593 57.17 53.26 -17.54
CA PRO E 593 57.30 54.17 -16.38
C PRO E 593 56.70 53.58 -15.11
N ALA F 1 12.95 -1.18 19.97
CA ALA F 1 13.37 -2.52 19.59
C ALA F 1 14.86 -2.55 19.22
N VAL F 2 15.23 -1.74 18.23
CA VAL F 2 16.59 -1.64 17.75
C VAL F 2 16.98 -0.17 17.70
N GLY F 3 18.17 0.14 18.20
CA GLY F 3 18.63 1.52 18.20
C GLY F 3 20.09 1.59 18.59
N ALA F 4 20.63 2.80 18.47
CA ALA F 4 22.03 3.03 18.80
C ALA F 4 22.24 2.99 20.32
N CYS F 5 23.47 2.68 20.71
CA CYS F 5 23.84 2.59 22.11
C CYS F 5 24.01 3.99 22.70
N VAL F 6 24.04 4.05 24.03
CA VAL F 6 24.27 5.32 24.71
C VAL F 6 25.76 5.59 24.87
N LEU F 7 26.53 4.56 25.16
CA LEU F 7 27.98 4.71 25.34
C LEU F 7 28.75 4.64 24.02
N CYS F 8 28.24 3.93 23.01
CA CYS F 8 28.97 3.73 21.77
C CYS F 8 28.24 4.20 20.53
N ASN F 9 26.95 4.50 20.62
CA ASN F 9 26.10 4.83 19.46
C ASN F 9 26.05 3.68 18.46
N SER F 10 26.34 2.46 18.91
CA SER F 10 26.26 1.29 18.05
C SER F 10 24.89 0.65 18.14
N GLN F 11 24.44 0.09 17.03
CA GLN F 11 23.14 -0.57 16.97
C GLN F 11 23.09 -1.73 17.94
N THR F 12 22.01 -1.79 18.72
CA THR F 12 21.84 -2.82 19.73
C THR F 12 20.36 -3.05 19.96
N SER F 13 20.03 -4.16 20.62
CA SER F 13 18.65 -4.51 20.93
C SER F 13 18.51 -4.85 22.40
N LEU F 14 19.39 -4.28 23.23
CA LEU F 14 19.38 -4.52 24.67
C LEU F 14 19.01 -3.23 25.40
N ARG F 15 18.00 -3.32 26.26
CA ARG F 15 17.56 -2.19 27.06
C ARG F 15 17.46 -2.63 28.52
N CYS F 16 17.98 -1.82 29.42
CA CYS F 16 17.94 -2.14 30.84
C CYS F 16 16.52 -1.98 31.36
N GLY F 17 15.88 -3.10 31.70
CA GLY F 17 14.53 -3.06 32.23
C GLY F 17 14.42 -2.36 33.57
N ALA F 18 15.47 -2.44 34.39
CA ALA F 18 15.48 -1.79 35.69
C ALA F 18 15.85 -0.32 35.61
N CYS F 19 16.16 0.19 34.42
CA CYS F 19 16.40 1.61 34.19
C CYS F 19 15.05 2.27 33.93
N ILE F 20 14.83 3.43 34.56
CA ILE F 20 13.54 4.11 34.43
C ILE F 20 13.33 4.58 33.00
N ARG F 21 14.41 4.87 32.28
CA ARG F 21 14.33 5.32 30.90
C ARG F 21 14.53 4.19 29.88
N ARG F 22 15.08 3.05 30.30
CA ARG F 22 15.37 1.92 29.44
C ARG F 22 16.18 2.33 28.21
N PRO F 23 17.43 2.74 28.37
CA PRO F 23 18.25 3.09 27.21
C PRO F 23 18.77 1.85 26.49
N PHE F 24 19.15 2.06 25.23
CA PHE F 24 19.74 0.98 24.45
C PHE F 24 21.19 0.77 24.85
N LEU F 25 21.56 -0.47 25.11
CA LEU F 25 22.88 -0.83 25.61
C LEU F 25 23.54 -1.82 24.66
N CYS F 26 24.82 -1.59 24.36
CA CYS F 26 25.60 -2.58 23.65
C CYS F 26 25.75 -3.83 24.49
N CYS F 27 26.12 -4.93 23.82
CA CYS F 27 26.30 -6.21 24.52
C CYS F 27 27.33 -6.07 25.64
N LYS F 28 28.49 -5.49 25.33
CA LYS F 28 29.48 -5.22 26.36
C LYS F 28 28.95 -4.20 27.37
N CYS F 29 28.26 -3.17 26.88
CA CYS F 29 27.65 -2.19 27.76
C CYS F 29 26.58 -2.81 28.65
N CYS F 30 25.76 -3.71 28.09
CA CYS F 30 24.75 -4.40 28.88
C CYS F 30 25.42 -5.26 29.96
N TYR F 31 26.51 -5.93 29.61
CA TYR F 31 27.24 -6.73 30.59
C TYR F 31 27.79 -5.86 31.71
N ASP F 32 28.36 -4.70 31.35
CA ASP F 32 28.91 -3.79 32.35
C ASP F 32 27.82 -3.26 33.27
N HIS F 33 26.68 -2.87 32.71
CA HIS F 33 25.57 -2.37 33.51
C HIS F 33 24.92 -3.47 34.35
N VAL F 34 25.07 -4.74 33.95
CA VAL F 34 24.52 -5.84 34.73
C VAL F 34 25.43 -6.25 35.88
N ILE F 35 26.73 -6.37 35.66
CA ILE F 35 27.61 -6.91 36.69
C ILE F 35 27.76 -5.93 37.85
N SER F 36 27.82 -4.63 37.56
CA SER F 36 28.17 -3.62 38.55
C SER F 36 26.95 -3.00 39.21
N THR F 37 25.75 -3.45 38.85
CA THR F 37 24.52 -2.90 39.42
C THR F 37 23.56 -4.04 39.73
N SER F 38 22.50 -3.69 40.46
CA SER F 38 21.41 -4.62 40.73
C SER F 38 20.38 -4.65 39.62
N HIS F 39 20.68 -4.02 38.47
CA HIS F 39 19.78 -4.02 37.33
C HIS F 39 19.80 -5.38 36.65
N LYS F 40 19.01 -6.32 37.16
CA LYS F 40 18.99 -7.69 36.67
C LYS F 40 17.95 -7.91 35.59
N LEU F 41 17.20 -6.88 35.21
CA LEU F 41 16.19 -6.97 34.17
C LEU F 41 16.70 -6.24 32.93
N VAL F 42 16.82 -6.96 31.83
CA VAL F 42 17.29 -6.41 30.56
C VAL F 42 16.25 -6.76 29.49
N LEU F 43 15.90 -5.77 28.67
CA LEU F 43 14.81 -5.88 27.71
C LEU F 43 15.33 -5.98 26.29
N SER F 44 14.56 -6.64 25.45
CA SER F 44 14.88 -6.85 24.04
C SER F 44 13.57 -6.90 23.27
N VAL F 45 13.60 -7.47 22.06
CA VAL F 45 12.38 -7.71 21.30
C VAL F 45 11.48 -8.60 22.14
N ASN F 46 12.08 -9.41 23.01
CA ASN F 46 11.41 -10.17 24.04
C ASN F 46 12.13 -9.94 25.36
N PRO F 47 11.41 -9.92 26.47
CA PRO F 47 12.06 -9.68 27.76
C PRO F 47 12.92 -10.86 28.17
N TYR F 48 14.12 -10.58 28.68
CA TYR F 48 15.01 -11.64 29.15
C TYR F 48 14.56 -12.14 30.51
N VAL F 49 13.46 -12.89 30.52
CA VAL F 49 12.89 -13.44 31.75
C VAL F 49 12.58 -14.92 31.50
N CYS F 50 12.62 -15.70 32.59
CA CYS F 50 12.34 -17.12 32.49
C CYS F 50 10.89 -17.33 32.08
N ASN F 51 10.68 -17.86 30.88
CA ASN F 51 9.35 -18.05 30.33
C ASN F 51 8.69 -19.34 30.80
N ALA F 52 9.39 -20.13 31.61
CA ALA F 52 8.81 -21.35 32.14
C ALA F 52 7.63 -21.04 33.05
N PRO F 53 6.49 -21.70 32.85
CA PRO F 53 5.31 -21.46 33.70
C PRO F 53 5.60 -21.78 35.15
N GLY F 54 5.09 -20.94 36.05
CA GLY F 54 5.28 -21.15 37.47
C GLY F 54 6.58 -20.59 38.02
N CYS F 55 7.31 -19.81 37.25
CA CYS F 55 8.57 -19.20 37.68
C CYS F 55 8.44 -17.69 37.70
N ASP F 56 9.19 -17.05 38.60
CA ASP F 56 9.10 -15.61 38.78
C ASP F 56 10.46 -14.93 38.82
N VAL F 57 11.55 -15.63 38.53
CA VAL F 57 12.86 -15.01 38.53
C VAL F 57 12.98 -14.03 37.37
N THR F 58 13.64 -12.90 37.61
CA THR F 58 13.78 -11.87 36.58
C THR F 58 15.23 -11.39 36.47
N ASP F 59 16.18 -12.31 36.55
CA ASP F 59 17.59 -11.98 36.48
C ASP F 59 18.07 -12.03 35.04
N VAL F 60 19.35 -11.74 34.84
CA VAL F 60 19.99 -11.87 33.54
C VAL F 60 21.21 -12.79 33.57
N THR F 61 22.11 -12.61 34.54
CA THR F 61 23.22 -13.55 34.72
C THR F 61 22.75 -14.92 35.19
N GLN F 62 21.62 -14.99 35.90
CA GLN F 62 21.02 -16.26 36.27
C GLN F 62 20.15 -16.82 35.15
N LEU F 63 19.84 -16.03 34.13
CA LEU F 63 19.01 -16.46 33.01
C LEU F 63 19.88 -17.13 31.94
N TYR F 64 19.33 -18.18 31.35
CA TYR F 64 20.04 -18.97 30.36
C TYR F 64 19.18 -19.10 29.10
N LEU F 65 19.85 -19.23 27.96
CA LEU F 65 19.16 -19.39 26.69
C LEU F 65 18.79 -20.87 26.49
N GLY F 66 17.49 -21.16 26.54
CA GLY F 66 17.02 -22.51 26.33
C GLY F 66 16.00 -22.58 25.21
N GLY F 67 16.34 -23.29 24.13
CA GLY F 67 15.46 -23.33 22.98
C GLY F 67 15.27 -21.94 22.38
N MET F 68 14.02 -21.62 22.07
CA MET F 68 13.66 -20.32 21.51
C MET F 68 13.32 -19.29 22.58
N SER F 69 13.28 -19.69 23.85
CA SER F 69 12.91 -18.81 24.94
C SER F 69 14.04 -18.70 25.96
N TYR F 70 13.77 -18.06 27.09
CA TYR F 70 14.74 -17.82 28.13
C TYR F 70 14.34 -18.57 29.40
N TYR F 71 15.33 -19.12 30.10
CA TYR F 71 15.08 -19.88 31.31
C TYR F 71 16.18 -19.62 32.32
N CYS F 72 15.89 -19.93 33.58
CA CYS F 72 16.88 -19.86 34.64
C CYS F 72 17.51 -21.23 34.85
N LYS F 73 18.36 -21.36 35.87
CA LYS F 73 19.01 -22.65 36.14
C LYS F 73 17.98 -23.72 36.51
N SER F 74 16.95 -23.34 37.26
CA SER F 74 15.94 -24.29 37.71
C SER F 74 15.03 -24.77 36.59
N HIS F 75 15.04 -24.11 35.42
CA HIS F 75 14.15 -24.50 34.34
C HIS F 75 14.85 -24.63 32.99
N LYS F 76 16.16 -24.47 32.92
CA LYS F 76 16.84 -24.51 31.63
C LYS F 76 16.86 -25.94 31.08
N PRO F 77 16.71 -26.09 29.76
CA PRO F 77 16.82 -27.41 29.15
C PRO F 77 18.25 -27.92 29.20
N PRO F 78 18.49 -29.19 28.88
CA PRO F 78 19.88 -29.68 28.83
C PRO F 78 20.75 -28.89 27.85
N ILE F 79 20.19 -28.43 26.74
CA ILE F 79 20.89 -27.54 25.82
C ILE F 79 20.65 -26.12 26.33
N SER F 80 21.66 -25.53 26.96
CA SER F 80 21.52 -24.23 27.59
C SER F 80 22.73 -23.38 27.24
N PHE F 81 22.53 -22.06 27.25
CA PHE F 81 23.58 -21.13 26.87
C PHE F 81 23.54 -19.91 27.78
N PRO F 82 24.63 -19.63 28.51
CA PRO F 82 24.64 -18.48 29.41
C PRO F 82 24.47 -17.14 28.70
N LEU F 83 23.52 -16.33 29.16
CA LEU F 83 23.34 -15.01 28.59
C LEU F 83 24.57 -14.13 28.80
N CYS F 84 25.19 -14.21 29.98
CA CYS F 84 26.40 -13.46 30.28
C CYS F 84 27.60 -14.32 29.88
N ALA F 85 28.20 -13.97 28.74
CA ALA F 85 29.36 -14.70 28.24
C ALA F 85 30.24 -13.76 27.44
N ASN F 86 31.55 -13.99 27.51
CA ASN F 86 32.56 -13.17 26.83
C ASN F 86 32.48 -11.71 27.22
N GLY F 87 31.98 -11.42 28.43
CA GLY F 87 31.80 -10.05 28.86
C GLY F 87 30.79 -9.28 28.05
N GLN F 88 29.73 -9.93 27.60
CA GLN F 88 28.70 -9.28 26.81
C GLN F 88 27.42 -10.10 26.86
N VAL F 89 26.28 -9.43 27.08
CA VAL F 89 25.01 -10.12 27.08
C VAL F 89 24.60 -10.46 25.65
N PHE F 90 23.91 -11.58 25.48
CA PHE F 90 23.52 -12.06 24.16
C PHE F 90 22.40 -11.18 23.62
N GLY F 91 22.65 -10.56 22.47
CA GLY F 91 21.66 -9.73 21.81
C GLY F 91 22.03 -9.54 20.36
N LEU F 92 21.26 -8.70 19.68
CA LEU F 92 21.54 -8.40 18.28
C LEU F 92 22.87 -7.67 18.15
N TYR F 93 23.56 -7.93 17.04
CA TYR F 93 24.86 -7.33 16.74
C TYR F 93 25.87 -7.65 17.84
N LYS F 94 25.97 -8.94 18.16
CA LYS F 94 26.89 -9.42 19.18
C LYS F 94 28.34 -9.41 18.72
N ASN F 95 28.59 -9.24 17.42
CA ASN F 95 29.94 -9.16 16.89
C ASN F 95 30.36 -7.78 16.44
N THR F 96 29.42 -6.86 16.23
CA THR F 96 29.71 -5.49 15.85
C THR F 96 29.41 -4.59 17.05
N CYS F 97 30.40 -4.44 17.92
CA CYS F 97 30.28 -3.60 19.10
C CYS F 97 31.69 -3.27 19.58
N VAL F 98 31.86 -2.06 20.12
CA VAL F 98 33.16 -1.61 20.57
C VAL F 98 33.27 -1.46 22.08
N GLY F 99 32.17 -1.21 22.79
CA GLY F 99 32.23 -1.01 24.22
C GLY F 99 32.84 0.33 24.57
N SER F 100 33.01 0.55 25.87
CA SER F 100 33.62 1.78 26.37
C SER F 100 34.17 1.52 27.76
N ASP F 101 35.33 2.12 28.05
CA ASP F 101 35.91 2.03 29.38
C ASP F 101 35.23 2.95 30.39
N ASN F 102 34.44 3.92 29.90
CA ASN F 102 33.73 4.85 30.77
C ASN F 102 32.36 4.24 31.08
N VAL F 103 32.33 3.35 32.06
CA VAL F 103 31.09 2.71 32.48
C VAL F 103 30.61 3.19 33.84
N THR F 104 31.48 3.76 34.67
CA THR F 104 31.06 4.20 36.00
C THR F 104 30.08 5.36 35.91
N ASP F 105 30.20 6.22 34.90
CA ASP F 105 29.27 7.33 34.75
C ASP F 105 27.86 6.84 34.49
N PHE F 106 27.69 5.87 33.60
CA PHE F 106 26.37 5.34 33.31
C PHE F 106 25.76 4.68 34.54
N ASN F 107 26.56 3.89 35.27
CA ASN F 107 26.06 3.25 36.47
C ASN F 107 25.65 4.28 37.53
N ALA F 108 26.47 5.31 37.71
CA ALA F 108 26.15 6.36 38.68
C ALA F 108 24.88 7.10 38.29
N ILE F 109 24.68 7.34 36.99
CA ILE F 109 23.45 7.97 36.54
C ILE F 109 22.26 7.07 36.80
N ALA F 110 22.40 5.77 36.54
CA ALA F 110 21.27 4.85 36.64
C ALA F 110 21.01 4.43 38.08
N THR F 111 22.06 4.01 38.80
CA THR F 111 21.86 3.48 40.14
C THR F 111 21.38 4.55 41.10
N CYS F 112 22.04 5.71 41.12
CA CYS F 112 21.66 6.79 42.01
C CYS F 112 20.38 7.45 41.49
N ASP F 113 19.36 7.52 42.34
CA ASP F 113 18.09 8.13 41.96
C ASP F 113 18.08 9.63 42.24
N TRP F 114 19.13 10.31 41.78
CA TRP F 114 19.24 11.77 41.81
C TRP F 114 18.95 12.32 43.22
N THR F 115 19.84 11.99 44.14
CA THR F 115 19.70 12.42 45.53
C THR F 115 20.66 13.53 45.93
N ASN F 116 21.82 13.64 45.28
CA ASN F 116 22.79 14.66 45.66
C ASN F 116 23.29 15.44 44.44
N ALA F 117 24.16 16.42 44.67
CA ALA F 117 24.65 17.28 43.60
C ALA F 117 25.69 16.58 42.73
N GLY F 118 26.42 15.62 43.28
CA GLY F 118 27.42 14.90 42.51
C GLY F 118 26.85 14.16 41.31
N ASP F 119 25.60 13.69 41.42
CA ASP F 119 24.94 13.06 40.27
C ASP F 119 24.84 14.05 39.12
N TYR F 120 24.39 15.28 39.42
CA TYR F 120 24.31 16.31 38.39
C TYR F 120 25.70 16.71 37.89
N ILE F 121 26.70 16.73 38.78
CA ILE F 121 28.05 17.08 38.37
C ILE F 121 28.57 16.08 37.34
N LEU F 122 28.43 14.79 37.63
CA LEU F 122 28.89 13.77 36.68
C LEU F 122 28.01 13.71 35.45
N ALA F 123 26.73 14.07 35.56
CA ALA F 123 25.87 14.15 34.40
C ALA F 123 26.29 15.27 33.45
N ASN F 124 26.72 16.41 33.99
CA ASN F 124 27.14 17.52 33.16
C ASN F 124 28.57 17.36 32.66
N THR F 125 29.43 16.66 33.39
CA THR F 125 30.82 16.46 32.97
C THR F 125 30.99 15.12 32.27
N CYS F 126 30.34 15.01 31.12
CA CYS F 126 30.42 13.80 30.30
C CYS F 126 30.03 14.17 28.86
N THR F 127 29.81 13.15 28.04
CA THR F 127 29.46 13.35 26.64
C THR F 127 27.99 13.74 26.50
N GLU F 128 27.58 13.98 25.25
CA GLU F 128 26.23 14.47 24.98
C GLU F 128 25.18 13.39 25.24
N ARG F 129 25.42 12.18 24.75
CA ARG F 129 24.43 11.11 24.89
C ARG F 129 24.21 10.74 26.36
N LEU F 130 25.30 10.61 27.12
CA LEU F 130 25.17 10.31 28.54
C LEU F 130 24.47 11.43 29.28
N LYS F 131 24.77 12.69 28.93
CA LYS F 131 24.10 13.82 29.56
C LYS F 131 22.61 13.83 29.25
N LEU F 132 22.22 13.54 28.01
CA LEU F 132 20.80 13.49 27.67
C LEU F 132 20.10 12.34 28.38
N PHE F 133 20.75 11.17 28.48
CA PHE F 133 20.16 10.07 29.23
C PHE F 133 20.00 10.44 30.70
N ALA F 134 20.98 11.12 31.28
CA ALA F 134 20.86 11.58 32.66
C ALA F 134 19.73 12.59 32.80
N ALA F 135 19.58 13.48 31.83
CA ALA F 135 18.51 14.48 31.89
C ALA F 135 17.14 13.81 31.86
N GLU F 136 16.95 12.84 30.97
CA GLU F 136 15.65 12.18 30.90
C GLU F 136 15.41 11.29 32.12
N THR F 137 16.46 10.68 32.67
CA THR F 137 16.31 9.95 33.93
C THR F 137 15.90 10.89 35.06
N LEU F 138 16.51 12.07 35.11
CA LEU F 138 16.14 13.06 36.12
C LEU F 138 14.69 13.50 35.94
N LYS F 139 14.25 13.68 34.70
CA LYS F 139 12.86 14.07 34.46
C LYS F 139 11.91 12.95 34.90
N ALA F 140 12.26 11.69 34.61
CA ALA F 140 11.40 10.58 35.00
C ALA F 140 11.29 10.46 36.51
N THR F 141 12.43 10.54 37.21
CA THR F 141 12.38 10.46 38.67
C THR F 141 11.73 11.71 39.27
N GLU F 142 11.82 12.85 38.58
CA GLU F 142 11.10 14.04 39.02
C GLU F 142 9.60 13.84 38.92
N GLU F 143 9.13 13.23 37.82
CA GLU F 143 7.73 12.87 37.71
C GLU F 143 7.29 11.89 38.78
N THR F 144 8.11 10.87 39.06
CA THR F 144 7.80 9.92 40.13
C THR F 144 7.71 10.60 41.49
N PHE F 145 8.64 11.50 41.80
CA PHE F 145 8.63 12.21 43.07
C PHE F 145 7.46 13.19 43.16
N LYS F 146 7.09 13.80 42.03
CA LYS F 146 5.97 14.73 41.99
C LYS F 146 4.63 14.02 42.15
N LEU F 147 4.51 12.80 41.62
CA LEU F 147 3.28 12.03 41.76
C LEU F 147 3.08 11.49 43.17
N SER F 148 4.09 11.61 44.04
CA SER F 148 3.99 11.16 45.43
C SER F 148 3.55 12.28 46.37
N TYR F 149 2.88 13.31 45.85
CA TYR F 149 2.42 14.42 46.65
C TYR F 149 0.90 14.33 46.83
N GLY F 150 0.36 15.26 47.63
CA GLY F 150 -1.05 15.26 47.96
C GLY F 150 -1.97 15.54 46.79
N ILE F 151 -3.23 15.17 46.93
CA ILE F 151 -4.25 15.39 45.91
C ILE F 151 -5.29 16.34 46.49
N ALA F 152 -5.56 17.43 45.75
CA ALA F 152 -6.47 18.48 46.22
C ALA F 152 -7.89 18.12 45.80
N THR F 153 -8.63 17.52 46.72
CA THR F 153 -10.04 17.24 46.51
C THR F 153 -10.88 18.38 47.08
N VAL F 154 -11.45 19.19 46.19
CA VAL F 154 -12.16 20.41 46.57
C VAL F 154 -13.53 19.99 47.10
N ARG F 155 -13.74 20.20 48.39
CA ARG F 155 -15.02 19.88 49.02
C ARG F 155 -16.01 21.02 48.95
N GLU F 156 -15.54 22.27 48.92
CA GLU F 156 -16.41 23.43 48.87
C GLU F 156 -15.71 24.57 48.13
N VAL F 157 -16.51 25.46 47.55
CA VAL F 157 -16.01 26.64 46.88
C VAL F 157 -16.49 27.86 47.67
N LEU F 158 -15.55 28.61 48.23
CA LEU F 158 -15.93 29.71 49.12
C LEU F 158 -15.99 31.04 48.38
N SER F 159 -14.89 31.47 47.80
CA SER F 159 -14.81 32.77 47.13
C SER F 159 -13.63 32.75 46.17
N ASP F 160 -13.25 33.93 45.69
CA ASP F 160 -12.07 34.05 44.83
C ASP F 160 -10.82 34.28 45.68
N ARG F 161 -9.68 33.86 45.12
CA ARG F 161 -8.37 33.94 45.75
C ARG F 161 -8.29 33.16 47.06
N GLU F 162 -9.29 32.33 47.35
CA GLU F 162 -9.34 31.52 48.56
C GLU F 162 -10.42 30.46 48.39
N LEU F 163 -10.09 29.23 48.76
CA LEU F 163 -11.01 28.11 48.59
C LEU F 163 -11.11 27.35 49.90
N HIS F 164 -12.24 26.65 50.07
CA HIS F 164 -12.45 25.76 51.20
C HIS F 164 -11.95 24.39 50.77
N LEU F 165 -10.62 24.22 50.74
CA LEU F 165 -9.98 23.05 50.17
C LEU F 165 -9.42 22.17 51.28
N SER F 166 -9.64 20.86 51.15
CA SER F 166 -9.09 19.87 52.07
C SER F 166 -8.54 18.72 51.26
N TRP F 167 -7.70 17.90 51.91
CA TRP F 167 -7.08 16.77 51.24
C TRP F 167 -7.05 15.55 52.14
N GLU F 168 -6.31 14.52 51.74
CA GLU F 168 -6.20 13.28 52.51
C GLU F 168 -5.27 13.51 53.70
N VAL F 169 -5.11 12.49 54.53
CA VAL F 169 -4.26 12.56 55.71
C VAL F 169 -2.96 11.80 55.42
N GLY F 170 -1.83 12.42 55.75
CA GLY F 170 -0.54 11.80 55.52
C GLY F 170 0.18 12.31 54.29
N LYS F 171 -0.55 12.58 53.23
CA LYS F 171 0.07 13.07 51.99
C LYS F 171 0.65 14.47 52.21
N PRO F 172 1.91 14.70 51.83
CA PRO F 172 2.53 16.00 52.10
C PRO F 172 1.96 17.14 51.27
N ARG F 173 2.26 18.38 51.67
CA ARG F 173 1.94 19.70 51.18
C ARG F 173 2.82 20.09 49.99
N PRO F 174 2.23 20.56 48.91
CA PRO F 174 3.02 20.99 47.75
C PRO F 174 3.89 22.18 48.09
N PRO F 175 5.03 22.34 47.39
CA PRO F 175 5.97 23.41 47.74
C PRO F 175 5.45 24.81 47.46
N LEU F 176 6.27 25.82 47.76
CA LEU F 176 5.90 27.22 47.65
C LEU F 176 5.94 27.73 46.21
N ASN F 177 6.91 27.26 45.43
CA ASN F 177 7.24 27.85 44.14
C ASN F 177 6.14 27.52 43.11
N ARG F 178 6.31 28.05 41.91
CA ARG F 178 5.35 27.79 40.83
C ARG F 178 5.73 26.57 40.00
N ASN F 179 6.82 25.88 40.37
CA ASN F 179 7.25 24.71 39.63
C ASN F 179 6.33 23.51 39.79
N TYR F 180 5.29 23.62 40.62
CA TYR F 180 4.35 22.52 40.84
C TYR F 180 2.94 22.93 40.43
N VAL F 181 2.82 23.49 39.23
CA VAL F 181 1.51 23.86 38.69
C VAL F 181 0.62 22.62 38.61
N PHE F 182 -0.66 22.78 38.94
CA PHE F 182 -1.63 21.70 38.87
C PHE F 182 -2.37 21.76 37.55
N THR F 183 -2.44 20.61 36.88
CA THR F 183 -3.14 20.47 35.60
C THR F 183 -4.02 19.22 35.62
N GLY F 184 -4.75 19.03 36.72
CA GLY F 184 -5.61 17.88 36.86
C GLY F 184 -6.83 17.94 35.96
N TYR F 185 -7.49 16.80 35.77
CA TYR F 185 -8.67 16.75 34.91
C TYR F 185 -9.74 15.93 35.62
N ARG F 186 -10.89 16.56 35.89
CA ARG F 186 -11.96 15.91 36.63
C ARG F 186 -13.00 15.33 35.69
N VAL F 187 -13.92 14.56 36.26
CA VAL F 187 -15.02 13.95 35.54
C VAL F 187 -16.33 14.40 36.17
N THR F 188 -17.33 14.66 35.34
CA THR F 188 -18.61 15.16 35.82
C THR F 188 -19.71 14.13 35.70
N LYS F 189 -20.00 13.63 34.50
CA LYS F 189 -21.04 12.61 34.36
C LYS F 189 -20.63 11.38 33.55
N ASN F 190 -19.79 11.51 32.54
CA ASN F 190 -19.47 10.35 31.71
C ASN F 190 -17.98 10.13 31.51
N SER F 191 -17.21 11.19 31.33
CA SER F 191 -15.78 11.05 31.00
C SER F 191 -15.07 12.34 31.38
N LYS F 192 -13.83 12.50 30.92
CA LYS F 192 -13.01 13.65 31.22
C LYS F 192 -13.30 14.79 30.25
N VAL F 193 -13.16 16.02 30.73
CA VAL F 193 -13.33 17.21 29.93
C VAL F 193 -12.16 18.16 30.19
N GLN F 194 -12.20 19.32 29.54
CA GLN F 194 -11.15 20.31 29.70
C GLN F 194 -11.24 20.98 31.06
N ILE F 195 -10.07 21.29 31.64
CA ILE F 195 -10.00 21.95 32.93
C ILE F 195 -9.16 23.22 32.80
N GLY F 196 -7.93 23.07 32.33
CA GLY F 196 -7.01 24.18 32.18
C GLY F 196 -5.78 24.01 33.04
N GLU F 197 -4.79 24.85 32.77
CA GLU F 197 -3.52 24.85 33.47
C GLU F 197 -3.38 26.12 34.30
N TYR F 198 -3.11 25.96 35.59
CA TYR F 198 -2.96 27.08 36.51
C TYR F 198 -1.80 26.80 37.45
N THR F 199 -1.20 27.87 37.98
CA THR F 199 -0.06 27.74 38.87
C THR F 199 -0.52 28.14 40.27
N PHE F 200 -1.04 27.16 41.02
CA PHE F 200 -1.48 27.40 42.39
C PHE F 200 -0.28 27.60 43.30
N GLU F 201 -0.32 28.66 44.09
CA GLU F 201 0.79 29.03 44.96
C GLU F 201 0.26 29.39 46.34
N LYS F 202 1.11 29.17 47.35
CA LYS F 202 0.71 29.45 48.72
C LYS F 202 0.79 30.95 49.00
N GLY F 203 -0.29 31.48 49.57
CA GLY F 203 -0.35 32.89 49.92
C GLY F 203 0.43 33.23 51.17
N ALA F 208 -7.77 26.67 50.04
CA ALA F 208 -7.02 27.70 50.77
C ALA F 208 -5.70 27.99 50.08
N VAL F 209 -5.70 27.99 48.75
CA VAL F 209 -4.51 28.23 47.95
C VAL F 209 -4.84 29.35 46.97
N VAL F 210 -3.95 30.33 46.87
CA VAL F 210 -4.15 31.44 45.94
C VAL F 210 -3.69 31.02 44.55
N TYR F 211 -4.46 31.38 43.54
CA TYR F 211 -4.17 31.03 42.15
C TYR F 211 -3.71 32.28 41.41
N ARG F 212 -2.58 32.18 40.73
CA ARG F 212 -2.02 33.29 39.96
C ARG F 212 -2.50 33.25 38.51
N GLY F 213 -3.82 33.23 38.36
CA GLY F 213 -4.42 33.19 37.03
C GLY F 213 -5.18 34.46 36.71
N THR F 214 -5.15 34.85 35.43
CA THR F 214 -5.84 36.05 34.99
C THR F 214 -7.29 35.81 34.61
N THR F 215 -7.72 34.56 34.56
CA THR F 215 -9.10 34.20 34.21
C THR F 215 -9.85 33.73 35.44
N THR F 216 -11.16 33.57 35.28
CA THR F 216 -12.03 33.13 36.35
C THR F 216 -12.71 31.82 35.98
N TYR F 217 -13.07 31.05 37.01
CA TYR F 217 -13.71 29.76 36.81
C TYR F 217 -14.41 29.37 38.11
N LYS F 218 -15.55 28.69 37.97
CA LYS F 218 -16.31 28.21 39.12
C LYS F 218 -16.15 26.70 39.21
N LEU F 219 -15.59 26.24 40.33
CA LEU F 219 -15.39 24.81 40.52
C LEU F 219 -16.70 24.13 40.88
N ASN F 220 -16.69 22.80 40.84
CA ASN F 220 -17.89 22.01 41.09
C ASN F 220 -17.53 20.91 42.09
N VAL F 221 -18.51 20.05 42.38
CA VAL F 221 -18.32 18.98 43.35
C VAL F 221 -17.60 17.82 42.68
N GLY F 222 -16.61 17.26 43.37
CA GLY F 222 -15.85 16.15 42.83
C GLY F 222 -14.69 16.54 41.93
N ASP F 223 -14.48 17.83 41.70
CA ASP F 223 -13.36 18.27 40.88
C ASP F 223 -12.07 18.28 41.70
N TYR F 224 -11.01 17.70 41.14
CA TYR F 224 -9.73 17.58 41.82
C TYR F 224 -8.61 18.05 40.91
N PHE F 225 -7.56 18.61 41.51
CA PHE F 225 -6.37 19.04 40.80
C PHE F 225 -5.20 18.14 41.15
N VAL F 226 -4.55 17.62 40.12
CA VAL F 226 -3.42 16.70 40.27
C VAL F 226 -2.19 17.33 39.63
N LEU F 227 -1.02 16.98 40.16
CA LEU F 227 0.26 17.43 39.61
C LEU F 227 0.51 16.64 38.33
N THR F 228 -0.22 16.98 37.28
CA THR F 228 -0.13 16.24 36.02
C THR F 228 1.18 16.53 35.32
N SER F 229 1.94 15.48 35.04
CA SER F 229 3.17 15.57 34.29
C SER F 229 2.98 14.98 32.90
N HIS F 230 4.05 15.03 32.09
CA HIS F 230 3.99 14.52 30.74
C HIS F 230 4.91 13.31 30.58
N THR F 231 4.87 12.68 29.40
CA THR F 231 5.75 11.57 29.08
C THR F 231 6.99 12.13 28.40
N VAL F 232 8.16 11.89 29.00
CA VAL F 232 9.42 12.43 28.48
C VAL F 232 9.82 11.60 27.27
N MET F 233 9.69 12.18 26.08
CA MET F 233 10.14 11.51 24.87
C MET F 233 11.66 11.43 24.84
N PRO F 234 12.21 10.45 24.15
CA PRO F 234 13.67 10.38 24.00
C PRO F 234 14.23 11.64 23.35
N LEU F 235 15.39 12.06 23.83
CA LEU F 235 16.02 13.29 23.40
C LEU F 235 17.11 12.96 22.38
N SER F 236 16.97 13.49 21.16
CA SER F 236 17.92 13.21 20.10
C SER F 236 18.92 14.34 19.93
N ALA F 237 18.43 15.57 19.74
CA ALA F 237 19.29 16.70 19.43
C ALA F 237 20.19 17.06 20.62
N PRO F 238 21.45 17.40 20.35
CA PRO F 238 22.34 17.84 21.42
C PRO F 238 21.99 19.25 21.87
N THR F 239 22.61 19.66 22.98
CA THR F 239 22.40 21.01 23.49
C THR F 239 22.93 22.05 22.52
N LEU F 240 24.15 21.87 22.03
CA LEU F 240 24.77 22.82 21.13
C LEU F 240 25.86 22.13 20.33
N VAL F 241 26.02 22.52 19.07
CA VAL F 241 27.09 22.03 18.23
C VAL F 241 28.38 22.72 18.65
N PRO F 242 29.54 22.09 18.49
CA PRO F 242 30.81 22.74 18.87
C PRO F 242 31.04 24.02 18.08
N GLN F 243 31.62 25.01 18.73
CA GLN F 243 31.88 26.29 18.08
C GLN F 243 33.08 26.19 17.14
N GLU F 244 33.20 27.18 16.27
CA GLU F 244 34.33 27.26 15.36
C GLU F 244 34.52 28.71 14.94
N HIS F 245 35.77 29.16 14.89
CA HIS F 245 36.05 30.56 14.58
C HIS F 245 35.87 30.81 13.09
N TYR F 246 34.88 31.64 12.74
CA TYR F 246 34.68 32.01 11.36
C TYR F 246 35.67 33.10 10.94
N VAL F 247 36.02 33.09 9.66
CA VAL F 247 36.90 34.12 9.12
C VAL F 247 36.11 35.39 8.83
N ARG F 248 34.91 35.26 8.28
CA ARG F 248 34.07 36.40 7.93
C ARG F 248 32.74 36.29 8.65
N ILE F 249 31.94 37.35 8.56
CA ILE F 249 30.61 37.36 9.14
C ILE F 249 29.65 36.69 8.17
N THR F 250 29.46 35.38 8.32
CA THR F 250 28.60 34.61 7.45
C THR F 250 27.48 33.97 8.26
N GLY F 251 26.58 33.29 7.55
CA GLY F 251 25.38 32.75 8.16
C GLY F 251 24.27 33.75 8.36
N LEU F 252 24.59 35.05 8.47
CA LEU F 252 23.62 36.12 8.55
C LEU F 252 23.86 37.09 7.41
N TYR F 253 22.78 37.64 6.86
CA TYR F 253 22.87 38.48 5.67
C TYR F 253 23.33 39.88 6.07
N PRO F 254 24.47 40.35 5.56
CA PRO F 254 24.89 41.72 5.86
C PRO F 254 24.13 42.76 5.03
N THR F 255 23.49 43.70 5.71
CA THR F 255 22.76 44.77 5.03
C THR F 255 23.59 46.05 5.06
N LEU F 256 23.49 46.82 3.97
CA LEU F 256 24.31 48.03 3.84
C LEU F 256 23.89 49.13 4.81
N ASN F 257 22.67 49.07 5.34
CA ASN F 257 22.20 50.04 6.32
C ASN F 257 22.27 49.43 7.71
N ILE F 258 22.89 50.14 8.65
CA ILE F 258 23.08 49.65 10.00
C ILE F 258 22.29 50.53 10.96
N SER F 259 21.98 49.98 12.11
CA SER F 259 21.17 50.65 13.12
C SER F 259 22.07 51.37 14.12
N ASP F 260 21.82 52.68 14.29
CA ASP F 260 22.55 53.51 15.23
C ASP F 260 21.74 53.74 16.50
N GLU F 261 20.67 52.96 16.68
CA GLU F 261 19.81 53.12 17.85
C GLU F 261 20.47 52.63 19.13
N PHE F 262 21.33 51.62 19.03
CA PHE F 262 22.05 51.06 20.17
C PHE F 262 23.53 51.03 19.79
N SER F 263 24.24 52.12 20.07
CA SER F 263 25.63 52.24 19.66
C SER F 263 26.52 51.31 20.45
N SER F 264 26.12 50.94 21.66
CA SER F 264 26.91 50.09 22.54
C SER F 264 26.59 48.61 22.37
N ASN F 265 25.88 48.26 21.30
CA ASN F 265 25.52 46.87 21.05
C ASN F 265 25.94 46.44 19.65
N VAL F 266 26.42 47.39 18.85
CA VAL F 266 26.90 47.07 17.51
C VAL F 266 28.10 46.14 17.58
N ALA F 267 29.04 46.42 18.49
CA ALA F 267 30.19 45.56 18.67
C ALA F 267 29.78 44.17 19.16
N ASN F 268 28.80 44.12 20.07
CA ASN F 268 28.31 42.83 20.55
C ASN F 268 27.69 42.02 19.43
N TYR F 269 26.90 42.66 18.57
CA TYR F 269 26.32 41.97 17.42
C TYR F 269 27.41 41.50 16.46
N GLN F 270 28.43 42.34 16.24
CA GLN F 270 29.53 41.95 15.36
C GLN F 270 30.25 40.73 15.91
N LYS F 271 30.50 40.69 17.22
CA LYS F 271 31.15 39.54 17.83
C LYS F 271 30.27 38.30 17.81
N VAL F 272 28.95 38.46 17.97
CA VAL F 272 28.05 37.32 17.86
C VAL F 272 28.08 36.76 16.44
N GLY F 273 28.18 37.64 15.44
CA GLY F 273 28.22 37.20 14.06
C GLY F 273 29.47 36.42 13.68
N MET F 274 30.47 36.38 14.57
CA MET F 274 31.70 35.63 14.34
C MET F 274 31.72 34.27 15.00
N GLN F 275 30.85 34.05 16.00
CA GLN F 275 30.81 32.82 16.77
C GLN F 275 29.56 32.03 16.44
N LYS F 276 29.67 30.70 16.44
CA LYS F 276 28.52 29.84 16.17
C LYS F 276 27.44 30.03 17.21
N TYR F 277 27.74 29.67 18.46
CA TYR F 277 26.83 29.91 19.58
C TYR F 277 27.54 30.77 20.61
N SER F 278 26.83 31.75 21.15
CA SER F 278 27.43 32.70 22.07
C SER F 278 26.46 33.01 23.20
N THR F 279 27.00 33.46 24.33
CA THR F 279 26.23 33.86 25.48
C THR F 279 26.94 35.01 26.20
N LEU F 280 26.16 36.03 26.56
CA LEU F 280 26.70 37.22 27.19
C LEU F 280 26.37 37.21 28.67
N GLN F 281 27.40 37.44 29.50
CA GLN F 281 27.24 37.41 30.95
C GLN F 281 26.87 38.80 31.44
N GLY F 282 25.59 38.98 31.74
CA GLY F 282 25.09 40.24 32.23
C GLY F 282 24.09 40.06 33.36
N PRO F 283 24.09 40.98 34.32
CA PRO F 283 23.10 40.93 35.39
C PRO F 283 21.70 41.16 34.86
N PRO F 284 20.67 40.73 35.60
CA PRO F 284 19.29 40.96 35.13
C PRO F 284 18.99 42.43 34.90
N GLY F 285 18.42 42.74 33.75
CA GLY F 285 18.15 44.12 33.40
C GLY F 285 19.24 44.83 32.62
N THR F 286 20.32 44.13 32.29
CA THR F 286 21.37 44.71 31.46
C THR F 286 21.10 44.47 29.98
N GLY F 287 19.98 45.02 29.50
CA GLY F 287 19.55 44.75 28.15
C GLY F 287 19.17 43.31 27.90
N LYS F 288 18.89 42.56 28.97
CA LYS F 288 18.58 41.13 28.84
C LYS F 288 17.30 40.90 28.06
N SER F 289 16.26 41.69 28.33
CA SER F 289 14.97 41.49 27.67
C SER F 289 14.96 41.99 26.23
N HIS F 290 15.76 43.00 25.89
CA HIS F 290 15.71 43.59 24.57
C HIS F 290 16.98 43.43 23.74
N PHE F 291 17.95 42.62 24.19
CA PHE F 291 19.14 42.39 23.37
C PHE F 291 18.76 41.73 22.06
N ALA F 292 18.00 40.64 22.12
CA ALA F 292 17.56 39.97 20.90
C ALA F 292 16.59 40.84 20.11
N ILE F 293 15.79 41.65 20.81
CA ILE F 293 14.87 42.55 20.12
C ILE F 293 15.64 43.57 19.29
N GLY F 294 16.70 44.15 19.85
CA GLY F 294 17.51 45.08 19.08
C GLY F 294 18.36 44.39 18.04
N LEU F 295 18.68 43.12 18.26
CA LEU F 295 19.37 42.34 17.23
C LEU F 295 18.47 42.08 16.03
N ALA F 296 17.18 41.87 16.27
CA ALA F 296 16.26 41.60 15.17
C ALA F 296 16.01 42.84 14.32
N LEU F 297 16.30 44.01 14.87
CA LEU F 297 16.16 45.26 14.12
C LEU F 297 17.49 45.74 13.54
N TYR F 298 18.60 45.41 14.19
CA TYR F 298 19.91 45.72 13.62
C TYR F 298 20.14 44.95 12.33
N TYR F 299 19.73 43.67 12.30
CA TYR F 299 19.81 42.83 11.11
C TYR F 299 18.45 42.21 10.84
N PRO F 300 17.55 42.95 10.18
CA PRO F 300 16.24 42.38 9.81
C PRO F 300 16.33 41.43 8.64
N SER F 301 17.29 40.49 8.70
CA SER F 301 17.48 39.52 7.62
C SER F 301 17.72 38.11 8.16
N ALA F 302 17.49 37.89 9.45
CA ALA F 302 17.69 36.58 10.06
C ALA F 302 16.39 36.14 10.74
N ARG F 303 16.13 34.84 10.66
CA ARG F 303 14.93 34.25 11.26
C ARG F 303 15.14 34.21 12.77
N ILE F 304 14.57 35.19 13.47
CA ILE F 304 14.73 35.29 14.92
C ILE F 304 13.59 34.54 15.60
N VAL F 305 13.96 33.57 16.44
CA VAL F 305 12.99 32.75 17.16
C VAL F 305 13.18 32.98 18.65
N TYR F 306 12.11 33.39 19.32
CA TYR F 306 12.14 33.61 20.76
C TYR F 306 11.52 32.42 21.48
N THR F 307 12.16 32.03 22.59
CA THR F 307 11.66 30.92 23.38
C THR F 307 12.04 31.15 24.84
N ALA F 308 11.21 30.64 25.74
CA ALA F 308 11.43 30.78 27.17
C ALA F 308 11.03 29.49 27.86
N CYS F 309 11.58 29.30 29.07
CA CYS F 309 11.30 28.08 29.81
C CYS F 309 9.96 28.13 30.55
N SER F 310 9.30 29.29 30.55
CA SER F 310 8.02 29.45 31.23
C SER F 310 7.02 30.10 30.29
N HIS F 311 5.77 29.61 30.33
CA HIS F 311 4.72 30.20 29.51
C HIS F 311 4.25 31.54 30.07
N ALA F 312 4.42 31.77 31.37
CA ALA F 312 4.02 33.02 31.99
C ALA F 312 5.09 34.10 31.92
N ALA F 313 6.30 33.75 31.47
CA ALA F 313 7.38 34.71 31.33
C ALA F 313 7.44 35.36 29.96
N VAL F 314 6.53 35.00 29.05
CA VAL F 314 6.51 35.57 27.71
C VAL F 314 5.88 36.96 27.68
N ASP F 315 5.18 37.36 28.75
CA ASP F 315 4.59 38.69 28.78
C ASP F 315 5.66 39.77 28.83
N ALA F 316 6.75 39.51 29.59
CA ALA F 316 7.85 40.45 29.62
C ALA F 316 8.49 40.60 28.25
N LEU F 317 8.62 39.49 27.51
CA LEU F 317 9.13 39.55 26.14
C LEU F 317 8.22 40.33 25.22
N CYS F 318 6.90 40.12 25.33
CA CYS F 318 5.95 40.76 24.43
C CYS F 318 5.63 42.20 24.81
N GLU F 319 6.04 42.64 26.01
CA GLU F 319 5.72 44.00 26.46
C GLU F 319 6.29 45.06 25.51
N LYS F 320 7.56 44.92 25.16
CA LYS F 320 8.21 45.91 24.30
C LYS F 320 8.49 45.41 22.90
N ALA F 321 8.30 44.10 22.64
CA ALA F 321 8.50 43.57 21.31
C ALA F 321 7.53 44.19 20.31
N LEU F 322 6.27 44.39 20.71
CA LEU F 322 5.29 45.02 19.84
C LEU F 322 5.63 46.48 19.55
N LYS F 323 6.27 47.17 20.49
CA LYS F 323 6.69 48.55 20.24
C LYS F 323 7.92 48.62 19.34
N TYR F 324 8.84 47.68 19.49
CA TYR F 324 10.05 47.64 18.67
C TYR F 324 9.86 46.84 17.38
N LEU F 325 9.46 45.58 17.48
CA LEU F 325 9.16 44.83 16.28
C LEU F 325 7.72 45.09 15.82
N PRO F 326 7.46 45.01 14.52
CA PRO F 326 6.09 45.26 14.04
C PRO F 326 5.08 44.26 14.55
N ILE F 327 3.84 44.70 14.75
CA ILE F 327 2.78 43.82 15.23
C ILE F 327 2.12 43.06 14.08
N ASP F 328 1.94 43.71 12.93
CA ASP F 328 1.25 43.08 11.81
C ASP F 328 2.01 41.88 11.27
N LYS F 329 3.34 41.98 11.15
CA LYS F 329 4.14 40.91 10.57
C LYS F 329 4.56 39.86 11.59
N CYS F 330 4.19 40.03 12.85
CA CYS F 330 4.47 39.05 13.90
C CYS F 330 3.16 38.41 14.36
N SER F 331 3.23 37.11 14.66
CA SER F 331 2.03 36.38 15.02
C SER F 331 2.41 35.22 15.94
N ARG F 332 1.39 34.68 16.62
CA ARG F 332 1.57 33.59 17.56
C ARG F 332 0.58 32.48 17.22
N ILE F 333 1.08 31.25 17.12
CA ILE F 333 0.27 30.09 16.79
C ILE F 333 -0.49 29.65 18.03
N ILE F 334 -1.81 29.54 17.91
CA ILE F 334 -2.68 29.19 19.02
C ILE F 334 -2.93 27.68 18.97
N PRO F 335 -2.47 26.92 19.95
CA PRO F 335 -2.76 25.48 19.99
C PRO F 335 -4.25 25.22 20.19
N ALA F 336 -4.70 24.08 19.66
CA ALA F 336 -6.09 23.69 19.78
C ALA F 336 -6.38 23.09 21.16
N VAL F 340 -1.09 30.73 30.12
CA VAL F 340 -2.25 30.24 29.38
C VAL F 340 -3.02 31.41 28.77
N GLU F 341 -2.75 32.62 29.26
CA GLU F 341 -3.41 33.82 28.76
C GLU F 341 -2.43 34.60 27.90
N CYS F 342 -2.65 34.60 26.59
CA CYS F 342 -1.79 35.30 25.65
C CYS F 342 -2.66 36.02 24.63
N PHE F 343 -2.02 36.75 23.73
CA PHE F 343 -2.75 37.50 22.71
C PHE F 343 -3.37 36.56 21.70
N ASP F 344 -4.62 36.83 21.33
CA ASP F 344 -5.34 36.04 20.34
C ASP F 344 -5.66 36.85 19.08
N LYS F 345 -5.21 38.10 19.01
CA LYS F 345 -5.49 38.91 17.82
C LYS F 345 -4.52 38.61 16.68
N PHE F 346 -3.50 37.79 16.92
CA PHE F 346 -2.54 37.42 15.90
C PHE F 346 -3.18 36.45 14.91
N LYS F 347 -2.46 36.10 13.86
CA LYS F 347 -2.96 35.21 12.82
C LYS F 347 -2.39 33.81 13.06
N VAL F 348 -3.27 32.82 13.10
CA VAL F 348 -2.88 31.46 13.42
C VAL F 348 -2.40 30.76 12.15
N ASN F 349 -1.66 29.67 12.32
CA ASN F 349 -1.16 28.85 11.22
C ASN F 349 -0.29 29.65 10.26
N SER F 350 0.60 30.47 10.82
CA SER F 350 1.56 31.25 10.04
C SER F 350 2.89 30.51 10.07
N THR F 351 2.99 29.45 9.27
CA THR F 351 4.20 28.64 9.25
C THR F 351 5.39 29.42 8.71
N LEU F 352 5.19 30.16 7.63
CA LEU F 352 6.26 30.93 6.98
C LEU F 352 6.20 32.36 7.48
N GLU F 353 7.01 32.67 8.50
CA GLU F 353 7.06 34.01 9.05
C GLU F 353 8.47 34.29 9.54
N GLN F 354 8.92 35.54 9.35
CA GLN F 354 10.26 35.92 9.77
C GLN F 354 10.43 35.84 11.29
N TYR F 355 9.43 36.29 12.05
CA TYR F 355 9.47 36.25 13.51
C TYR F 355 8.41 35.28 14.00
N VAL F 356 8.82 34.34 14.84
CA VAL F 356 7.95 33.30 15.36
C VAL F 356 8.02 33.28 16.87
N PHE F 357 6.86 33.30 17.52
CA PHE F 357 6.74 33.18 18.96
C PHE F 357 5.94 31.92 19.27
N CYS F 358 6.50 31.06 20.10
CA CYS F 358 5.86 29.78 20.43
C CYS F 358 6.55 29.20 21.66
N THR F 359 6.02 28.08 22.13
CA THR F 359 6.52 27.40 23.31
C THR F 359 6.96 25.98 22.96
N VAL F 360 7.90 25.46 23.76
CA VAL F 360 8.50 24.16 23.49
C VAL F 360 7.49 23.02 23.57
N ASN F 361 6.39 23.22 24.30
CA ASN F 361 5.42 22.14 24.48
C ASN F 361 4.73 21.79 23.16
N ALA F 362 4.46 22.79 22.33
CA ALA F 362 3.74 22.61 21.06
C ALA F 362 4.48 23.29 19.93
N LEU F 363 5.79 23.06 19.85
CA LEU F 363 6.63 23.65 18.82
C LEU F 363 6.81 22.67 17.67
N PRO F 364 6.29 22.95 16.48
CA PRO F 364 6.48 22.03 15.35
C PRO F 364 7.88 22.15 14.78
N GLU F 365 8.18 21.25 13.84
CA GLU F 365 9.48 21.27 13.18
C GLU F 365 9.59 22.49 12.28
N THR F 366 10.71 23.21 12.42
CA THR F 366 10.97 24.41 11.64
C THR F 366 12.47 24.66 11.62
N THR F 367 12.89 25.66 10.86
CA THR F 367 14.30 26.02 10.73
C THR F 367 14.44 27.53 10.85
N ALA F 368 15.62 27.96 11.27
CA ALA F 368 15.90 29.38 11.44
C ALA F 368 17.42 29.58 11.36
N ASP F 369 17.86 30.81 11.63
CA ASP F 369 19.28 31.14 11.66
C ASP F 369 19.76 31.57 13.03
N ILE F 370 18.99 32.42 13.71
CA ILE F 370 19.34 32.89 15.05
C ILE F 370 18.20 32.53 16.00
N VAL F 371 18.54 31.82 17.06
CA VAL F 371 17.58 31.42 18.09
C VAL F 371 18.07 31.95 19.44
N VAL F 372 17.20 32.64 20.14
CA VAL F 372 17.52 33.25 21.43
C VAL F 372 16.70 32.57 22.51
N PHE F 373 17.38 32.09 23.55
CA PHE F 373 16.74 31.41 24.67
C PHE F 373 16.98 32.24 25.93
N ASP F 374 16.00 33.05 26.29
CA ASP F 374 16.06 33.85 27.51
C ASP F 374 15.77 32.97 28.72
N GLU F 375 16.25 33.41 29.89
CA GLU F 375 16.08 32.69 31.15
C GLU F 375 16.67 31.28 31.06
N ILE F 376 17.99 31.25 30.84
CA ILE F 376 18.71 30.00 30.66
C ILE F 376 18.98 29.29 31.99
N SER F 377 18.75 29.98 33.12
CA SER F 377 19.03 29.37 34.42
C SER F 377 18.06 28.25 34.73
N MET F 378 16.77 28.46 34.44
CA MET F 378 15.73 27.50 34.80
C MET F 378 15.53 26.41 33.75
N ALA F 379 16.30 26.43 32.67
CA ALA F 379 16.23 25.41 31.65
C ALA F 379 17.30 24.35 31.90
N THR F 380 16.91 23.08 31.82
CA THR F 380 17.80 21.97 32.07
C THR F 380 18.32 21.41 30.74
N ASN F 381 19.22 20.43 30.83
CA ASN F 381 19.77 19.81 29.64
C ASN F 381 18.68 19.17 28.79
N TYR F 382 17.66 18.59 29.43
CA TYR F 382 16.51 18.09 28.69
C TYR F 382 15.79 19.23 27.97
N ASP F 383 15.62 20.37 28.63
CA ASP F 383 15.01 21.52 27.99
C ASP F 383 15.84 22.01 26.81
N LEU F 384 17.16 22.03 26.97
CA LEU F 384 18.04 22.43 25.86
C LEU F 384 17.91 21.47 24.69
N SER F 385 17.86 20.17 24.95
CA SER F 385 17.68 19.20 23.87
C SER F 385 16.34 19.38 23.18
N VAL F 386 15.29 19.66 23.96
CA VAL F 386 13.97 19.91 23.36
C VAL F 386 14.01 21.15 22.49
N VAL F 387 14.67 22.22 22.96
CA VAL F 387 14.77 23.45 22.18
C VAL F 387 15.51 23.20 20.88
N ASN F 388 16.61 22.45 20.93
CA ASN F 388 17.38 22.16 19.74
C ASN F 388 16.70 21.17 18.79
N ALA F 389 15.79 20.33 19.30
CA ALA F 389 15.10 19.38 18.44
C ALA F 389 13.87 19.99 17.78
N ARG F 390 13.08 20.78 18.54
CA ARG F 390 11.92 21.42 17.95
C ARG F 390 12.32 22.44 16.90
N LEU F 391 13.33 23.26 17.20
CA LEU F 391 13.84 24.26 16.28
C LEU F 391 15.29 23.95 15.96
N ARG F 392 15.60 23.86 14.67
CA ARG F 392 16.94 23.55 14.20
C ARG F 392 17.55 24.78 13.52
N ALA F 393 18.66 25.25 14.06
CA ALA F 393 19.38 26.41 13.51
C ALA F 393 20.88 26.21 13.74
N LYS F 394 21.68 26.92 12.94
CA LYS F 394 23.13 26.84 13.06
C LYS F 394 23.70 27.77 14.13
N HIS F 395 22.88 28.64 14.71
CA HIS F 395 23.33 29.52 15.79
C HIS F 395 22.37 29.42 16.95
N TYR F 396 22.91 29.50 18.16
CA TYR F 396 22.12 29.52 19.38
C TYR F 396 22.64 30.63 20.28
N VAL F 397 21.73 31.46 20.76
CA VAL F 397 22.06 32.58 21.62
C VAL F 397 21.43 32.36 22.99
N TYR F 398 22.23 32.51 24.03
CA TYR F 398 21.78 32.33 25.40
C TYR F 398 21.96 33.65 26.16
N ILE F 399 20.88 34.13 26.75
CA ILE F 399 20.86 35.43 27.42
C ILE F 399 20.78 35.17 28.92
N GLY F 400 21.80 35.64 29.64
CA GLY F 400 21.82 35.48 31.07
C GLY F 400 23.19 35.01 31.53
N ASP F 401 23.20 34.40 32.71
CA ASP F 401 24.43 33.92 33.32
C ASP F 401 24.10 32.84 34.35
N PRO F 402 25.05 31.99 34.72
CA PRO F 402 24.78 30.98 35.75
C PRO F 402 24.42 31.58 37.09
N ALA F 403 24.79 32.85 37.34
CA ALA F 403 24.50 33.51 38.61
C ALA F 403 23.09 34.10 38.61
N GLN F 404 22.12 33.23 38.37
CA GLN F 404 20.70 33.59 38.44
C GLN F 404 20.01 32.63 39.40
N LEU F 405 18.68 32.71 39.44
CA LEU F 405 17.92 31.76 40.23
C LEU F 405 18.07 30.35 39.65
N PRO F 406 18.53 29.39 40.44
CA PRO F 406 18.82 28.06 39.91
C PRO F 406 17.55 27.31 39.49
N ALA F 407 17.74 26.20 38.78
CA ALA F 407 16.62 25.38 38.33
C ALA F 407 16.00 24.66 39.52
N PRO F 408 14.73 24.26 39.41
CA PRO F 408 14.08 23.57 40.54
C PRO F 408 14.62 22.17 40.77
N ARG F 409 15.75 22.07 41.45
CA ARG F 409 16.35 20.78 41.81
C ARG F 409 15.64 20.22 43.03
N THR F 410 14.40 19.78 42.80
CA THR F 410 13.56 19.30 43.90
C THR F 410 14.12 18.05 44.57
N LEU F 411 14.66 17.11 43.79
CA LEU F 411 15.19 15.88 44.36
C LEU F 411 16.56 16.06 44.99
N LEU F 412 17.18 17.22 44.82
CA LEU F 412 18.48 17.49 45.43
C LEU F 412 18.30 17.67 46.94
N THR F 413 18.93 16.80 47.72
CA THR F 413 18.85 16.84 49.17
C THR F 413 20.06 17.48 49.83
N LYS F 414 21.26 17.23 49.30
CA LYS F 414 22.47 17.80 49.85
C LYS F 414 22.66 19.21 49.29
N GLY F 415 23.86 19.78 49.49
CA GLY F 415 24.17 21.13 49.09
C GLY F 415 23.81 21.47 47.66
N THR F 416 23.43 22.72 47.44
CA THR F 416 22.96 23.17 46.13
C THR F 416 24.08 23.05 45.10
N LEU F 417 23.68 22.78 43.86
CA LEU F 417 24.63 22.62 42.77
C LEU F 417 25.30 23.95 42.44
N GLU F 418 26.58 23.87 42.07
CA GLU F 418 27.36 25.06 41.71
C GLU F 418 26.81 25.66 40.42
N PRO F 419 26.91 26.99 40.24
CA PRO F 419 26.33 27.63 39.05
C PRO F 419 26.88 27.08 37.74
N GLU F 420 28.15 26.68 37.73
CA GLU F 420 28.79 26.22 36.51
C GLU F 420 28.43 24.78 36.14
N TYR F 421 27.50 24.15 36.86
CA TYR F 421 27.04 22.81 36.54
C TYR F 421 25.55 22.76 36.21
N PHE F 422 24.90 23.92 36.07
CA PHE F 422 23.47 23.94 35.79
C PHE F 422 23.14 23.36 34.42
N ASN F 423 23.85 23.81 33.39
CA ASN F 423 23.56 23.40 32.02
C ASN F 423 24.89 23.23 31.29
N SER F 424 24.80 22.80 30.03
CA SER F 424 26.01 22.74 29.20
C SER F 424 26.55 24.13 28.90
N VAL F 425 25.68 25.14 28.86
CA VAL F 425 26.13 26.51 28.65
C VAL F 425 26.89 27.02 29.87
N CYS F 426 26.42 26.67 31.08
CA CYS F 426 27.08 27.12 32.30
C CYS F 426 28.45 26.48 32.44
N ARG F 427 28.64 25.30 31.83
CA ARG F 427 29.95 24.65 31.90
C ARG F 427 31.02 25.49 31.23
N LEU F 428 30.78 25.94 29.99
CA LEU F 428 31.75 26.77 29.29
C LEU F 428 31.66 28.24 29.67
N MET F 429 30.59 28.66 30.36
CA MET F 429 30.44 30.04 30.79
C MET F 429 31.33 30.40 31.97
N LYS F 430 31.78 29.41 32.76
CA LYS F 430 32.55 29.69 33.96
C LYS F 430 33.91 29.00 34.02
N THR F 431 34.15 27.96 33.22
CA THR F 431 35.40 27.22 33.25
C THR F 431 36.44 27.79 32.30
N ILE F 432 36.13 27.87 31.00
CA ILE F 432 37.05 28.44 30.04
C ILE F 432 37.00 29.97 30.02
N GLY F 433 35.95 30.57 30.56
CA GLY F 433 35.82 32.01 30.58
C GLY F 433 34.63 32.49 29.76
N PRO F 434 33.97 33.55 30.22
CA PRO F 434 32.83 34.10 29.47
C PRO F 434 33.27 34.57 28.10
N ASP F 435 32.55 34.13 27.07
CA ASP F 435 32.92 34.50 25.69
C ASP F 435 32.78 36.00 25.48
N MET F 436 31.69 36.59 25.95
CA MET F 436 31.47 38.03 25.84
C MET F 436 30.92 38.57 27.15
N PHE F 437 31.16 39.85 27.39
CA PHE F 437 30.75 40.52 28.62
C PHE F 437 30.27 41.92 28.30
N LEU F 438 29.42 42.46 29.17
CA LEU F 438 28.86 43.79 29.02
C LEU F 438 29.56 44.73 30.00
N GLY F 439 30.17 45.79 29.47
CA GLY F 439 30.91 46.72 30.29
C GLY F 439 30.19 48.03 30.56
N THR F 440 29.10 48.28 29.81
CA THR F 440 28.30 49.49 30.00
C THR F 440 26.94 49.09 30.57
N CYS F 441 26.87 49.03 31.90
CA CYS F 441 25.66 48.68 32.62
C CYS F 441 25.15 49.92 33.34
N ARG F 442 24.41 50.75 32.60
CA ARG F 442 23.81 51.97 33.16
C ARG F 442 22.36 51.73 33.57
N ARG F 443 22.15 50.78 34.48
CA ARG F 443 20.80 50.44 34.91
C ARG F 443 20.66 50.48 36.42
N CYS F 444 21.72 50.18 37.15
CA CYS F 444 21.70 50.17 38.60
C CYS F 444 22.70 51.16 39.14
N PRO F 445 22.39 51.80 40.29
CA PRO F 445 23.25 52.88 40.79
C PRO F 445 24.61 52.38 41.29
N ALA F 446 25.41 53.29 41.86
CA ALA F 446 26.74 52.96 42.33
C ALA F 446 26.74 51.88 43.41
N GLU F 447 25.79 51.92 44.33
CA GLU F 447 25.74 50.95 45.43
C GLU F 447 25.69 49.52 44.92
N ILE F 448 24.62 49.16 44.21
CA ILE F 448 24.44 47.78 43.76
C ILE F 448 25.47 47.37 42.72
N VAL F 449 25.79 48.24 41.77
CA VAL F 449 26.77 47.90 40.73
C VAL F 449 28.14 47.67 41.35
N ASP F 450 28.56 48.56 42.25
CA ASP F 450 29.83 48.38 42.94
C ASP F 450 29.84 47.12 43.78
N THR F 451 28.75 46.84 44.49
CA THR F 451 28.69 45.63 45.31
C THR F 451 28.83 44.37 44.46
N VAL F 452 28.07 44.29 43.37
CA VAL F 452 28.13 43.08 42.54
C VAL F 452 29.48 42.97 41.83
N SER F 453 30.07 44.09 41.42
CA SER F 453 31.38 44.05 40.78
C SER F 453 32.44 43.56 41.75
N ALA F 454 32.40 44.04 42.99
CA ALA F 454 33.37 43.59 43.99
C ALA F 454 33.07 42.18 44.46
N LEU F 455 31.84 41.70 44.26
CA LEU F 455 31.45 40.39 44.77
C LEU F 455 31.72 39.27 43.77
N VAL F 456 31.10 39.33 42.59
CA VAL F 456 31.20 38.20 41.67
C VAL F 456 31.57 38.63 40.26
N TYR F 457 31.20 39.85 39.87
CA TYR F 457 31.28 40.22 38.45
C TYR F 457 32.60 40.89 38.07
N ASP F 458 33.71 40.24 38.45
CA ASP F 458 35.06 40.53 37.96
C ASP F 458 35.33 42.01 37.75
N ASN F 459 34.85 42.86 38.67
CA ASN F 459 34.93 44.32 38.58
C ASN F 459 34.68 44.82 37.16
N LYS F 460 33.72 44.23 36.46
CA LYS F 460 33.42 44.59 35.09
C LYS F 460 32.25 45.57 34.97
N LEU F 461 31.71 46.04 36.08
CA LEU F 461 30.59 46.97 36.09
C LEU F 461 31.01 48.27 36.76
N LYS F 462 30.59 49.39 36.18
CA LYS F 462 30.96 50.72 36.65
C LYS F 462 29.73 51.48 37.14
N ALA F 463 29.98 52.42 38.05
CA ALA F 463 28.92 53.15 38.74
C ALA F 463 28.07 53.96 37.77
N HIS F 464 26.74 53.91 37.96
CA HIS F 464 25.82 54.66 37.10
C HIS F 464 25.72 56.12 37.56
N LYS F 465 25.25 56.32 38.79
CA LYS F 465 25.16 57.67 39.36
C LYS F 465 25.54 57.58 40.83
N ASP F 466 25.39 58.69 41.55
CA ASP F 466 25.80 58.75 42.95
C ASP F 466 24.85 57.92 43.81
N LYS F 467 25.38 57.41 44.92
CA LYS F 467 24.60 56.63 45.89
C LYS F 467 24.02 57.61 46.91
N SER F 468 22.70 57.64 47.00
CA SER F 468 22.02 58.52 47.95
C SER F 468 22.26 58.13 49.40
N ALA F 469 22.61 56.86 49.66
CA ALA F 469 22.88 56.37 51.02
C ALA F 469 21.70 56.65 51.95
N GLN F 470 20.49 56.45 51.42
CA GLN F 470 19.27 56.62 52.19
C GLN F 470 18.77 55.31 52.80
N CYS F 471 19.48 54.21 52.58
CA CYS F 471 19.06 52.91 53.07
C CYS F 471 19.56 52.70 54.49
N PHE F 472 18.68 52.15 55.34
CA PHE F 472 18.99 51.91 56.74
C PHE F 472 18.87 50.42 57.03
N LYS F 473 19.75 49.91 57.90
CA LYS F 473 19.68 48.54 58.36
C LYS F 473 19.64 48.52 59.88
N MET F 474 18.65 47.84 60.44
N MET F 474 18.65 47.84 60.44
CA MET F 474 18.51 47.67 61.88
CA MET F 474 18.52 47.67 61.88
C MET F 474 19.09 46.31 62.27
C MET F 474 19.10 46.32 62.27
N PHE F 475 19.54 46.22 63.53
CA PHE F 475 20.18 45.03 64.07
C PHE F 475 19.17 44.28 64.93
N TYR F 476 18.44 43.36 64.33
CA TYR F 476 17.56 42.45 65.03
C TYR F 476 18.16 41.06 65.01
N LYS F 477 17.73 40.23 65.96
CA LYS F 477 18.26 38.87 66.10
C LYS F 477 17.24 37.82 65.70
N GLY F 478 16.05 37.83 66.31
CA GLY F 478 15.04 36.85 65.96
C GLY F 478 15.34 35.45 66.46
N VAL F 479 14.33 34.59 66.46
CA VAL F 479 14.49 33.20 66.86
C VAL F 479 14.04 32.30 65.71
N ILE F 480 14.75 31.20 65.51
CA ILE F 480 14.46 30.27 64.42
C ILE F 480 13.51 29.20 64.95
N THR F 481 12.35 29.09 64.30
CA THR F 481 11.36 28.08 64.65
C THR F 481 10.56 27.74 63.41
N HIS F 482 10.60 26.47 63.01
CA HIS F 482 9.89 25.98 61.85
C HIS F 482 8.60 25.29 62.27
N ASP F 483 7.52 25.62 61.57
CA ASP F 483 6.21 25.02 61.84
C ASP F 483 5.80 24.05 60.73
N VAL F 484 5.73 24.53 59.49
CA VAL F 484 5.48 23.66 58.35
C VAL F 484 6.63 23.83 57.36
N SER F 485 6.81 25.05 56.86
CA SER F 485 7.92 25.35 55.96
C SER F 485 8.47 26.75 56.14
N SER F 486 7.92 27.56 57.05
CA SER F 486 8.31 28.94 57.22
C SER F 486 8.58 29.25 58.70
N ALA F 487 8.88 30.51 58.97
CA ALA F 487 9.16 30.98 60.32
C ALA F 487 8.42 32.29 60.58
N ILE F 488 8.16 32.56 61.85
CA ILE F 488 7.44 33.75 62.28
C ILE F 488 8.37 34.59 63.14
N ASN F 489 8.48 35.88 62.83
CA ASN F 489 9.39 36.80 63.53
C ASN F 489 8.62 38.06 63.93
N ARG F 490 8.18 38.09 65.19
CA ARG F 490 7.56 39.27 65.78
C ARG F 490 8.48 40.48 65.78
N PRO F 491 9.79 40.34 66.07
CA PRO F 491 10.69 41.49 65.94
C PRO F 491 10.69 42.11 64.55
N GLN F 492 10.57 41.30 63.50
CA GLN F 492 10.44 41.85 62.15
C GLN F 492 9.12 42.59 61.95
N ILE F 493 8.04 42.09 62.57
CA ILE F 493 6.79 42.84 62.56
C ILE F 493 6.98 44.20 63.22
N GLY F 494 7.77 44.26 64.29
CA GLY F 494 8.09 45.52 64.93
C GLY F 494 8.86 46.47 64.04
N VAL F 495 9.90 45.97 63.36
CA VAL F 495 10.71 46.82 62.50
C VAL F 495 9.96 47.27 61.26
N VAL F 496 8.98 46.49 60.78
CA VAL F 496 8.17 46.93 59.66
C VAL F 496 7.43 48.22 60.02
N ARG F 497 6.81 48.24 61.21
CA ARG F 497 6.14 49.44 61.66
C ARG F 497 7.13 50.55 61.96
N GLU F 498 8.26 50.24 62.58
CA GLU F 498 9.27 51.24 62.87
C GLU F 498 9.88 51.86 61.62
N PHE F 499 9.75 51.19 60.48
CA PHE F 499 10.18 51.74 59.19
C PHE F 499 9.05 52.47 58.47
N LEU F 500 7.82 51.98 58.56
CA LEU F 500 6.68 52.62 57.91
C LEU F 500 6.15 53.82 58.68
N THR F 501 6.61 54.06 59.91
CA THR F 501 6.05 55.14 60.73
C THR F 501 6.32 56.51 60.11
N ARG F 502 7.46 56.66 59.44
CA ARG F 502 7.88 57.96 58.92
C ARG F 502 6.96 58.51 57.84
N ASN F 503 6.51 57.68 56.89
CA ASN F 503 5.66 58.19 55.82
C ASN F 503 4.89 57.05 55.17
N PRO F 504 3.63 57.29 54.75
CA PRO F 504 2.91 56.25 53.99
C PRO F 504 3.33 56.17 52.54
N ALA F 505 4.08 57.15 52.03
CA ALA F 505 4.51 57.15 50.64
C ALA F 505 5.56 56.08 50.35
N TRP F 506 6.13 55.45 51.38
CA TRP F 506 7.10 54.39 51.14
C TRP F 506 6.44 53.16 50.54
N ARG F 507 5.14 52.99 50.76
CA ARG F 507 4.44 51.75 50.42
C ARG F 507 4.36 51.49 48.92
N LYS F 508 4.58 52.48 48.06
CA LYS F 508 4.44 52.30 46.61
C LYS F 508 5.62 51.46 46.13
N ALA F 509 5.50 50.16 46.33
CA ALA F 509 6.59 49.22 46.06
C ALA F 509 5.99 47.84 45.81
N VAL F 510 6.80 46.95 45.25
CA VAL F 510 6.42 45.56 45.02
C VAL F 510 7.10 44.70 46.07
N PHE F 511 6.28 43.96 46.82
CA PHE F 511 6.76 43.10 47.90
C PHE F 511 7.50 41.91 47.30
N ILE F 512 8.79 41.82 47.57
CA ILE F 512 9.63 40.74 47.06
C ILE F 512 10.04 39.84 48.21
N SER F 513 9.72 38.55 48.08
CA SER F 513 10.10 37.55 49.07
C SER F 513 10.03 36.18 48.43
N PRO F 514 11.10 35.38 48.49
CA PRO F 514 11.02 34.01 47.94
C PRO F 514 9.95 33.17 48.62
N TYR F 515 9.74 33.40 49.92
CA TYR F 515 8.72 32.69 50.69
C TYR F 515 7.69 33.71 51.15
N ASN F 516 6.43 33.43 50.87
CA ASN F 516 5.31 34.34 51.10
C ASN F 516 4.74 34.27 52.52
N SER F 517 5.51 33.82 53.50
CA SER F 517 4.99 33.72 54.87
C SER F 517 4.59 35.10 55.40
N GLN F 518 5.32 36.15 55.02
CA GLN F 518 4.95 37.49 55.44
C GLN F 518 3.58 37.88 54.90
N ASN F 519 3.33 37.60 53.62
CA ASN F 519 2.01 37.88 53.04
C ASN F 519 0.94 37.02 53.69
N ALA F 520 1.26 35.76 54.00
CA ALA F 520 0.28 34.89 54.67
C ALA F 520 -0.11 35.46 56.03
N VAL F 521 0.87 35.94 56.79
CA VAL F 521 0.58 36.55 58.08
C VAL F 521 -0.23 37.83 57.91
N ALA F 522 0.16 38.66 56.94
CA ALA F 522 -0.50 39.95 56.76
C ALA F 522 -1.90 39.82 56.15
N SER F 523 -2.22 38.68 55.54
CA SER F 523 -3.50 38.53 54.87
C SER F 523 -4.68 38.65 55.83
N LYS F 524 -4.46 38.42 57.12
CA LYS F 524 -5.53 38.53 58.10
C LYS F 524 -6.07 39.95 58.20
N ILE F 525 -5.24 40.95 57.95
CA ILE F 525 -5.68 42.35 58.02
C ILE F 525 -5.74 43.00 56.65
N LEU F 526 -4.87 42.58 55.72
CA LEU F 526 -4.77 43.21 54.42
C LEU F 526 -5.38 42.34 53.31
N GLY F 527 -4.86 41.13 53.13
CA GLY F 527 -5.43 40.20 52.18
C GLY F 527 -5.09 40.44 50.72
N LEU F 528 -3.93 41.03 50.42
CA LEU F 528 -3.56 41.26 49.04
C LEU F 528 -3.29 39.94 48.32
N PRO F 529 -3.57 39.88 47.01
CA PRO F 529 -3.24 38.66 46.25
C PRO F 529 -1.73 38.45 46.20
N THR F 530 -1.34 37.18 46.12
CA THR F 530 0.07 36.78 46.20
C THR F 530 0.59 36.45 44.82
N GLN F 531 1.78 36.97 44.50
CA GLN F 531 2.48 36.66 43.25
C GLN F 531 3.93 36.34 43.58
N THR F 532 4.51 35.41 42.82
CA THR F 532 5.87 34.96 43.06
C THR F 532 6.84 35.64 42.09
N VAL F 533 8.04 35.93 42.60
CA VAL F 533 9.04 36.66 41.83
C VAL F 533 9.77 35.81 40.80
N ASP F 534 9.35 34.55 40.60
CA ASP F 534 10.05 33.66 39.69
C ASP F 534 10.05 34.22 38.26
N SER F 535 8.91 34.75 37.82
CA SER F 535 8.80 35.35 36.50
C SER F 535 8.38 36.81 36.67
N SER F 536 9.36 37.67 36.90
CA SER F 536 9.11 39.10 37.03
C SER F 536 10.20 39.97 36.41
N GLN F 537 11.13 39.38 35.67
CA GLN F 537 12.24 40.15 35.11
C GLN F 537 11.75 41.04 33.97
N GLY F 538 12.34 42.23 33.87
CA GLY F 538 11.98 43.19 32.84
C GLY F 538 10.95 44.20 33.27
N SER F 539 10.24 43.97 34.37
CA SER F 539 9.25 44.90 34.90
C SER F 539 9.52 45.09 36.39
N GLU F 540 9.85 46.32 36.78
CA GLU F 540 10.16 46.62 38.17
C GLU F 540 9.79 48.06 38.47
N TYR F 541 9.61 48.35 39.75
CA TYR F 541 9.30 49.69 40.23
C TYR F 541 10.49 50.31 40.93
N ASP F 542 10.37 51.61 41.22
CA ASP F 542 11.48 52.33 41.84
C ASP F 542 11.72 51.85 43.27
N TYR F 543 10.66 51.64 44.04
CA TYR F 543 10.74 51.21 45.43
C TYR F 543 10.49 49.72 45.52
N VAL F 544 11.19 49.07 46.45
CA VAL F 544 11.09 47.63 46.66
C VAL F 544 11.01 47.36 48.16
N ILE F 545 10.12 46.44 48.54
CA ILE F 545 9.98 45.97 49.91
C ILE F 545 10.59 44.57 49.97
N PHE F 546 11.67 44.43 50.74
CA PHE F 546 12.42 43.18 50.82
C PHE F 546 12.43 42.69 52.26
N THR F 547 11.97 41.45 52.46
CA THR F 547 12.02 40.78 53.76
C THR F 547 12.59 39.38 53.54
N GLN F 548 13.87 39.20 53.88
CA GLN F 548 14.51 37.91 53.66
C GLN F 548 13.93 36.84 54.57
N THR F 549 13.86 37.11 55.88
CA THR F 549 13.22 36.25 56.86
C THR F 549 13.91 34.89 56.97
N THR F 550 15.01 34.70 56.25
CA THR F 550 15.69 33.41 56.23
C THR F 550 17.19 33.61 56.34
N GLU F 551 17.89 32.57 56.80
CA GLU F 551 19.34 32.56 56.87
C GLU F 551 19.95 31.24 56.43
N THR F 552 19.14 30.30 55.96
CA THR F 552 19.64 28.97 55.59
C THR F 552 20.29 29.01 54.21
N ALA F 553 21.38 28.25 54.07
CA ALA F 553 22.08 28.15 52.80
C ALA F 553 21.44 27.15 51.85
N HIS F 554 20.46 26.37 52.32
CA HIS F 554 19.81 25.39 51.45
C HIS F 554 19.08 26.07 50.28
N SER F 555 18.38 27.16 50.55
CA SER F 555 17.67 27.90 49.52
C SER F 555 18.18 29.33 49.33
N CYS F 556 18.33 30.09 50.43
CA CYS F 556 18.85 31.46 50.36
C CYS F 556 20.36 31.46 50.50
N ASN F 557 21.01 30.86 49.51
CA ASN F 557 22.45 30.68 49.51
C ASN F 557 23.15 31.95 49.05
N VAL F 558 24.46 31.86 48.82
CA VAL F 558 25.26 33.04 48.50
C VAL F 558 24.91 33.64 47.14
N ASN F 559 24.36 32.86 46.22
CA ASN F 559 24.10 33.32 44.86
C ASN F 559 22.62 33.59 44.66
N ARG F 560 21.96 34.12 45.69
CA ARG F 560 20.53 34.41 45.64
C ARG F 560 20.24 35.92 45.69
N PHE F 561 20.93 36.65 46.56
CA PHE F 561 20.62 38.06 46.82
C PHE F 561 21.37 39.02 45.91
N ASN F 562 22.55 38.64 45.42
CA ASN F 562 23.37 39.56 44.63
C ASN F 562 22.66 39.97 43.35
N VAL F 563 21.77 39.11 42.83
CA VAL F 563 20.97 39.47 41.67
C VAL F 563 19.54 39.85 42.04
N ALA F 564 19.09 39.51 43.25
CA ALA F 564 17.77 39.93 43.71
C ALA F 564 17.75 41.36 44.21
N ILE F 565 18.92 41.95 44.45
CA ILE F 565 18.96 43.36 44.87
C ILE F 565 19.07 44.28 43.66
N THR F 566 19.28 43.73 42.47
CA THR F 566 19.47 44.52 41.26
C THR F 566 18.15 44.95 40.62
N ARG F 567 17.01 44.53 41.16
CA ARG F 567 15.74 44.85 40.53
C ARG F 567 15.37 46.32 40.73
N ALA F 568 15.63 46.86 41.92
CA ALA F 568 15.24 48.22 42.24
C ALA F 568 16.07 49.23 41.46
N LYS F 569 15.46 50.39 41.17
CA LYS F 569 16.17 51.47 40.51
C LYS F 569 17.00 52.27 41.50
N VAL F 570 16.33 52.94 42.44
CA VAL F 570 17.03 53.69 43.48
C VAL F 570 16.53 53.39 44.88
N GLY F 571 15.37 52.74 45.05
CA GLY F 571 14.84 52.47 46.38
C GLY F 571 14.63 51.00 46.65
N ILE F 572 15.37 50.47 47.63
CA ILE F 572 15.26 49.06 48.01
C ILE F 572 15.52 48.96 49.51
N LEU F 573 14.76 48.08 50.17
CA LEU F 573 15.00 47.74 51.57
C LEU F 573 16.28 46.95 51.67
N CYS F 574 17.20 47.43 52.52
CA CYS F 574 18.51 46.81 52.64
C CYS F 574 18.72 46.29 54.05
N ILE F 575 17.71 45.62 54.60
CA ILE F 575 17.80 45.06 55.95
C ILE F 575 18.77 43.88 55.91
N MET F 576 19.98 44.10 56.41
CA MET F 576 21.02 43.08 56.41
C MET F 576 21.06 42.34 57.75
N SER F 577 19.96 41.63 58.02
CA SER F 577 19.86 40.84 59.24
C SER F 577 20.88 39.71 59.29
N ASP F 578 21.33 39.20 58.15
CA ASP F 578 22.34 38.17 58.14
C ASP F 578 23.72 38.75 58.45
N ARG F 579 24.54 37.94 59.10
CA ARG F 579 25.89 38.36 59.49
C ARG F 579 26.89 38.03 58.38
N ASP F 580 26.59 38.50 57.17
CA ASP F 580 27.41 38.25 56.00
C ASP F 580 27.98 39.53 55.42
N LEU F 581 27.16 40.56 55.22
CA LEU F 581 27.64 41.81 54.65
C LEU F 581 27.32 43.00 55.55
N TYR F 582 27.00 42.78 56.82
CA TYR F 582 26.77 43.90 57.72
C TYR F 582 28.03 44.73 57.92
N ASP F 583 29.13 44.09 58.27
CA ASP F 583 30.43 44.77 58.38
C ASP F 583 31.21 44.67 57.08
N LYS F 584 30.56 45.00 55.97
CA LYS F 584 31.21 45.01 54.66
C LYS F 584 30.98 46.30 53.90
N LEU F 585 29.80 46.88 54.01
CA LEU F 585 29.51 48.16 53.37
C LEU F 585 29.36 49.26 54.42
N GLN F 586 29.16 50.49 53.93
CA GLN F 586 29.02 51.67 54.79
C GLN F 586 27.63 52.26 54.57
N PHE F 587 26.67 51.79 55.36
CA PHE F 587 25.33 52.35 55.42
C PHE F 587 25.08 52.91 56.82
N THR F 588 23.88 53.44 57.03
CA THR F 588 23.53 54.03 58.31
C THR F 588 22.81 53.03 59.19
N SER F 589 23.04 53.14 60.49
CA SER F 589 22.40 52.28 61.49
C SER F 589 22.38 53.01 62.82
N LEU F 590 21.32 52.78 63.59
CA LEU F 590 21.14 53.42 64.89
C LEU F 590 20.49 52.46 65.86
N GLU F 591 20.68 52.72 67.15
CA GLU F 591 20.00 51.95 68.19
C GLU F 591 18.71 52.64 68.60
N ILE F 592 17.86 51.89 69.29
CA ILE F 592 16.59 52.44 69.76
C ILE F 592 16.85 53.43 70.88
N PRO F 593 16.40 54.68 70.76
CA PRO F 593 16.59 55.72 71.78
C PRO F 593 15.88 55.39 73.09
N ASN G 5 -57.99 -32.12 0.40
CA ASN G 5 -58.00 -33.01 1.55
C ASN G 5 -56.68 -32.91 2.31
N ASN G 6 -56.98 -31.48 3.28
CA ASN G 6 -55.90 -31.31 4.27
C ASN G 6 -56.51 -31.53 5.65
N GLU G 7 -56.42 -32.76 6.13
CA GLU G 7 -56.98 -33.10 7.43
C GLU G 7 -56.22 -32.42 8.55
N LEU G 8 -56.95 -32.06 9.61
CA LEU G 8 -56.37 -31.30 10.70
C LEU G 8 -55.35 -32.13 11.48
N SER G 9 -55.80 -33.21 12.10
CA SER G 9 -54.91 -34.11 12.81
C SER G 9 -55.55 -35.49 12.87
N PRO G 10 -55.08 -36.45 12.08
CA PRO G 10 -55.58 -37.83 12.21
C PRO G 10 -55.04 -38.51 13.46
N VAL G 11 -55.76 -39.55 13.92
CA VAL G 11 -55.44 -40.34 15.11
C VAL G 11 -54.87 -39.47 16.22
N ALA G 12 -55.75 -38.69 16.85
CA ALA G 12 -55.35 -37.81 17.93
C ALA G 12 -55.19 -38.62 19.22
N LEU G 13 -54.97 -37.94 20.34
CA LEU G 13 -54.78 -38.62 21.61
C LEU G 13 -55.79 -38.14 22.65
N ARG G 14 -55.60 -38.55 23.90
CA ARG G 14 -56.57 -38.30 24.95
C ARG G 14 -55.91 -37.42 26.01
N GLN G 15 -56.61 -37.19 27.12
CA GLN G 15 -56.10 -36.40 28.22
C GLN G 15 -55.73 -37.31 29.39
N MET G 16 -54.80 -36.83 30.22
CA MET G 16 -54.34 -37.56 31.39
C MET G 16 -54.80 -36.82 32.64
N SER G 17 -54.60 -37.45 33.80
CA SER G 17 -55.00 -36.88 35.08
C SER G 17 -53.75 -36.39 35.80
N CYS G 18 -53.73 -35.10 36.12
CA CYS G 18 -52.59 -34.49 36.78
C CYS G 18 -53.07 -33.33 37.63
N ALA G 19 -52.18 -32.84 38.49
CA ALA G 19 -52.51 -31.78 39.43
C ALA G 19 -51.98 -30.44 38.95
N ALA G 20 -52.76 -29.39 39.18
CA ALA G 20 -52.41 -28.04 38.77
C ALA G 20 -52.96 -27.05 39.80
N GLY G 21 -52.63 -25.78 39.62
CA GLY G 21 -53.03 -24.76 40.57
C GLY G 21 -52.86 -23.38 39.99
N THR G 22 -53.09 -22.38 40.83
CA THR G 22 -53.02 -20.98 40.41
C THR G 22 -51.65 -20.35 40.60
N THR G 23 -50.79 -20.92 41.43
CA THR G 23 -49.47 -20.36 41.66
C THR G 23 -48.54 -21.44 42.18
N GLN G 24 -47.56 -21.84 41.35
CA GLN G 24 -46.53 -22.83 41.71
C GLN G 24 -47.24 -24.09 42.19
N THR G 25 -46.94 -24.61 43.38
CA THR G 25 -47.55 -25.84 43.86
C THR G 25 -48.87 -25.57 44.57
N ALA G 26 -49.80 -24.89 43.89
CA ALA G 26 -51.14 -24.67 44.40
C ALA G 26 -52.04 -25.88 44.20
N CYS G 27 -51.47 -27.02 43.80
CA CYS G 27 -52.22 -28.24 43.55
C CYS G 27 -52.26 -29.05 44.84
N THR G 28 -53.45 -29.17 45.45
CA THR G 28 -53.58 -29.92 46.69
C THR G 28 -53.22 -31.39 46.47
N ASP G 29 -54.02 -32.12 45.70
CA ASP G 29 -53.64 -33.46 45.29
C ASP G 29 -53.84 -33.66 43.79
N ASP G 30 -54.98 -33.19 43.27
CA ASP G 30 -55.30 -33.32 41.85
C ASP G 30 -56.42 -32.36 41.45
N ASN G 31 -56.13 -31.38 40.62
CA ASN G 31 -57.19 -30.55 40.03
C ASN G 31 -56.71 -30.07 38.66
N ALA G 32 -56.97 -30.87 37.64
CA ALA G 32 -56.70 -30.54 36.24
C ALA G 32 -57.17 -31.72 35.39
N LEU G 33 -57.26 -31.47 34.07
CA LEU G 33 -57.40 -32.53 33.07
C LEU G 33 -56.34 -32.24 32.01
N ALA G 34 -55.13 -32.74 32.24
CA ALA G 34 -54.01 -32.46 31.35
C ALA G 34 -54.13 -33.31 30.09
N TYR G 35 -53.98 -32.65 28.94
CA TYR G 35 -53.99 -33.32 27.64
C TYR G 35 -52.56 -33.59 27.21
N TYR G 36 -52.25 -34.86 27.02
CA TYR G 36 -50.89 -35.31 26.76
C TYR G 36 -50.69 -35.64 25.28
N ASN G 37 -49.42 -35.75 24.90
CA ASN G 37 -49.04 -36.19 23.56
C ASN G 37 -47.81 -37.08 23.69
N THR G 38 -47.94 -38.35 23.30
CA THR G 38 -46.85 -39.31 23.41
C THR G 38 -45.87 -39.08 22.27
N THR G 39 -45.12 -37.98 22.38
CA THR G 39 -44.12 -37.64 21.38
C THR G 39 -42.93 -38.59 21.50
N LYS G 40 -42.28 -38.86 20.36
CA LYS G 40 -41.14 -39.77 20.32
C LYS G 40 -39.99 -39.31 21.21
N GLY G 41 -39.91 -38.02 21.51
CA GLY G 41 -38.86 -37.51 22.39
C GLY G 41 -39.30 -37.44 23.84
N GLY G 42 -40.43 -38.06 24.15
CA GLY G 42 -40.96 -38.04 25.50
C GLY G 42 -42.40 -37.56 25.56
N ARG G 43 -43.09 -37.89 26.65
CA ARG G 43 -44.47 -37.46 26.82
C ARG G 43 -44.54 -35.94 26.88
N PHE G 44 -45.47 -35.35 26.12
CA PHE G 44 -45.63 -33.91 26.05
C PHE G 44 -47.06 -33.54 26.41
N VAL G 45 -47.22 -32.72 27.45
CA VAL G 45 -48.53 -32.19 27.79
C VAL G 45 -48.86 -31.01 26.88
N LEU G 46 -50.09 -31.01 26.35
CA LEU G 46 -50.50 -30.00 25.40
C LEU G 46 -51.41 -28.94 26.01
N ALA G 47 -52.50 -29.34 26.67
CA ALA G 47 -53.46 -28.39 27.21
C ALA G 47 -53.95 -28.84 28.57
N LEU G 48 -54.42 -27.88 29.36
CA LEU G 48 -55.02 -28.15 30.65
C LEU G 48 -56.52 -27.87 30.58
N LEU G 49 -57.28 -28.56 31.44
CA LEU G 49 -58.72 -28.39 31.48
C LEU G 49 -59.15 -28.56 32.94
N SER G 50 -59.55 -27.46 33.57
CA SER G 50 -59.88 -27.48 34.98
C SER G 50 -61.19 -26.74 35.23
N ASP G 51 -61.89 -27.16 36.29
CA ASP G 51 -63.12 -26.48 36.69
C ASP G 51 -62.87 -25.12 37.32
N LEU G 52 -61.65 -24.87 37.80
CA LEU G 52 -61.33 -23.60 38.43
C LEU G 52 -61.24 -22.50 37.38
N GLN G 53 -61.61 -21.28 37.77
CA GLN G 53 -61.67 -20.18 36.81
C GLN G 53 -60.29 -19.82 36.27
N ASP G 54 -59.31 -19.68 37.15
CA ASP G 54 -58.00 -19.16 36.75
C ASP G 54 -56.88 -20.07 37.25
N LEU G 55 -55.99 -20.45 36.34
CA LEU G 55 -54.77 -21.16 36.67
C LEU G 55 -53.60 -20.49 35.96
N LYS G 56 -52.44 -20.48 36.61
CA LYS G 56 -51.28 -19.83 36.05
C LYS G 56 -50.11 -20.79 35.88
N TRP G 57 -49.85 -21.63 36.90
CA TRP G 57 -48.72 -22.54 36.89
C TRP G 57 -49.17 -23.95 37.28
N ALA G 58 -48.64 -24.94 36.57
CA ALA G 58 -48.93 -26.34 36.84
C ALA G 58 -47.62 -27.09 37.00
N ARG G 59 -47.71 -28.25 37.66
CA ARG G 59 -46.52 -29.07 37.89
C ARG G 59 -46.77 -30.46 37.33
N PHE G 60 -46.30 -30.69 36.10
CA PHE G 60 -46.40 -31.99 35.46
C PHE G 60 -45.01 -32.61 35.39
N PRO G 61 -44.71 -33.62 36.20
CA PRO G 61 -43.37 -34.22 36.17
C PRO G 61 -43.10 -34.94 34.86
N LYS G 62 -41.83 -34.95 34.47
CA LYS G 62 -41.39 -35.65 33.27
C LYS G 62 -41.27 -37.15 33.59
N SER G 63 -40.91 -37.94 32.57
CA SER G 63 -40.73 -39.37 32.78
C SER G 63 -39.48 -39.71 33.59
N ASP G 64 -38.56 -38.76 33.76
CA ASP G 64 -37.35 -39.00 34.52
C ASP G 64 -37.58 -39.01 36.02
N GLY G 65 -38.66 -38.41 36.50
CA GLY G 65 -38.93 -38.32 37.93
C GLY G 65 -38.23 -37.19 38.64
N THR G 66 -36.90 -37.11 38.48
CA THR G 66 -36.14 -36.03 39.10
C THR G 66 -36.53 -34.67 38.54
N GLY G 67 -36.72 -34.58 37.23
CA GLY G 67 -37.04 -33.32 36.59
C GLY G 67 -38.53 -33.05 36.46
N THR G 68 -39.04 -32.08 37.22
CA THR G 68 -40.41 -31.64 37.13
C THR G 68 -40.44 -30.22 36.56
N ILE G 69 -41.21 -30.03 35.50
CA ILE G 69 -41.24 -28.76 34.77
C ILE G 69 -42.51 -28.01 35.16
N TYR G 70 -42.34 -26.75 35.56
CA TYR G 70 -43.47 -25.89 35.87
C TYR G 70 -43.91 -25.15 34.61
N THR G 71 -45.14 -25.43 34.17
CA THR G 71 -45.64 -24.94 32.90
C THR G 71 -46.45 -23.66 33.10
N GLU G 72 -46.13 -22.64 32.31
CA GLU G 72 -46.88 -21.39 32.33
C GLU G 72 -48.09 -21.50 31.41
N LEU G 73 -49.24 -21.04 31.89
CA LEU G 73 -50.51 -21.19 31.21
C LEU G 73 -50.98 -19.87 30.61
N GLU G 74 -51.70 -19.98 29.51
CA GLU G 74 -52.34 -18.85 28.85
C GLU G 74 -53.61 -18.47 29.59
N PRO G 75 -54.16 -17.28 29.31
CA PRO G 75 -55.42 -16.87 29.95
C PRO G 75 -56.53 -17.87 29.69
N PRO G 76 -57.41 -18.07 30.66
CA PRO G 76 -58.40 -19.15 30.55
C PRO G 76 -59.38 -18.95 29.41
N CYS G 77 -59.86 -20.07 28.87
CA CYS G 77 -60.91 -20.09 27.87
C CYS G 77 -62.16 -20.68 28.51
N ARG G 78 -63.29 -19.99 28.37
CA ARG G 78 -64.53 -20.39 29.01
C ARG G 78 -65.53 -20.88 27.96
N PHE G 79 -66.22 -21.96 28.29
CA PHE G 79 -67.20 -22.58 27.40
C PHE G 79 -68.07 -23.51 28.23
N VAL G 80 -69.13 -24.01 27.61
CA VAL G 80 -70.02 -25.00 28.22
C VAL G 80 -70.12 -26.19 27.28
N THR G 81 -69.95 -27.39 27.84
CA THR G 81 -69.99 -28.62 27.08
C THR G 81 -71.19 -29.45 27.50
N ASP G 82 -71.92 -29.98 26.53
CA ASP G 82 -73.08 -30.84 26.79
C ASP G 82 -72.61 -32.28 26.83
N THR G 83 -72.46 -32.81 28.04
CA THR G 83 -71.99 -34.17 28.26
C THR G 83 -73.15 -35.05 28.71
N PRO G 84 -73.03 -36.38 28.66
CA PRO G 84 -74.10 -37.23 29.20
C PRO G 84 -74.32 -37.01 30.70
N LYS G 85 -73.31 -36.49 31.38
CA LYS G 85 -73.41 -36.12 32.78
C LYS G 85 -74.02 -34.75 33.00
N GLY G 86 -74.71 -34.20 31.99
CA GLY G 86 -75.24 -32.86 32.06
C GLY G 86 -74.21 -31.81 31.72
N PRO G 87 -74.43 -30.57 32.16
CA PRO G 87 -73.47 -29.50 31.86
C PRO G 87 -72.14 -29.74 32.54
N LYS G 88 -71.06 -29.62 31.76
CA LYS G 88 -69.69 -29.74 32.27
C LYS G 88 -68.96 -28.46 31.89
N VAL G 89 -69.03 -27.46 32.78
CA VAL G 89 -68.41 -26.15 32.54
C VAL G 89 -66.95 -26.24 32.95
N LYS G 90 -66.08 -26.54 31.99
CA LYS G 90 -64.64 -26.55 32.21
C LYS G 90 -64.01 -25.31 31.61
N TYR G 91 -62.79 -25.02 32.05
CA TYR G 91 -62.02 -23.89 31.54
C TYR G 91 -60.79 -24.43 30.81
N LEU G 92 -60.66 -24.07 29.53
CA LEU G 92 -59.54 -24.53 28.72
C LEU G 92 -58.30 -23.70 28.97
N TYR G 93 -57.16 -24.40 29.09
CA TYR G 93 -55.87 -23.74 29.26
C TYR G 93 -54.89 -24.29 28.24
N PHE G 94 -54.12 -23.39 27.65
CA PHE G 94 -53.06 -23.74 26.72
C PHE G 94 -51.72 -23.34 27.33
N ILE G 95 -50.76 -24.24 27.23
CA ILE G 95 -49.41 -23.98 27.73
C ILE G 95 -48.77 -22.91 26.87
N LYS G 96 -48.16 -21.92 27.52
CA LYS G 96 -47.58 -20.79 26.80
C LYS G 96 -46.54 -21.28 25.80
N GLY G 97 -46.62 -20.76 24.58
CA GLY G 97 -45.75 -21.17 23.51
C GLY G 97 -46.20 -22.36 22.70
N LEU G 98 -47.42 -22.85 22.93
CA LEU G 98 -47.93 -24.00 22.19
C LEU G 98 -48.18 -23.62 20.74
N ASN G 99 -47.93 -24.57 19.83
CA ASN G 99 -48.11 -24.33 18.41
C ASN G 99 -49.60 -24.32 18.05
N ASN G 100 -49.92 -23.73 16.90
CA ASN G 100 -51.31 -23.70 16.44
C ASN G 100 -51.79 -25.08 16.03
N LEU G 101 -50.90 -25.91 15.46
CA LEU G 101 -51.28 -27.26 15.09
C LEU G 101 -51.64 -28.09 16.31
N ASN G 102 -50.88 -27.95 17.40
CA ASN G 102 -51.22 -28.65 18.63
C ASN G 102 -52.55 -28.18 19.18
N ARG G 103 -52.83 -26.87 19.11
CA ARG G 103 -54.11 -26.36 19.53
C ARG G 103 -55.25 -26.95 18.71
N GLY G 104 -55.04 -27.05 17.40
CA GLY G 104 -56.05 -27.67 16.55
C GLY G 104 -56.29 -29.13 16.89
N MET G 105 -55.21 -29.86 17.18
CA MET G 105 -55.34 -31.26 17.58
C MET G 105 -56.12 -31.38 18.89
N VAL G 106 -55.80 -30.53 19.86
CA VAL G 106 -56.48 -30.57 21.16
C VAL G 106 -57.97 -30.26 20.98
N LEU G 107 -58.28 -29.22 20.19
CA LEU G 107 -59.68 -28.87 19.96
C LEU G 107 -60.42 -29.98 19.22
N GLY G 108 -59.78 -30.62 18.25
CA GLY G 108 -60.41 -31.73 17.56
C GLY G 108 -60.71 -32.89 18.48
N SER G 109 -59.74 -33.24 19.33
CA SER G 109 -59.96 -34.33 20.29
C SER G 109 -61.09 -33.98 21.25
N LEU G 110 -61.10 -32.74 21.75
CA LEU G 110 -62.14 -32.32 22.69
C LEU G 110 -63.52 -32.35 22.04
N ALA G 111 -63.62 -31.89 20.79
CA ALA G 111 -64.91 -31.87 20.11
C ALA G 111 -65.33 -33.23 19.60
N ALA G 112 -64.40 -34.18 19.49
CA ALA G 112 -64.77 -35.53 19.05
C ALA G 112 -65.13 -36.44 20.21
N THR G 113 -64.48 -36.29 21.36
CA THR G 113 -64.75 -37.13 22.52
C THR G 113 -65.84 -36.54 23.43
N VAL G 114 -66.28 -35.33 23.17
CA VAL G 114 -67.33 -34.69 23.94
C VAL G 114 -68.38 -34.15 22.99
N ARG G 115 -69.65 -34.43 23.27
CA ARG G 115 -70.73 -33.98 22.41
C ARG G 115 -70.88 -32.47 22.49
N LEU G 116 -71.23 -31.87 21.35
CA LEU G 116 -71.41 -30.43 21.26
C LEU G 116 -72.68 -30.13 20.47
N GLN G 117 -73.24 -28.96 20.71
CA GLN G 117 -74.45 -28.53 20.04
C GLN G 117 -74.20 -28.30 18.55
ZN ZN K . -35.79 -14.72 15.80
ZN ZN L . -16.29 -20.26 18.21
MN MN M . -61.41 -29.91 1.15
MN MN N . -59.38 -27.72 -1.22
ZN ZN O . 35.76 -2.39 -6.79
ZN ZN P . 38.10 -9.36 -16.09
ZN ZN Q . 25.41 -14.50 7.59
ZN ZN R . 19.61 0.34 34.49
ZN ZN S . 27.76 0.56 23.52
ZN ZN T . 12.70 -20.42 35.94
#